data_2LKM
#
_entry.id   2LKM
#
loop_
_entity.id
_entity.type
_entity.pdbx_description
1 polymer 'PHD finger protein 12'
2 polymer 'Mortality factor 4-like protein 1'
#
loop_
_entity_poly.entity_id
_entity_poly.type
_entity_poly.pdbx_seq_one_letter_code
_entity_poly.pdbx_strand_id
1 'polypeptide(L)' DYVQPQLRRPFELLIAAAMERNPTQFQLPNELTCTTALPGSS A
2 'polypeptide(L)'
;SNAEVKVKIPEELKPWLVDDWDLITRQKQLFYLPAKKNVDSILEDYANYRKSRGNTDNKEYAVNEVVAGIKEYFNVMLGT
QLLYKFERPQYAEILADHPDAPMSQVYGAPHLLRLFVRIGAMLAYTPLDEKSLALLLNYLHDFLKYLAKNSATLFSASDY
EVAPPEYHRKAV
;
B
#
# COMPACT_ATOMS: atom_id res chain seq x y z
N ASP A 1 -21.69 -28.48 -0.22
CA ASP A 1 -22.23 -27.54 0.79
C ASP A 1 -21.11 -26.91 1.59
N TYR A 2 -20.86 -25.64 1.33
CA TYR A 2 -19.76 -24.93 1.96
C TYR A 2 -19.96 -23.43 1.85
N VAL A 3 -19.72 -22.72 2.94
CA VAL A 3 -19.81 -21.27 2.94
C VAL A 3 -18.40 -20.68 2.87
N GLN A 4 -18.12 -19.99 1.78
CA GLN A 4 -16.80 -19.40 1.58
C GLN A 4 -16.61 -18.22 2.53
N PRO A 5 -15.35 -17.90 2.87
CA PRO A 5 -15.04 -16.74 3.69
C PRO A 5 -15.43 -15.44 2.97
N GLN A 6 -15.85 -14.45 3.74
CA GLN A 6 -16.34 -13.22 3.16
C GLN A 6 -15.42 -12.05 3.50
N LEU A 7 -15.02 -11.32 2.48
CA LEU A 7 -14.08 -10.21 2.64
C LEU A 7 -14.78 -8.91 3.07
N ARG A 8 -16.08 -8.84 2.86
CA ARG A 8 -16.84 -7.63 3.15
C ARG A 8 -16.60 -7.14 4.58
N ARG A 9 -16.89 -7.98 5.57
CA ARG A 9 -16.66 -7.62 6.97
C ARG A 9 -15.21 -7.22 7.25
N PRO A 10 -14.20 -8.05 6.88
CA PRO A 10 -12.79 -7.68 7.01
C PRO A 10 -12.49 -6.28 6.50
N PHE A 11 -12.98 -5.95 5.31
CA PHE A 11 -12.75 -4.62 4.76
C PHE A 11 -13.48 -3.54 5.55
N GLU A 12 -14.70 -3.86 5.98
CA GLU A 12 -15.46 -2.97 6.87
C GLU A 12 -14.63 -2.65 8.10
N LEU A 13 -14.17 -3.71 8.76
CA LEU A 13 -13.39 -3.60 9.99
C LEU A 13 -12.08 -2.86 9.75
N LEU A 14 -11.40 -3.22 8.67
CA LEU A 14 -10.10 -2.67 8.36
C LEU A 14 -10.19 -1.17 8.04
N ILE A 15 -11.20 -0.79 7.27
CA ILE A 15 -11.40 0.61 6.94
C ILE A 15 -11.80 1.40 8.18
N ALA A 16 -12.61 0.81 9.04
CA ALA A 16 -13.02 1.44 10.29
C ALA A 16 -11.80 1.72 11.16
N ALA A 17 -10.85 0.79 11.14
CA ALA A 17 -9.59 0.96 11.87
C ALA A 17 -8.74 2.04 11.21
N ALA A 18 -8.80 2.12 9.89
CA ALA A 18 -8.07 3.14 9.13
C ALA A 18 -8.61 4.52 9.44
N MET A 19 -9.92 4.61 9.68
CA MET A 19 -10.56 5.86 10.05
C MET A 19 -9.97 6.41 11.36
N GLU A 20 -9.40 5.52 12.15
CA GLU A 20 -8.84 5.89 13.45
C GLU A 20 -7.36 6.20 13.35
N ARG A 21 -6.82 6.16 12.14
CA ARG A 21 -5.42 6.45 11.91
C ARG A 21 -5.23 7.92 11.62
N ASN A 22 -4.58 8.61 12.53
CA ASN A 22 -4.24 10.01 12.34
C ASN A 22 -2.98 10.12 11.50
N PRO A 23 -2.76 11.27 10.85
CA PRO A 23 -1.56 11.49 10.04
C PRO A 23 -0.30 11.52 10.90
N THR A 24 0.30 10.35 11.09
CA THR A 24 1.53 10.25 11.84
C THR A 24 2.72 10.30 10.88
N GLN A 25 3.11 9.13 10.39
CA GLN A 25 4.19 8.98 9.43
C GLN A 25 4.33 7.52 9.06
N PHE A 26 4.57 7.25 7.79
CA PHE A 26 4.84 5.89 7.34
C PHE A 26 6.24 5.47 7.79
N GLN A 27 6.31 4.30 8.43
CA GLN A 27 7.57 3.75 8.87
C GLN A 27 7.66 2.28 8.48
N LEU A 28 8.86 1.86 8.13
CA LEU A 28 9.10 0.46 7.77
C LEU A 28 9.56 -0.32 8.98
N PRO A 29 9.17 -1.61 9.05
CA PRO A 29 9.58 -2.52 10.14
C PRO A 29 11.08 -2.49 10.44
N ASN A 30 11.42 -2.98 11.63
CA ASN A 30 12.80 -2.93 12.12
C ASN A 30 13.75 -3.71 11.22
N GLU A 31 13.28 -4.81 10.65
CA GLU A 31 14.12 -5.65 9.80
C GLU A 31 14.46 -4.95 8.48
N LEU A 32 13.62 -4.02 8.06
CA LEU A 32 13.82 -3.33 6.80
C LEU A 32 14.76 -2.14 6.96
N THR A 33 14.56 -1.35 8.01
CA THR A 33 15.43 -0.20 8.26
C THR A 33 15.34 0.27 9.71
N CYS A 34 14.12 0.40 10.24
CA CYS A 34 13.89 0.87 11.61
C CYS A 34 14.33 2.33 11.78
N THR A 35 13.36 3.23 11.85
CA THR A 35 13.64 4.65 12.00
C THR A 35 13.21 5.16 13.37
N THR A 36 13.02 4.24 14.30
CA THR A 36 12.58 4.60 15.64
C THR A 36 13.73 4.48 16.63
N ALA A 37 13.74 5.36 17.61
CA ALA A 37 14.74 5.33 18.66
C ALA A 37 14.16 4.73 19.92
N LEU A 38 15.00 4.08 20.71
CA LEU A 38 14.55 3.40 21.92
C LEU A 38 14.69 4.31 23.12
N PRO A 39 13.65 4.37 23.97
CA PRO A 39 13.70 5.13 25.22
C PRO A 39 14.68 4.52 26.22
N GLY A 40 15.85 5.13 26.32
CA GLY A 40 16.88 4.61 27.20
C GLY A 40 17.86 5.68 27.63
N SER A 41 19.14 5.31 27.68
CA SER A 41 20.19 6.21 28.13
C SER A 41 19.95 6.61 29.58
N SER A 42 19.18 5.81 30.30
CA SER A 42 18.83 6.12 31.67
C SER A 42 18.53 4.81 32.42
N SER B 1 -7.48 -7.78 20.65
CA SER B 1 -7.03 -8.71 19.61
C SER B 1 -6.42 -9.96 20.25
N ASN B 2 -6.40 -11.06 19.51
CA ASN B 2 -5.81 -12.29 19.99
C ASN B 2 -4.70 -12.76 19.07
N ALA B 3 -4.92 -12.59 17.76
CA ALA B 3 -3.94 -13.01 16.77
C ALA B 3 -3.33 -11.82 16.06
N GLU B 4 -2.04 -11.60 16.27
CA GLU B 4 -1.29 -10.61 15.53
C GLU B 4 -1.09 -11.10 14.10
N VAL B 5 -1.79 -10.49 13.16
CA VAL B 5 -1.75 -10.93 11.77
C VAL B 5 -0.44 -10.54 11.11
N LYS B 6 0.37 -11.53 10.81
CA LYS B 6 1.64 -11.30 10.14
C LYS B 6 1.41 -11.37 8.63
N VAL B 7 1.30 -10.21 7.99
CA VAL B 7 1.02 -10.14 6.56
C VAL B 7 2.17 -10.72 5.73
N LYS B 8 3.37 -10.74 6.32
CA LYS B 8 4.56 -11.32 5.70
C LYS B 8 5.00 -10.53 4.46
N ILE B 9 6.03 -9.71 4.62
CA ILE B 9 6.57 -8.95 3.51
C ILE B 9 7.44 -9.85 2.63
N PRO B 10 7.14 -9.92 1.33
CA PRO B 10 7.91 -10.72 0.38
C PRO B 10 9.37 -10.30 0.36
N GLU B 11 10.26 -11.26 0.52
CA GLU B 11 11.69 -10.98 0.64
C GLU B 11 12.26 -10.47 -0.68
N GLU B 12 11.52 -10.71 -1.77
CA GLU B 12 11.91 -10.20 -3.08
C GLU B 12 11.65 -8.70 -3.17
N LEU B 13 10.67 -8.23 -2.40
CA LEU B 13 10.28 -6.82 -2.44
C LEU B 13 10.96 -6.01 -1.33
N LYS B 14 11.58 -6.70 -0.39
CA LYS B 14 12.26 -6.04 0.72
C LYS B 14 13.38 -5.11 0.24
N PRO B 15 14.31 -5.59 -0.64
CA PRO B 15 15.37 -4.74 -1.19
C PRO B 15 14.82 -3.49 -1.87
N TRP B 16 13.67 -3.65 -2.52
CA TRP B 16 13.01 -2.53 -3.19
C TRP B 16 12.43 -1.55 -2.18
N LEU B 17 11.84 -2.08 -1.12
CA LEU B 17 11.29 -1.24 -0.05
C LEU B 17 12.38 -0.47 0.66
N VAL B 18 13.51 -1.12 0.91
CA VAL B 18 14.64 -0.47 1.55
C VAL B 18 15.21 0.61 0.64
N ASP B 19 15.22 0.33 -0.66
CA ASP B 19 15.72 1.29 -1.63
C ASP B 19 14.75 2.45 -1.79
N ASP B 20 13.45 2.13 -1.82
CA ASP B 20 12.39 3.13 -1.86
C ASP B 20 12.54 4.12 -0.70
N TRP B 21 12.58 3.58 0.52
CA TRP B 21 12.76 4.39 1.71
C TRP B 21 14.00 5.26 1.60
N ASP B 22 15.11 4.65 1.21
CA ASP B 22 16.39 5.37 1.07
C ASP B 22 16.29 6.46 0.01
N LEU B 23 15.73 6.11 -1.13
CA LEU B 23 15.61 7.04 -2.25
C LEU B 23 14.80 8.26 -1.87
N ILE B 24 13.71 8.06 -1.15
CA ILE B 24 12.84 9.15 -0.75
C ILE B 24 13.42 9.97 0.39
N THR B 25 13.73 9.31 1.50
CA THR B 25 14.13 10.01 2.73
C THR B 25 15.59 10.44 2.71
N ARG B 26 16.47 9.53 2.33
CA ARG B 26 17.91 9.78 2.41
C ARG B 26 18.41 10.48 1.15
N GLN B 27 18.07 9.94 -0.01
CA GLN B 27 18.50 10.50 -1.28
C GLN B 27 17.75 11.78 -1.58
N LYS B 28 16.52 11.87 -1.06
CA LYS B 28 15.67 13.07 -1.23
C LYS B 28 15.34 13.27 -2.69
N GLN B 29 15.24 12.16 -3.41
CA GLN B 29 14.90 12.18 -4.82
C GLN B 29 13.43 11.83 -4.99
N LEU B 30 12.76 12.56 -5.85
CA LEU B 30 11.32 12.40 -6.02
C LEU B 30 10.98 12.43 -7.50
N PHE B 31 10.02 11.60 -7.89
CA PHE B 31 9.60 11.51 -9.28
C PHE B 31 8.47 12.49 -9.55
N TYR B 32 8.22 12.77 -10.82
CA TYR B 32 7.09 13.59 -11.22
C TYR B 32 5.80 12.86 -10.90
N LEU B 33 5.01 13.46 -10.02
CA LEU B 33 3.85 12.80 -9.42
C LEU B 33 2.92 12.11 -10.43
N PRO B 34 2.45 12.80 -11.51
CA PRO B 34 1.49 12.24 -12.46
C PRO B 34 1.76 10.77 -12.81
N ALA B 35 0.89 9.90 -12.32
CA ALA B 35 1.06 8.47 -12.50
C ALA B 35 0.10 7.93 -13.54
N LYS B 36 0.66 7.45 -14.64
CA LYS B 36 -0.14 6.87 -15.71
C LYS B 36 -0.72 5.53 -15.28
N LYS B 37 0.03 4.80 -14.45
CA LYS B 37 -0.45 3.55 -13.89
C LYS B 37 -0.88 3.77 -12.44
N ASN B 38 -2.13 4.15 -12.27
CA ASN B 38 -2.66 4.46 -10.95
C ASN B 38 -3.16 3.19 -10.25
N VAL B 39 -3.56 3.33 -8.99
CA VAL B 39 -4.03 2.21 -8.19
C VAL B 39 -5.25 1.53 -8.82
N ASP B 40 -6.16 2.35 -9.35
CA ASP B 40 -7.38 1.84 -9.98
C ASP B 40 -7.04 0.88 -11.11
N SER B 41 -6.08 1.27 -11.94
CA SER B 41 -5.66 0.44 -13.06
C SER B 41 -4.94 -0.82 -12.55
N ILE B 42 -4.20 -0.70 -11.46
CA ILE B 42 -3.51 -1.85 -10.88
C ILE B 42 -4.52 -2.86 -10.35
N LEU B 43 -5.58 -2.37 -9.72
CA LEU B 43 -6.65 -3.22 -9.24
C LEU B 43 -7.33 -3.94 -10.40
N GLU B 44 -7.54 -3.19 -11.48
CA GLU B 44 -8.15 -3.74 -12.68
C GLU B 44 -7.28 -4.86 -13.25
N ASP B 45 -5.97 -4.61 -13.30
CA ASP B 45 -4.99 -5.61 -13.71
C ASP B 45 -5.16 -6.88 -12.90
N TYR B 46 -5.10 -6.73 -11.58
CA TYR B 46 -5.16 -7.85 -10.66
C TYR B 46 -6.47 -8.62 -10.79
N ALA B 47 -7.58 -7.90 -10.89
CA ALA B 47 -8.90 -8.51 -10.98
C ALA B 47 -9.02 -9.40 -12.22
N ASN B 48 -8.62 -8.86 -13.36
CA ASN B 48 -8.71 -9.58 -14.62
C ASN B 48 -7.62 -10.64 -14.73
N TYR B 49 -6.54 -10.43 -13.99
CA TYR B 49 -5.42 -11.37 -13.95
C TYR B 49 -5.87 -12.71 -13.40
N ARG B 50 -6.80 -12.67 -12.45
CA ARG B 50 -7.31 -13.88 -11.80
C ARG B 50 -8.05 -14.74 -12.81
N LYS B 51 -8.92 -14.09 -13.57
CA LYS B 51 -9.84 -14.79 -14.46
C LYS B 51 -9.13 -15.32 -15.70
N SER B 52 -8.03 -14.68 -16.05
CA SER B 52 -7.26 -15.06 -17.22
C SER B 52 -6.25 -16.16 -16.87
N ARG B 53 -5.76 -16.14 -15.64
CA ARG B 53 -4.82 -17.16 -15.20
C ARG B 53 -5.54 -18.47 -14.90
N GLY B 54 -6.76 -18.35 -14.38
CA GLY B 54 -7.56 -19.53 -14.11
C GLY B 54 -8.38 -19.94 -15.33
N ASN B 55 -9.30 -20.87 -15.14
CA ASN B 55 -10.14 -21.33 -16.23
C ASN B 55 -11.60 -21.06 -15.91
N THR B 56 -12.12 -21.80 -14.95
CA THR B 56 -13.48 -21.57 -14.48
C THR B 56 -13.43 -20.90 -13.11
N ASP B 57 -13.22 -19.59 -13.12
CA ASP B 57 -13.15 -18.81 -11.89
C ASP B 57 -14.49 -18.19 -11.56
N ASN B 58 -14.84 -18.21 -10.29
CA ASN B 58 -16.07 -17.60 -9.83
C ASN B 58 -15.83 -16.80 -8.55
N LYS B 59 -14.56 -16.57 -8.23
CA LYS B 59 -14.20 -15.85 -7.02
C LYS B 59 -14.31 -14.34 -7.22
N GLU B 60 -14.99 -13.95 -8.29
CA GLU B 60 -15.21 -12.54 -8.60
C GLU B 60 -15.90 -11.83 -7.44
N TYR B 61 -16.67 -12.56 -6.65
CA TYR B 61 -17.29 -11.97 -5.46
C TYR B 61 -16.23 -11.38 -4.55
N ALA B 62 -15.16 -12.13 -4.32
CA ALA B 62 -14.10 -11.71 -3.44
C ALA B 62 -13.14 -10.77 -4.17
N VAL B 63 -12.91 -11.04 -5.45
CA VAL B 63 -12.05 -10.18 -6.26
C VAL B 63 -12.60 -8.76 -6.30
N ASN B 64 -13.89 -8.64 -6.59
CA ASN B 64 -14.55 -7.33 -6.62
C ASN B 64 -14.60 -6.73 -5.22
N GLU B 65 -14.84 -7.59 -4.22
CA GLU B 65 -14.86 -7.17 -2.83
C GLU B 65 -13.51 -6.57 -2.45
N VAL B 66 -12.44 -7.25 -2.85
CA VAL B 66 -11.08 -6.79 -2.59
C VAL B 66 -10.80 -5.48 -3.32
N VAL B 67 -11.13 -5.41 -4.60
CA VAL B 67 -10.91 -4.20 -5.38
C VAL B 67 -11.64 -3.01 -4.74
N ALA B 68 -12.91 -3.18 -4.42
CA ALA B 68 -13.70 -2.13 -3.79
C ALA B 68 -13.11 -1.77 -2.43
N GLY B 69 -12.78 -2.80 -1.66
CA GLY B 69 -12.23 -2.59 -0.33
C GLY B 69 -10.88 -1.87 -0.37
N ILE B 70 -9.96 -2.39 -1.18
CA ILE B 70 -8.63 -1.79 -1.30
C ILE B 70 -8.73 -0.35 -1.79
N LYS B 71 -9.60 -0.11 -2.77
CA LYS B 71 -9.79 1.24 -3.31
C LYS B 71 -10.17 2.22 -2.21
N GLU B 72 -11.18 1.88 -1.42
CA GLU B 72 -11.65 2.74 -0.36
C GLU B 72 -10.66 2.78 0.80
N TYR B 73 -10.04 1.64 1.08
CA TYR B 73 -9.05 1.54 2.15
C TYR B 73 -7.85 2.42 1.86
N PHE B 74 -7.36 2.35 0.62
CA PHE B 74 -6.24 3.18 0.19
C PHE B 74 -6.65 4.65 0.18
N ASN B 75 -7.87 4.90 -0.29
CA ASN B 75 -8.40 6.26 -0.38
C ASN B 75 -8.52 6.90 1.00
N VAL B 76 -9.19 6.22 1.92
CA VAL B 76 -9.47 6.76 3.24
C VAL B 76 -8.18 6.92 4.06
N MET B 77 -7.21 6.05 3.82
CA MET B 77 -5.98 6.03 4.59
C MET B 77 -4.91 6.92 3.95
N LEU B 78 -5.15 7.34 2.72
CA LEU B 78 -4.19 8.17 2.00
C LEU B 78 -4.00 9.49 2.73
N GLY B 79 -2.75 9.84 3.00
CA GLY B 79 -2.46 11.09 3.67
C GLY B 79 -2.06 10.88 5.12
N THR B 80 -2.56 9.82 5.73
CA THR B 80 -2.27 9.56 7.13
C THR B 80 -0.87 8.98 7.30
N GLN B 81 -0.62 7.83 6.69
CA GLN B 81 0.69 7.18 6.78
C GLN B 81 0.94 6.29 5.57
N LEU B 82 0.37 6.65 4.43
CA LEU B 82 0.63 5.94 3.17
C LEU B 82 1.70 6.65 2.37
N LEU B 83 2.32 7.62 3.01
CA LEU B 83 3.38 8.40 2.40
C LEU B 83 4.35 8.89 3.46
N TYR B 84 5.59 9.10 3.07
CA TYR B 84 6.62 9.55 3.99
C TYR B 84 6.42 11.01 4.35
N LYS B 85 7.17 11.46 5.35
CA LYS B 85 7.16 12.86 5.76
C LYS B 85 7.69 13.74 4.61
N PHE B 86 8.43 13.12 3.70
CA PHE B 86 8.98 13.83 2.55
C PHE B 86 7.96 13.92 1.43
N GLU B 87 6.92 13.08 1.49
CA GLU B 87 5.89 13.05 0.47
C GLU B 87 4.73 13.97 0.82
N ARG B 88 4.87 14.68 1.94
CA ARG B 88 3.84 15.62 2.38
C ARG B 88 3.54 16.70 1.31
N PRO B 89 4.58 17.35 0.73
CA PRO B 89 4.38 18.35 -0.32
C PRO B 89 3.63 17.81 -1.53
N GLN B 90 3.80 16.52 -1.83
CA GLN B 90 3.06 15.91 -2.94
C GLN B 90 1.58 15.85 -2.61
N TYR B 91 1.26 15.41 -1.40
CA TYR B 91 -0.11 15.35 -0.92
C TYR B 91 -0.72 16.76 -0.92
N ALA B 92 0.03 17.70 -0.36
CA ALA B 92 -0.39 19.09 -0.28
C ALA B 92 -0.64 19.68 -1.66
N GLU B 93 0.30 19.43 -2.57
CA GLU B 93 0.21 19.99 -3.91
C GLU B 93 -1.01 19.45 -4.65
N ILE B 94 -1.24 18.15 -4.55
CA ILE B 94 -2.38 17.53 -5.22
C ILE B 94 -3.70 18.14 -4.76
N LEU B 95 -3.90 18.17 -3.45
CA LEU B 95 -5.16 18.69 -2.90
C LEU B 95 -5.34 20.16 -3.23
N ALA B 96 -4.30 20.95 -3.00
CA ALA B 96 -4.35 22.38 -3.26
C ALA B 96 -4.59 22.69 -4.73
N ASP B 97 -3.89 22.00 -5.63
CA ASP B 97 -3.98 22.28 -7.06
C ASP B 97 -5.21 21.60 -7.68
N HIS B 98 -5.51 20.39 -7.24
CA HIS B 98 -6.67 19.67 -7.74
C HIS B 98 -7.52 19.16 -6.59
N PRO B 99 -8.48 19.97 -6.11
CA PRO B 99 -9.36 19.58 -5.00
C PRO B 99 -10.30 18.45 -5.39
N ASP B 100 -10.37 18.18 -6.68
CA ASP B 100 -11.25 17.15 -7.21
C ASP B 100 -10.47 15.88 -7.55
N ALA B 101 -9.19 15.86 -7.23
CA ALA B 101 -8.35 14.69 -7.50
C ALA B 101 -8.64 13.59 -6.50
N PRO B 102 -8.98 12.39 -6.98
CA PRO B 102 -9.20 11.23 -6.12
C PRO B 102 -7.91 10.76 -5.48
N MET B 103 -7.98 10.38 -4.20
CA MET B 103 -6.81 9.94 -3.47
C MET B 103 -6.36 8.55 -3.93
N SER B 104 -7.30 7.83 -4.54
CA SER B 104 -6.99 6.53 -5.13
C SER B 104 -6.38 6.71 -6.52
N GLN B 105 -6.32 7.96 -6.97
CA GLN B 105 -5.74 8.30 -8.24
C GLN B 105 -4.45 9.06 -8.00
N VAL B 106 -3.90 9.67 -9.06
CA VAL B 106 -2.70 10.52 -9.03
C VAL B 106 -1.43 9.77 -8.58
N TYR B 107 -1.58 8.81 -7.67
CA TYR B 107 -0.44 8.03 -7.19
C TYR B 107 -0.44 6.65 -7.83
N GLY B 108 0.75 6.10 -8.02
CA GLY B 108 0.87 4.80 -8.65
C GLY B 108 1.30 3.70 -7.70
N ALA B 109 1.92 2.67 -8.28
CA ALA B 109 2.29 1.44 -7.56
C ALA B 109 3.00 1.67 -6.22
N PRO B 110 4.05 2.53 -6.15
CA PRO B 110 4.79 2.77 -4.89
C PRO B 110 3.89 3.05 -3.68
N HIS B 111 2.75 3.68 -3.91
CA HIS B 111 1.84 4.02 -2.81
C HIS B 111 0.94 2.85 -2.46
N LEU B 112 0.63 2.00 -3.44
CA LEU B 112 -0.19 0.83 -3.19
C LEU B 112 0.64 -0.22 -2.44
N LEU B 113 1.90 -0.33 -2.81
CA LEU B 113 2.82 -1.20 -2.09
C LEU B 113 3.08 -0.65 -0.70
N ARG B 114 3.05 0.67 -0.59
CA ARG B 114 3.19 1.36 0.68
C ARG B 114 2.10 0.90 1.64
N LEU B 115 0.91 0.73 1.10
CA LEU B 115 -0.26 0.28 1.86
C LEU B 115 -0.01 -1.09 2.48
N PHE B 116 0.53 -2.00 1.68
CA PHE B 116 0.75 -3.38 2.11
C PHE B 116 1.77 -3.46 3.25
N VAL B 117 2.66 -2.48 3.32
CA VAL B 117 3.65 -2.46 4.40
C VAL B 117 3.02 -2.00 5.70
N ARG B 118 2.09 -1.04 5.61
CA ARG B 118 1.48 -0.47 6.80
C ARG B 118 0.29 -1.31 7.27
N ILE B 119 -0.30 -2.07 6.34
CA ILE B 119 -1.46 -2.91 6.67
C ILE B 119 -1.09 -4.00 7.67
N GLY B 120 0.22 -4.27 7.77
CA GLY B 120 0.70 -5.28 8.70
C GLY B 120 0.23 -5.02 10.13
N ALA B 121 0.49 -3.81 10.61
CA ALA B 121 0.07 -3.43 11.95
C ALA B 121 -1.43 -3.12 11.97
N MET B 122 -1.96 -2.74 10.83
CA MET B 122 -3.38 -2.42 10.70
C MET B 122 -4.23 -3.66 10.94
N LEU B 123 -3.72 -4.80 10.49
CA LEU B 123 -4.42 -6.07 10.68
C LEU B 123 -4.37 -6.49 12.14
N ALA B 124 -3.46 -5.91 12.90
CA ALA B 124 -3.36 -6.18 14.33
C ALA B 124 -4.51 -5.50 15.08
N TYR B 125 -5.10 -4.48 14.44
CA TYR B 125 -6.26 -3.80 14.99
C TYR B 125 -7.52 -4.62 14.75
N THR B 126 -7.51 -5.39 13.66
CA THR B 126 -8.70 -6.09 13.21
C THR B 126 -8.66 -7.58 13.55
N PRO B 127 -9.54 -8.03 14.45
CA PRO B 127 -9.62 -9.44 14.83
C PRO B 127 -10.38 -10.26 13.78
N LEU B 128 -9.67 -10.68 12.75
CA LEU B 128 -10.26 -11.44 11.66
C LEU B 128 -10.31 -12.92 11.96
N ASP B 129 -11.37 -13.58 11.51
CA ASP B 129 -11.50 -15.03 11.67
C ASP B 129 -10.54 -15.74 10.73
N GLU B 130 -10.22 -16.99 11.05
CA GLU B 130 -9.26 -17.78 10.29
C GLU B 130 -9.63 -17.85 8.81
N LYS B 131 -10.90 -18.14 8.53
CA LYS B 131 -11.37 -18.29 7.16
C LYS B 131 -11.06 -17.05 6.34
N SER B 132 -11.57 -15.92 6.80
CA SER B 132 -11.39 -14.66 6.08
C SER B 132 -9.92 -14.26 6.05
N LEU B 133 -9.20 -14.58 7.12
CA LEU B 133 -7.79 -14.24 7.23
C LEU B 133 -6.98 -14.99 6.18
N ALA B 134 -7.19 -16.30 6.12
CA ALA B 134 -6.44 -17.16 5.20
C ALA B 134 -6.74 -16.77 3.75
N LEU B 135 -8.01 -16.55 3.46
CA LEU B 135 -8.45 -16.18 2.13
C LEU B 135 -7.85 -14.83 1.72
N LEU B 136 -7.86 -13.90 2.66
CA LEU B 136 -7.40 -12.56 2.41
C LEU B 136 -5.88 -12.53 2.22
N LEU B 137 -5.16 -13.16 3.15
CA LEU B 137 -3.70 -13.25 3.05
C LEU B 137 -3.28 -13.92 1.75
N ASN B 138 -4.14 -14.82 1.27
CA ASN B 138 -3.93 -15.43 -0.03
C ASN B 138 -3.94 -14.37 -1.12
N TYR B 139 -5.01 -13.57 -1.18
CA TYR B 139 -5.13 -12.52 -2.19
C TYR B 139 -3.97 -11.53 -2.08
N LEU B 140 -3.66 -11.13 -0.86
CA LEU B 140 -2.58 -10.18 -0.62
C LEU B 140 -1.25 -10.73 -1.14
N HIS B 141 -1.00 -12.01 -0.91
CA HIS B 141 0.23 -12.63 -1.37
C HIS B 141 0.23 -12.82 -2.88
N ASP B 142 -0.95 -13.12 -3.42
CA ASP B 142 -1.11 -13.16 -4.87
C ASP B 142 -0.78 -11.80 -5.48
N PHE B 143 -1.26 -10.76 -4.81
CA PHE B 143 -1.02 -9.38 -5.23
C PHE B 143 0.47 -9.06 -5.13
N LEU B 144 1.06 -9.41 -3.99
CA LEU B 144 2.48 -9.18 -3.74
C LEU B 144 3.34 -9.89 -4.79
N LYS B 145 2.99 -11.12 -5.11
CA LYS B 145 3.75 -11.90 -6.10
C LYS B 145 3.55 -11.35 -7.50
N TYR B 146 2.39 -10.76 -7.74
CA TYR B 146 2.11 -10.11 -9.02
C TYR B 146 2.99 -8.88 -9.19
N LEU B 147 3.16 -8.13 -8.10
CA LEU B 147 4.02 -6.96 -8.09
C LEU B 147 5.48 -7.37 -8.19
N ALA B 148 5.86 -8.33 -7.36
CA ALA B 148 7.24 -8.81 -7.31
C ALA B 148 7.70 -9.38 -8.65
N LYS B 149 6.77 -9.96 -9.40
CA LYS B 149 7.08 -10.53 -10.71
C LYS B 149 7.41 -9.42 -11.71
N ASN B 150 7.02 -8.20 -11.37
CA ASN B 150 7.20 -7.05 -12.24
C ASN B 150 7.98 -5.95 -11.52
N SER B 151 8.84 -6.33 -10.59
CA SER B 151 9.59 -5.37 -9.79
C SER B 151 10.48 -4.48 -10.65
N ALA B 152 10.99 -5.03 -11.74
CA ALA B 152 11.90 -4.28 -12.60
C ALA B 152 11.16 -3.56 -13.71
N THR B 153 10.09 -4.16 -14.19
CA THR B 153 9.33 -3.60 -15.29
C THR B 153 8.35 -2.52 -14.82
N LEU B 154 7.67 -2.78 -13.72
CA LEU B 154 6.68 -1.85 -13.19
C LEU B 154 7.33 -0.81 -12.29
N PHE B 155 8.09 -1.26 -11.30
CA PHE B 155 8.74 -0.36 -10.37
C PHE B 155 10.00 0.23 -10.99
N SER B 156 10.03 1.54 -11.12
CA SER B 156 11.14 2.23 -11.75
C SER B 156 11.69 3.33 -10.82
N ALA B 157 12.96 3.23 -10.47
CA ALA B 157 13.57 4.19 -9.54
C ALA B 157 14.62 5.05 -10.23
N SER B 158 14.74 4.91 -11.55
CA SER B 158 15.75 5.63 -12.29
C SER B 158 15.30 7.06 -12.62
N ASP B 159 14.02 7.21 -12.94
CA ASP B 159 13.49 8.51 -13.33
C ASP B 159 13.09 9.35 -12.10
N TYR B 160 14.01 9.46 -11.16
CA TYR B 160 13.80 10.26 -9.96
C TYR B 160 14.73 11.46 -9.95
N GLU B 161 14.14 12.64 -9.82
CA GLU B 161 14.89 13.87 -9.74
C GLU B 161 15.10 14.27 -8.29
N VAL B 162 16.25 14.82 -7.98
CA VAL B 162 16.51 15.33 -6.64
C VAL B 162 15.59 16.51 -6.38
N ALA B 163 14.68 16.36 -5.42
CA ALA B 163 13.70 17.39 -5.13
C ALA B 163 14.38 18.72 -4.85
N PRO B 164 13.95 19.79 -5.53
CA PRO B 164 14.56 21.13 -5.40
C PRO B 164 14.52 21.64 -3.95
N PRO B 165 15.49 22.50 -3.59
CA PRO B 165 15.63 23.03 -2.22
C PRO B 165 14.37 23.72 -1.70
N GLU B 166 13.72 24.50 -2.55
CA GLU B 166 12.50 25.19 -2.16
C GLU B 166 11.39 24.18 -1.89
N TYR B 167 11.41 23.09 -2.63
CA TYR B 167 10.42 22.02 -2.46
C TYR B 167 10.65 21.30 -1.14
N HIS B 168 11.92 21.24 -0.71
CA HIS B 168 12.26 20.65 0.58
C HIS B 168 11.61 21.43 1.71
N ARG B 169 11.46 22.73 1.48
CA ARG B 169 10.86 23.63 2.46
C ARG B 169 9.37 23.38 2.60
N LYS B 170 8.79 22.64 1.65
CA LYS B 170 7.37 22.32 1.70
C LYS B 170 7.16 20.95 2.33
N ALA B 171 8.26 20.34 2.75
CA ALA B 171 8.21 19.05 3.43
C ALA B 171 8.71 19.20 4.86
N VAL B 172 9.93 19.69 5.01
CA VAL B 172 10.52 19.92 6.30
C VAL B 172 10.68 21.42 6.55
N ASP A 1 -19.59 -25.39 -4.09
CA ASP A 1 -18.43 -26.07 -3.47
C ASP A 1 -18.41 -25.89 -1.96
N TYR A 2 -18.28 -24.64 -1.52
CA TYR A 2 -18.12 -24.37 -0.09
C TYR A 2 -18.57 -22.96 0.30
N VAL A 3 -18.36 -21.99 -0.60
CA VAL A 3 -18.69 -20.59 -0.35
C VAL A 3 -17.66 -19.95 0.59
N GLN A 4 -17.12 -18.83 0.15
CA GLN A 4 -16.08 -18.12 0.90
C GLN A 4 -16.71 -17.01 1.73
N PRO A 5 -16.09 -16.67 2.87
CA PRO A 5 -16.52 -15.53 3.68
C PRO A 5 -16.46 -14.22 2.89
N GLN A 6 -17.12 -13.20 3.41
CA GLN A 6 -17.20 -11.93 2.72
C GLN A 6 -15.91 -11.13 2.91
N LEU A 7 -15.44 -10.50 1.84
CA LEU A 7 -14.24 -9.68 1.93
C LEU A 7 -14.58 -8.31 2.49
N ARG A 8 -15.80 -7.84 2.26
CA ARG A 8 -16.22 -6.53 2.75
C ARG A 8 -16.15 -6.44 4.26
N ARG A 9 -16.46 -7.56 4.94
CA ARG A 9 -16.48 -7.57 6.40
C ARG A 9 -15.11 -7.18 6.99
N PRO A 10 -14.02 -7.92 6.69
CA PRO A 10 -12.68 -7.57 7.17
C PRO A 10 -12.17 -6.24 6.61
N PHE A 11 -12.46 -5.95 5.33
CA PHE A 11 -12.05 -4.69 4.73
C PHE A 11 -12.69 -3.51 5.46
N GLU A 12 -13.95 -3.68 5.83
CA GLU A 12 -14.68 -2.68 6.59
C GLU A 12 -13.95 -2.37 7.89
N LEU A 13 -13.64 -3.44 8.62
CA LEU A 13 -12.92 -3.33 9.88
C LEU A 13 -11.53 -2.73 9.66
N LEU A 14 -10.88 -3.12 8.56
CA LEU A 14 -9.58 -2.60 8.20
C LEU A 14 -9.62 -1.09 8.00
N ILE A 15 -10.63 -0.61 7.28
CA ILE A 15 -10.77 0.82 7.07
C ILE A 15 -11.02 1.52 8.40
N ALA A 16 -11.81 0.90 9.27
CA ALA A 16 -12.08 1.43 10.59
C ALA A 16 -10.80 1.56 11.40
N ALA A 17 -9.95 0.53 11.32
CA ALA A 17 -8.67 0.54 11.97
C ALA A 17 -7.76 1.60 11.35
N ALA A 18 -7.88 1.78 10.05
CA ALA A 18 -7.12 2.79 9.33
C ALA A 18 -7.53 4.19 9.78
N MET A 19 -8.80 4.35 10.13
CA MET A 19 -9.30 5.63 10.61
C MET A 19 -8.68 5.97 11.96
N GLU A 20 -8.67 4.99 12.87
CA GLU A 20 -8.19 5.22 14.23
C GLU A 20 -6.66 5.27 14.27
N ARG A 21 -6.04 4.87 13.17
CA ARG A 21 -4.59 4.98 13.03
C ARG A 21 -4.16 6.43 12.87
N ASN A 22 -5.02 7.22 12.21
CA ASN A 22 -4.76 8.63 11.99
C ASN A 22 -3.56 8.83 11.06
N PRO A 23 -3.35 10.05 10.55
CA PRO A 23 -2.19 10.38 9.73
C PRO A 23 -0.88 10.25 10.49
N THR A 24 -0.39 9.03 10.61
CA THR A 24 0.88 8.76 11.23
C THR A 24 1.93 8.44 10.18
N GLN A 25 3.14 8.94 10.38
CA GLN A 25 4.21 8.80 9.41
C GLN A 25 4.49 7.34 9.10
N PHE A 26 4.52 7.02 7.81
CA PHE A 26 4.86 5.68 7.33
C PHE A 26 6.24 5.27 7.84
N GLN A 27 6.26 4.31 8.76
CA GLN A 27 7.51 3.82 9.33
C GLN A 27 7.79 2.40 8.83
N LEU A 28 9.07 2.07 8.70
CA LEU A 28 9.49 0.77 8.21
C LEU A 28 9.84 -0.16 9.36
N PRO A 29 9.32 -1.40 9.32
CA PRO A 29 9.68 -2.45 10.26
C PRO A 29 11.20 -2.65 10.37
N ASN A 30 11.66 -3.09 11.53
CA ASN A 30 13.09 -3.19 11.80
C ASN A 30 13.74 -4.31 10.99
N GLU A 31 12.94 -5.23 10.50
CA GLU A 31 13.45 -6.33 9.69
C GLU A 31 13.66 -5.90 8.24
N LEU A 32 13.06 -4.78 7.86
CA LEU A 32 13.18 -4.29 6.49
C LEU A 32 14.28 -3.25 6.37
N THR A 33 14.35 -2.35 7.34
CA THR A 33 15.38 -1.32 7.35
C THR A 33 15.42 -0.60 8.70
N CYS A 34 14.26 -0.58 9.38
CA CYS A 34 14.15 0.00 10.72
C CYS A 34 14.27 1.52 10.68
N THR A 35 13.13 2.18 10.63
CA THR A 35 13.08 3.62 10.76
C THR A 35 13.24 3.99 12.23
N THR A 36 14.31 4.71 12.54
CA THR A 36 14.71 4.95 13.91
C THR A 36 13.66 5.70 14.71
N ALA A 37 13.12 4.99 15.70
CA ALA A 37 12.16 5.54 16.65
C ALA A 37 12.26 4.72 17.93
N LEU A 38 11.31 4.89 18.84
CA LEU A 38 11.26 4.09 20.07
C LEU A 38 12.41 4.47 21.01
N PRO A 39 12.39 3.99 22.27
CA PRO A 39 13.46 4.20 23.24
C PRO A 39 14.85 3.95 22.65
N GLY A 40 15.78 4.84 22.95
CA GLY A 40 17.12 4.77 22.42
C GLY A 40 17.75 6.14 22.32
N SER A 41 18.32 6.45 21.17
CA SER A 41 18.89 7.77 20.93
C SER A 41 18.71 8.17 19.47
N SER A 42 17.61 8.83 19.18
CA SER A 42 17.33 9.30 17.84
C SER A 42 16.73 10.71 17.89
N SER B 1 -3.75 -7.14 18.94
CA SER B 1 -4.07 -7.26 20.37
C SER B 1 -3.84 -8.70 20.83
N ASN B 2 -4.75 -9.58 20.47
CA ASN B 2 -4.58 -11.01 20.74
C ASN B 2 -4.26 -11.71 19.44
N ALA B 3 -2.98 -12.05 19.27
CA ALA B 3 -2.47 -12.67 18.05
C ALA B 3 -2.42 -11.65 16.91
N GLU B 4 -1.23 -11.18 16.61
CA GLU B 4 -1.01 -10.25 15.51
C GLU B 4 -0.94 -11.01 14.20
N VAL B 5 -1.67 -10.54 13.20
CA VAL B 5 -1.67 -11.18 11.89
C VAL B 5 -0.37 -10.85 11.16
N LYS B 6 0.50 -11.85 11.06
CA LYS B 6 1.79 -11.63 10.44
C LYS B 6 1.73 -12.01 8.97
N VAL B 7 1.39 -11.01 8.14
CA VAL B 7 1.33 -11.20 6.70
C VAL B 7 2.73 -11.41 6.14
N LYS B 8 3.66 -10.58 6.62
CA LYS B 8 5.07 -10.65 6.24
C LYS B 8 5.29 -10.14 4.82
N ILE B 9 6.37 -9.39 4.66
CA ILE B 9 6.75 -8.85 3.36
C ILE B 9 7.77 -9.76 2.70
N PRO B 10 7.51 -10.19 1.45
CA PRO B 10 8.43 -11.02 0.68
C PRO B 10 9.83 -10.41 0.61
N GLU B 11 10.83 -11.20 0.99
CA GLU B 11 12.21 -10.73 1.10
C GLU B 11 12.70 -10.04 -0.16
N GLU B 12 12.26 -10.53 -1.32
CA GLU B 12 12.75 -9.99 -2.60
C GLU B 12 12.07 -8.67 -2.96
N LEU B 13 11.06 -8.30 -2.18
CA LEU B 13 10.39 -7.02 -2.37
C LEU B 13 10.92 -5.98 -1.39
N LYS B 14 11.67 -6.45 -0.41
CA LYS B 14 12.28 -5.57 0.59
C LYS B 14 13.20 -4.53 -0.06
N PRO B 15 14.11 -4.92 -0.99
CA PRO B 15 15.00 -3.96 -1.67
C PRO B 15 14.25 -2.79 -2.28
N TRP B 16 13.09 -3.07 -2.87
CA TRP B 16 12.28 -2.02 -3.49
C TRP B 16 11.70 -1.08 -2.45
N LEU B 17 11.30 -1.63 -1.31
CA LEU B 17 10.81 -0.82 -0.20
C LEU B 17 11.91 0.07 0.33
N VAL B 18 13.09 -0.50 0.51
CA VAL B 18 14.25 0.25 0.98
C VAL B 18 14.65 1.30 -0.04
N ASP B 19 14.50 0.96 -1.32
CA ASP B 19 14.86 1.87 -2.41
C ASP B 19 13.96 3.10 -2.39
N ASP B 20 12.65 2.88 -2.32
CA ASP B 20 11.66 3.96 -2.25
C ASP B 20 11.88 4.79 -0.98
N TRP B 21 12.01 4.11 0.15
CA TRP B 21 12.26 4.76 1.42
C TRP B 21 13.54 5.60 1.37
N ASP B 22 14.59 5.05 0.77
CA ASP B 22 15.88 5.72 0.65
C ASP B 22 15.76 6.94 -0.28
N LEU B 23 14.90 6.83 -1.29
CA LEU B 23 14.63 7.93 -2.20
C LEU B 23 13.97 9.10 -1.48
N ILE B 24 12.99 8.80 -0.65
CA ILE B 24 12.23 9.83 0.05
C ILE B 24 13.01 10.42 1.21
N THR B 25 13.54 9.56 2.07
CA THR B 25 14.14 10.03 3.32
C THR B 25 15.57 10.53 3.11
N ARG B 26 16.38 9.79 2.36
CA ARG B 26 17.80 10.11 2.24
C ARG B 26 18.05 11.04 1.06
N GLN B 27 17.61 10.65 -0.13
CA GLN B 27 17.80 11.49 -1.31
C GLN B 27 16.84 12.68 -1.27
N LYS B 28 15.72 12.49 -0.59
CA LYS B 28 14.72 13.54 -0.43
C LYS B 28 14.18 13.96 -1.80
N GLN B 29 13.93 12.95 -2.63
CA GLN B 29 13.44 13.17 -3.98
C GLN B 29 11.96 12.83 -4.09
N LEU B 30 11.32 13.40 -5.09
CA LEU B 30 9.95 13.05 -5.44
C LEU B 30 9.96 12.34 -6.78
N PHE B 31 8.81 11.97 -7.31
CA PHE B 31 8.78 11.30 -8.60
C PHE B 31 7.96 12.09 -9.59
N TYR B 32 8.18 11.85 -10.88
CA TYR B 32 7.36 12.47 -11.92
C TYR B 32 5.92 12.05 -11.74
N LEU B 33 5.10 13.00 -11.26
CA LEU B 33 3.75 12.72 -10.79
C LEU B 33 2.90 11.99 -11.83
N PRO B 34 2.69 12.56 -13.05
CA PRO B 34 1.80 11.96 -14.05
C PRO B 34 2.04 10.47 -14.23
N ALA B 35 1.12 9.66 -13.73
CA ALA B 35 1.33 8.24 -13.65
C ALA B 35 0.72 7.52 -14.83
N LYS B 36 1.57 6.89 -15.63
CA LYS B 36 1.12 6.09 -16.75
C LYS B 36 0.49 4.80 -16.25
N LYS B 37 0.79 4.45 -15.02
CA LYS B 37 0.23 3.26 -14.38
C LYS B 37 -0.54 3.67 -13.13
N ASN B 38 -1.85 3.82 -13.27
CA ASN B 38 -2.70 4.17 -12.15
C ASN B 38 -2.91 2.95 -11.27
N VAL B 39 -3.41 3.16 -10.05
CA VAL B 39 -3.81 2.04 -9.20
C VAL B 39 -4.92 1.27 -9.89
N ASP B 40 -5.76 2.03 -10.60
CA ASP B 40 -6.87 1.46 -11.36
C ASP B 40 -6.37 0.46 -12.39
N SER B 41 -5.28 0.80 -13.06
CA SER B 41 -4.70 -0.07 -14.08
C SER B 41 -4.26 -1.39 -13.49
N ILE B 42 -3.57 -1.32 -12.36
CA ILE B 42 -3.10 -2.51 -11.65
C ILE B 42 -4.29 -3.30 -11.11
N LEU B 43 -5.22 -2.57 -10.52
CA LEU B 43 -6.41 -3.15 -9.90
C LEU B 43 -7.23 -3.92 -10.93
N GLU B 44 -7.55 -3.25 -12.04
CA GLU B 44 -8.38 -3.86 -13.08
C GLU B 44 -7.68 -5.05 -13.71
N ASP B 45 -6.37 -4.92 -13.96
CA ASP B 45 -5.62 -6.01 -14.58
C ASP B 45 -5.59 -7.22 -13.66
N TYR B 46 -5.37 -6.98 -12.37
CA TYR B 46 -5.38 -8.04 -11.37
C TYR B 46 -6.75 -8.70 -11.27
N ALA B 47 -7.79 -7.88 -11.29
CA ALA B 47 -9.17 -8.37 -11.21
C ALA B 47 -9.47 -9.33 -12.35
N ASN B 48 -9.24 -8.88 -13.58
CA ASN B 48 -9.49 -9.70 -14.77
C ASN B 48 -8.54 -10.88 -14.82
N TYR B 49 -7.34 -10.70 -14.28
CA TYR B 49 -6.32 -11.75 -14.26
C TYR B 49 -6.81 -12.96 -13.49
N ARG B 50 -7.42 -12.73 -12.33
CA ARG B 50 -7.90 -13.82 -11.50
C ARG B 50 -9.22 -14.39 -12.04
N LYS B 51 -9.86 -13.66 -12.95
CA LYS B 51 -11.07 -14.16 -13.61
C LYS B 51 -10.71 -15.12 -14.72
N SER B 52 -9.55 -14.89 -15.33
CA SER B 52 -9.11 -15.69 -16.46
C SER B 52 -8.11 -16.76 -16.03
N ARG B 53 -7.55 -16.60 -14.85
CA ARG B 53 -6.60 -17.56 -14.32
C ARG B 53 -7.10 -18.14 -13.01
N GLY B 54 -7.20 -19.46 -12.93
CA GLY B 54 -7.62 -20.08 -11.70
C GLY B 54 -8.41 -21.35 -11.90
N ASN B 55 -8.92 -21.55 -13.14
CA ASN B 55 -9.74 -22.71 -13.48
C ASN B 55 -11.16 -22.61 -12.91
N THR B 56 -11.27 -22.09 -11.70
CA THR B 56 -12.56 -21.86 -11.09
C THR B 56 -13.36 -20.83 -11.88
N ASP B 57 -12.64 -19.84 -12.43
CA ASP B 57 -13.20 -18.79 -13.30
C ASP B 57 -14.12 -17.84 -12.53
N ASN B 58 -15.20 -18.38 -11.99
CA ASN B 58 -16.18 -17.59 -11.25
C ASN B 58 -15.65 -17.22 -9.86
N LYS B 59 -14.56 -16.45 -9.85
CA LYS B 59 -13.99 -15.94 -8.61
C LYS B 59 -14.21 -14.43 -8.55
N GLU B 60 -15.09 -13.96 -9.42
CA GLU B 60 -15.32 -12.53 -9.62
C GLU B 60 -15.85 -11.86 -8.36
N TYR B 61 -16.77 -12.52 -7.67
CA TYR B 61 -17.34 -11.99 -6.43
C TYR B 61 -16.22 -11.55 -5.47
N ALA B 62 -15.20 -12.37 -5.35
CA ALA B 62 -14.14 -12.15 -4.38
C ALA B 62 -13.23 -11.02 -4.84
N VAL B 63 -12.88 -11.02 -6.11
CA VAL B 63 -11.97 -10.02 -6.63
C VAL B 63 -12.66 -8.66 -6.73
N ASN B 64 -13.98 -8.67 -6.90
CA ASN B 64 -14.76 -7.43 -6.86
C ASN B 64 -14.70 -6.84 -5.46
N GLU B 65 -14.88 -7.69 -4.47
CA GLU B 65 -14.73 -7.29 -3.07
C GLU B 65 -13.35 -6.72 -2.82
N VAL B 66 -12.34 -7.39 -3.36
CA VAL B 66 -10.96 -6.93 -3.25
C VAL B 66 -10.79 -5.57 -3.92
N VAL B 67 -11.30 -5.42 -5.15
CA VAL B 67 -11.23 -4.16 -5.88
C VAL B 67 -11.83 -3.02 -5.05
N ALA B 68 -13.06 -3.19 -4.62
CA ALA B 68 -13.73 -2.18 -3.81
C ALA B 68 -12.94 -1.89 -2.53
N GLY B 69 -12.57 -2.96 -1.85
CA GLY B 69 -11.83 -2.84 -0.61
C GLY B 69 -10.52 -2.12 -0.78
N ILE B 70 -9.73 -2.54 -1.77
CA ILE B 70 -8.42 -1.93 -2.01
C ILE B 70 -8.54 -0.44 -2.27
N LYS B 71 -9.53 -0.04 -3.07
CA LYS B 71 -9.74 1.38 -3.36
C LYS B 71 -9.95 2.16 -2.07
N GLU B 72 -10.97 1.77 -1.32
CA GLU B 72 -11.32 2.49 -0.09
C GLU B 72 -10.21 2.39 0.96
N TYR B 73 -9.58 1.22 1.03
CA TYR B 73 -8.50 0.99 1.98
C TYR B 73 -7.28 1.84 1.62
N PHE B 74 -7.02 1.97 0.33
CA PHE B 74 -5.93 2.79 -0.15
C PHE B 74 -6.24 4.27 0.07
N ASN B 75 -7.47 4.66 -0.21
CA ASN B 75 -7.88 6.06 -0.07
C ASN B 75 -7.76 6.54 1.37
N VAL B 76 -8.14 5.69 2.31
CA VAL B 76 -8.15 6.07 3.72
C VAL B 76 -6.73 6.08 4.32
N MET B 77 -5.82 5.31 3.72
CA MET B 77 -4.47 5.20 4.25
C MET B 77 -3.48 6.07 3.47
N LEU B 78 -3.70 6.22 2.17
CA LEU B 78 -2.89 7.12 1.38
C LEU B 78 -3.32 8.54 1.71
N GLY B 79 -2.46 9.27 2.40
CA GLY B 79 -2.82 10.56 2.92
C GLY B 79 -2.72 10.60 4.42
N THR B 80 -2.73 9.42 5.03
CA THR B 80 -2.61 9.32 6.47
C THR B 80 -1.34 8.58 6.87
N GLN B 81 -1.35 7.26 6.77
CA GLN B 81 -0.26 6.42 7.28
C GLN B 81 0.66 5.92 6.17
N LEU B 82 0.30 6.16 4.92
CA LEU B 82 1.12 5.69 3.80
C LEU B 82 2.10 6.75 3.32
N LEU B 83 2.21 7.86 4.05
CA LEU B 83 3.06 8.96 3.63
C LEU B 83 4.10 9.29 4.69
N TYR B 84 5.27 9.73 4.24
CA TYR B 84 6.27 10.27 5.13
C TYR B 84 5.95 11.73 5.42
N LYS B 85 6.65 12.33 6.37
CA LYS B 85 6.43 13.73 6.71
C LYS B 85 7.01 14.63 5.62
N PHE B 86 7.94 14.10 4.84
CA PHE B 86 8.61 14.87 3.80
C PHE B 86 7.67 15.13 2.62
N GLU B 87 6.82 14.15 2.31
CA GLU B 87 5.97 14.24 1.13
C GLU B 87 4.61 14.84 1.47
N ARG B 88 4.46 15.35 2.69
CA ARG B 88 3.22 15.99 3.11
C ARG B 88 2.88 17.19 2.21
N PRO B 89 3.82 18.13 2.00
CA PRO B 89 3.59 19.28 1.10
C PRO B 89 3.32 18.83 -0.33
N GLN B 90 3.88 17.68 -0.72
CA GLN B 90 3.68 17.13 -2.05
C GLN B 90 2.23 16.68 -2.22
N TYR B 91 1.73 15.96 -1.21
CA TYR B 91 0.34 15.52 -1.19
C TYR B 91 -0.58 16.73 -1.22
N ALA B 92 -0.29 17.71 -0.38
CA ALA B 92 -1.07 18.93 -0.31
C ALA B 92 -1.05 19.67 -1.65
N GLU B 93 0.12 19.73 -2.26
CA GLU B 93 0.30 20.39 -3.55
C GLU B 93 -0.57 19.73 -4.62
N ILE B 94 -0.61 18.41 -4.62
CA ILE B 94 -1.41 17.67 -5.58
C ILE B 94 -2.88 18.02 -5.44
N LEU B 95 -3.39 17.97 -4.22
CA LEU B 95 -4.79 18.28 -3.95
C LEU B 95 -5.11 19.73 -4.29
N ALA B 96 -4.25 20.63 -3.83
CA ALA B 96 -4.42 22.07 -4.07
C ALA B 96 -4.41 22.40 -5.56
N ASP B 97 -3.45 21.86 -6.29
CA ASP B 97 -3.30 22.19 -7.71
C ASP B 97 -4.29 21.41 -8.57
N HIS B 98 -4.54 20.15 -8.20
CA HIS B 98 -5.45 19.30 -8.96
C HIS B 98 -6.59 18.80 -8.08
N PRO B 99 -7.71 19.52 -8.04
CA PRO B 99 -8.87 19.13 -7.23
C PRO B 99 -9.66 17.99 -7.88
N ASP B 100 -9.21 17.58 -9.06
CA ASP B 100 -9.89 16.52 -9.82
C ASP B 100 -9.04 15.27 -9.87
N ALA B 101 -7.96 15.26 -9.10
CA ALA B 101 -7.02 14.15 -9.12
C ALA B 101 -7.15 13.27 -7.89
N PRO B 102 -7.75 12.08 -8.04
CA PRO B 102 -7.86 11.12 -6.95
C PRO B 102 -6.53 10.43 -6.65
N MET B 103 -6.41 9.91 -5.45
CA MET B 103 -5.17 9.24 -5.00
C MET B 103 -4.86 8.00 -5.86
N SER B 104 -5.88 7.47 -6.50
CA SER B 104 -5.72 6.30 -7.36
C SER B 104 -5.15 6.70 -8.72
N GLN B 105 -5.11 8.01 -8.97
CA GLN B 105 -4.67 8.53 -10.26
C GLN B 105 -3.24 9.04 -10.18
N VAL B 106 -2.98 9.88 -9.19
CA VAL B 106 -1.70 10.55 -9.07
C VAL B 106 -0.62 9.64 -8.49
N TYR B 107 -1.03 8.55 -7.87
CA TYR B 107 -0.07 7.65 -7.25
C TYR B 107 -0.21 6.25 -7.83
N GLY B 108 0.92 5.55 -7.95
CA GLY B 108 0.90 4.23 -8.55
C GLY B 108 1.55 3.18 -7.67
N ALA B 109 2.13 2.17 -8.34
CA ALA B 109 2.66 0.97 -7.69
C ALA B 109 3.59 1.25 -6.50
N PRO B 110 4.66 2.08 -6.67
CA PRO B 110 5.61 2.36 -5.57
C PRO B 110 4.92 2.76 -4.27
N HIS B 111 3.88 3.57 -4.37
CA HIS B 111 3.15 4.04 -3.20
C HIS B 111 2.11 3.02 -2.74
N LEU B 112 1.68 2.17 -3.67
CA LEU B 112 0.69 1.14 -3.36
C LEU B 112 1.32 0.02 -2.52
N LEU B 113 2.58 -0.30 -2.81
CA LEU B 113 3.29 -1.37 -2.10
C LEU B 113 3.39 -1.06 -0.60
N ARG B 114 3.36 0.24 -0.27
CA ARG B 114 3.45 0.67 1.12
C ARG B 114 2.28 0.15 1.95
N LEU B 115 1.15 -0.06 1.29
CA LEU B 115 -0.07 -0.50 1.96
C LEU B 115 0.15 -1.87 2.61
N PHE B 116 0.85 -2.74 1.90
CA PHE B 116 1.09 -4.09 2.37
C PHE B 116 2.08 -4.12 3.52
N VAL B 117 2.94 -3.12 3.58
CA VAL B 117 3.94 -3.01 4.64
C VAL B 117 3.28 -2.75 5.98
N ARG B 118 2.12 -2.11 5.95
CA ARG B 118 1.44 -1.73 7.19
C ARG B 118 0.24 -2.64 7.48
N ILE B 119 -0.26 -3.32 6.45
CA ILE B 119 -1.51 -4.07 6.57
C ILE B 119 -1.43 -5.17 7.62
N GLY B 120 -0.24 -5.72 7.85
CA GLY B 120 -0.07 -6.75 8.87
C GLY B 120 -0.40 -6.22 10.26
N ALA B 121 0.08 -5.03 10.55
CA ALA B 121 -0.21 -4.39 11.83
C ALA B 121 -1.65 -3.94 11.89
N MET B 122 -2.20 -3.59 10.73
CA MET B 122 -3.59 -3.18 10.64
C MET B 122 -4.51 -4.33 10.98
N LEU B 123 -4.20 -5.51 10.45
CA LEU B 123 -4.95 -6.72 10.75
C LEU B 123 -4.78 -7.10 12.23
N ALA B 124 -3.67 -6.68 12.81
CA ALA B 124 -3.40 -6.94 14.22
C ALA B 124 -4.33 -6.11 15.11
N TYR B 125 -4.99 -5.13 14.52
CA TYR B 125 -5.96 -4.32 15.23
C TYR B 125 -7.38 -4.78 14.88
N THR B 126 -7.47 -5.86 14.10
CA THR B 126 -8.75 -6.31 13.59
C THR B 126 -9.01 -7.77 13.98
N PRO B 127 -10.00 -8.01 14.87
CA PRO B 127 -10.41 -9.35 15.26
C PRO B 127 -11.19 -10.03 14.14
N LEU B 128 -10.64 -11.11 13.59
CA LEU B 128 -11.25 -11.79 12.47
C LEU B 128 -11.41 -13.28 12.73
N ASP B 129 -12.13 -13.95 11.84
CA ASP B 129 -12.24 -15.39 11.85
C ASP B 129 -11.10 -15.99 11.04
N GLU B 130 -10.77 -17.25 11.30
CA GLU B 130 -9.70 -17.93 10.56
C GLU B 130 -9.96 -17.88 9.05
N LYS B 131 -11.14 -18.33 8.64
CA LYS B 131 -11.47 -18.44 7.22
C LYS B 131 -11.37 -17.09 6.53
N SER B 132 -11.97 -16.08 7.14
CA SER B 132 -11.96 -14.74 6.58
C SER B 132 -10.54 -14.19 6.49
N LEU B 133 -9.79 -14.35 7.57
CA LEU B 133 -8.42 -13.84 7.62
C LEU B 133 -7.54 -14.55 6.60
N ALA B 134 -7.63 -15.87 6.55
CA ALA B 134 -6.87 -16.66 5.60
C ALA B 134 -7.24 -16.29 4.16
N LEU B 135 -8.49 -15.88 3.98
CA LEU B 135 -8.97 -15.44 2.69
C LEU B 135 -8.17 -14.21 2.23
N LEU B 136 -8.12 -13.20 3.09
CA LEU B 136 -7.34 -12.00 2.81
C LEU B 136 -5.86 -12.33 2.63
N LEU B 137 -5.32 -13.16 3.53
CA LEU B 137 -3.91 -13.56 3.44
C LEU B 137 -3.58 -14.12 2.07
N ASN B 138 -4.51 -14.89 1.52
CA ASN B 138 -4.34 -15.46 0.19
C ASN B 138 -4.27 -14.37 -0.88
N TYR B 139 -5.26 -13.47 -0.87
CA TYR B 139 -5.31 -12.41 -1.88
C TYR B 139 -4.14 -11.45 -1.72
N LEU B 140 -3.81 -11.13 -0.47
CA LEU B 140 -2.68 -10.26 -0.18
C LEU B 140 -1.39 -10.81 -0.78
N HIS B 141 -1.13 -12.09 -0.54
CA HIS B 141 0.09 -12.71 -1.02
C HIS B 141 0.04 -12.98 -2.52
N ASP B 142 -1.17 -13.12 -3.07
CA ASP B 142 -1.33 -13.35 -4.50
C ASP B 142 -1.12 -12.04 -5.26
N PHE B 143 -1.62 -10.96 -4.68
CA PHE B 143 -1.40 -9.62 -5.21
C PHE B 143 0.10 -9.31 -5.19
N LEU B 144 0.75 -9.73 -4.10
CA LEU B 144 2.19 -9.58 -3.97
C LEU B 144 2.94 -10.39 -5.03
N LYS B 145 2.41 -11.56 -5.36
CA LYS B 145 2.99 -12.38 -6.43
C LYS B 145 2.98 -11.61 -7.75
N TYR B 146 1.84 -10.98 -8.04
CA TYR B 146 1.70 -10.18 -9.23
C TYR B 146 2.73 -9.04 -9.24
N LEU B 147 2.84 -8.35 -8.11
CA LEU B 147 3.79 -7.25 -7.95
C LEU B 147 5.23 -7.73 -8.12
N ALA B 148 5.53 -8.88 -7.55
CA ALA B 148 6.87 -9.45 -7.61
C ALA B 148 7.24 -9.88 -9.03
N LYS B 149 6.30 -10.52 -9.71
CA LYS B 149 6.53 -11.03 -11.06
C LYS B 149 6.84 -9.89 -12.04
N ASN B 150 6.08 -8.82 -11.96
CA ASN B 150 6.23 -7.69 -12.88
C ASN B 150 6.91 -6.52 -12.20
N SER B 151 7.67 -6.80 -11.15
CA SER B 151 8.29 -5.78 -10.30
C SER B 151 9.08 -4.74 -11.11
N ALA B 152 10.01 -5.21 -11.93
CA ALA B 152 10.88 -4.32 -12.69
C ALA B 152 10.10 -3.44 -13.65
N THR B 153 8.93 -3.90 -14.07
CA THR B 153 8.13 -3.18 -15.03
C THR B 153 6.98 -2.45 -14.35
N LEU B 154 6.98 -2.46 -13.03
CA LEU B 154 5.90 -1.87 -12.25
C LEU B 154 6.45 -0.83 -11.27
N PHE B 155 7.51 -1.21 -10.58
CA PHE B 155 8.14 -0.31 -9.62
C PHE B 155 9.36 0.35 -10.25
N SER B 156 9.14 1.43 -10.97
CA SER B 156 10.23 2.15 -11.59
C SER B 156 10.69 3.28 -10.68
N ALA B 157 11.70 2.99 -9.86
CA ALA B 157 12.24 3.97 -8.93
C ALA B 157 13.18 4.93 -9.64
N SER B 158 13.43 4.68 -10.92
CA SER B 158 14.31 5.51 -11.72
C SER B 158 13.59 6.78 -12.16
N ASP B 159 12.26 6.78 -12.01
CA ASP B 159 11.45 7.93 -12.40
C ASP B 159 11.31 8.92 -11.24
N TYR B 160 12.16 8.76 -10.23
CA TYR B 160 12.19 9.69 -9.12
C TYR B 160 13.15 10.83 -9.45
N GLU B 161 12.60 12.04 -9.52
CA GLU B 161 13.33 13.23 -9.92
C GLU B 161 13.98 13.90 -8.71
N VAL B 162 15.09 14.57 -8.95
CA VAL B 162 15.76 15.32 -7.89
C VAL B 162 15.02 16.63 -7.65
N ALA B 163 14.22 16.65 -6.59
CA ALA B 163 13.43 17.82 -6.24
C ALA B 163 14.34 18.98 -5.82
N PRO B 164 13.97 20.22 -6.20
CA PRO B 164 14.75 21.43 -5.89
C PRO B 164 14.97 21.61 -4.39
N PRO B 165 16.13 22.18 -4.01
CA PRO B 165 16.49 22.40 -2.60
C PRO B 165 15.47 23.28 -1.88
N GLU B 166 14.92 24.27 -2.58
CA GLU B 166 13.91 25.14 -2.00
C GLU B 166 12.69 24.32 -1.57
N TYR B 167 12.35 23.33 -2.37
CA TYR B 167 11.19 22.49 -2.07
C TYR B 167 11.48 21.60 -0.86
N HIS B 168 12.75 21.26 -0.67
CA HIS B 168 13.18 20.50 0.50
C HIS B 168 12.92 21.32 1.76
N ARG B 169 13.12 22.63 1.64
CA ARG B 169 12.97 23.55 2.75
C ARG B 169 11.49 23.83 3.03
N LYS B 170 10.62 23.28 2.20
CA LYS B 170 9.18 23.43 2.37
C LYS B 170 8.58 22.17 2.98
N ALA B 171 9.40 21.14 3.10
CA ALA B 171 8.94 19.85 3.58
C ALA B 171 9.12 19.72 5.09
N VAL B 172 10.33 19.98 5.55
CA VAL B 172 10.66 19.81 6.96
C VAL B 172 10.65 21.15 7.69
N ASP A 1 -25.47 -23.08 -0.21
CA ASP A 1 -25.06 -24.21 0.65
C ASP A 1 -24.26 -23.72 1.86
N TYR A 2 -23.04 -23.27 1.62
CA TYR A 2 -22.20 -22.72 2.68
C TYR A 2 -21.86 -21.26 2.38
N VAL A 3 -22.04 -20.42 3.39
CA VAL A 3 -21.69 -19.01 3.25
C VAL A 3 -20.28 -18.77 3.76
N GLN A 4 -19.35 -18.59 2.84
CA GLN A 4 -17.96 -18.39 3.17
C GLN A 4 -17.73 -16.95 3.62
N PRO A 5 -16.56 -16.67 4.20
CA PRO A 5 -16.18 -15.30 4.55
C PRO A 5 -16.12 -14.41 3.32
N GLN A 6 -16.84 -13.30 3.37
CA GLN A 6 -16.76 -12.30 2.31
C GLN A 6 -15.68 -11.30 2.68
N LEU A 7 -15.22 -10.53 1.71
CA LEU A 7 -14.21 -9.51 1.97
C LEU A 7 -14.86 -8.26 2.56
N ARG A 8 -16.16 -8.13 2.33
CA ARG A 8 -16.92 -6.95 2.73
C ARG A 8 -16.70 -6.59 4.21
N ARG A 9 -17.08 -7.49 5.11
CA ARG A 9 -16.96 -7.21 6.54
C ARG A 9 -15.51 -6.98 6.98
N PRO A 10 -14.56 -7.88 6.63
CA PRO A 10 -13.14 -7.66 6.93
C PRO A 10 -12.65 -6.29 6.45
N PHE A 11 -13.03 -5.91 5.24
CA PHE A 11 -12.64 -4.60 4.72
C PHE A 11 -13.31 -3.47 5.49
N GLU A 12 -14.59 -3.64 5.80
CA GLU A 12 -15.30 -2.65 6.63
C GLU A 12 -14.59 -2.45 7.96
N LEU A 13 -14.16 -3.57 8.56
CA LEU A 13 -13.41 -3.54 9.81
C LEU A 13 -12.05 -2.88 9.62
N LEU A 14 -11.36 -3.31 8.57
CA LEU A 14 -10.01 -2.85 8.28
C LEU A 14 -10.00 -1.35 7.94
N ILE A 15 -10.97 -0.93 7.13
CA ILE A 15 -11.10 0.48 6.76
C ILE A 15 -11.43 1.32 7.98
N ALA A 16 -12.32 0.81 8.84
CA ALA A 16 -12.68 1.50 10.07
C ALA A 16 -11.47 1.68 10.96
N ALA A 17 -10.64 0.65 11.04
CA ALA A 17 -9.39 0.71 11.79
C ALA A 17 -8.42 1.71 11.15
N ALA A 18 -8.45 1.79 9.82
CA ALA A 18 -7.63 2.74 9.10
C ALA A 18 -8.06 4.17 9.39
N MET A 19 -9.35 4.34 9.69
CA MET A 19 -9.88 5.66 10.05
C MET A 19 -9.39 6.06 11.44
N GLU A 20 -9.05 5.07 12.25
CA GLU A 20 -8.58 5.29 13.61
C GLU A 20 -7.14 5.80 13.61
N ARG A 21 -6.46 5.60 12.50
CA ARG A 21 -5.06 5.99 12.38
C ARG A 21 -4.91 7.48 12.20
N ASN A 22 -4.35 8.14 13.22
CA ASN A 22 -3.96 9.53 13.09
C ASN A 22 -2.73 9.61 12.19
N PRO A 23 -2.61 10.68 11.39
CA PRO A 23 -1.55 10.82 10.40
C PRO A 23 -0.16 10.49 10.94
N THR A 24 0.29 9.29 10.62
CA THR A 24 1.60 8.84 11.04
C THR A 24 2.57 8.80 9.86
N GLN A 25 3.83 9.08 10.16
CA GLN A 25 4.88 9.01 9.15
C GLN A 25 5.21 7.55 8.87
N PHE A 26 4.96 7.12 7.64
CA PHE A 26 5.10 5.71 7.26
C PHE A 26 6.51 5.19 7.42
N GLN A 27 6.70 4.28 8.36
CA GLN A 27 7.98 3.62 8.54
C GLN A 27 7.80 2.10 8.55
N LEU A 28 8.79 1.41 8.00
CA LEU A 28 8.72 -0.04 7.82
C LEU A 28 9.34 -0.77 9.01
N PRO A 29 9.03 -2.07 9.16
CA PRO A 29 9.67 -2.93 10.16
C PRO A 29 11.20 -2.89 10.05
N ASN A 30 11.89 -3.17 11.15
CA ASN A 30 13.35 -3.09 11.17
C ASN A 30 13.98 -4.24 10.40
N GLU A 31 13.21 -5.30 10.16
CA GLU A 31 13.70 -6.40 9.34
C GLU A 31 13.73 -5.99 7.87
N LEU A 32 12.90 -5.01 7.53
CA LEU A 32 12.86 -4.49 6.16
C LEU A 32 13.78 -3.28 6.03
N THR A 33 13.78 -2.42 7.04
CA THR A 33 14.61 -1.23 7.03
C THR A 33 15.51 -1.18 8.26
N CYS A 34 15.38 -0.10 9.00
CA CYS A 34 16.15 0.15 10.23
C CYS A 34 15.49 1.27 11.01
N THR A 35 14.25 1.58 10.64
CA THR A 35 13.55 2.74 11.17
C THR A 35 12.98 2.46 12.56
N THR A 36 12.16 1.44 12.66
CA THR A 36 11.60 1.03 13.94
C THR A 36 12.61 0.22 14.75
N ALA A 37 13.43 0.92 15.51
CA ALA A 37 14.49 0.29 16.27
C ALA A 37 14.00 -0.10 17.66
N LEU A 38 14.21 -1.36 18.02
CA LEU A 38 13.80 -1.87 19.32
C LEU A 38 14.71 -1.32 20.42
N PRO A 39 14.18 -1.18 21.66
CA PRO A 39 14.93 -0.60 22.78
C PRO A 39 16.07 -1.51 23.27
N GLY A 40 16.15 -2.70 22.72
CA GLY A 40 17.21 -3.62 23.08
C GLY A 40 18.03 -4.06 21.89
N SER A 41 17.42 -4.87 21.03
CA SER A 41 18.05 -5.39 19.81
C SER A 41 19.38 -6.09 20.12
N SER A 42 19.53 -6.56 21.35
CA SER A 42 20.75 -7.21 21.77
C SER A 42 20.42 -8.48 22.54
N SER B 1 -8.65 -14.64 20.25
CA SER B 1 -8.48 -15.70 19.23
C SER B 1 -7.61 -15.20 18.08
N ASN B 2 -7.54 -13.89 17.93
CA ASN B 2 -6.78 -13.28 16.85
C ASN B 2 -5.34 -13.02 17.31
N ALA B 3 -4.41 -13.05 16.37
CA ALA B 3 -3.01 -12.80 16.68
C ALA B 3 -2.37 -12.02 15.53
N GLU B 4 -1.11 -11.59 15.75
CA GLU B 4 -0.36 -10.87 14.73
C GLU B 4 -0.36 -11.62 13.41
N VAL B 5 -0.97 -11.03 12.41
CA VAL B 5 -1.02 -11.63 11.09
C VAL B 5 0.33 -11.44 10.38
N LYS B 6 1.11 -12.49 10.35
CA LYS B 6 2.45 -12.43 9.79
C LYS B 6 2.43 -12.60 8.28
N VAL B 7 1.86 -11.62 7.60
CA VAL B 7 1.83 -11.61 6.15
C VAL B 7 3.24 -11.66 5.59
N LYS B 8 4.08 -10.76 6.10
CA LYS B 8 5.49 -10.67 5.70
C LYS B 8 5.64 -10.13 4.29
N ILE B 9 6.67 -9.34 4.09
CA ILE B 9 6.98 -8.83 2.77
C ILE B 9 7.94 -9.79 2.07
N PRO B 10 7.64 -10.18 0.83
CA PRO B 10 8.51 -11.05 0.04
C PRO B 10 9.95 -10.53 0.01
N GLU B 11 10.89 -11.43 0.25
CA GLU B 11 12.31 -11.07 0.26
C GLU B 11 12.73 -10.47 -1.08
N GLU B 12 12.06 -10.89 -2.15
CA GLU B 12 12.34 -10.40 -3.48
C GLU B 12 11.71 -9.03 -3.73
N LEU B 13 10.84 -8.60 -2.81
CA LEU B 13 10.16 -7.32 -2.95
C LEU B 13 10.76 -6.28 -1.99
N LYS B 14 11.42 -6.78 -0.94
CA LYS B 14 12.03 -5.91 0.08
C LYS B 14 12.98 -4.86 -0.54
N PRO B 15 13.92 -5.25 -1.43
CA PRO B 15 14.88 -4.32 -2.06
C PRO B 15 14.21 -3.06 -2.61
N TRP B 16 13.05 -3.24 -3.24
CA TRP B 16 12.34 -2.13 -3.86
C TRP B 16 11.70 -1.24 -2.80
N LEU B 17 11.26 -1.84 -1.71
CA LEU B 17 10.76 -1.08 -0.57
C LEU B 17 11.87 -0.26 0.06
N VAL B 18 13.04 -0.88 0.18
CA VAL B 18 14.22 -0.19 0.69
C VAL B 18 14.59 0.96 -0.23
N ASP B 19 14.49 0.73 -1.54
CA ASP B 19 14.79 1.75 -2.54
C ASP B 19 13.85 2.93 -2.40
N ASP B 20 12.55 2.65 -2.39
CA ASP B 20 11.53 3.69 -2.25
C ASP B 20 11.72 4.47 -0.97
N TRP B 21 11.84 3.76 0.15
CA TRP B 21 12.07 4.38 1.45
C TRP B 21 13.34 5.22 1.44
N ASP B 22 14.41 4.68 0.87
CA ASP B 22 15.69 5.37 0.82
C ASP B 22 15.58 6.65 0.01
N LEU B 23 14.93 6.56 -1.14
CA LEU B 23 14.76 7.69 -2.03
C LEU B 23 13.98 8.83 -1.38
N ILE B 24 12.90 8.48 -0.68
CA ILE B 24 12.06 9.47 -0.03
C ILE B 24 12.71 9.99 1.26
N THR B 25 12.84 9.11 2.23
CA THR B 25 13.23 9.50 3.57
C THR B 25 14.71 9.92 3.66
N ARG B 26 15.57 9.17 2.99
CA ARG B 26 17.01 9.40 3.11
C ARG B 26 17.51 10.38 2.04
N GLN B 27 17.24 10.06 0.78
CA GLN B 27 17.71 10.88 -0.32
C GLN B 27 16.92 12.19 -0.41
N LYS B 28 15.64 12.10 -0.03
CA LYS B 28 14.73 13.24 -0.09
C LYS B 28 14.49 13.66 -1.54
N GLN B 29 14.20 12.67 -2.37
CA GLN B 29 13.88 12.90 -3.76
C GLN B 29 12.38 12.84 -3.98
N LEU B 30 11.94 13.27 -5.16
CA LEU B 30 10.53 13.28 -5.48
C LEU B 30 10.34 12.85 -6.93
N PHE B 31 9.43 11.92 -7.15
CA PHE B 31 9.26 11.34 -8.48
C PHE B 31 8.30 12.17 -9.34
N TYR B 32 8.32 11.91 -10.64
CA TYR B 32 7.37 12.52 -11.55
C TYR B 32 5.96 12.07 -11.19
N LEU B 33 5.22 12.98 -10.56
CA LEU B 33 3.94 12.63 -9.95
C LEU B 33 2.92 12.07 -10.95
N PRO B 34 2.77 12.64 -12.17
CA PRO B 34 1.90 12.03 -13.17
C PRO B 34 2.26 10.55 -13.36
N ALA B 35 1.41 9.68 -12.83
CA ALA B 35 1.69 8.27 -12.82
C ALA B 35 1.23 7.59 -14.10
N LYS B 36 2.15 6.88 -14.73
CA LYS B 36 1.85 6.11 -15.94
C LYS B 36 1.14 4.81 -15.58
N LYS B 37 1.27 4.41 -14.32
CA LYS B 37 0.66 3.18 -13.84
C LYS B 37 -0.18 3.46 -12.60
N ASN B 38 -1.48 3.67 -12.81
CA ASN B 38 -2.40 3.90 -11.71
C ASN B 38 -2.68 2.59 -10.98
N VAL B 39 -3.20 2.68 -9.76
CA VAL B 39 -3.49 1.47 -8.98
C VAL B 39 -4.50 0.59 -9.72
N ASP B 40 -5.45 1.24 -10.39
CA ASP B 40 -6.50 0.55 -11.14
C ASP B 40 -5.93 -0.47 -12.12
N SER B 41 -4.86 -0.11 -12.80
CA SER B 41 -4.28 -0.99 -13.82
C SER B 41 -3.85 -2.33 -13.23
N ILE B 42 -3.04 -2.26 -12.18
CA ILE B 42 -2.55 -3.46 -11.51
C ILE B 42 -3.70 -4.20 -10.85
N LEU B 43 -4.56 -3.43 -10.18
CA LEU B 43 -5.68 -3.96 -9.43
C LEU B 43 -6.63 -4.75 -10.33
N GLU B 44 -7.06 -4.11 -11.40
CA GLU B 44 -8.01 -4.71 -12.33
C GLU B 44 -7.39 -5.90 -13.06
N ASP B 45 -6.11 -5.76 -13.44
CA ASP B 45 -5.41 -6.84 -14.12
C ASP B 45 -5.31 -8.06 -13.22
N TYR B 46 -4.97 -7.83 -11.95
CA TYR B 46 -4.87 -8.88 -10.96
C TYR B 46 -6.21 -9.60 -10.79
N ALA B 47 -7.29 -8.82 -10.77
CA ALA B 47 -8.63 -9.37 -10.62
C ALA B 47 -8.96 -10.31 -11.78
N ASN B 48 -8.79 -9.83 -13.00
CA ASN B 48 -9.08 -10.61 -14.19
C ASN B 48 -8.09 -11.76 -14.34
N TYR B 49 -6.87 -11.52 -13.88
CA TYR B 49 -5.81 -12.53 -13.91
C TYR B 49 -6.24 -13.79 -13.15
N ARG B 50 -6.79 -13.61 -11.96
CA ARG B 50 -7.17 -14.74 -11.14
C ARG B 50 -8.46 -15.40 -11.65
N LYS B 51 -9.18 -14.71 -12.53
CA LYS B 51 -10.36 -15.28 -13.16
C LYS B 51 -9.96 -16.26 -14.25
N SER B 52 -8.75 -16.06 -14.77
CA SER B 52 -8.24 -16.87 -15.86
C SER B 52 -7.07 -17.73 -15.39
N ARG B 53 -7.00 -17.92 -14.08
CA ARG B 53 -5.95 -18.72 -13.47
C ARG B 53 -6.55 -19.93 -12.80
N GLY B 54 -6.18 -21.11 -13.29
CA GLY B 54 -6.78 -22.34 -12.80
C GLY B 54 -8.13 -22.58 -13.43
N ASN B 55 -9.18 -22.14 -12.76
CA ASN B 55 -10.53 -22.23 -13.29
C ASN B 55 -11.34 -21.00 -12.89
N THR B 56 -12.32 -20.67 -13.69
CA THR B 56 -13.23 -19.59 -13.35
C THR B 56 -14.33 -20.16 -12.46
N ASP B 57 -13.95 -20.44 -11.23
CA ASP B 57 -14.79 -21.15 -10.27
C ASP B 57 -16.12 -20.43 -10.05
N ASN B 58 -16.07 -19.41 -9.20
CA ASN B 58 -17.22 -18.55 -8.92
C ASN B 58 -16.78 -17.41 -8.02
N LYS B 59 -15.47 -17.27 -7.88
CA LYS B 59 -14.86 -16.41 -6.87
C LYS B 59 -14.73 -14.98 -7.37
N GLU B 60 -15.40 -14.69 -8.46
CA GLU B 60 -15.40 -13.35 -9.04
C GLU B 60 -15.93 -12.33 -8.04
N TYR B 61 -16.87 -12.76 -7.19
CA TYR B 61 -17.39 -11.91 -6.13
C TYR B 61 -16.28 -11.42 -5.22
N ALA B 62 -15.29 -12.30 -5.01
CA ALA B 62 -14.23 -12.03 -4.07
C ALA B 62 -13.22 -11.07 -4.67
N VAL B 63 -12.82 -11.31 -5.90
CA VAL B 63 -11.84 -10.44 -6.55
C VAL B 63 -12.40 -9.03 -6.74
N ASN B 64 -13.70 -8.94 -7.01
CA ASN B 64 -14.36 -7.63 -7.14
C ASN B 64 -14.40 -6.94 -5.79
N GLU B 65 -14.68 -7.71 -4.75
CA GLU B 65 -14.72 -7.18 -3.40
C GLU B 65 -13.33 -6.70 -2.98
N VAL B 66 -12.31 -7.46 -3.38
CA VAL B 66 -10.93 -7.07 -3.11
C VAL B 66 -10.59 -5.77 -3.80
N VAL B 67 -10.90 -5.67 -5.09
CA VAL B 67 -10.65 -4.45 -5.86
C VAL B 67 -11.29 -3.24 -5.20
N ALA B 68 -12.58 -3.35 -4.89
CA ALA B 68 -13.30 -2.27 -4.22
C ALA B 68 -12.64 -1.95 -2.88
N GLY B 69 -12.39 -2.99 -2.10
CA GLY B 69 -11.78 -2.82 -0.80
C GLY B 69 -10.43 -2.15 -0.86
N ILE B 70 -9.57 -2.61 -1.76
CA ILE B 70 -8.23 -2.05 -1.92
C ILE B 70 -8.30 -0.55 -2.22
N LYS B 71 -9.17 -0.16 -3.15
CA LYS B 71 -9.32 1.24 -3.52
C LYS B 71 -9.67 2.09 -2.32
N GLU B 72 -10.76 1.72 -1.65
CA GLU B 72 -11.29 2.52 -0.55
C GLU B 72 -10.31 2.51 0.64
N TYR B 73 -9.71 1.34 0.89
CA TYR B 73 -8.77 1.20 2.00
C TYR B 73 -7.50 2.01 1.74
N PHE B 74 -7.00 1.95 0.52
CA PHE B 74 -5.82 2.71 0.14
C PHE B 74 -6.10 4.21 0.24
N ASN B 75 -7.31 4.59 -0.17
CA ASN B 75 -7.72 5.99 -0.18
C ASN B 75 -7.87 6.53 1.25
N VAL B 76 -8.55 5.77 2.10
CA VAL B 76 -8.82 6.21 3.47
C VAL B 76 -7.54 6.21 4.31
N MET B 77 -6.61 5.32 3.98
CA MET B 77 -5.35 5.22 4.72
C MET B 77 -4.33 6.22 4.16
N LEU B 78 -4.66 6.77 3.01
CA LEU B 78 -3.84 7.78 2.37
C LEU B 78 -3.95 9.08 3.16
N GLY B 79 -2.82 9.55 3.68
CA GLY B 79 -2.82 10.77 4.45
C GLY B 79 -2.68 10.53 5.94
N THR B 80 -3.22 9.42 6.40
CA THR B 80 -3.20 9.11 7.82
C THR B 80 -2.13 8.06 8.15
N GLN B 81 -1.66 7.34 7.15
CA GLN B 81 -0.63 6.32 7.37
C GLN B 81 0.27 6.15 6.14
N LEU B 82 -0.30 6.31 4.96
CA LEU B 82 0.42 6.00 3.73
C LEU B 82 1.24 7.16 3.19
N LEU B 83 1.70 8.05 4.04
CA LEU B 83 2.52 9.17 3.58
C LEU B 83 3.75 9.35 4.46
N TYR B 84 4.80 9.87 3.85
CA TYR B 84 5.97 10.33 4.58
C TYR B 84 5.78 11.81 4.90
N LYS B 85 6.58 12.34 5.82
CA LYS B 85 6.51 13.75 6.13
C LYS B 85 7.03 14.59 4.95
N PHE B 86 7.98 14.01 4.22
CA PHE B 86 8.51 14.67 3.02
C PHE B 86 7.49 14.61 1.89
N GLU B 87 6.57 13.66 1.98
CA GLU B 87 5.55 13.46 0.95
C GLU B 87 4.37 14.40 1.20
N ARG B 88 4.32 14.99 2.39
CA ARG B 88 3.20 15.86 2.77
C ARG B 88 3.07 17.07 1.82
N PRO B 89 4.17 17.84 1.57
CA PRO B 89 4.11 18.99 0.65
C PRO B 89 3.65 18.61 -0.75
N GLN B 90 3.92 17.37 -1.14
CA GLN B 90 3.50 16.85 -2.44
C GLN B 90 1.99 16.62 -2.43
N TYR B 91 1.53 15.88 -1.43
CA TYR B 91 0.12 15.61 -1.24
C TYR B 91 -0.63 16.93 -1.12
N ALA B 92 -0.13 17.82 -0.27
CA ALA B 92 -0.73 19.13 -0.07
C ALA B 92 -0.84 19.90 -1.38
N GLU B 93 0.22 19.81 -2.19
CA GLU B 93 0.26 20.48 -3.48
C GLU B 93 -0.91 20.04 -4.35
N ILE B 94 -1.15 18.74 -4.41
CA ILE B 94 -2.23 18.21 -5.22
C ILE B 94 -3.59 18.69 -4.74
N LEU B 95 -3.87 18.53 -3.46
CA LEU B 95 -5.18 18.91 -2.92
C LEU B 95 -5.43 20.41 -3.06
N ALA B 96 -4.35 21.18 -2.95
CA ALA B 96 -4.43 22.62 -3.07
C ALA B 96 -4.74 23.07 -4.50
N ASP B 97 -4.11 22.43 -5.48
CA ASP B 97 -4.22 22.86 -6.87
C ASP B 97 -5.23 22.03 -7.65
N HIS B 98 -5.28 20.74 -7.39
CA HIS B 98 -6.14 19.82 -8.13
C HIS B 98 -7.15 19.12 -7.22
N PRO B 99 -8.36 19.66 -7.10
CA PRO B 99 -9.47 18.97 -6.44
C PRO B 99 -10.07 17.91 -7.38
N ASP B 100 -9.54 17.88 -8.59
CA ASP B 100 -10.05 17.02 -9.65
C ASP B 100 -9.27 15.70 -9.74
N ALA B 101 -8.08 15.67 -9.16
CA ALA B 101 -7.21 14.51 -9.26
C ALA B 101 -7.50 13.48 -8.16
N PRO B 102 -7.89 12.26 -8.55
CA PRO B 102 -8.14 11.17 -7.61
C PRO B 102 -6.84 10.51 -7.13
N MET B 103 -6.90 9.92 -5.94
CA MET B 103 -5.71 9.35 -5.30
C MET B 103 -5.11 8.21 -6.11
N SER B 104 -5.97 7.37 -6.71
CA SER B 104 -5.50 6.23 -7.48
C SER B 104 -4.82 6.67 -8.77
N GLN B 105 -5.03 7.93 -9.15
CA GLN B 105 -4.43 8.50 -10.35
C GLN B 105 -3.07 9.07 -10.01
N VAL B 106 -3.08 9.87 -8.98
CA VAL B 106 -1.92 10.59 -8.54
C VAL B 106 -0.89 9.67 -7.90
N TYR B 107 -1.33 8.79 -7.02
CA TYR B 107 -0.43 7.88 -6.34
C TYR B 107 -0.69 6.45 -6.78
N GLY B 108 0.04 6.02 -7.81
CA GLY B 108 -0.19 4.72 -8.39
C GLY B 108 0.73 3.63 -7.86
N ALA B 109 1.26 2.84 -8.79
CA ALA B 109 2.01 1.61 -8.49
C ALA B 109 3.03 1.75 -7.35
N PRO B 110 4.03 2.64 -7.45
CA PRO B 110 5.10 2.74 -6.45
C PRO B 110 4.58 3.05 -5.05
N HIS B 111 3.45 3.75 -4.98
CA HIS B 111 2.91 4.18 -3.70
C HIS B 111 2.09 3.06 -3.06
N LEU B 112 1.70 2.07 -3.87
CA LEU B 112 0.84 0.99 -3.39
C LEU B 112 1.59 0.03 -2.47
N LEU B 113 2.90 -0.09 -2.69
CA LEU B 113 3.75 -0.97 -1.88
C LEU B 113 3.64 -0.65 -0.40
N ARG B 114 3.57 0.64 -0.10
CA ARG B 114 3.58 1.13 1.27
C ARG B 114 2.35 0.67 2.05
N LEU B 115 1.26 0.41 1.34
CA LEU B 115 0.01 -0.02 1.96
C LEU B 115 0.17 -1.36 2.68
N PHE B 116 0.71 -2.33 1.98
CA PHE B 116 0.78 -3.69 2.48
C PHE B 116 1.76 -3.83 3.64
N VAL B 117 2.75 -2.95 3.68
CA VAL B 117 3.74 -2.97 4.76
C VAL B 117 3.08 -2.80 6.13
N ARG B 118 1.98 -2.06 6.17
CA ARG B 118 1.32 -1.77 7.44
C ARG B 118 0.07 -2.62 7.63
N ILE B 119 -0.41 -3.25 6.56
CA ILE B 119 -1.66 -4.01 6.64
C ILE B 119 -1.55 -5.20 7.60
N GLY B 120 -0.33 -5.73 7.74
CA GLY B 120 -0.10 -6.84 8.66
C GLY B 120 -0.39 -6.46 10.09
N ALA B 121 -0.02 -5.24 10.47
CA ALA B 121 -0.27 -4.75 11.82
C ALA B 121 -1.73 -4.37 12.00
N MET B 122 -2.34 -3.93 10.91
CA MET B 122 -3.75 -3.54 10.95
C MET B 122 -4.62 -4.77 11.20
N LEU B 123 -4.20 -5.89 10.61
CA LEU B 123 -4.90 -7.16 10.81
C LEU B 123 -4.63 -7.71 12.20
N ALA B 124 -3.58 -7.21 12.84
CA ALA B 124 -3.22 -7.64 14.19
C ALA B 124 -4.16 -7.01 15.22
N TYR B 125 -4.86 -5.96 14.82
CA TYR B 125 -5.81 -5.29 15.70
C TYR B 125 -7.24 -5.69 15.35
N THR B 126 -7.42 -6.24 14.17
CA THR B 126 -8.75 -6.60 13.67
C THR B 126 -9.03 -8.09 13.86
N PRO B 127 -10.03 -8.42 14.70
CA PRO B 127 -10.39 -9.81 14.97
C PRO B 127 -11.18 -10.44 13.82
N LEU B 128 -10.49 -11.22 13.00
CA LEU B 128 -11.12 -11.89 11.88
C LEU B 128 -11.13 -13.40 12.10
N ASP B 129 -11.98 -14.10 11.35
CA ASP B 129 -12.07 -15.55 11.43
C ASP B 129 -10.86 -16.20 10.76
N GLU B 130 -10.70 -17.50 10.98
CA GLU B 130 -9.61 -18.24 10.38
C GLU B 130 -9.70 -18.22 8.85
N LYS B 131 -10.84 -18.66 8.31
CA LYS B 131 -11.03 -18.66 6.86
C LYS B 131 -11.00 -17.25 6.31
N SER B 132 -11.56 -16.30 7.06
CA SER B 132 -11.52 -14.90 6.68
C SER B 132 -10.08 -14.42 6.55
N LEU B 133 -9.28 -14.67 7.59
CA LEU B 133 -7.89 -14.26 7.59
C LEU B 133 -7.13 -14.94 6.46
N ALA B 134 -7.35 -16.25 6.31
CA ALA B 134 -6.70 -17.02 5.27
C ALA B 134 -7.07 -16.50 3.88
N LEU B 135 -8.32 -16.03 3.76
CA LEU B 135 -8.80 -15.45 2.53
C LEU B 135 -7.96 -14.23 2.16
N LEU B 136 -7.83 -13.30 3.10
CA LEU B 136 -6.97 -12.12 2.92
C LEU B 136 -5.53 -12.55 2.66
N LEU B 137 -5.03 -13.50 3.45
CA LEU B 137 -3.67 -13.98 3.30
C LEU B 137 -3.41 -14.52 1.90
N ASN B 138 -4.38 -15.24 1.36
CA ASN B 138 -4.30 -15.75 -0.01
C ASN B 138 -4.09 -14.61 -0.99
N TYR B 139 -4.98 -13.62 -0.94
CA TYR B 139 -4.92 -12.50 -1.87
C TYR B 139 -3.67 -11.66 -1.63
N LEU B 140 -3.37 -11.37 -0.37
CA LEU B 140 -2.23 -10.55 0.00
C LEU B 140 -0.93 -11.15 -0.52
N HIS B 141 -0.67 -12.41 -0.17
CA HIS B 141 0.55 -13.09 -0.61
C HIS B 141 0.61 -13.16 -2.12
N ASP B 142 -0.53 -13.41 -2.74
CA ASP B 142 -0.62 -13.52 -4.19
C ASP B 142 -0.31 -12.17 -4.84
N PHE B 143 -0.90 -11.13 -4.29
CA PHE B 143 -0.73 -9.77 -4.78
C PHE B 143 0.71 -9.30 -4.59
N LEU B 144 1.25 -9.59 -3.41
CA LEU B 144 2.63 -9.21 -3.07
C LEU B 144 3.64 -9.88 -3.99
N LYS B 145 3.46 -11.17 -4.24
CA LYS B 145 4.39 -11.90 -5.09
C LYS B 145 4.18 -11.53 -6.55
N TYR B 146 2.98 -11.08 -6.89
CA TYR B 146 2.70 -10.57 -8.23
C TYR B 146 3.52 -9.29 -8.47
N LEU B 147 3.42 -8.36 -7.51
CA LEU B 147 4.17 -7.11 -7.57
C LEU B 147 5.67 -7.37 -7.62
N ALA B 148 6.12 -8.34 -6.83
CA ALA B 148 7.54 -8.69 -6.78
C ALA B 148 8.01 -9.29 -8.11
N LYS B 149 7.13 -10.04 -8.74
CA LYS B 149 7.45 -10.76 -9.97
C LYS B 149 7.77 -9.79 -11.11
N ASN B 150 6.98 -8.72 -11.22
CA ASN B 150 7.18 -7.73 -12.28
C ASN B 150 7.57 -6.38 -11.68
N SER B 151 8.22 -6.43 -10.52
CA SER B 151 8.60 -5.24 -9.78
C SER B 151 9.44 -4.27 -10.61
N ALA B 152 10.28 -4.81 -11.48
CA ALA B 152 11.18 -3.99 -12.30
C ALA B 152 10.41 -3.11 -13.28
N THR B 153 9.15 -3.45 -13.53
CA THR B 153 8.36 -2.72 -14.50
C THR B 153 7.38 -1.75 -13.83
N LEU B 154 6.83 -2.16 -12.69
CA LEU B 154 5.83 -1.35 -11.99
C LEU B 154 6.51 -0.31 -11.10
N PHE B 155 7.69 -0.63 -10.59
CA PHE B 155 8.37 0.23 -9.66
C PHE B 155 9.69 0.71 -10.27
N SER B 156 9.80 2.01 -10.44
CA SER B 156 10.96 2.60 -11.10
C SER B 156 11.57 3.70 -10.23
N ALA B 157 12.86 3.59 -9.99
CA ALA B 157 13.57 4.56 -9.18
C ALA B 157 14.14 5.67 -10.06
N SER B 158 14.15 5.42 -11.36
CA SER B 158 14.66 6.38 -12.32
C SER B 158 13.69 7.53 -12.52
N ASP B 159 12.46 7.34 -12.08
CA ASP B 159 11.43 8.38 -12.19
C ASP B 159 11.53 9.34 -11.02
N TYR B 160 12.42 9.04 -10.08
CA TYR B 160 12.64 9.90 -8.94
C TYR B 160 13.61 11.01 -9.27
N GLU B 161 13.16 12.24 -9.10
CA GLU B 161 13.98 13.42 -9.34
C GLU B 161 14.57 13.94 -8.04
N VAL B 162 15.75 14.51 -8.13
CA VAL B 162 16.36 15.14 -6.97
C VAL B 162 15.74 16.50 -6.75
N ALA B 163 14.90 16.59 -5.73
CA ALA B 163 14.20 17.82 -5.42
C ALA B 163 15.18 18.95 -5.13
N PRO B 164 14.83 20.19 -5.54
CA PRO B 164 15.69 21.37 -5.38
C PRO B 164 16.15 21.58 -3.93
N PRO B 165 17.40 22.06 -3.76
CA PRO B 165 18.01 22.28 -2.44
C PRO B 165 17.13 23.09 -1.48
N GLU B 166 16.62 24.23 -1.96
CA GLU B 166 15.82 25.11 -1.12
C GLU B 166 14.44 24.50 -0.89
N TYR B 167 13.98 23.67 -1.82
CA TYR B 167 12.70 23.00 -1.65
C TYR B 167 12.80 21.99 -0.51
N HIS B 168 13.98 21.40 -0.36
CA HIS B 168 14.25 20.51 0.78
C HIS B 168 14.05 21.28 2.07
N ARG B 169 14.57 22.50 2.09
CA ARG B 169 14.54 23.35 3.26
C ARG B 169 13.15 23.92 3.50
N LYS B 170 12.25 23.74 2.55
CA LYS B 170 10.88 24.20 2.69
C LYS B 170 9.93 23.01 2.80
N ALA B 171 10.50 21.82 2.86
CA ALA B 171 9.72 20.60 3.04
C ALA B 171 10.03 19.97 4.39
N VAL B 172 11.29 20.05 4.80
CA VAL B 172 11.72 19.51 6.07
C VAL B 172 12.34 20.61 6.93
N ASP A 1 -25.92 -22.45 3.64
CA ASP A 1 -24.81 -22.57 2.68
C ASP A 1 -24.22 -21.21 2.36
N TYR A 2 -22.90 -21.13 2.28
CA TYR A 2 -22.23 -19.89 1.96
C TYR A 2 -21.12 -20.13 0.94
N VAL A 3 -21.10 -19.33 -0.10
CA VAL A 3 -20.05 -19.44 -1.10
C VAL A 3 -18.86 -18.57 -0.69
N GLN A 4 -18.09 -19.09 0.28
CA GLN A 4 -16.95 -18.38 0.85
C GLN A 4 -17.40 -17.17 1.69
N PRO A 5 -16.62 -16.86 2.75
CA PRO A 5 -16.86 -15.69 3.59
C PRO A 5 -16.81 -14.37 2.81
N GLN A 6 -17.32 -13.31 3.40
CA GLN A 6 -17.37 -12.02 2.75
C GLN A 6 -16.16 -11.18 3.14
N LEU A 7 -15.47 -10.65 2.14
CA LEU A 7 -14.29 -9.83 2.38
C LEU A 7 -14.68 -8.41 2.76
N ARG A 8 -15.92 -8.05 2.46
CA ARG A 8 -16.44 -6.73 2.73
C ARG A 8 -16.26 -6.32 4.20
N ARG A 9 -16.58 -7.22 5.12
CA ARG A 9 -16.48 -6.92 6.55
C ARG A 9 -15.04 -6.66 7.01
N PRO A 10 -14.07 -7.54 6.68
CA PRO A 10 -12.66 -7.26 6.95
C PRO A 10 -12.23 -5.87 6.48
N PHE A 11 -12.55 -5.54 5.23
CA PHE A 11 -12.19 -4.23 4.69
C PHE A 11 -12.93 -3.12 5.44
N GLU A 12 -14.20 -3.36 5.74
CA GLU A 12 -15.01 -2.47 6.57
C GLU A 12 -14.25 -2.13 7.86
N LEU A 13 -13.82 -3.18 8.54
CA LEU A 13 -13.11 -3.07 9.80
C LEU A 13 -11.76 -2.39 9.59
N LEU A 14 -11.06 -2.77 8.52
CA LEU A 14 -9.76 -2.20 8.18
C LEU A 14 -9.86 -0.70 7.94
N ILE A 15 -10.83 -0.28 7.13
CA ILE A 15 -10.99 1.14 6.82
C ILE A 15 -11.29 1.92 8.10
N ALA A 16 -12.13 1.36 8.95
CA ALA A 16 -12.47 2.00 10.22
C ALA A 16 -11.20 2.21 11.06
N ALA A 17 -10.31 1.22 11.08
CA ALA A 17 -9.05 1.32 11.80
C ALA A 17 -8.09 2.27 11.08
N ALA A 18 -8.17 2.29 9.75
CA ALA A 18 -7.33 3.17 8.95
C ALA A 18 -7.66 4.64 9.19
N MET A 19 -8.93 4.91 9.47
CA MET A 19 -9.39 6.27 9.76
C MET A 19 -8.75 6.77 11.06
N GLU A 20 -8.34 5.84 11.90
CA GLU A 20 -7.76 6.17 13.19
C GLU A 20 -6.27 6.48 13.06
N ARG A 21 -5.70 6.13 11.91
CA ARG A 21 -4.28 6.35 11.69
C ARG A 21 -3.99 7.78 11.26
N ASN A 22 -3.42 8.53 12.18
CA ASN A 22 -3.07 9.93 11.96
C ASN A 22 -1.92 10.03 10.97
N PRO A 23 -1.78 11.17 10.28
CA PRO A 23 -0.69 11.38 9.32
C PRO A 23 0.67 11.51 9.99
N THR A 24 1.22 10.38 10.42
CA THR A 24 2.54 10.34 10.99
C THR A 24 3.56 9.93 9.93
N GLN A 25 4.83 9.93 10.30
CA GLN A 25 5.89 9.55 9.37
C GLN A 25 5.87 8.04 9.12
N PHE A 26 5.74 7.67 7.85
CA PHE A 26 5.74 6.26 7.46
C PHE A 26 7.09 5.60 7.74
N GLN A 27 7.12 4.75 8.76
CA GLN A 27 8.28 3.91 9.02
C GLN A 27 7.92 2.45 8.80
N LEU A 28 8.87 1.69 8.29
CA LEU A 28 8.63 0.29 7.97
C LEU A 28 9.48 -0.60 8.86
N PRO A 29 9.13 -1.90 8.99
CA PRO A 29 9.81 -2.83 9.90
C PRO A 29 11.32 -2.85 9.73
N ASN A 30 12.03 -3.00 10.85
CA ASN A 30 13.48 -2.99 10.87
C ASN A 30 14.06 -4.15 10.05
N GLU A 31 13.23 -5.16 9.80
CA GLU A 31 13.64 -6.31 9.01
C GLU A 31 13.75 -5.94 7.54
N LEU A 32 13.14 -4.82 7.16
CA LEU A 32 13.24 -4.32 5.80
C LEU A 32 14.33 -3.25 5.73
N THR A 33 14.38 -2.43 6.77
CA THR A 33 15.36 -1.37 6.90
C THR A 33 15.19 -0.73 8.27
N CYS A 34 16.19 -0.91 9.11
CA CYS A 34 16.21 -0.29 10.43
C CYS A 34 16.07 1.23 10.31
N THR A 35 14.87 1.72 10.59
CA THR A 35 14.56 3.13 10.42
C THR A 35 15.11 3.98 11.56
N THR A 36 15.17 3.40 12.75
CA THR A 36 15.64 4.13 13.92
C THR A 36 17.12 3.82 14.17
N ALA A 37 17.94 4.13 13.19
CA ALA A 37 19.38 3.90 13.28
C ALA A 37 20.13 4.89 12.41
N LEU A 38 20.97 5.70 13.04
CA LEU A 38 21.78 6.67 12.33
C LEU A 38 23.08 6.92 13.08
N PRO A 39 24.19 7.06 12.36
CA PRO A 39 25.50 7.34 12.96
C PRO A 39 25.59 8.78 13.47
N GLY A 40 24.65 9.61 13.05
CA GLY A 40 24.65 11.00 13.45
C GLY A 40 24.85 11.91 12.27
N SER A 41 25.40 13.09 12.51
CA SER A 41 25.69 14.03 11.44
C SER A 41 26.68 15.08 11.92
N SER A 42 27.64 15.40 11.07
CA SER A 42 28.59 16.45 11.37
C SER A 42 28.02 17.80 10.96
N SER B 1 -8.34 -13.54 22.45
CA SER B 1 -7.54 -13.98 21.30
C SER B 1 -6.92 -12.78 20.58
N ASN B 2 -5.62 -12.87 20.32
CA ASN B 2 -4.92 -11.82 19.59
C ASN B 2 -4.53 -12.35 18.21
N ALA B 3 -5.26 -11.92 17.20
CA ALA B 3 -5.10 -12.46 15.85
C ALA B 3 -4.03 -11.70 15.08
N GLU B 4 -2.93 -12.38 14.81
CA GLU B 4 -1.87 -11.82 13.97
C GLU B 4 -2.06 -12.26 12.53
N VAL B 5 -1.74 -11.39 11.59
CA VAL B 5 -1.79 -11.72 10.18
C VAL B 5 -0.41 -11.56 9.55
N LYS B 6 0.25 -12.68 9.29
CA LYS B 6 1.59 -12.66 8.72
C LYS B 6 1.54 -12.43 7.21
N VAL B 7 1.33 -11.18 6.82
CA VAL B 7 1.35 -10.82 5.41
C VAL B 7 2.80 -10.76 4.92
N LYS B 8 3.65 -10.10 5.70
CA LYS B 8 5.08 -9.97 5.39
C LYS B 8 5.31 -9.15 4.14
N ILE B 9 6.58 -8.99 3.79
CA ILE B 9 6.97 -8.36 2.55
C ILE B 9 7.89 -9.32 1.78
N PRO B 10 7.59 -9.56 0.50
CA PRO B 10 8.40 -10.44 -0.35
C PRO B 10 9.88 -10.08 -0.32
N GLU B 11 10.74 -11.09 -0.21
CA GLU B 11 12.17 -10.90 -0.08
C GLU B 11 12.76 -10.17 -1.29
N GLU B 12 12.15 -10.36 -2.44
CA GLU B 12 12.62 -9.73 -3.67
C GLU B 12 11.92 -8.39 -3.90
N LEU B 13 11.02 -8.03 -3.00
CA LEU B 13 10.31 -6.76 -3.10
C LEU B 13 10.79 -5.80 -2.01
N LYS B 14 11.32 -6.37 -0.94
CA LYS B 14 11.92 -5.62 0.16
C LYS B 14 12.98 -4.61 -0.31
N PRO B 15 13.94 -5.02 -1.18
CA PRO B 15 14.99 -4.12 -1.70
C PRO B 15 14.41 -2.82 -2.25
N TRP B 16 13.28 -2.90 -2.91
CA TRP B 16 12.64 -1.73 -3.49
C TRP B 16 12.12 -0.80 -2.39
N LEU B 17 11.65 -1.38 -1.30
CA LEU B 17 11.16 -0.61 -0.17
C LEU B 17 12.28 0.19 0.48
N VAL B 18 13.40 -0.47 0.78
CA VAL B 18 14.51 0.21 1.42
C VAL B 18 15.26 1.12 0.43
N ASP B 19 15.20 0.79 -0.85
CA ASP B 19 15.78 1.63 -1.89
C ASP B 19 14.98 2.93 -1.99
N ASP B 20 13.66 2.79 -2.06
CA ASP B 20 12.73 3.91 -2.04
C ASP B 20 12.92 4.73 -0.78
N TRP B 21 12.92 4.05 0.35
CA TRP B 21 13.16 4.65 1.66
C TRP B 21 14.45 5.48 1.66
N ASP B 22 15.51 4.93 1.07
CA ASP B 22 16.78 5.63 0.98
C ASP B 22 16.67 6.84 0.06
N LEU B 23 15.97 6.67 -1.06
CA LEU B 23 15.77 7.76 -2.02
C LEU B 23 15.10 8.96 -1.36
N ILE B 24 14.11 8.68 -0.51
CA ILE B 24 13.34 9.73 0.14
C ILE B 24 14.09 10.33 1.33
N THR B 25 14.48 9.49 2.27
CA THR B 25 15.05 9.99 3.53
C THR B 25 16.53 10.38 3.39
N ARG B 26 17.29 9.56 2.69
CA ARG B 26 18.74 9.76 2.59
C ARG B 26 19.10 10.63 1.39
N GLN B 27 18.55 10.31 0.23
CA GLN B 27 18.86 11.06 -0.98
C GLN B 27 18.06 12.35 -1.05
N LYS B 28 16.89 12.32 -0.41
CA LYS B 28 15.97 13.47 -0.41
C LYS B 28 15.51 13.78 -1.82
N GLN B 29 15.34 12.74 -2.60
CA GLN B 29 14.85 12.86 -3.95
C GLN B 29 13.34 12.58 -3.97
N LEU B 30 12.69 12.89 -5.06
CA LEU B 30 11.25 12.76 -5.14
C LEU B 30 10.82 12.24 -6.50
N PHE B 31 9.84 11.37 -6.50
CA PHE B 31 9.25 10.87 -7.74
C PHE B 31 8.15 11.84 -8.17
N TYR B 32 8.17 12.20 -9.45
CA TYR B 32 7.15 13.09 -9.98
C TYR B 32 5.77 12.47 -9.81
N LEU B 33 4.82 13.29 -9.42
CA LEU B 33 3.47 12.81 -9.15
C LEU B 33 2.89 12.06 -10.36
N PRO B 34 2.96 12.61 -11.59
CA PRO B 34 2.52 11.87 -12.78
C PRO B 34 3.19 10.51 -12.84
N ALA B 35 2.41 9.47 -12.56
CA ALA B 35 2.93 8.14 -12.43
C ALA B 35 2.89 7.38 -13.75
N LYS B 36 3.92 6.57 -13.98
CA LYS B 36 4.04 5.76 -15.17
C LYS B 36 2.96 4.68 -15.22
N LYS B 37 2.43 4.33 -14.04
CA LYS B 37 1.37 3.35 -13.93
C LYS B 37 0.65 3.52 -12.60
N ASN B 38 -0.66 3.68 -12.64
CA ASN B 38 -1.45 3.95 -11.44
C ASN B 38 -1.94 2.65 -10.80
N VAL B 39 -2.43 2.76 -9.58
CA VAL B 39 -2.88 1.60 -8.81
C VAL B 39 -4.07 0.93 -9.47
N ASP B 40 -5.01 1.73 -9.98
CA ASP B 40 -6.25 1.20 -10.56
C ASP B 40 -5.96 0.23 -11.70
N SER B 41 -4.98 0.59 -12.53
CA SER B 41 -4.59 -0.25 -13.66
C SER B 41 -4.03 -1.58 -13.18
N ILE B 42 -3.22 -1.54 -12.12
CA ILE B 42 -2.65 -2.75 -11.53
C ILE B 42 -3.76 -3.58 -10.89
N LEU B 43 -4.63 -2.89 -10.17
CA LEU B 43 -5.74 -3.50 -9.46
C LEU B 43 -6.66 -4.23 -10.43
N GLU B 44 -7.06 -3.53 -11.49
CA GLU B 44 -7.95 -4.08 -12.49
C GLU B 44 -7.28 -5.25 -13.22
N ASP B 45 -5.98 -5.14 -13.46
CA ASP B 45 -5.23 -6.21 -14.13
C ASP B 45 -5.24 -7.46 -13.26
N TYR B 46 -4.97 -7.28 -11.98
CA TYR B 46 -4.99 -8.38 -11.02
C TYR B 46 -6.37 -9.03 -10.98
N ALA B 47 -7.41 -8.22 -11.08
CA ALA B 47 -8.77 -8.72 -11.13
C ALA B 47 -8.95 -9.69 -12.29
N ASN B 48 -8.66 -9.22 -13.50
CA ASN B 48 -8.77 -10.05 -14.70
C ASN B 48 -7.85 -11.26 -14.60
N TYR B 49 -6.68 -11.04 -14.00
CA TYR B 49 -5.68 -12.08 -13.83
C TYR B 49 -6.22 -13.26 -13.03
N ARG B 50 -6.77 -12.95 -11.85
CA ARG B 50 -7.25 -13.98 -10.95
C ARG B 50 -8.62 -14.51 -11.39
N LYS B 51 -9.32 -13.75 -12.21
CA LYS B 51 -10.57 -14.22 -12.79
C LYS B 51 -10.29 -15.26 -13.87
N SER B 52 -9.13 -15.13 -14.49
CA SER B 52 -8.75 -16.00 -15.58
C SER B 52 -8.07 -17.26 -15.05
N ARG B 53 -6.99 -17.08 -14.30
CA ARG B 53 -6.25 -18.22 -13.75
C ARG B 53 -6.90 -18.70 -12.47
N GLY B 54 -7.35 -19.94 -12.47
CA GLY B 54 -7.94 -20.50 -11.27
C GLY B 54 -8.72 -21.77 -11.55
N ASN B 55 -9.39 -22.28 -10.55
CA ASN B 55 -10.21 -23.47 -10.68
C ASN B 55 -11.68 -23.15 -10.44
N THR B 56 -11.93 -22.08 -9.68
CA THR B 56 -13.28 -21.67 -9.37
C THR B 56 -13.89 -20.90 -10.53
N ASP B 57 -13.13 -19.92 -11.05
CA ASP B 57 -13.59 -19.03 -12.12
C ASP B 57 -14.70 -18.09 -11.63
N ASN B 58 -15.75 -18.66 -11.07
CA ASN B 58 -16.86 -17.88 -10.53
C ASN B 58 -16.49 -17.31 -9.16
N LYS B 59 -15.29 -16.75 -9.08
CA LYS B 59 -14.77 -16.20 -7.84
C LYS B 59 -14.74 -14.69 -7.93
N GLU B 60 -15.43 -14.16 -8.94
CA GLU B 60 -15.42 -12.73 -9.23
C GLU B 60 -15.92 -11.89 -8.06
N TYR B 61 -16.85 -12.44 -7.29
CA TYR B 61 -17.37 -11.73 -6.12
C TYR B 61 -16.25 -11.37 -5.15
N ALA B 62 -15.34 -12.30 -4.96
CA ALA B 62 -14.23 -12.10 -4.05
C ALA B 62 -13.22 -11.14 -4.64
N VAL B 63 -12.94 -11.33 -5.93
CA VAL B 63 -12.04 -10.44 -6.65
C VAL B 63 -12.55 -9.01 -6.60
N ASN B 64 -13.86 -8.84 -6.81
CA ASN B 64 -14.47 -7.52 -6.76
C ASN B 64 -14.30 -6.90 -5.38
N GLU B 65 -14.54 -7.68 -4.34
CA GLU B 65 -14.38 -7.20 -2.97
C GLU B 65 -12.93 -6.86 -2.67
N VAL B 66 -12.01 -7.65 -3.21
CA VAL B 66 -10.59 -7.36 -3.08
C VAL B 66 -10.24 -6.06 -3.78
N VAL B 67 -10.67 -5.94 -5.04
CA VAL B 67 -10.41 -4.74 -5.83
C VAL B 67 -11.05 -3.52 -5.19
N ALA B 68 -12.35 -3.56 -4.98
CA ALA B 68 -13.06 -2.43 -4.38
C ALA B 68 -12.49 -2.11 -3.01
N GLY B 69 -12.29 -3.14 -2.20
CA GLY B 69 -11.78 -2.96 -0.85
C GLY B 69 -10.41 -2.31 -0.83
N ILE B 70 -9.45 -2.90 -1.55
CA ILE B 70 -8.10 -2.35 -1.60
C ILE B 70 -8.11 -0.94 -2.20
N LYS B 71 -8.98 -0.73 -3.20
CA LYS B 71 -9.09 0.57 -3.85
C LYS B 71 -9.41 1.66 -2.83
N GLU B 72 -10.49 1.46 -2.09
CA GLU B 72 -10.94 2.46 -1.12
C GLU B 72 -10.06 2.46 0.13
N TYR B 73 -9.58 1.28 0.53
CA TYR B 73 -8.69 1.17 1.68
C TYR B 73 -7.37 1.88 1.40
N PHE B 74 -6.90 1.78 0.17
CA PHE B 74 -5.69 2.49 -0.23
C PHE B 74 -5.96 3.99 -0.26
N ASN B 75 -7.09 4.37 -0.82
CA ASN B 75 -7.43 5.78 -1.01
C ASN B 75 -7.66 6.48 0.33
N VAL B 76 -8.05 5.73 1.36
CA VAL B 76 -8.27 6.30 2.68
C VAL B 76 -6.98 6.29 3.51
N MET B 77 -6.09 5.33 3.22
CA MET B 77 -4.84 5.20 3.97
C MET B 77 -3.76 6.09 3.36
N LEU B 78 -3.71 6.12 2.03
CA LEU B 78 -2.78 6.99 1.33
C LEU B 78 -3.26 8.43 1.48
N GLY B 79 -2.52 9.18 2.26
CA GLY B 79 -2.92 10.53 2.55
C GLY B 79 -2.73 10.86 4.01
N THR B 80 -2.73 9.83 4.84
CA THR B 80 -2.46 10.01 6.25
C THR B 80 -1.08 9.49 6.63
N GLN B 81 -0.99 8.21 6.89
CA GLN B 81 0.22 7.60 7.44
C GLN B 81 0.95 6.75 6.40
N LEU B 82 0.39 6.67 5.20
CA LEU B 82 0.92 5.78 4.16
C LEU B 82 2.03 6.45 3.34
N LEU B 83 2.55 7.58 3.81
CA LEU B 83 3.58 8.30 3.07
C LEU B 83 4.59 8.94 4.02
N TYR B 84 5.77 9.24 3.49
CA TYR B 84 6.85 9.79 4.29
C TYR B 84 6.61 11.26 4.58
N LYS B 85 7.34 11.82 5.55
CA LYS B 85 7.21 13.23 5.90
C LYS B 85 7.62 14.13 4.73
N PHE B 86 8.48 13.60 3.87
CA PHE B 86 8.98 14.35 2.72
C PHE B 86 7.89 14.48 1.65
N GLU B 87 6.96 13.53 1.63
CA GLU B 87 5.92 13.51 0.62
C GLU B 87 4.67 14.22 1.14
N ARG B 88 4.67 14.53 2.43
CA ARG B 88 3.54 15.23 3.06
C ARG B 88 3.18 16.54 2.33
N PRO B 89 4.16 17.44 2.07
CA PRO B 89 3.89 18.71 1.39
C PRO B 89 3.28 18.50 0.00
N GLN B 90 3.71 17.45 -0.69
CA GLN B 90 3.18 17.16 -2.03
C GLN B 90 1.74 16.68 -1.94
N TYR B 91 1.43 15.90 -0.90
CA TYR B 91 0.06 15.47 -0.66
C TYR B 91 -0.86 16.69 -0.52
N ALA B 92 -0.50 17.58 0.39
CA ALA B 92 -1.26 18.80 0.62
C ALA B 92 -1.34 19.63 -0.66
N GLU B 93 -0.24 19.65 -1.41
CA GLU B 93 -0.15 20.39 -2.65
C GLU B 93 -1.13 19.85 -3.70
N ILE B 94 -1.13 18.52 -3.85
CA ILE B 94 -2.03 17.87 -4.79
C ILE B 94 -3.49 18.21 -4.49
N LEU B 95 -3.89 18.08 -3.23
CA LEU B 95 -5.25 18.36 -2.82
C LEU B 95 -5.60 19.83 -3.01
N ALA B 96 -4.74 20.70 -2.48
CA ALA B 96 -4.96 22.14 -2.54
C ALA B 96 -5.15 22.63 -3.97
N ASP B 97 -4.39 22.08 -4.91
CA ASP B 97 -4.46 22.52 -6.29
C ASP B 97 -5.48 21.72 -7.09
N HIS B 98 -5.57 20.43 -6.81
CA HIS B 98 -6.47 19.55 -7.54
C HIS B 98 -7.44 18.83 -6.61
N PRO B 99 -8.64 19.40 -6.40
CA PRO B 99 -9.69 18.76 -5.63
C PRO B 99 -10.37 17.64 -6.40
N ASP B 100 -10.04 17.56 -7.69
CA ASP B 100 -10.66 16.60 -8.59
C ASP B 100 -9.73 15.43 -8.87
N ALA B 101 -8.67 15.32 -8.09
CA ALA B 101 -7.69 14.27 -8.29
C ALA B 101 -7.71 13.27 -7.14
N PRO B 102 -8.25 12.06 -7.38
CA PRO B 102 -8.27 10.98 -6.39
C PRO B 102 -6.87 10.47 -6.08
N MET B 103 -6.65 10.07 -4.83
CA MET B 103 -5.33 9.63 -4.39
C MET B 103 -4.87 8.39 -5.15
N SER B 104 -5.79 7.47 -5.42
CA SER B 104 -5.44 6.25 -6.12
C SER B 104 -5.32 6.50 -7.63
N GLN B 105 -5.56 7.74 -8.04
CA GLN B 105 -5.44 8.13 -9.44
C GLN B 105 -4.10 8.79 -9.69
N VAL B 106 -3.70 9.65 -8.77
CA VAL B 106 -2.44 10.38 -8.90
C VAL B 106 -1.26 9.57 -8.36
N TYR B 107 -1.49 8.85 -7.25
CA TYR B 107 -0.43 8.04 -6.66
C TYR B 107 -0.43 6.65 -7.28
N GLY B 108 0.54 6.41 -8.16
CA GLY B 108 0.59 5.17 -8.89
C GLY B 108 1.11 3.98 -8.11
N ALA B 109 1.41 2.90 -8.84
CA ALA B 109 1.76 1.60 -8.28
C ALA B 109 2.80 1.65 -7.14
N PRO B 110 3.93 2.40 -7.29
CA PRO B 110 4.95 2.50 -6.23
C PRO B 110 4.37 2.83 -4.84
N HIS B 111 3.24 3.52 -4.82
CA HIS B 111 2.63 3.91 -3.55
C HIS B 111 1.79 2.79 -2.95
N LEU B 112 1.32 1.88 -3.80
CA LEU B 112 0.56 0.73 -3.35
C LEU B 112 1.46 -0.20 -2.54
N LEU B 113 2.75 -0.12 -2.81
CA LEU B 113 3.75 -0.91 -2.11
C LEU B 113 3.72 -0.62 -0.61
N ARG B 114 3.35 0.61 -0.25
CA ARG B 114 3.29 1.02 1.15
C ARG B 114 2.09 0.35 1.85
N LEU B 115 1.05 0.06 1.08
CA LEU B 115 -0.22 -0.40 1.61
C LEU B 115 -0.07 -1.71 2.39
N PHE B 116 0.63 -2.66 1.80
CA PHE B 116 0.78 -3.98 2.39
C PHE B 116 1.66 -3.94 3.65
N VAL B 117 2.55 -2.97 3.70
CA VAL B 117 3.41 -2.76 4.85
C VAL B 117 2.59 -2.36 6.08
N ARG B 118 1.41 -1.81 5.82
CA ARG B 118 0.55 -1.32 6.90
C ARG B 118 -0.56 -2.31 7.24
N ILE B 119 -1.21 -2.84 6.22
CA ILE B 119 -2.40 -3.66 6.40
C ILE B 119 -2.14 -4.87 7.31
N GLY B 120 -0.94 -5.41 7.25
CA GLY B 120 -0.58 -6.57 8.05
C GLY B 120 -0.80 -6.35 9.53
N ALA B 121 -0.19 -5.31 10.07
CA ALA B 121 -0.27 -5.02 11.50
C ALA B 121 -1.61 -4.41 11.87
N MET B 122 -2.32 -3.87 10.89
CA MET B 122 -3.61 -3.26 11.16
C MET B 122 -4.70 -4.33 11.19
N LEU B 123 -4.42 -5.45 10.53
CA LEU B 123 -5.29 -6.63 10.63
C LEU B 123 -5.20 -7.23 12.03
N ALA B 124 -4.13 -6.89 12.74
CA ALA B 124 -3.90 -7.39 14.09
C ALA B 124 -4.92 -6.82 15.07
N TYR B 125 -5.59 -5.74 14.68
CA TYR B 125 -6.62 -5.14 15.51
C TYR B 125 -7.99 -5.66 15.10
N THR B 126 -8.03 -6.37 13.98
CA THR B 126 -9.27 -6.75 13.34
C THR B 126 -9.62 -8.21 13.59
N PRO B 127 -10.67 -8.47 14.39
CA PRO B 127 -11.13 -9.82 14.67
C PRO B 127 -11.91 -10.42 13.50
N LEU B 128 -11.28 -11.33 12.79
CA LEU B 128 -11.86 -11.90 11.58
C LEU B 128 -12.02 -13.40 11.72
N ASP B 129 -12.85 -13.98 10.83
CA ASP B 129 -12.96 -15.42 10.72
C ASP B 129 -11.65 -15.99 10.21
N GLU B 130 -11.32 -17.20 10.63
CA GLU B 130 -10.10 -17.85 10.19
C GLU B 130 -10.19 -18.19 8.71
N LYS B 131 -11.42 -18.37 8.23
CA LYS B 131 -11.66 -18.63 6.82
C LYS B 131 -11.45 -17.35 6.01
N SER B 132 -11.92 -16.23 6.55
CA SER B 132 -11.73 -14.93 5.92
C SER B 132 -10.24 -14.56 5.93
N LEU B 133 -9.56 -14.93 7.01
CA LEU B 133 -8.13 -14.73 7.13
C LEU B 133 -7.41 -15.52 6.06
N ALA B 134 -7.88 -16.74 5.82
CA ALA B 134 -7.31 -17.61 4.79
C ALA B 134 -7.49 -16.98 3.43
N LEU B 135 -8.64 -16.34 3.22
CA LEU B 135 -8.89 -15.60 1.99
C LEU B 135 -7.85 -14.51 1.81
N LEU B 136 -7.78 -13.62 2.79
CA LEU B 136 -6.89 -12.47 2.69
C LEU B 136 -5.45 -12.89 2.52
N LEU B 137 -4.99 -13.86 3.29
CA LEU B 137 -3.63 -14.37 3.14
C LEU B 137 -3.40 -14.86 1.72
N ASN B 138 -4.37 -15.58 1.18
CA ASN B 138 -4.30 -16.08 -0.19
C ASN B 138 -4.19 -14.93 -1.18
N TYR B 139 -5.17 -14.03 -1.13
CA TYR B 139 -5.26 -12.94 -2.08
C TYR B 139 -4.08 -11.97 -1.95
N LEU B 140 -3.76 -11.59 -0.71
CA LEU B 140 -2.71 -10.60 -0.48
C LEU B 140 -1.35 -11.15 -0.93
N HIS B 141 -1.06 -12.40 -0.58
CA HIS B 141 0.21 -13.01 -0.97
C HIS B 141 0.26 -13.24 -2.47
N ASP B 142 -0.90 -13.40 -3.08
CA ASP B 142 -0.97 -13.58 -4.52
C ASP B 142 -0.69 -12.25 -5.22
N PHE B 143 -1.30 -11.18 -4.73
CA PHE B 143 -1.07 -9.86 -5.27
C PHE B 143 0.37 -9.44 -5.01
N LEU B 144 0.90 -9.85 -3.86
CA LEU B 144 2.30 -9.60 -3.52
C LEU B 144 3.25 -10.24 -4.53
N LYS B 145 3.01 -11.50 -4.88
CA LYS B 145 3.89 -12.18 -5.84
C LYS B 145 3.74 -11.55 -7.22
N TYR B 146 2.56 -11.04 -7.51
CA TYR B 146 2.31 -10.33 -8.76
C TYR B 146 3.17 -9.05 -8.81
N LEU B 147 3.16 -8.32 -7.71
CA LEU B 147 3.94 -7.10 -7.59
C LEU B 147 5.44 -7.40 -7.63
N ALA B 148 5.84 -8.43 -6.89
CA ALA B 148 7.24 -8.84 -6.83
C ALA B 148 7.75 -9.27 -8.21
N LYS B 149 6.88 -9.87 -9.00
CA LYS B 149 7.23 -10.30 -10.34
C LYS B 149 7.41 -9.09 -11.26
N ASN B 150 6.46 -8.18 -11.20
CA ASN B 150 6.49 -6.98 -12.03
C ASN B 150 7.15 -5.82 -11.30
N SER B 151 8.07 -6.13 -10.41
CA SER B 151 8.71 -5.14 -9.56
C SER B 151 9.51 -4.11 -10.39
N ALA B 152 10.35 -4.60 -11.29
CA ALA B 152 11.22 -3.73 -12.08
C ALA B 152 10.40 -2.81 -13.00
N THR B 153 9.29 -3.34 -13.48
CA THR B 153 8.47 -2.62 -14.44
C THR B 153 7.53 -1.64 -13.77
N LEU B 154 7.08 -1.95 -12.56
CA LEU B 154 6.12 -1.11 -11.87
C LEU B 154 6.80 -0.20 -10.86
N PHE B 155 7.62 -0.78 -10.00
CA PHE B 155 8.30 -0.05 -8.96
C PHE B 155 9.67 0.41 -9.44
N SER B 156 9.66 1.27 -10.44
CA SER B 156 10.90 1.74 -11.04
C SER B 156 11.48 2.91 -10.24
N ALA B 157 12.41 2.60 -9.35
CA ALA B 157 13.08 3.62 -8.56
C ALA B 157 13.96 4.50 -9.44
N SER B 158 14.30 3.97 -10.61
CA SER B 158 15.14 4.67 -11.57
C SER B 158 14.38 5.84 -12.22
N ASP B 159 13.08 5.94 -11.96
CA ASP B 159 12.27 7.03 -12.47
C ASP B 159 12.24 8.21 -11.51
N TYR B 160 12.93 8.07 -10.38
CA TYR B 160 13.01 9.14 -9.39
C TYR B 160 13.91 10.28 -9.87
N GLU B 161 13.72 11.45 -9.28
CA GLU B 161 14.52 12.63 -9.60
C GLU B 161 14.76 13.43 -8.33
N VAL B 162 15.60 14.43 -8.43
CA VAL B 162 15.91 15.27 -7.29
C VAL B 162 14.94 16.45 -7.23
N ALA B 163 14.21 16.55 -6.13
CA ALA B 163 13.27 17.65 -5.93
C ALA B 163 14.01 18.97 -5.82
N PRO B 164 13.47 20.04 -6.45
CA PRO B 164 14.08 21.36 -6.44
C PRO B 164 14.23 21.93 -5.03
N PRO B 165 15.23 22.81 -4.82
CA PRO B 165 15.50 23.42 -3.51
C PRO B 165 14.26 24.07 -2.91
N GLU B 166 13.38 24.59 -3.76
CA GLU B 166 12.15 25.22 -3.32
C GLU B 166 11.28 24.23 -2.54
N TYR B 167 11.33 22.97 -2.92
CA TYR B 167 10.57 21.94 -2.23
C TYR B 167 11.27 21.53 -0.94
N HIS B 168 12.59 21.68 -0.93
CA HIS B 168 13.40 21.38 0.26
C HIS B 168 13.15 22.41 1.34
N ARG B 169 12.66 23.58 0.95
CA ARG B 169 12.27 24.62 1.89
C ARG B 169 11.04 24.16 2.68
N LYS B 170 10.43 23.09 2.20
CA LYS B 170 9.32 22.43 2.86
C LYS B 170 9.74 21.02 3.27
N ALA B 171 8.79 20.22 3.72
CA ALA B 171 9.05 18.81 4.06
C ALA B 171 9.94 18.68 5.29
N VAL B 172 10.09 19.77 6.02
CA VAL B 172 10.88 19.77 7.24
C VAL B 172 9.95 19.75 8.45
N ASP A 1 -17.24 -29.07 -2.60
CA ASP A 1 -17.10 -27.68 -3.06
C ASP A 1 -16.66 -26.80 -1.90
N TYR A 2 -16.10 -25.64 -2.22
CA TYR A 2 -15.59 -24.74 -1.20
C TYR A 2 -16.26 -23.38 -1.31
N VAL A 3 -16.81 -22.92 -0.20
CA VAL A 3 -17.39 -21.59 -0.13
C VAL A 3 -16.55 -20.71 0.81
N GLN A 4 -16.17 -19.54 0.32
CA GLN A 4 -15.38 -18.62 1.10
C GLN A 4 -16.22 -17.41 1.53
N PRO A 5 -15.89 -16.80 2.68
CA PRO A 5 -16.64 -15.66 3.23
C PRO A 5 -16.56 -14.42 2.35
N GLN A 6 -17.31 -13.39 2.73
CA GLN A 6 -17.32 -12.14 1.99
C GLN A 6 -16.20 -11.21 2.46
N LEU A 7 -15.63 -10.47 1.52
CA LEU A 7 -14.57 -9.52 1.81
C LEU A 7 -15.13 -8.20 2.34
N ARG A 8 -16.41 -7.97 2.06
CA ARG A 8 -17.08 -6.71 2.43
C ARG A 8 -16.83 -6.35 3.89
N ARG A 9 -17.03 -7.32 4.79
CA ARG A 9 -16.85 -7.06 6.21
C ARG A 9 -15.39 -6.81 6.57
N PRO A 10 -14.46 -7.75 6.29
CA PRO A 10 -13.04 -7.56 6.62
C PRO A 10 -12.48 -6.24 6.08
N PHE A 11 -12.85 -5.87 4.86
CA PHE A 11 -12.39 -4.61 4.27
C PHE A 11 -13.08 -3.41 4.93
N GLU A 12 -14.37 -3.53 5.20
CA GLU A 12 -15.12 -2.48 5.87
C GLU A 12 -14.53 -2.24 7.26
N LEU A 13 -14.26 -3.34 7.95
CA LEU A 13 -13.59 -3.32 9.25
C LEU A 13 -12.20 -2.70 9.13
N LEU A 14 -11.48 -3.13 8.10
CA LEU A 14 -10.10 -2.69 7.86
C LEU A 14 -10.04 -1.20 7.56
N ILE A 15 -10.94 -0.72 6.71
CA ILE A 15 -11.02 0.69 6.39
C ILE A 15 -11.39 1.50 7.63
N ALA A 16 -12.28 0.94 8.45
CA ALA A 16 -12.67 1.58 9.70
C ALA A 16 -11.45 1.83 10.58
N ALA A 17 -10.55 0.84 10.63
CA ALA A 17 -9.32 0.97 11.40
C ALA A 17 -8.40 2.01 10.76
N ALA A 18 -8.45 2.09 9.44
CA ALA A 18 -7.65 3.07 8.70
C ALA A 18 -8.07 4.50 9.02
N MET A 19 -9.36 4.67 9.29
CA MET A 19 -9.91 5.98 9.64
C MET A 19 -9.36 6.45 10.98
N GLU A 20 -8.92 5.50 11.80
CA GLU A 20 -8.41 5.79 13.14
C GLU A 20 -6.90 6.05 13.08
N ARG A 21 -6.35 6.07 11.88
CA ARG A 21 -4.91 6.27 11.69
C ARG A 21 -4.63 7.69 11.22
N ASN A 22 -3.81 8.39 12.00
CA ASN A 22 -3.39 9.74 11.65
C ASN A 22 -1.87 9.99 11.83
N PRO A 23 -1.00 8.98 11.58
CA PRO A 23 0.45 9.11 11.76
C PRO A 23 1.07 10.10 10.80
N THR A 24 0.44 10.18 9.66
CA THR A 24 0.89 11.03 8.53
C THR A 24 2.33 10.73 8.10
N GLN A 25 2.86 9.60 8.55
CA GLN A 25 4.18 9.15 8.16
C GLN A 25 4.27 7.63 8.24
N PHE A 26 4.38 7.00 7.09
CA PHE A 26 4.58 5.55 6.99
C PHE A 26 5.88 5.13 7.68
N GLN A 27 5.82 4.01 8.39
CA GLN A 27 6.99 3.48 9.08
C GLN A 27 7.27 2.05 8.61
N LEU A 28 8.54 1.68 8.62
CA LEU A 28 8.97 0.37 8.15
C LEU A 28 9.04 -0.61 9.31
N PRO A 29 8.48 -1.81 9.11
CA PRO A 29 8.61 -2.93 10.06
C PRO A 29 10.04 -3.16 10.54
N ASN A 30 10.16 -3.89 11.64
CA ASN A 30 11.43 -4.08 12.32
C ASN A 30 12.47 -4.80 11.44
N GLU A 31 12.06 -5.87 10.77
CA GLU A 31 13.00 -6.67 9.97
C GLU A 31 13.47 -5.92 8.72
N LEU A 32 12.87 -4.76 8.46
CA LEU A 32 13.20 -4.00 7.27
C LEU A 32 14.20 -2.89 7.57
N THR A 33 14.05 -2.23 8.71
CA THR A 33 14.99 -1.16 9.08
C THR A 33 14.78 -0.68 10.51
N CYS A 34 13.55 -0.77 11.02
CA CYS A 34 13.18 -0.21 12.32
C CYS A 34 13.29 1.32 12.30
N THR A 35 12.18 1.99 12.01
CA THR A 35 12.15 3.44 12.04
C THR A 35 12.32 3.95 13.47
N THR A 36 11.92 3.11 14.41
CA THR A 36 12.19 3.34 15.82
C THR A 36 12.55 1.99 16.46
N ALA A 37 13.73 1.92 17.05
CA ALA A 37 14.23 0.67 17.58
C ALA A 37 14.74 0.82 19.00
N LEU A 38 14.48 -0.18 19.83
CA LEU A 38 15.02 -0.23 21.17
C LEU A 38 16.45 -0.72 21.14
N PRO A 39 17.32 -0.17 22.00
CA PRO A 39 18.71 -0.60 22.09
C PRO A 39 18.82 -2.10 22.40
N GLY A 40 17.96 -2.56 23.29
CA GLY A 40 17.94 -3.96 23.65
C GLY A 40 17.99 -4.15 25.15
N SER A 41 18.47 -5.31 25.57
CA SER A 41 18.62 -5.60 26.99
C SER A 41 19.87 -6.45 27.20
N SER A 42 21.00 -5.79 27.39
CA SER A 42 22.27 -6.47 27.57
C SER A 42 23.16 -5.67 28.52
N SER B 1 -6.36 -14.02 23.88
CA SER B 1 -6.74 -13.93 22.46
C SER B 1 -6.35 -12.57 21.89
N ASN B 2 -5.18 -12.51 21.26
CA ASN B 2 -4.73 -11.28 20.63
C ASN B 2 -4.30 -11.57 19.20
N ALA B 3 -5.20 -11.33 18.26
CA ALA B 3 -4.98 -11.67 16.86
C ALA B 3 -4.08 -10.65 16.17
N GLU B 4 -2.90 -11.12 15.76
CA GLU B 4 -2.01 -10.32 14.94
C GLU B 4 -1.81 -11.01 13.60
N VAL B 5 -1.72 -10.22 12.54
CA VAL B 5 -1.48 -10.78 11.22
C VAL B 5 -0.14 -10.31 10.68
N LYS B 6 0.79 -11.25 10.52
CA LYS B 6 2.10 -10.92 10.01
C LYS B 6 2.22 -11.33 8.55
N VAL B 7 1.98 -10.37 7.67
CA VAL B 7 2.08 -10.59 6.24
C VAL B 7 3.55 -10.55 5.82
N LYS B 8 4.04 -11.69 5.37
CA LYS B 8 5.44 -11.82 4.98
C LYS B 8 5.73 -11.05 3.70
N ILE B 9 6.40 -9.92 3.86
CA ILE B 9 6.83 -9.10 2.73
C ILE B 9 7.77 -9.90 1.83
N PRO B 10 7.45 -10.00 0.53
CA PRO B 10 8.25 -10.73 -0.44
C PRO B 10 9.74 -10.37 -0.37
N GLU B 11 10.58 -11.39 -0.48
CA GLU B 11 12.02 -11.26 -0.32
C GLU B 11 12.62 -10.26 -1.31
N GLU B 12 12.14 -10.29 -2.55
CA GLU B 12 12.67 -9.43 -3.59
C GLU B 12 12.27 -7.96 -3.35
N LEU B 13 11.21 -7.75 -2.59
CA LEU B 13 10.72 -6.40 -2.32
C LEU B 13 11.40 -5.80 -1.09
N LYS B 14 12.05 -6.65 -0.30
CA LYS B 14 12.74 -6.20 0.91
C LYS B 14 13.85 -5.19 0.58
N PRO B 15 14.82 -5.53 -0.31
CA PRO B 15 15.89 -4.60 -0.69
C PRO B 15 15.35 -3.32 -1.31
N TRP B 16 14.22 -3.42 -2.00
CA TRP B 16 13.57 -2.26 -2.59
C TRP B 16 13.14 -1.30 -1.48
N LEU B 17 12.46 -1.85 -0.47
CA LEU B 17 11.98 -1.05 0.64
C LEU B 17 13.11 -0.34 1.35
N VAL B 18 14.22 -1.04 1.57
CA VAL B 18 15.37 -0.45 2.25
C VAL B 18 15.96 0.70 1.43
N ASP B 19 16.22 0.44 0.15
CA ASP B 19 16.85 1.44 -0.73
C ASP B 19 15.88 2.60 -0.98
N ASP B 20 14.62 2.28 -1.19
CA ASP B 20 13.58 3.29 -1.42
C ASP B 20 13.42 4.19 -0.19
N TRP B 21 13.44 3.59 0.98
CA TRP B 21 13.33 4.34 2.23
C TRP B 21 14.50 5.32 2.37
N ASP B 22 15.71 4.86 2.01
CA ASP B 22 16.88 5.73 1.97
C ASP B 22 16.70 6.80 0.89
N LEU B 23 16.15 6.37 -0.24
CA LEU B 23 15.89 7.25 -1.38
C LEU B 23 14.99 8.43 -1.01
N ILE B 24 13.90 8.14 -0.32
CA ILE B 24 12.92 9.17 0.02
C ILE B 24 13.40 10.06 1.17
N THR B 25 13.84 9.45 2.26
CA THR B 25 14.16 10.22 3.46
C THR B 25 15.53 10.88 3.37
N ARG B 26 16.53 10.11 2.98
CA ARG B 26 17.91 10.58 2.98
C ARG B 26 18.24 11.34 1.70
N GLN B 27 18.02 10.70 0.55
CA GLN B 27 18.31 11.33 -0.74
C GLN B 27 17.28 12.40 -1.07
N LYS B 28 16.06 12.21 -0.55
CA LYS B 28 14.97 13.17 -0.73
C LYS B 28 14.65 13.35 -2.21
N GLN B 29 14.61 12.25 -2.93
CA GLN B 29 14.18 12.26 -4.31
C GLN B 29 12.69 11.95 -4.39
N LEU B 30 11.94 12.83 -5.04
CA LEU B 30 10.50 12.70 -5.11
C LEU B 30 10.06 12.11 -6.44
N PHE B 31 8.97 11.38 -6.40
CA PHE B 31 8.41 10.74 -7.57
C PHE B 31 7.57 11.74 -8.36
N TYR B 32 7.82 11.83 -9.67
CA TYR B 32 7.03 12.69 -10.52
C TYR B 32 5.59 12.21 -10.56
N LEU B 33 4.66 13.15 -10.39
CA LEU B 33 3.24 12.82 -10.25
C LEU B 33 2.73 11.91 -11.37
N PRO B 34 2.94 12.24 -12.67
CA PRO B 34 2.49 11.39 -13.76
C PRO B 34 2.97 9.95 -13.59
N ALA B 35 2.05 9.08 -13.26
CA ALA B 35 2.39 7.72 -12.88
C ALA B 35 2.18 6.74 -14.02
N LYS B 36 3.23 6.05 -14.40
CA LYS B 36 3.16 5.06 -15.48
C LYS B 36 2.35 3.84 -15.04
N LYS B 37 2.32 3.59 -13.74
CA LYS B 37 1.60 2.46 -13.18
C LYS B 37 0.89 2.90 -11.91
N ASN B 38 -0.44 2.90 -11.95
CA ASN B 38 -1.24 3.31 -10.81
C ASN B 38 -1.78 2.12 -10.06
N VAL B 39 -2.43 2.38 -8.94
CA VAL B 39 -3.03 1.33 -8.14
C VAL B 39 -4.17 0.67 -8.90
N ASP B 40 -5.01 1.50 -9.48
CA ASP B 40 -6.21 1.04 -10.17
C ASP B 40 -5.89 0.22 -11.42
N SER B 41 -4.86 0.63 -12.16
CA SER B 41 -4.50 -0.09 -13.38
C SER B 41 -4.07 -1.52 -13.06
N ILE B 42 -3.20 -1.66 -12.06
CA ILE B 42 -2.76 -2.98 -11.59
C ILE B 42 -3.94 -3.73 -10.99
N LEU B 43 -4.75 -2.98 -10.25
CA LEU B 43 -5.92 -3.50 -9.56
C LEU B 43 -6.87 -4.20 -10.54
N GLU B 44 -7.30 -3.47 -11.56
CA GLU B 44 -8.27 -3.97 -12.52
C GLU B 44 -7.67 -5.06 -13.39
N ASP B 45 -6.40 -4.88 -13.76
CA ASP B 45 -5.70 -5.87 -14.57
C ASP B 45 -5.67 -7.21 -13.85
N TYR B 46 -5.29 -7.17 -12.57
CA TYR B 46 -5.26 -8.37 -11.73
C TYR B 46 -6.63 -9.03 -11.65
N ALA B 47 -7.65 -8.20 -11.43
CA ALA B 47 -9.02 -8.69 -11.30
C ALA B 47 -9.45 -9.48 -12.53
N ASN B 48 -9.30 -8.87 -13.70
CA ASN B 48 -9.72 -9.51 -14.95
C ASN B 48 -8.79 -10.64 -15.35
N TYR B 49 -7.52 -10.54 -14.94
CA TYR B 49 -6.54 -11.58 -15.24
C TYR B 49 -6.87 -12.86 -14.47
N ARG B 50 -7.28 -12.72 -13.22
CA ARG B 50 -7.63 -13.89 -12.40
C ARG B 50 -8.83 -14.61 -13.00
N LYS B 51 -9.74 -13.84 -13.60
CA LYS B 51 -10.91 -14.42 -14.25
C LYS B 51 -10.50 -15.30 -15.42
N SER B 52 -9.31 -15.03 -15.94
CA SER B 52 -8.80 -15.76 -17.08
C SER B 52 -7.90 -16.91 -16.64
N ARG B 53 -7.85 -17.14 -15.32
CA ARG B 53 -7.06 -18.22 -14.76
C ARG B 53 -7.95 -19.44 -14.59
N GLY B 54 -7.36 -20.63 -14.74
CA GLY B 54 -8.13 -21.87 -14.73
C GLY B 54 -8.90 -22.09 -13.44
N ASN B 55 -8.21 -22.06 -12.31
CA ASN B 55 -8.85 -22.31 -11.02
C ASN B 55 -9.63 -21.09 -10.56
N THR B 56 -10.84 -20.98 -11.08
CA THR B 56 -11.75 -19.90 -10.73
C THR B 56 -13.18 -20.44 -10.68
N ASP B 57 -13.60 -20.86 -9.49
CA ASP B 57 -14.93 -21.43 -9.30
C ASP B 57 -15.99 -20.34 -9.32
N ASN B 58 -16.12 -19.64 -8.20
CA ASN B 58 -17.00 -18.51 -8.08
C ASN B 58 -16.26 -17.42 -7.34
N LYS B 59 -15.39 -16.74 -8.05
CA LYS B 59 -14.41 -15.86 -7.44
C LYS B 59 -14.70 -14.39 -7.72
N GLU B 60 -15.63 -14.12 -8.64
CA GLU B 60 -15.89 -12.76 -9.08
C GLU B 60 -16.25 -11.83 -7.93
N TYR B 61 -17.24 -12.21 -7.12
CA TYR B 61 -17.68 -11.36 -6.01
C TYR B 61 -16.51 -11.02 -5.10
N ALA B 62 -15.61 -11.98 -4.93
CA ALA B 62 -14.49 -11.80 -4.04
C ALA B 62 -13.42 -10.93 -4.69
N VAL B 63 -13.11 -11.21 -5.95
CA VAL B 63 -12.14 -10.41 -6.70
C VAL B 63 -12.57 -8.95 -6.75
N ASN B 64 -13.83 -8.73 -7.12
CA ASN B 64 -14.38 -7.38 -7.21
C ASN B 64 -14.38 -6.70 -5.85
N GLU B 65 -14.75 -7.47 -4.82
CA GLU B 65 -14.80 -6.94 -3.47
C GLU B 65 -13.41 -6.57 -2.97
N VAL B 66 -12.44 -7.43 -3.26
CA VAL B 66 -11.06 -7.19 -2.87
C VAL B 66 -10.53 -5.90 -3.50
N VAL B 67 -10.63 -5.81 -4.81
CA VAL B 67 -10.05 -4.67 -5.52
C VAL B 67 -10.78 -3.37 -5.17
N ALA B 68 -12.09 -3.45 -4.99
CA ALA B 68 -12.86 -2.28 -4.56
C ALA B 68 -12.42 -1.86 -3.16
N GLY B 69 -12.32 -2.84 -2.27
CA GLY B 69 -11.87 -2.58 -0.92
C GLY B 69 -10.47 -2.00 -0.88
N ILE B 70 -9.56 -2.57 -1.67
CA ILE B 70 -8.18 -2.09 -1.73
C ILE B 70 -8.13 -0.63 -2.19
N LYS B 71 -8.96 -0.28 -3.17
CA LYS B 71 -8.99 1.10 -3.67
C LYS B 71 -9.41 2.07 -2.57
N GLU B 72 -10.52 1.77 -1.91
CA GLU B 72 -11.02 2.64 -0.85
C GLU B 72 -10.06 2.66 0.34
N TYR B 73 -9.48 1.50 0.64
CA TYR B 73 -8.54 1.37 1.73
C TYR B 73 -7.24 2.10 1.42
N PHE B 74 -6.87 2.10 0.15
CA PHE B 74 -5.70 2.84 -0.32
C PHE B 74 -5.91 4.33 -0.08
N ASN B 75 -7.10 4.81 -0.42
CA ASN B 75 -7.44 6.23 -0.28
C ASN B 75 -7.44 6.68 1.17
N VAL B 76 -8.01 5.87 2.07
CA VAL B 76 -8.10 6.25 3.47
C VAL B 76 -6.74 6.21 4.16
N MET B 77 -5.82 5.43 3.61
CA MET B 77 -4.48 5.32 4.17
C MET B 77 -3.54 6.33 3.52
N LEU B 78 -3.93 6.82 2.35
CA LEU B 78 -3.15 7.79 1.61
C LEU B 78 -3.16 9.12 2.36
N GLY B 79 -2.02 9.47 2.92
CA GLY B 79 -1.94 10.66 3.74
C GLY B 79 -1.29 10.36 5.08
N THR B 80 -1.51 9.15 5.56
CA THR B 80 -0.96 8.73 6.83
C THR B 80 0.15 7.70 6.68
N GLN B 81 -0.23 6.45 6.40
CA GLN B 81 0.75 5.37 6.41
C GLN B 81 1.08 4.92 4.99
N LEU B 82 0.83 5.76 4.01
CA LEU B 82 1.25 5.48 2.64
C LEU B 82 2.23 6.55 2.17
N LEU B 83 2.46 7.55 3.01
CA LEU B 83 3.33 8.67 2.66
C LEU B 83 4.36 8.90 3.76
N TYR B 84 5.51 9.40 3.37
CA TYR B 84 6.49 9.88 4.33
C TYR B 84 6.26 11.37 4.54
N LYS B 85 6.81 11.94 5.61
CA LYS B 85 6.56 13.34 5.93
C LYS B 85 7.13 14.28 4.89
N PHE B 86 8.11 13.80 4.11
CA PHE B 86 8.74 14.64 3.11
C PHE B 86 7.84 14.87 1.90
N GLU B 87 6.98 13.90 1.60
CA GLU B 87 6.09 13.99 0.46
C GLU B 87 4.73 14.55 0.89
N ARG B 88 4.60 14.87 2.17
CA ARG B 88 3.40 15.49 2.71
C ARG B 88 3.06 16.81 1.99
N PRO B 89 4.04 17.74 1.81
CA PRO B 89 3.81 18.98 1.07
C PRO B 89 3.32 18.73 -0.37
N GLN B 90 3.73 17.60 -0.94
CA GLN B 90 3.28 17.24 -2.29
C GLN B 90 1.82 16.80 -2.24
N TYR B 91 1.48 16.00 -1.24
CA TYR B 91 0.11 15.56 -0.99
C TYR B 91 -0.81 16.77 -0.86
N ALA B 92 -0.44 17.70 0.01
CA ALA B 92 -1.23 18.90 0.23
C ALA B 92 -1.34 19.73 -1.04
N GLU B 93 -0.23 19.80 -1.79
CA GLU B 93 -0.18 20.58 -3.02
C GLU B 93 -1.17 20.03 -4.04
N ILE B 94 -1.15 18.72 -4.24
CA ILE B 94 -2.05 18.05 -5.18
C ILE B 94 -3.51 18.29 -4.81
N LEU B 95 -3.83 18.12 -3.54
CA LEU B 95 -5.20 18.32 -3.05
C LEU B 95 -5.65 19.76 -3.24
N ALA B 96 -4.81 20.69 -2.83
CA ALA B 96 -5.10 22.12 -2.94
C ALA B 96 -5.25 22.54 -4.40
N ASP B 97 -4.44 21.97 -5.28
CA ASP B 97 -4.48 22.32 -6.70
C ASP B 97 -5.59 21.58 -7.43
N HIS B 98 -5.72 20.29 -7.13
CA HIS B 98 -6.72 19.45 -7.78
C HIS B 98 -7.73 18.90 -6.79
N PRO B 99 -8.94 19.47 -6.74
CA PRO B 99 -10.04 18.90 -6.00
C PRO B 99 -10.74 17.81 -6.81
N ASP B 100 -10.26 17.64 -8.03
CA ASP B 100 -10.84 16.70 -8.99
C ASP B 100 -10.05 15.40 -9.06
N ALA B 101 -8.88 15.37 -8.45
CA ALA B 101 -7.99 14.24 -8.58
C ALA B 101 -8.12 13.25 -7.43
N PRO B 102 -8.53 12.01 -7.73
CA PRO B 102 -8.56 10.94 -6.75
C PRO B 102 -7.15 10.40 -6.46
N MET B 103 -6.94 9.93 -5.24
CA MET B 103 -5.63 9.45 -4.81
C MET B 103 -5.15 8.30 -5.69
N SER B 104 -6.09 7.50 -6.17
CA SER B 104 -5.77 6.34 -6.99
C SER B 104 -5.20 6.75 -8.35
N GLN B 105 -5.44 8.00 -8.74
CA GLN B 105 -5.04 8.48 -10.06
C GLN B 105 -3.67 9.15 -10.02
N VAL B 106 -3.41 9.88 -8.95
CA VAL B 106 -2.16 10.63 -8.82
C VAL B 106 -1.06 9.76 -8.22
N TYR B 107 -1.44 8.74 -7.47
CA TYR B 107 -0.46 7.88 -6.84
C TYR B 107 -0.58 6.46 -7.37
N GLY B 108 0.55 5.84 -7.68
CA GLY B 108 0.51 4.54 -8.31
C GLY B 108 1.21 3.46 -7.51
N ALA B 109 1.82 2.51 -8.24
CA ALA B 109 2.41 1.29 -7.67
C ALA B 109 3.29 1.54 -6.44
N PRO B 110 4.28 2.46 -6.49
CA PRO B 110 5.17 2.73 -5.35
C PRO B 110 4.38 3.02 -4.07
N HIS B 111 3.24 3.68 -4.21
CA HIS B 111 2.43 4.03 -3.05
C HIS B 111 1.51 2.88 -2.66
N LEU B 112 1.16 2.03 -3.62
CA LEU B 112 0.36 0.84 -3.33
C LEU B 112 1.22 -0.19 -2.60
N LEU B 113 2.51 -0.19 -2.91
CA LEU B 113 3.46 -1.08 -2.25
C LEU B 113 3.48 -0.79 -0.75
N ARG B 114 3.32 0.48 -0.39
CA ARG B 114 3.26 0.90 1.01
C ARG B 114 2.11 0.20 1.71
N LEU B 115 1.02 0.05 0.97
CA LEU B 115 -0.24 -0.46 1.50
C LEU B 115 -0.06 -1.89 2.00
N PHE B 116 0.64 -2.71 1.23
CA PHE B 116 0.81 -4.13 1.58
C PHE B 116 1.81 -4.30 2.71
N VAL B 117 2.75 -3.37 2.83
CA VAL B 117 3.72 -3.40 3.92
C VAL B 117 3.07 -2.95 5.22
N ARG B 118 2.01 -2.16 5.11
CA ARG B 118 1.35 -1.59 6.26
C ARG B 118 0.14 -2.43 6.69
N ILE B 119 -0.53 -3.04 5.70
CA ILE B 119 -1.79 -3.76 5.94
C ILE B 119 -1.62 -4.87 6.97
N GLY B 120 -0.43 -5.45 7.06
CA GLY B 120 -0.17 -6.50 8.02
C GLY B 120 -0.46 -6.06 9.44
N ALA B 121 0.16 -4.95 9.85
CA ALA B 121 -0.01 -4.45 11.20
C ALA B 121 -1.41 -3.86 11.39
N MET B 122 -2.04 -3.49 10.29
CA MET B 122 -3.39 -2.94 10.34
C MET B 122 -4.41 -4.04 10.58
N LEU B 123 -4.12 -5.23 10.08
CA LEU B 123 -4.95 -6.40 10.34
C LEU B 123 -4.83 -6.81 11.80
N ALA B 124 -3.75 -6.39 12.43
CA ALA B 124 -3.53 -6.65 13.85
C ALA B 124 -4.43 -5.76 14.71
N TYR B 125 -5.14 -4.85 14.06
CA TYR B 125 -6.10 -3.99 14.73
C TYR B 125 -7.52 -4.28 14.25
N THR B 126 -7.68 -5.37 13.52
CA THR B 126 -8.98 -5.75 13.00
C THR B 126 -9.31 -7.20 13.34
N PRO B 127 -10.33 -7.41 14.18
CA PRO B 127 -10.76 -8.75 14.60
C PRO B 127 -11.40 -9.54 13.47
N LEU B 128 -10.67 -10.51 12.94
CA LEU B 128 -11.17 -11.36 11.86
C LEU B 128 -11.07 -12.83 12.24
N ASP B 129 -11.89 -13.66 11.61
CA ASP B 129 -11.84 -15.09 11.84
C ASP B 129 -10.61 -15.69 11.16
N GLU B 130 -10.18 -16.85 11.64
CA GLU B 130 -8.99 -17.51 11.11
C GLU B 130 -9.19 -17.93 9.66
N LYS B 131 -10.40 -18.37 9.34
CA LYS B 131 -10.73 -18.77 7.98
C LYS B 131 -10.86 -17.54 7.09
N SER B 132 -11.42 -16.48 7.66
CA SER B 132 -11.52 -15.20 6.96
C SER B 132 -10.13 -14.62 6.75
N LEU B 133 -9.24 -14.86 7.70
CA LEU B 133 -7.86 -14.42 7.59
C LEU B 133 -7.18 -15.11 6.41
N ALA B 134 -7.42 -16.42 6.29
CA ALA B 134 -6.89 -17.19 5.17
C ALA B 134 -7.42 -16.65 3.84
N LEU B 135 -8.64 -16.13 3.88
CA LEU B 135 -9.24 -15.46 2.73
C LEU B 135 -8.37 -14.26 2.31
N LEU B 136 -8.13 -13.35 3.24
CA LEU B 136 -7.28 -12.18 2.98
C LEU B 136 -5.86 -12.61 2.61
N LEU B 137 -5.30 -13.55 3.37
CA LEU B 137 -3.94 -14.03 3.13
C LEU B 137 -3.81 -14.58 1.72
N ASN B 138 -4.89 -15.20 1.23
CA ASN B 138 -4.94 -15.67 -0.15
C ASN B 138 -4.74 -14.51 -1.12
N TYR B 139 -5.61 -13.52 -1.02
CA TYR B 139 -5.58 -12.40 -1.97
C TYR B 139 -4.32 -11.58 -1.82
N LEU B 140 -3.91 -11.33 -0.58
CA LEU B 140 -2.72 -10.54 -0.31
C LEU B 140 -1.47 -11.18 -0.92
N HIS B 141 -1.31 -12.48 -0.71
CA HIS B 141 -0.14 -13.20 -1.23
C HIS B 141 -0.17 -13.27 -2.75
N ASP B 142 -1.33 -13.55 -3.33
CA ASP B 142 -1.46 -13.64 -4.78
C ASP B 142 -1.23 -12.28 -5.44
N PHE B 143 -1.72 -11.22 -4.80
CA PHE B 143 -1.50 -9.87 -5.30
C PHE B 143 -0.01 -9.52 -5.22
N LEU B 144 0.62 -9.88 -4.10
CA LEU B 144 2.05 -9.68 -3.92
C LEU B 144 2.83 -10.42 -5.01
N LYS B 145 2.37 -11.61 -5.35
CA LYS B 145 3.02 -12.40 -6.39
C LYS B 145 2.89 -11.71 -7.75
N TYR B 146 1.74 -11.09 -8.00
CA TYR B 146 1.57 -10.33 -9.23
C TYR B 146 2.53 -9.15 -9.25
N LEU B 147 2.62 -8.45 -8.12
CA LEU B 147 3.52 -7.32 -7.98
C LEU B 147 4.97 -7.75 -8.25
N ALA B 148 5.38 -8.81 -7.58
CA ALA B 148 6.74 -9.34 -7.75
C ALA B 148 6.99 -9.80 -9.18
N LYS B 149 5.96 -10.33 -9.81
CA LYS B 149 6.05 -10.83 -11.19
C LYS B 149 6.34 -9.68 -12.17
N ASN B 150 5.90 -8.49 -11.82
CA ASN B 150 6.00 -7.35 -12.72
C ASN B 150 6.73 -6.18 -12.09
N SER B 151 7.51 -6.45 -11.05
CA SER B 151 8.20 -5.39 -10.31
C SER B 151 9.10 -4.55 -11.22
N ALA B 152 9.67 -5.18 -12.23
CA ALA B 152 10.56 -4.50 -13.16
C ALA B 152 9.85 -3.38 -13.92
N THR B 153 8.57 -3.57 -14.20
CA THR B 153 7.82 -2.64 -15.01
C THR B 153 6.80 -1.85 -14.18
N LEU B 154 6.69 -2.18 -12.90
CA LEU B 154 5.79 -1.46 -12.01
C LEU B 154 6.54 -0.41 -11.22
N PHE B 155 7.80 -0.69 -10.92
CA PHE B 155 8.62 0.22 -10.13
C PHE B 155 9.76 0.78 -10.97
N SER B 156 10.00 2.07 -10.83
CA SER B 156 11.07 2.74 -11.55
C SER B 156 11.72 3.81 -10.68
N ALA B 157 12.98 3.59 -10.31
CA ALA B 157 13.70 4.55 -9.47
C ALA B 157 14.19 5.74 -10.29
N SER B 158 14.10 5.63 -11.60
CA SER B 158 14.53 6.70 -12.50
C SER B 158 13.43 7.74 -12.67
N ASP B 159 12.30 7.54 -12.01
CA ASP B 159 11.19 8.48 -12.03
C ASP B 159 11.20 9.34 -10.78
N TYR B 160 12.26 9.17 -9.99
CA TYR B 160 12.48 9.99 -8.82
C TYR B 160 13.57 11.02 -9.11
N GLU B 161 13.30 12.26 -8.75
CA GLU B 161 14.28 13.33 -8.96
C GLU B 161 14.48 14.09 -7.66
N VAL B 162 15.63 14.72 -7.53
CA VAL B 162 15.99 15.43 -6.31
C VAL B 162 15.13 16.68 -6.15
N ALA B 163 14.39 16.73 -5.05
CA ALA B 163 13.59 17.89 -4.72
C ALA B 163 14.50 19.09 -4.46
N PRO B 164 14.26 20.21 -5.13
CA PRO B 164 15.10 21.42 -5.03
C PRO B 164 15.36 21.85 -3.59
N PRO B 165 16.58 22.36 -3.30
CA PRO B 165 16.95 22.84 -1.97
C PRO B 165 15.98 23.90 -1.44
N GLU B 166 15.57 24.80 -2.33
CA GLU B 166 14.65 25.87 -1.96
C GLU B 166 13.24 25.32 -1.70
N TYR B 167 12.98 24.12 -2.19
CA TYR B 167 11.76 23.41 -1.87
C TYR B 167 11.85 22.84 -0.46
N HIS B 168 13.04 22.36 -0.11
CA HIS B 168 13.30 21.83 1.23
C HIS B 168 13.06 22.91 2.28
N ARG B 169 13.42 24.14 1.93
CA ARG B 169 13.31 25.28 2.82
C ARG B 169 11.86 25.56 3.21
N LYS B 170 10.94 25.15 2.35
CA LYS B 170 9.52 25.39 2.60
C LYS B 170 8.83 24.13 3.11
N ALA B 171 9.48 22.99 2.93
CA ALA B 171 8.92 21.71 3.36
C ALA B 171 9.29 21.41 4.81
N VAL B 172 10.59 21.49 5.10
CA VAL B 172 11.09 21.18 6.43
C VAL B 172 11.32 22.47 7.21
N ASP A 1 -17.16 -27.78 -2.32
CA ASP A 1 -16.30 -26.58 -2.10
C ASP A 1 -16.91 -25.72 -1.02
N TYR A 2 -16.08 -25.14 -0.17
CA TYR A 2 -16.57 -24.19 0.82
C TYR A 2 -16.69 -22.81 0.21
N VAL A 3 -17.82 -22.16 0.46
CA VAL A 3 -18.06 -20.83 -0.08
C VAL A 3 -17.22 -19.80 0.65
N GLN A 4 -16.51 -18.97 -0.11
CA GLN A 4 -15.64 -17.97 0.47
C GLN A 4 -16.46 -16.88 1.15
N PRO A 5 -16.01 -16.41 2.32
CA PRO A 5 -16.64 -15.30 3.01
C PRO A 5 -16.46 -14.00 2.22
N GLN A 6 -17.32 -13.03 2.46
CA GLN A 6 -17.22 -11.77 1.75
C GLN A 6 -15.99 -10.99 2.21
N LEU A 7 -15.32 -10.35 1.26
CA LEU A 7 -14.12 -9.57 1.55
C LEU A 7 -14.51 -8.18 2.03
N ARG A 8 -15.68 -7.74 1.60
CA ARG A 8 -16.15 -6.39 1.90
C ARG A 8 -16.30 -6.19 3.40
N ARG A 9 -16.77 -7.21 4.11
CA ARG A 9 -16.99 -7.11 5.55
C ARG A 9 -15.66 -6.83 6.29
N PRO A 10 -14.61 -7.66 6.08
CA PRO A 10 -13.28 -7.38 6.62
C PRO A 10 -12.77 -6.00 6.21
N PHE A 11 -13.02 -5.60 4.97
CA PHE A 11 -12.58 -4.30 4.49
C PHE A 11 -13.24 -3.16 5.27
N GLU A 12 -14.51 -3.34 5.62
CA GLU A 12 -15.20 -2.39 6.49
C GLU A 12 -14.36 -2.13 7.74
N LEU A 13 -14.03 -3.22 8.42
CA LEU A 13 -13.24 -3.17 9.65
C LEU A 13 -11.84 -2.63 9.39
N LEU A 14 -11.25 -3.12 8.31
CA LEU A 14 -9.89 -2.76 7.93
C LEU A 14 -9.78 -1.26 7.67
N ILE A 15 -10.75 -0.70 6.96
CA ILE A 15 -10.78 0.74 6.71
C ILE A 15 -11.04 1.50 8.01
N ALA A 16 -11.97 1.00 8.80
CA ALA A 16 -12.31 1.64 10.08
C ALA A 16 -11.09 1.73 10.99
N ALA A 17 -10.29 0.67 11.00
CA ALA A 17 -9.06 0.65 11.77
C ALA A 17 -8.02 1.60 11.16
N ALA A 18 -8.03 1.69 9.84
CA ALA A 18 -7.12 2.57 9.12
C ALA A 18 -7.47 4.04 9.40
N MET A 19 -8.72 4.29 9.77
CA MET A 19 -9.17 5.65 10.09
C MET A 19 -8.54 6.12 11.42
N GLU A 20 -7.94 5.19 12.15
CA GLU A 20 -7.33 5.50 13.43
C GLU A 20 -5.90 5.98 13.24
N ARG A 21 -5.41 5.89 12.00
CA ARG A 21 -4.08 6.35 11.66
C ARG A 21 -3.96 7.86 11.72
N ASN A 22 -3.27 8.33 12.74
CA ASN A 22 -2.98 9.75 12.90
C ASN A 22 -1.91 10.18 11.89
N PRO A 23 -1.86 11.49 11.55
CA PRO A 23 -0.85 12.01 10.65
C PRO A 23 0.51 12.12 11.34
N THR A 24 1.22 11.00 11.39
CA THR A 24 2.56 10.98 11.92
C THR A 24 3.56 10.76 10.81
N GLN A 25 3.69 9.51 10.38
CA GLN A 25 4.58 9.14 9.29
C GLN A 25 4.39 7.68 8.95
N PHE A 26 4.66 7.33 7.70
CA PHE A 26 4.72 5.94 7.30
C PHE A 26 6.00 5.31 7.82
N GLN A 27 5.86 4.20 8.53
CA GLN A 27 7.01 3.43 8.97
C GLN A 27 6.87 2.00 8.50
N LEU A 28 8.00 1.40 8.21
CA LEU A 28 8.04 0.00 7.84
C LEU A 28 8.54 -0.79 9.04
N PRO A 29 8.28 -2.10 9.08
CA PRO A 29 8.83 -2.96 10.13
C PRO A 29 10.33 -2.75 10.29
N ASN A 30 10.77 -2.66 11.53
CA ASN A 30 12.17 -2.39 11.85
C ASN A 30 13.09 -3.39 11.16
N GLU A 31 12.66 -4.65 11.15
CA GLU A 31 13.43 -5.73 10.55
C GLU A 31 13.53 -5.60 9.03
N LEU A 32 12.81 -4.65 8.47
CA LEU A 32 12.89 -4.37 7.04
C LEU A 32 13.75 -3.12 6.79
N THR A 33 13.80 -2.22 7.77
CA THR A 33 14.48 -0.94 7.56
C THR A 33 15.53 -0.66 8.65
N CYS A 34 15.13 0.15 9.62
CA CYS A 34 16.03 0.65 10.66
C CYS A 34 15.29 1.63 11.55
N THR A 35 14.25 2.27 11.01
CA THR A 35 13.47 3.24 11.75
C THR A 35 12.77 2.59 12.93
N THR A 36 13.04 3.09 14.13
CA THR A 36 12.51 2.49 15.35
C THR A 36 11.66 3.47 16.15
N ALA A 37 10.54 2.96 16.66
CA ALA A 37 9.69 3.68 17.62
C ALA A 37 8.91 4.82 16.96
N LEU A 38 7.79 5.16 17.57
CA LEU A 38 6.99 6.29 17.12
C LEU A 38 7.45 7.56 17.83
N PRO A 39 7.41 8.72 17.15
CA PRO A 39 7.83 9.99 17.74
C PRO A 39 7.03 10.33 18.99
N GLY A 40 7.74 10.62 20.08
CA GLY A 40 7.10 10.93 21.33
C GLY A 40 7.76 10.24 22.51
N SER A 41 8.67 9.32 22.21
CA SER A 41 9.41 8.61 23.22
C SER A 41 10.28 9.56 24.04
N SER A 42 10.09 9.54 25.35
CA SER A 42 10.90 10.37 26.24
C SER A 42 11.98 9.51 26.91
N SER B 1 -5.29 -10.74 24.18
CA SER B 1 -4.61 -11.57 23.16
C SER B 1 -4.93 -11.08 21.75
N ASN B 2 -3.95 -10.45 21.13
CA ASN B 2 -4.12 -9.97 19.76
C ASN B 2 -3.44 -10.92 18.80
N ALA B 3 -3.88 -10.94 17.56
CA ALA B 3 -3.33 -11.86 16.57
C ALA B 3 -2.62 -11.09 15.46
N GLU B 4 -1.31 -10.95 15.59
CA GLU B 4 -0.52 -10.32 14.55
C GLU B 4 -0.49 -11.19 13.31
N VAL B 5 -1.12 -10.70 12.26
CA VAL B 5 -1.21 -11.44 11.01
C VAL B 5 -0.02 -11.12 10.13
N LYS B 6 0.84 -12.11 9.92
CA LYS B 6 2.04 -11.90 9.14
C LYS B 6 1.82 -12.24 7.68
N VAL B 7 1.38 -11.25 6.92
CA VAL B 7 1.34 -11.38 5.47
C VAL B 7 2.77 -11.34 4.94
N LYS B 8 3.62 -10.65 5.68
CA LYS B 8 5.06 -10.58 5.40
C LYS B 8 5.36 -9.78 4.15
N ILE B 9 6.59 -9.29 4.07
CA ILE B 9 7.07 -8.60 2.89
C ILE B 9 8.09 -9.47 2.18
N PRO B 10 7.84 -9.79 0.90
CA PRO B 10 8.74 -10.61 0.10
C PRO B 10 10.16 -10.06 0.09
N GLU B 11 11.12 -10.95 0.25
CA GLU B 11 12.53 -10.57 0.32
C GLU B 11 12.97 -9.90 -0.98
N GLU B 12 12.27 -10.22 -2.06
CA GLU B 12 12.57 -9.66 -3.37
C GLU B 12 12.02 -8.24 -3.50
N LEU B 13 11.10 -7.86 -2.61
CA LEU B 13 10.46 -6.55 -2.68
C LEU B 13 11.00 -5.62 -1.60
N LYS B 14 11.66 -6.19 -0.61
CA LYS B 14 12.23 -5.41 0.49
C LYS B 14 13.21 -4.34 -0.01
N PRO B 15 14.21 -4.69 -0.87
CA PRO B 15 15.17 -3.72 -1.41
C PRO B 15 14.49 -2.51 -2.03
N TRP B 16 13.36 -2.72 -2.69
CA TRP B 16 12.61 -1.64 -3.31
C TRP B 16 12.01 -0.72 -2.25
N LEU B 17 11.42 -1.33 -1.23
CA LEU B 17 10.84 -0.57 -0.11
C LEU B 17 11.90 0.24 0.61
N VAL B 18 13.06 -0.38 0.84
CA VAL B 18 14.16 0.30 1.49
C VAL B 18 14.64 1.49 0.66
N ASP B 19 14.67 1.31 -0.67
CA ASP B 19 15.12 2.36 -1.56
C ASP B 19 14.10 3.49 -1.61
N ASP B 20 12.82 3.15 -1.70
CA ASP B 20 11.73 4.13 -1.68
C ASP B 20 11.79 4.96 -0.39
N TRP B 21 11.91 4.26 0.73
CA TRP B 21 12.04 4.89 2.04
C TRP B 21 13.26 5.82 2.07
N ASP B 22 14.39 5.32 1.56
CA ASP B 22 15.61 6.11 1.47
C ASP B 22 15.42 7.34 0.59
N LEU B 23 14.78 7.13 -0.57
CA LEU B 23 14.52 8.18 -1.53
C LEU B 23 13.78 9.36 -0.91
N ILE B 24 12.77 9.06 -0.09
CA ILE B 24 11.97 10.12 0.52
C ILE B 24 12.64 10.72 1.76
N THR B 25 13.05 9.86 2.69
CA THR B 25 13.52 10.33 3.99
C THR B 25 14.96 10.86 3.94
N ARG B 26 15.85 10.08 3.35
CA ARG B 26 17.26 10.41 3.35
C ARG B 26 17.63 11.24 2.12
N GLN B 27 17.32 10.72 0.95
CA GLN B 27 17.69 11.34 -0.31
C GLN B 27 16.86 12.59 -0.56
N LYS B 28 15.61 12.58 -0.08
CA LYS B 28 14.71 13.72 -0.19
C LYS B 28 14.39 14.04 -1.65
N GLN B 29 14.12 12.99 -2.42
CA GLN B 29 13.73 13.14 -3.82
C GLN B 29 12.25 12.83 -4.00
N LEU B 30 11.52 13.80 -4.52
CA LEU B 30 10.11 13.60 -4.84
C LEU B 30 9.99 13.09 -6.27
N PHE B 31 8.94 12.34 -6.56
CA PHE B 31 8.80 11.75 -7.87
C PHE B 31 7.84 12.55 -8.72
N TYR B 32 7.92 12.36 -10.03
CA TYR B 32 6.96 12.94 -10.95
C TYR B 32 5.60 12.31 -10.68
N LEU B 33 4.74 13.07 -10.01
CA LEU B 33 3.48 12.58 -9.48
C LEU B 33 2.67 11.78 -10.52
N PRO B 34 2.46 12.28 -11.75
CA PRO B 34 1.73 11.51 -12.77
C PRO B 34 2.37 10.14 -12.94
N ALA B 35 1.67 9.13 -12.44
CA ALA B 35 2.22 7.79 -12.33
C ALA B 35 2.09 7.01 -13.63
N LYS B 36 3.20 6.39 -14.05
CA LYS B 36 3.24 5.60 -15.27
C LYS B 36 2.34 4.37 -15.16
N LYS B 37 2.19 3.86 -13.96
CA LYS B 37 1.32 2.71 -13.72
C LYS B 37 0.45 2.99 -12.50
N ASN B 38 -0.85 3.15 -12.72
CA ASN B 38 -1.77 3.52 -11.66
C ASN B 38 -2.30 2.29 -10.92
N VAL B 39 -2.59 2.46 -9.63
CA VAL B 39 -3.07 1.39 -8.76
C VAL B 39 -4.33 0.74 -9.35
N ASP B 40 -5.26 1.59 -9.78
CA ASP B 40 -6.53 1.13 -10.31
C ASP B 40 -6.33 0.20 -11.50
N SER B 41 -5.36 0.54 -12.34
CA SER B 41 -5.05 -0.26 -13.52
C SER B 41 -4.40 -1.59 -13.13
N ILE B 42 -3.61 -1.57 -12.05
CA ILE B 42 -2.96 -2.78 -11.55
C ILE B 42 -4.01 -3.75 -11.01
N LEU B 43 -4.97 -3.20 -10.25
CA LEU B 43 -6.06 -3.99 -9.71
C LEU B 43 -6.87 -4.64 -10.83
N GLU B 44 -7.12 -3.86 -11.87
CA GLU B 44 -7.85 -4.34 -13.04
C GLU B 44 -7.12 -5.53 -13.68
N ASP B 45 -5.81 -5.39 -13.85
CA ASP B 45 -4.99 -6.45 -14.45
C ASP B 45 -5.01 -7.69 -13.57
N TYR B 46 -4.84 -7.48 -12.27
CA TYR B 46 -4.87 -8.57 -11.29
C TYR B 46 -6.22 -9.29 -11.33
N ALA B 47 -7.29 -8.52 -11.48
CA ALA B 47 -8.63 -9.07 -11.60
C ALA B 47 -8.72 -10.04 -12.77
N ASN B 48 -8.22 -9.61 -13.93
CA ASN B 48 -8.22 -10.46 -15.12
C ASN B 48 -7.44 -11.74 -14.86
N TYR B 49 -6.27 -11.61 -14.24
CA TYR B 49 -5.41 -12.75 -13.95
C TYR B 49 -6.16 -13.77 -13.09
N ARG B 50 -6.80 -13.30 -12.04
CA ARG B 50 -7.48 -14.19 -11.10
C ARG B 50 -8.74 -14.81 -11.72
N LYS B 51 -9.40 -14.06 -12.60
CA LYS B 51 -10.61 -14.57 -13.24
C LYS B 51 -10.27 -15.59 -14.31
N SER B 52 -9.02 -15.59 -14.74
CA SER B 52 -8.55 -16.52 -15.73
C SER B 52 -7.74 -17.62 -15.07
N ARG B 53 -7.74 -17.63 -13.75
CA ARG B 53 -6.97 -18.60 -13.00
C ARG B 53 -7.85 -19.38 -12.04
N GLY B 54 -8.35 -20.53 -12.50
CA GLY B 54 -9.14 -21.41 -11.66
C GLY B 54 -10.46 -20.78 -11.25
N ASN B 55 -11.24 -20.35 -12.23
CA ASN B 55 -12.52 -19.70 -11.95
C ASN B 55 -13.67 -20.49 -12.57
N THR B 56 -13.75 -21.76 -12.17
CA THR B 56 -14.83 -22.63 -12.60
C THR B 56 -16.19 -22.08 -12.16
N ASP B 57 -16.29 -21.81 -10.87
CA ASP B 57 -17.47 -21.18 -10.31
C ASP B 57 -17.22 -19.69 -10.14
N ASN B 58 -18.27 -18.95 -9.80
CA ASN B 58 -18.15 -17.52 -9.61
C ASN B 58 -17.31 -17.21 -8.38
N LYS B 59 -16.05 -16.88 -8.58
CA LYS B 59 -15.22 -16.36 -7.51
C LYS B 59 -14.94 -14.88 -7.77
N GLU B 60 -15.66 -14.33 -8.73
CA GLU B 60 -15.46 -12.95 -9.13
C GLU B 60 -15.94 -12.00 -8.04
N TYR B 61 -16.90 -12.45 -7.22
CA TYR B 61 -17.39 -11.63 -6.12
C TYR B 61 -16.26 -11.22 -5.19
N ALA B 62 -15.30 -12.11 -5.05
CA ALA B 62 -14.20 -11.90 -4.14
C ALA B 62 -13.22 -10.89 -4.72
N VAL B 63 -12.82 -11.11 -5.97
CA VAL B 63 -11.89 -10.21 -6.63
C VAL B 63 -12.48 -8.80 -6.71
N ASN B 64 -13.77 -8.73 -7.02
CA ASN B 64 -14.48 -7.46 -7.08
C ASN B 64 -14.43 -6.75 -5.73
N GLU B 65 -14.72 -7.49 -4.67
CA GLU B 65 -14.67 -6.95 -3.31
C GLU B 65 -13.24 -6.57 -2.92
N VAL B 66 -12.27 -7.39 -3.33
CA VAL B 66 -10.87 -7.11 -3.05
C VAL B 66 -10.44 -5.80 -3.72
N VAL B 67 -10.67 -5.69 -5.03
CA VAL B 67 -10.28 -4.50 -5.77
C VAL B 67 -10.96 -3.25 -5.19
N ALA B 68 -12.28 -3.34 -4.99
CA ALA B 68 -13.02 -2.23 -4.41
C ALA B 68 -12.49 -1.90 -3.01
N GLY B 69 -12.21 -2.95 -2.24
CA GLY B 69 -11.67 -2.76 -0.90
C GLY B 69 -10.31 -2.10 -0.94
N ILE B 70 -9.44 -2.56 -1.82
CA ILE B 70 -8.11 -1.97 -1.98
C ILE B 70 -8.23 -0.49 -2.33
N LYS B 71 -9.18 -0.17 -3.20
CA LYS B 71 -9.43 1.23 -3.57
C LYS B 71 -9.70 2.08 -2.33
N GLU B 72 -10.74 1.73 -1.60
CA GLU B 72 -11.13 2.49 -0.42
C GLU B 72 -10.05 2.46 0.65
N TYR B 73 -9.43 1.31 0.84
CA TYR B 73 -8.39 1.12 1.85
C TYR B 73 -7.14 1.92 1.50
N PHE B 74 -6.82 1.98 0.21
CA PHE B 74 -5.68 2.77 -0.25
C PHE B 74 -5.92 4.26 -0.01
N ASN B 75 -7.15 4.69 -0.28
CA ASN B 75 -7.51 6.11 -0.15
C ASN B 75 -7.55 6.55 1.30
N VAL B 76 -7.95 5.65 2.20
CA VAL B 76 -8.05 6.00 3.62
C VAL B 76 -6.68 5.97 4.28
N MET B 77 -5.69 5.43 3.58
CA MET B 77 -4.32 5.39 4.09
C MET B 77 -3.43 6.41 3.40
N LEU B 78 -3.78 6.80 2.18
CA LEU B 78 -2.98 7.76 1.45
C LEU B 78 -3.23 9.15 2.02
N GLY B 79 -2.23 9.66 2.75
CA GLY B 79 -2.38 10.93 3.43
C GLY B 79 -1.81 10.89 4.83
N THR B 80 -2.39 10.05 5.68
CA THR B 80 -1.97 9.95 7.08
C THR B 80 -1.10 8.72 7.32
N GLN B 81 -1.24 7.71 6.48
CA GLN B 81 -0.56 6.44 6.70
C GLN B 81 0.57 6.26 5.69
N LEU B 82 0.22 6.16 4.41
CA LEU B 82 1.15 5.73 3.37
C LEU B 82 2.10 6.83 2.90
N LEU B 83 2.26 7.88 3.70
CA LEU B 83 3.11 8.99 3.31
C LEU B 83 4.14 9.31 4.38
N TYR B 84 5.30 9.78 3.97
CA TYR B 84 6.35 10.19 4.89
C TYR B 84 6.20 11.69 5.20
N LYS B 85 6.91 12.16 6.21
CA LYS B 85 6.79 13.55 6.63
C LYS B 85 7.32 14.52 5.57
N PHE B 86 8.37 14.12 4.87
CA PHE B 86 8.93 14.94 3.80
C PHE B 86 8.04 14.88 2.55
N GLU B 87 7.15 13.90 2.54
CA GLU B 87 6.29 13.66 1.39
C GLU B 87 4.95 14.39 1.56
N ARG B 88 4.74 14.93 2.75
CA ARG B 88 3.52 15.67 3.07
C ARG B 88 3.31 16.87 2.13
N PRO B 89 4.34 17.75 1.93
CA PRO B 89 4.22 18.89 1.01
C PRO B 89 3.79 18.48 -0.40
N GLN B 90 4.28 17.34 -0.86
CA GLN B 90 3.91 16.82 -2.17
C GLN B 90 2.40 16.56 -2.23
N TYR B 91 1.91 15.83 -1.23
CA TYR B 91 0.49 15.51 -1.14
C TYR B 91 -0.33 16.80 -0.98
N ALA B 92 0.16 17.70 -0.16
CA ALA B 92 -0.51 18.98 0.07
C ALA B 92 -0.58 19.80 -1.21
N GLU B 93 0.51 19.81 -1.97
CA GLU B 93 0.58 20.56 -3.21
C GLU B 93 -0.40 19.99 -4.23
N ILE B 94 -0.47 18.66 -4.30
CA ILE B 94 -1.41 17.98 -5.20
C ILE B 94 -2.84 18.41 -4.92
N LEU B 95 -3.23 18.35 -3.65
CA LEU B 95 -4.57 18.74 -3.24
C LEU B 95 -4.81 20.23 -3.46
N ALA B 96 -3.83 21.03 -3.07
CA ALA B 96 -3.91 22.48 -3.24
C ALA B 96 -4.06 22.87 -4.70
N ASP B 97 -3.28 22.24 -5.55
CA ASP B 97 -3.26 22.59 -6.97
C ASP B 97 -4.45 21.97 -7.69
N HIS B 98 -4.69 20.68 -7.45
CA HIS B 98 -5.83 19.98 -8.03
C HIS B 98 -6.71 19.43 -6.92
N PRO B 99 -7.68 20.22 -6.44
CA PRO B 99 -8.52 19.83 -5.31
C PRO B 99 -9.58 18.79 -5.69
N ASP B 100 -9.59 18.42 -6.96
CA ASP B 100 -10.59 17.47 -7.45
C ASP B 100 -9.89 16.23 -8.03
N ALA B 101 -8.63 16.04 -7.65
CA ALA B 101 -7.86 14.90 -8.11
C ALA B 101 -7.91 13.77 -7.09
N PRO B 102 -8.51 12.64 -7.46
CA PRO B 102 -8.59 11.46 -6.58
C PRO B 102 -7.24 10.78 -6.41
N MET B 103 -7.01 10.21 -5.22
CA MET B 103 -5.74 9.56 -4.91
C MET B 103 -5.50 8.36 -5.81
N SER B 104 -6.59 7.72 -6.25
CA SER B 104 -6.51 6.56 -7.11
C SER B 104 -6.22 6.95 -8.56
N GLN B 105 -6.00 8.24 -8.79
CA GLN B 105 -5.64 8.74 -10.11
C GLN B 105 -4.20 9.20 -10.12
N VAL B 106 -3.80 9.87 -9.04
CA VAL B 106 -2.50 10.50 -8.97
C VAL B 106 -1.41 9.55 -8.46
N TYR B 107 -1.75 8.68 -7.52
CA TYR B 107 -0.75 7.78 -6.93
C TYR B 107 -0.88 6.38 -7.49
N GLY B 108 0.24 5.82 -7.93
CA GLY B 108 0.23 4.52 -8.57
C GLY B 108 1.09 3.49 -7.88
N ALA B 109 1.65 2.58 -8.69
CA ALA B 109 2.33 1.36 -8.24
C ALA B 109 3.23 1.53 -7.01
N PRO B 110 4.24 2.43 -7.03
CA PRO B 110 5.22 2.56 -5.94
C PRO B 110 4.56 2.72 -4.57
N HIS B 111 3.43 3.43 -4.53
CA HIS B 111 2.77 3.72 -3.28
C HIS B 111 1.86 2.58 -2.85
N LEU B 112 1.50 1.72 -3.80
CA LEU B 112 0.64 0.58 -3.51
C LEU B 112 1.43 -0.48 -2.74
N LEU B 113 2.72 -0.54 -3.00
CA LEU B 113 3.60 -1.48 -2.32
C LEU B 113 3.65 -1.18 -0.83
N ARG B 114 3.53 0.11 -0.49
CA ARG B 114 3.53 0.55 0.90
C ARG B 114 2.26 0.08 1.61
N LEU B 115 1.19 -0.08 0.84
CA LEU B 115 -0.12 -0.45 1.37
C LEU B 115 -0.05 -1.83 2.01
N PHE B 116 0.65 -2.74 1.34
CA PHE B 116 0.78 -4.13 1.81
C PHE B 116 1.69 -4.20 3.05
N VAL B 117 2.59 -3.25 3.17
CA VAL B 117 3.54 -3.22 4.26
C VAL B 117 2.85 -3.15 5.63
N ARG B 118 1.76 -2.39 5.70
CA ARG B 118 1.08 -2.18 6.97
C ARG B 118 -0.31 -2.79 7.00
N ILE B 119 -0.71 -3.49 5.94
CA ILE B 119 -2.04 -4.11 5.91
C ILE B 119 -2.12 -5.27 6.90
N GLY B 120 -1.04 -6.03 7.00
CA GLY B 120 -1.01 -7.18 7.90
C GLY B 120 -1.09 -6.78 9.36
N ALA B 121 -0.45 -5.68 9.70
CA ALA B 121 -0.44 -5.20 11.07
C ALA B 121 -1.78 -4.57 11.43
N MET B 122 -2.49 -4.06 10.43
CA MET B 122 -3.80 -3.51 10.65
C MET B 122 -4.81 -4.63 10.87
N LEU B 123 -4.56 -5.76 10.19
CA LEU B 123 -5.34 -6.97 10.38
C LEU B 123 -5.20 -7.46 11.83
N ALA B 124 -4.06 -7.16 12.43
CA ALA B 124 -3.77 -7.58 13.80
C ALA B 124 -4.73 -6.93 14.79
N TYR B 125 -5.32 -5.80 14.39
CA TYR B 125 -6.28 -5.10 15.24
C TYR B 125 -7.71 -5.34 14.76
N THR B 126 -7.85 -6.10 13.68
CA THR B 126 -9.16 -6.32 13.07
C THR B 126 -9.74 -7.68 13.49
N PRO B 127 -10.94 -7.67 14.10
CA PRO B 127 -11.64 -8.90 14.50
C PRO B 127 -12.12 -9.70 13.31
N LEU B 128 -11.34 -10.72 12.94
CA LEU B 128 -11.64 -11.55 11.78
C LEU B 128 -11.62 -13.02 12.13
N ASP B 129 -12.18 -13.83 11.25
CA ASP B 129 -12.08 -15.29 11.36
C ASP B 129 -10.74 -15.73 10.80
N GLU B 130 -10.18 -16.79 11.34
CA GLU B 130 -8.91 -17.31 10.85
C GLU B 130 -9.02 -17.72 9.39
N LYS B 131 -10.20 -18.21 9.00
CA LYS B 131 -10.42 -18.66 7.63
C LYS B 131 -10.67 -17.48 6.71
N SER B 132 -11.33 -16.44 7.22
CA SER B 132 -11.53 -15.21 6.45
C SER B 132 -10.19 -14.53 6.23
N LEU B 133 -9.35 -14.58 7.26
CA LEU B 133 -8.00 -14.06 7.18
C LEU B 133 -7.18 -14.79 6.14
N ALA B 134 -7.24 -16.11 6.18
CA ALA B 134 -6.56 -16.95 5.20
C ALA B 134 -7.01 -16.60 3.78
N LEU B 135 -8.27 -16.21 3.66
CA LEU B 135 -8.80 -15.72 2.38
C LEU B 135 -8.01 -14.48 1.93
N LEU B 136 -7.95 -13.47 2.80
CA LEU B 136 -7.15 -12.27 2.54
C LEU B 136 -5.70 -12.63 2.24
N LEU B 137 -5.09 -13.42 3.14
CA LEU B 137 -3.72 -13.88 2.97
C LEU B 137 -3.49 -14.50 1.60
N ASN B 138 -4.44 -15.32 1.14
CA ASN B 138 -4.31 -15.95 -0.17
C ASN B 138 -4.18 -14.89 -1.25
N TYR B 139 -5.08 -13.91 -1.24
CA TYR B 139 -5.04 -12.84 -2.24
C TYR B 139 -3.79 -11.98 -2.08
N LEU B 140 -3.50 -11.60 -0.83
CA LEU B 140 -2.37 -10.73 -0.55
C LEU B 140 -1.04 -11.35 -0.98
N HIS B 141 -0.84 -12.62 -0.64
CA HIS B 141 0.40 -13.31 -0.98
C HIS B 141 0.50 -13.54 -2.47
N ASP B 142 -0.64 -13.80 -3.11
CA ASP B 142 -0.68 -13.97 -4.56
C ASP B 142 -0.35 -12.66 -5.25
N PHE B 143 -0.91 -11.57 -4.73
CA PHE B 143 -0.65 -10.24 -5.24
C PHE B 143 0.84 -9.91 -5.09
N LEU B 144 1.38 -10.24 -3.92
CA LEU B 144 2.80 -10.04 -3.66
C LEU B 144 3.67 -10.82 -4.63
N LYS B 145 3.23 -12.02 -4.98
CA LYS B 145 3.95 -12.85 -5.96
C LYS B 145 3.92 -12.21 -7.33
N TYR B 146 2.78 -11.64 -7.70
CA TYR B 146 2.66 -10.91 -8.95
C TYR B 146 3.65 -9.75 -8.98
N LEU B 147 3.64 -8.97 -7.90
CA LEU B 147 4.52 -7.81 -7.77
C LEU B 147 5.98 -8.22 -7.79
N ALA B 148 6.31 -9.28 -7.06
CA ALA B 148 7.68 -9.77 -6.98
C ALA B 148 8.19 -10.25 -8.33
N LYS B 149 7.29 -10.82 -9.12
CA LYS B 149 7.64 -11.34 -10.43
C LYS B 149 8.03 -10.21 -11.40
N ASN B 150 7.18 -9.20 -11.50
CA ASN B 150 7.41 -8.12 -12.46
C ASN B 150 8.02 -6.90 -11.77
N SER B 151 8.57 -7.13 -10.58
CA SER B 151 9.10 -6.06 -9.73
C SER B 151 10.03 -5.13 -10.49
N ALA B 152 11.03 -5.71 -11.15
CA ALA B 152 12.05 -4.93 -11.85
C ALA B 152 11.46 -4.06 -12.95
N THR B 153 10.33 -4.50 -13.51
CA THR B 153 9.71 -3.78 -14.60
C THR B 153 8.58 -2.88 -14.12
N LEU B 154 8.21 -3.02 -12.85
CA LEU B 154 7.07 -2.28 -12.31
C LEU B 154 7.55 -1.20 -11.35
N PHE B 155 8.32 -1.58 -10.36
CA PHE B 155 8.80 -0.64 -9.36
C PHE B 155 10.08 0.02 -9.84
N SER B 156 9.95 1.24 -10.33
CA SER B 156 11.09 1.98 -10.85
C SER B 156 11.32 3.25 -10.02
N ALA B 157 12.58 3.57 -9.78
CA ALA B 157 12.94 4.73 -9.00
C ALA B 157 13.29 5.91 -9.90
N SER B 158 13.17 5.69 -11.21
CA SER B 158 13.48 6.71 -12.20
C SER B 158 12.49 7.87 -12.10
N ASP B 159 11.34 7.60 -11.48
CA ASP B 159 10.31 8.61 -11.29
C ASP B 159 10.74 9.64 -10.26
N TYR B 160 11.55 9.21 -9.30
CA TYR B 160 11.99 10.08 -8.22
C TYR B 160 13.12 10.98 -8.69
N GLU B 161 12.91 12.29 -8.58
CA GLU B 161 13.89 13.26 -9.03
C GLU B 161 14.23 14.23 -7.90
N VAL B 162 15.34 14.92 -8.04
CA VAL B 162 15.77 15.89 -7.03
C VAL B 162 14.84 17.10 -7.04
N ALA B 163 14.05 17.23 -5.98
CA ALA B 163 13.18 18.39 -5.82
C ALA B 163 14.03 19.62 -5.53
N PRO B 164 13.60 20.81 -6.03
CA PRO B 164 14.33 22.07 -5.83
C PRO B 164 14.70 22.32 -4.37
N PRO B 165 15.94 22.76 -4.12
CA PRO B 165 16.47 22.97 -2.76
C PRO B 165 15.61 23.90 -1.90
N GLU B 166 15.08 24.94 -2.53
CA GLU B 166 14.25 25.91 -1.83
C GLU B 166 12.94 25.26 -1.34
N TYR B 167 12.53 24.20 -2.02
CA TYR B 167 11.32 23.49 -1.64
C TYR B 167 11.58 22.63 -0.41
N HIS B 168 12.82 22.16 -0.29
CA HIS B 168 13.23 21.32 0.83
C HIS B 168 13.08 22.05 2.15
N ARG B 169 13.32 23.36 2.11
CA ARG B 169 13.36 24.18 3.32
C ARG B 169 11.97 24.43 3.89
N LYS B 170 10.94 24.05 3.14
CA LYS B 170 9.57 24.16 3.62
C LYS B 170 9.10 22.84 4.20
N ALA B 171 9.95 21.84 4.12
CA ALA B 171 9.67 20.53 4.68
C ALA B 171 10.63 20.23 5.82
N VAL B 172 11.91 20.52 5.61
CA VAL B 172 12.93 20.35 6.62
C VAL B 172 13.65 21.67 6.84
N ASP A 1 -17.41 -28.27 -4.24
CA ASP A 1 -18.01 -27.21 -3.40
C ASP A 1 -17.03 -26.79 -2.30
N TYR A 2 -16.80 -25.49 -2.19
CA TYR A 2 -15.91 -24.96 -1.18
C TYR A 2 -16.29 -23.52 -0.87
N VAL A 3 -17.03 -23.34 0.22
CA VAL A 3 -17.48 -22.01 0.60
C VAL A 3 -16.39 -21.27 1.36
N GLN A 4 -15.86 -20.23 0.75
CA GLN A 4 -14.86 -19.39 1.39
C GLN A 4 -15.52 -18.09 1.86
N PRO A 5 -14.98 -17.46 2.92
CA PRO A 5 -15.55 -16.23 3.49
C PRO A 5 -15.58 -15.08 2.50
N GLN A 6 -16.34 -14.04 2.82
CA GLN A 6 -16.47 -12.90 1.94
C GLN A 6 -15.49 -11.80 2.31
N LEU A 7 -15.06 -11.05 1.32
CA LEU A 7 -14.13 -9.95 1.53
C LEU A 7 -14.88 -8.69 1.94
N ARG A 8 -16.17 -8.62 1.61
CA ARG A 8 -16.97 -7.41 1.81
C ARG A 8 -16.83 -6.86 3.23
N ARG A 9 -17.31 -7.62 4.22
CA ARG A 9 -17.23 -7.19 5.61
C ARG A 9 -15.79 -6.89 6.04
N PRO A 10 -14.85 -7.84 5.90
CA PRO A 10 -13.44 -7.61 6.28
C PRO A 10 -12.88 -6.31 5.74
N PHE A 11 -13.18 -5.98 4.48
CA PHE A 11 -12.69 -4.74 3.89
C PHE A 11 -13.39 -3.52 4.50
N GLU A 12 -14.70 -3.62 4.70
CA GLU A 12 -15.44 -2.53 5.35
C GLU A 12 -14.92 -2.32 6.77
N LEU A 13 -14.67 -3.44 7.45
CA LEU A 13 -14.11 -3.41 8.79
C LEU A 13 -12.70 -2.82 8.78
N LEU A 14 -11.94 -3.16 7.74
CA LEU A 14 -10.58 -2.68 7.59
C LEU A 14 -10.58 -1.18 7.31
N ILE A 15 -11.52 -0.71 6.50
CA ILE A 15 -11.67 0.71 6.25
C ILE A 15 -12.07 1.43 7.53
N ALA A 16 -12.95 0.81 8.31
CA ALA A 16 -13.37 1.37 9.58
C ALA A 16 -12.19 1.51 10.53
N ALA A 17 -11.26 0.57 10.43
CA ALA A 17 -10.01 0.65 11.19
C ALA A 17 -9.14 1.76 10.64
N ALA A 18 -9.11 1.87 9.31
CA ALA A 18 -8.33 2.91 8.64
C ALA A 18 -8.85 4.30 9.00
N MET A 19 -10.09 4.38 9.44
CA MET A 19 -10.67 5.65 9.88
C MET A 19 -10.13 6.04 11.25
N GLU A 20 -9.31 5.18 11.84
CA GLU A 20 -8.74 5.42 13.16
C GLU A 20 -7.27 5.85 13.07
N ARG A 21 -6.87 6.33 11.90
CA ARG A 21 -5.50 6.84 11.69
C ARG A 21 -5.14 7.96 12.64
N ASN A 22 -4.51 7.62 13.75
CA ASN A 22 -3.77 8.60 14.51
C ASN A 22 -2.39 8.66 13.89
N PRO A 23 -2.15 9.70 13.08
CA PRO A 23 -1.11 9.70 12.08
C PRO A 23 0.24 10.09 12.61
N THR A 24 1.23 9.27 12.29
CA THR A 24 2.61 9.58 12.63
C THR A 24 3.46 9.75 11.36
N GLN A 25 4.00 8.64 10.87
CA GLN A 25 4.83 8.65 9.67
C GLN A 25 5.08 7.22 9.22
N PHE A 26 5.17 7.01 7.91
CA PHE A 26 5.48 5.70 7.35
C PHE A 26 6.85 5.22 7.82
N GLN A 27 6.86 4.16 8.61
CA GLN A 27 8.09 3.54 9.05
C GLN A 27 8.13 2.09 8.59
N LEU A 28 9.33 1.63 8.22
CA LEU A 28 9.50 0.30 7.66
C LEU A 28 9.99 -0.68 8.71
N PRO A 29 9.67 -1.98 8.54
CA PRO A 29 10.11 -3.05 9.43
C PRO A 29 11.63 -3.07 9.66
N ASN A 30 12.03 -3.79 10.70
CA ASN A 30 13.42 -3.82 11.15
C ASN A 30 14.36 -4.35 10.08
N GLU A 31 14.05 -5.54 9.55
CA GLU A 31 14.95 -6.20 8.59
C GLU A 31 15.03 -5.43 7.27
N LEU A 32 14.13 -4.47 7.10
CA LEU A 32 14.17 -3.61 5.93
C LEU A 32 15.09 -2.42 6.18
N THR A 33 14.97 -1.82 7.35
CA THR A 33 15.78 -0.67 7.70
C THR A 33 15.57 -0.27 9.16
N CYS A 34 14.32 -0.42 9.63
CA CYS A 34 13.95 -0.03 11.01
C CYS A 34 13.94 1.49 11.19
N THR A 35 14.51 2.21 10.21
CA THR A 35 14.66 3.66 10.27
C THR A 35 15.37 4.08 11.55
N THR A 36 15.19 5.32 11.98
CA THR A 36 15.72 5.76 13.25
C THR A 36 14.85 5.23 14.40
N ALA A 37 13.58 4.98 14.08
CA ALA A 37 12.60 4.43 15.02
C ALA A 37 12.39 5.35 16.21
N LEU A 38 12.83 6.60 16.07
CA LEU A 38 12.78 7.60 17.14
C LEU A 38 13.74 7.25 18.28
N PRO A 39 14.27 8.28 18.97
CA PRO A 39 15.13 8.07 20.13
C PRO A 39 14.36 7.48 21.30
N GLY A 40 14.24 6.16 21.31
CA GLY A 40 13.51 5.49 22.36
C GLY A 40 13.98 4.06 22.57
N SER A 41 13.84 3.60 23.81
CA SER A 41 14.21 2.24 24.20
C SER A 41 15.67 1.94 23.87
N SER A 42 16.57 2.38 24.72
CA SER A 42 17.99 2.12 24.55
C SER A 42 18.49 1.20 25.66
N SER B 1 -10.41 -11.46 21.80
CA SER B 1 -9.13 -11.35 21.09
C SER B 1 -9.35 -10.96 19.62
N ASN B 2 -8.37 -10.30 19.02
CA ASN B 2 -8.47 -9.91 17.62
C ASN B 2 -7.73 -10.92 16.75
N ALA B 3 -7.58 -10.59 15.47
CA ALA B 3 -6.89 -11.47 14.55
C ALA B 3 -5.63 -10.81 14.01
N GLU B 4 -4.49 -11.23 14.51
CA GLU B 4 -3.21 -10.70 14.05
C GLU B 4 -2.83 -11.31 12.71
N VAL B 5 -2.76 -10.48 11.69
CA VAL B 5 -2.31 -10.92 10.39
C VAL B 5 -0.79 -10.85 10.31
N LYS B 6 -0.15 -11.99 10.11
CA LYS B 6 1.30 -12.03 10.01
C LYS B 6 1.72 -11.83 8.56
N VAL B 7 1.71 -10.58 8.13
CA VAL B 7 2.07 -10.25 6.76
C VAL B 7 3.58 -10.29 6.58
N LYS B 8 4.07 -11.42 6.10
CA LYS B 8 5.47 -11.58 5.79
C LYS B 8 5.82 -10.81 4.52
N ILE B 9 6.81 -9.93 4.62
CA ILE B 9 7.23 -9.12 3.49
C ILE B 9 8.16 -9.92 2.58
N PRO B 10 7.76 -10.12 1.32
CA PRO B 10 8.58 -10.83 0.33
C PRO B 10 9.92 -10.16 0.10
N GLU B 11 10.99 -10.93 0.25
CA GLU B 11 12.35 -10.40 0.12
C GLU B 11 12.62 -9.96 -1.31
N GLU B 12 11.78 -10.38 -2.25
CA GLU B 12 11.87 -9.89 -3.63
C GLU B 12 11.65 -8.38 -3.68
N LEU B 13 10.81 -7.88 -2.78
CA LEU B 13 10.46 -6.46 -2.78
C LEU B 13 11.10 -5.71 -1.62
N LYS B 14 11.65 -6.44 -0.66
CA LYS B 14 12.28 -5.82 0.51
C LYS B 14 13.35 -4.78 0.11
N PRO B 15 14.30 -5.12 -0.80
CA PRO B 15 15.31 -4.16 -1.27
C PRO B 15 14.69 -2.92 -1.93
N TRP B 16 13.48 -3.07 -2.47
CA TRP B 16 12.79 -1.94 -3.08
C TRP B 16 12.34 -0.97 -2.00
N LEU B 17 11.76 -1.49 -0.92
CA LEU B 17 11.36 -0.65 0.20
C LEU B 17 12.57 0.10 0.74
N VAL B 18 13.70 -0.59 0.84
CA VAL B 18 14.95 0.03 1.30
C VAL B 18 15.37 1.14 0.35
N ASP B 19 15.25 0.86 -0.95
CA ASP B 19 15.66 1.81 -1.98
C ASP B 19 14.73 3.03 -1.97
N ASP B 20 13.43 2.77 -1.91
CA ASP B 20 12.41 3.81 -1.84
C ASP B 20 12.64 4.71 -0.62
N TRP B 21 12.80 4.08 0.54
CA TRP B 21 13.08 4.80 1.77
C TRP B 21 14.34 5.64 1.63
N ASP B 22 15.38 5.06 1.04
CA ASP B 22 16.64 5.76 0.83
C ASP B 22 16.45 6.93 -0.15
N LEU B 23 15.65 6.70 -1.18
CA LEU B 23 15.36 7.75 -2.17
C LEU B 23 14.76 8.98 -1.51
N ILE B 24 13.79 8.77 -0.64
CA ILE B 24 13.08 9.87 0.01
C ILE B 24 13.91 10.49 1.13
N THR B 25 14.41 9.67 2.04
CA THR B 25 15.06 10.18 3.25
C THR B 25 16.51 10.59 2.98
N ARG B 26 17.25 9.77 2.25
CA ARG B 26 18.67 10.00 2.03
C ARG B 26 18.91 10.82 0.77
N GLN B 27 18.39 10.35 -0.36
CA GLN B 27 18.66 10.96 -1.65
C GLN B 27 17.90 12.28 -1.83
N LYS B 28 16.81 12.43 -1.07
CA LYS B 28 16.00 13.65 -1.10
C LYS B 28 15.34 13.81 -2.46
N GLN B 29 14.99 12.69 -3.08
CA GLN B 29 14.35 12.69 -4.38
C GLN B 29 12.83 12.60 -4.22
N LEU B 30 12.10 13.16 -5.17
CA LEU B 30 10.65 13.15 -5.12
C LEU B 30 10.09 12.37 -6.31
N PHE B 31 8.88 11.86 -6.16
CA PHE B 31 8.25 11.04 -7.18
C PHE B 31 7.43 11.90 -8.13
N TYR B 32 7.51 11.61 -9.42
CA TYR B 32 6.65 12.27 -10.40
C TYR B 32 5.21 11.83 -10.19
N LEU B 33 4.33 12.79 -9.96
CA LEU B 33 2.94 12.51 -9.63
C LEU B 33 2.24 11.66 -10.70
N PRO B 34 2.25 12.09 -12.00
CA PRO B 34 1.56 11.34 -13.06
C PRO B 34 1.82 9.84 -13.00
N ALA B 35 0.78 9.10 -12.63
CA ALA B 35 0.93 7.68 -12.39
C ALA B 35 0.61 6.89 -13.65
N LYS B 36 1.63 6.26 -14.21
CA LYS B 36 1.47 5.42 -15.39
C LYS B 36 0.73 4.13 -15.03
N LYS B 37 0.84 3.75 -13.77
CA LYS B 37 0.18 2.55 -13.27
C LYS B 37 -0.38 2.83 -11.88
N ASN B 38 -1.63 3.26 -11.84
CA ASN B 38 -2.27 3.60 -10.57
C ASN B 38 -2.98 2.40 -9.97
N VAL B 39 -3.55 2.58 -8.79
CA VAL B 39 -4.21 1.51 -8.07
C VAL B 39 -5.34 0.88 -8.89
N ASP B 40 -6.11 1.73 -9.56
CA ASP B 40 -7.22 1.27 -10.39
C ASP B 40 -6.75 0.30 -11.46
N SER B 41 -5.70 0.70 -12.17
CA SER B 41 -5.12 -0.11 -13.23
C SER B 41 -4.63 -1.44 -12.69
N ILE B 42 -3.93 -1.40 -11.56
CA ILE B 42 -3.37 -2.60 -10.96
C ILE B 42 -4.47 -3.55 -10.49
N LEU B 43 -5.49 -2.99 -9.84
CA LEU B 43 -6.60 -3.79 -9.34
C LEU B 43 -7.29 -4.57 -10.44
N GLU B 44 -7.69 -3.87 -11.49
CA GLU B 44 -8.42 -4.52 -12.58
C GLU B 44 -7.48 -5.45 -13.35
N ASP B 45 -6.21 -5.06 -13.44
CA ASP B 45 -5.20 -5.88 -14.12
C ASP B 45 -5.06 -7.21 -13.41
N TYR B 46 -4.97 -7.17 -12.08
CA TYR B 46 -4.87 -8.38 -11.28
C TYR B 46 -6.19 -9.17 -11.33
N ALA B 47 -7.31 -8.46 -11.25
CA ALA B 47 -8.62 -9.10 -11.29
C ALA B 47 -8.80 -9.90 -12.57
N ASN B 48 -8.51 -9.27 -13.71
CA ASN B 48 -8.64 -9.93 -15.00
C ASN B 48 -7.62 -11.06 -15.12
N TYR B 49 -6.43 -10.85 -14.56
CA TYR B 49 -5.38 -11.86 -14.56
C TYR B 49 -5.87 -13.14 -13.87
N ARG B 50 -6.47 -12.98 -12.70
CA ARG B 50 -6.98 -14.12 -11.94
C ARG B 50 -8.19 -14.76 -12.60
N LYS B 51 -8.94 -13.98 -13.38
CA LYS B 51 -10.10 -14.52 -14.09
C LYS B 51 -9.68 -15.27 -15.35
N SER B 52 -8.62 -14.81 -15.97
CA SER B 52 -8.13 -15.40 -17.21
C SER B 52 -7.37 -16.69 -16.94
N ARG B 53 -6.58 -16.68 -15.88
CA ARG B 53 -5.82 -17.86 -15.49
C ARG B 53 -6.54 -18.58 -14.35
N GLY B 54 -7.86 -18.48 -14.35
CA GLY B 54 -8.66 -19.12 -13.33
C GLY B 54 -10.13 -18.83 -13.52
N ASN B 55 -10.75 -19.51 -14.48
CA ASN B 55 -12.16 -19.30 -14.80
C ASN B 55 -13.04 -19.90 -13.72
N THR B 56 -13.29 -19.14 -12.68
CA THR B 56 -14.16 -19.57 -11.60
C THR B 56 -15.17 -18.48 -11.26
N ASP B 57 -16.45 -18.82 -11.40
CA ASP B 57 -17.54 -17.88 -11.15
C ASP B 57 -17.47 -17.34 -9.73
N ASN B 58 -17.19 -18.23 -8.79
CA ASN B 58 -17.13 -17.89 -7.37
C ASN B 58 -15.99 -16.94 -7.08
N LYS B 59 -14.92 -17.02 -7.87
CA LYS B 59 -13.75 -16.18 -7.65
C LYS B 59 -14.02 -14.75 -8.08
N GLU B 60 -14.95 -14.58 -9.02
CA GLU B 60 -15.33 -13.24 -9.47
C GLU B 60 -15.92 -12.44 -8.31
N TYR B 61 -16.69 -13.12 -7.47
CA TYR B 61 -17.32 -12.49 -6.31
C TYR B 61 -16.26 -11.96 -5.36
N ALA B 62 -15.21 -12.75 -5.17
CA ALA B 62 -14.15 -12.40 -4.23
C ALA B 62 -13.29 -11.28 -4.78
N VAL B 63 -12.88 -11.38 -6.04
CA VAL B 63 -12.02 -10.36 -6.63
C VAL B 63 -12.77 -9.03 -6.76
N ASN B 64 -14.09 -9.12 -6.90
CA ASN B 64 -14.93 -7.92 -6.91
C ASN B 64 -14.84 -7.23 -5.55
N GLU B 65 -15.02 -8.01 -4.49
CA GLU B 65 -14.93 -7.49 -3.13
C GLU B 65 -13.53 -6.96 -2.85
N VAL B 66 -12.50 -7.67 -3.34
CA VAL B 66 -11.12 -7.25 -3.14
C VAL B 66 -10.84 -5.90 -3.80
N VAL B 67 -11.17 -5.78 -5.08
CA VAL B 67 -10.92 -4.54 -5.82
C VAL B 67 -11.63 -3.36 -5.18
N ALA B 68 -12.91 -3.53 -4.87
CA ALA B 68 -13.69 -2.48 -4.22
C ALA B 68 -13.06 -2.10 -2.88
N GLY B 69 -12.73 -3.12 -2.09
CA GLY B 69 -12.14 -2.91 -0.79
C GLY B 69 -10.80 -2.21 -0.86
N ILE B 70 -9.87 -2.78 -1.63
CA ILE B 70 -8.53 -2.22 -1.76
C ILE B 70 -8.59 -0.76 -2.23
N LYS B 71 -9.43 -0.50 -3.21
CA LYS B 71 -9.57 0.84 -3.77
C LYS B 71 -9.97 1.85 -2.69
N GLU B 72 -11.05 1.55 -1.98
CA GLU B 72 -11.52 2.46 -0.93
C GLU B 72 -10.56 2.49 0.26
N TYR B 73 -10.03 1.32 0.60
CA TYR B 73 -9.10 1.21 1.73
C TYR B 73 -7.82 1.99 1.45
N PHE B 74 -7.31 1.89 0.23
CA PHE B 74 -6.11 2.63 -0.14
C PHE B 74 -6.38 4.13 -0.08
N ASN B 75 -7.50 4.55 -0.66
CA ASN B 75 -7.83 5.97 -0.73
C ASN B 75 -8.03 6.57 0.67
N VAL B 76 -8.56 5.77 1.60
CA VAL B 76 -8.79 6.25 2.95
C VAL B 76 -7.52 6.14 3.81
N MET B 77 -6.67 5.16 3.49
CA MET B 77 -5.46 4.90 4.27
C MET B 77 -4.28 5.75 3.78
N LEU B 78 -4.32 6.13 2.51
CA LEU B 78 -3.25 6.92 1.91
C LEU B 78 -3.10 8.25 2.65
N GLY B 79 -1.86 8.57 2.99
CA GLY B 79 -1.60 9.79 3.71
C GLY B 79 -1.27 9.52 5.16
N THR B 80 -0.24 10.20 5.66
CA THR B 80 0.20 10.15 7.07
C THR B 80 0.83 8.80 7.43
N GLN B 81 0.25 7.72 6.92
CA GLN B 81 0.70 6.37 7.23
C GLN B 81 1.50 5.77 6.09
N LEU B 82 1.16 6.16 4.86
CA LEU B 82 1.83 5.61 3.69
C LEU B 82 2.78 6.63 3.08
N LEU B 83 2.90 7.77 3.73
CA LEU B 83 3.70 8.86 3.20
C LEU B 83 4.77 9.26 4.20
N TYR B 84 5.96 9.53 3.69
CA TYR B 84 7.01 10.10 4.52
C TYR B 84 6.70 11.57 4.75
N LYS B 85 7.47 12.22 5.59
CA LYS B 85 7.25 13.64 5.84
C LYS B 85 7.81 14.50 4.70
N PHE B 86 8.71 13.91 3.92
CA PHE B 86 9.36 14.63 2.83
C PHE B 86 8.40 14.88 1.66
N GLU B 87 7.47 13.95 1.46
CA GLU B 87 6.56 14.04 0.32
C GLU B 87 5.24 14.72 0.71
N ARG B 88 5.18 15.19 1.95
CA ARG B 88 3.99 15.86 2.46
C ARG B 88 3.61 17.09 1.63
N PRO B 89 4.58 18.01 1.32
CA PRO B 89 4.30 19.19 0.49
C PRO B 89 3.64 18.83 -0.84
N GLN B 90 4.09 17.74 -1.47
CA GLN B 90 3.52 17.30 -2.74
C GLN B 90 2.09 16.82 -2.54
N TYR B 91 1.89 15.98 -1.53
CA TYR B 91 0.57 15.48 -1.16
C TYR B 91 -0.39 16.64 -0.88
N ALA B 92 0.07 17.58 -0.06
CA ALA B 92 -0.72 18.75 0.28
C ALA B 92 -1.06 19.58 -0.95
N GLU B 93 -0.10 19.70 -1.86
CA GLU B 93 -0.30 20.45 -3.08
C GLU B 93 -1.37 19.80 -3.93
N ILE B 94 -1.35 18.48 -4.02
CA ILE B 94 -2.36 17.75 -4.77
C ILE B 94 -3.75 18.04 -4.22
N LEU B 95 -3.89 17.97 -2.90
CA LEU B 95 -5.18 18.23 -2.25
C LEU B 95 -5.66 19.65 -2.50
N ALA B 96 -4.74 20.59 -2.45
CA ALA B 96 -5.07 22.00 -2.63
C ALA B 96 -5.34 22.34 -4.09
N ASP B 97 -4.46 21.90 -4.97
CA ASP B 97 -4.51 22.29 -6.38
C ASP B 97 -5.51 21.43 -7.16
N HIS B 98 -5.66 20.17 -6.74
CA HIS B 98 -6.61 19.25 -7.37
C HIS B 98 -7.40 18.52 -6.29
N PRO B 99 -8.36 19.20 -5.63
CA PRO B 99 -9.13 18.61 -4.52
C PRO B 99 -10.07 17.50 -4.97
N ASP B 100 -10.29 17.42 -6.27
CA ASP B 100 -11.23 16.45 -6.83
C ASP B 100 -10.51 15.19 -7.28
N ALA B 101 -9.19 15.19 -7.17
CA ALA B 101 -8.38 14.05 -7.58
C ALA B 101 -8.28 13.04 -6.45
N PRO B 102 -8.78 11.81 -6.66
CA PRO B 102 -8.70 10.75 -5.65
C PRO B 102 -7.27 10.21 -5.50
N MET B 103 -6.93 9.80 -4.29
CA MET B 103 -5.60 9.29 -3.99
C MET B 103 -5.34 8.00 -4.75
N SER B 104 -6.40 7.29 -5.09
CA SER B 104 -6.31 6.04 -5.83
C SER B 104 -5.95 6.29 -7.30
N GLN B 105 -5.99 7.55 -7.71
CA GLN B 105 -5.67 7.94 -9.08
C GLN B 105 -4.27 8.52 -9.17
N VAL B 106 -4.03 9.53 -8.35
CA VAL B 106 -2.77 10.26 -8.36
C VAL B 106 -1.61 9.43 -7.83
N TYR B 107 -1.92 8.36 -7.10
CA TYR B 107 -0.88 7.51 -6.54
C TYR B 107 -0.97 6.10 -7.09
N GLY B 108 0.17 5.57 -7.55
CA GLY B 108 0.19 4.26 -8.16
C GLY B 108 0.99 3.23 -7.38
N ALA B 109 1.56 2.28 -8.12
CA ALA B 109 2.24 1.10 -7.57
C ALA B 109 3.19 1.41 -6.39
N PRO B 110 4.18 2.32 -6.54
CA PRO B 110 5.15 2.61 -5.48
C PRO B 110 4.48 2.95 -4.14
N HIS B 111 3.36 3.65 -4.21
CA HIS B 111 2.63 4.02 -3.00
C HIS B 111 1.71 2.90 -2.54
N LEU B 112 1.23 2.10 -3.48
CA LEU B 112 0.32 0.99 -3.18
C LEU B 112 1.06 -0.11 -2.42
N LEU B 113 2.33 -0.32 -2.74
CA LEU B 113 3.12 -1.35 -2.07
C LEU B 113 3.32 -1.00 -0.59
N ARG B 114 3.38 0.29 -0.29
CA ARG B 114 3.54 0.76 1.07
C ARG B 114 2.31 0.41 1.90
N LEU B 115 1.17 0.31 1.24
CA LEU B 115 -0.11 -0.01 1.89
C LEU B 115 -0.02 -1.36 2.60
N PHE B 116 0.64 -2.32 1.96
CA PHE B 116 0.76 -3.66 2.52
C PHE B 116 1.71 -3.68 3.72
N VAL B 117 2.63 -2.74 3.74
CA VAL B 117 3.60 -2.65 4.83
C VAL B 117 2.92 -2.23 6.13
N ARG B 118 1.90 -1.38 6.02
CA ARG B 118 1.25 -0.82 7.20
C ARG B 118 -0.14 -1.43 7.42
N ILE B 119 -0.47 -2.46 6.65
CA ILE B 119 -1.78 -3.09 6.75
C ILE B 119 -1.80 -4.13 7.88
N GLY B 120 -0.61 -4.60 8.25
CA GLY B 120 -0.50 -5.64 9.26
C GLY B 120 -1.04 -5.19 10.60
N ALA B 121 -0.61 -4.04 11.07
CA ALA B 121 -1.05 -3.52 12.36
C ALA B 121 -2.46 -2.95 12.26
N MET B 122 -2.90 -2.65 11.05
CA MET B 122 -4.24 -2.10 10.84
C MET B 122 -5.29 -3.19 10.95
N LEU B 123 -4.99 -4.33 10.34
CA LEU B 123 -5.86 -5.51 10.44
C LEU B 123 -5.91 -6.02 11.87
N ALA B 124 -4.95 -5.61 12.69
CA ALA B 124 -4.92 -5.98 14.10
C ALA B 124 -6.06 -5.30 14.87
N TYR B 125 -6.63 -4.27 14.27
CA TYR B 125 -7.79 -3.59 14.84
C TYR B 125 -9.08 -4.13 14.23
N THR B 126 -8.95 -5.20 13.48
CA THR B 126 -10.09 -5.79 12.80
C THR B 126 -10.26 -7.26 13.21
N PRO B 127 -11.29 -7.56 14.01
CA PRO B 127 -11.59 -8.92 14.43
C PRO B 127 -12.13 -9.77 13.29
N LEU B 128 -11.25 -10.50 12.63
CA LEU B 128 -11.61 -11.32 11.49
C LEU B 128 -11.67 -12.79 11.86
N ASP B 129 -12.19 -13.60 10.95
CA ASP B 129 -12.28 -15.04 11.15
C ASP B 129 -10.96 -15.70 10.77
N GLU B 130 -10.72 -16.90 11.27
CA GLU B 130 -9.48 -17.62 11.02
C GLU B 130 -9.31 -17.93 9.53
N LYS B 131 -10.33 -18.50 8.92
CA LYS B 131 -10.29 -18.81 7.49
C LYS B 131 -10.32 -17.52 6.69
N SER B 132 -11.05 -16.54 7.18
CA SER B 132 -11.09 -15.23 6.57
C SER B 132 -9.71 -14.58 6.58
N LEU B 133 -8.98 -14.77 7.68
CA LEU B 133 -7.63 -14.22 7.80
C LEU B 133 -6.73 -14.85 6.73
N ALA B 134 -6.84 -16.17 6.59
CA ALA B 134 -6.10 -16.89 5.55
C ALA B 134 -6.52 -16.43 4.16
N LEU B 135 -7.78 -16.05 4.04
CA LEU B 135 -8.33 -15.51 2.80
C LEU B 135 -7.56 -14.26 2.37
N LEU B 136 -7.36 -13.33 3.32
CA LEU B 136 -6.55 -12.15 3.06
C LEU B 136 -5.12 -12.53 2.66
N LEU B 137 -4.47 -13.39 3.44
CA LEU B 137 -3.15 -13.88 3.10
C LEU B 137 -3.07 -14.38 1.68
N ASN B 138 -4.11 -15.09 1.24
CA ASN B 138 -4.19 -15.60 -0.12
C ASN B 138 -4.06 -14.45 -1.12
N TYR B 139 -4.97 -13.48 -1.04
CA TYR B 139 -4.98 -12.37 -2.00
C TYR B 139 -3.77 -11.46 -1.84
N LEU B 140 -3.44 -11.15 -0.59
CA LEU B 140 -2.32 -10.27 -0.30
C LEU B 140 -1.02 -10.81 -0.89
N HIS B 141 -0.68 -12.04 -0.54
CA HIS B 141 0.57 -12.63 -0.99
C HIS B 141 0.54 -12.90 -2.50
N ASP B 142 -0.65 -13.14 -3.04
CA ASP B 142 -0.79 -13.32 -4.48
C ASP B 142 -0.56 -12.00 -5.19
N PHE B 143 -1.09 -10.93 -4.60
CA PHE B 143 -0.87 -9.58 -5.10
C PHE B 143 0.62 -9.24 -5.04
N LEU B 144 1.24 -9.55 -3.90
CA LEU B 144 2.67 -9.32 -3.70
C LEU B 144 3.51 -10.06 -4.74
N LYS B 145 3.18 -11.32 -5.01
CA LYS B 145 3.91 -12.10 -6.02
C LYS B 145 3.81 -11.42 -7.38
N TYR B 146 2.61 -10.96 -7.72
CA TYR B 146 2.37 -10.29 -9.00
C TYR B 146 3.25 -9.04 -9.12
N LEU B 147 3.37 -8.29 -8.03
CA LEU B 147 4.19 -7.10 -7.99
C LEU B 147 5.68 -7.47 -8.05
N ALA B 148 6.06 -8.42 -7.21
CA ALA B 148 7.45 -8.83 -7.07
C ALA B 148 8.06 -9.31 -8.39
N LYS B 149 7.30 -10.10 -9.13
CA LYS B 149 7.80 -10.68 -10.37
C LYS B 149 7.95 -9.62 -11.46
N ASN B 150 7.27 -8.50 -11.31
CA ASN B 150 7.33 -7.42 -12.29
C ASN B 150 8.00 -6.19 -11.67
N SER B 151 8.76 -6.41 -10.61
CA SER B 151 9.36 -5.32 -9.85
C SER B 151 10.30 -4.46 -10.70
N ALA B 152 10.92 -5.09 -11.70
CA ALA B 152 11.88 -4.39 -12.54
C ALA B 152 11.22 -3.34 -13.43
N THR B 153 10.04 -3.67 -13.94
CA THR B 153 9.34 -2.80 -14.87
C THR B 153 8.26 -1.95 -14.18
N LEU B 154 7.73 -2.47 -13.08
CA LEU B 154 6.67 -1.79 -12.35
C LEU B 154 7.24 -0.81 -11.33
N PHE B 155 8.44 -1.10 -10.85
CA PHE B 155 9.09 -0.24 -9.86
C PHE B 155 10.44 0.25 -10.38
N SER B 156 10.44 1.42 -11.00
CA SER B 156 11.65 1.99 -11.55
C SER B 156 12.04 3.25 -10.76
N ALA B 157 13.26 3.26 -10.24
CA ALA B 157 13.75 4.36 -9.41
C ALA B 157 13.98 5.64 -10.22
N SER B 158 14.03 5.49 -11.54
CA SER B 158 14.24 6.64 -12.43
C SER B 158 12.99 7.52 -12.52
N ASP B 159 11.90 7.08 -11.90
CA ASP B 159 10.69 7.88 -11.83
C ASP B 159 10.75 8.83 -10.64
N TYR B 160 11.85 8.76 -9.91
CA TYR B 160 12.14 9.71 -8.85
C TYR B 160 13.14 10.75 -9.34
N GLU B 161 12.84 12.01 -9.10
CA GLU B 161 13.68 13.10 -9.56
C GLU B 161 14.32 13.83 -8.38
N VAL B 162 15.41 14.53 -8.65
CA VAL B 162 16.08 15.29 -7.60
C VAL B 162 15.37 16.62 -7.39
N ALA B 163 14.60 16.69 -6.31
CA ALA B 163 13.87 17.90 -5.96
C ALA B 163 14.81 19.07 -5.74
N PRO B 164 14.46 20.25 -6.28
CA PRO B 164 15.27 21.46 -6.16
C PRO B 164 15.54 21.86 -4.71
N PRO B 165 16.63 22.62 -4.48
CA PRO B 165 17.04 23.07 -3.14
C PRO B 165 15.91 23.77 -2.36
N GLU B 166 15.08 24.52 -3.05
CA GLU B 166 14.00 25.26 -2.40
C GLU B 166 12.99 24.30 -1.77
N TYR B 167 12.87 23.11 -2.34
CA TYR B 167 11.97 22.09 -1.81
C TYR B 167 12.58 21.48 -0.55
N HIS B 168 13.90 21.49 -0.50
CA HIS B 168 14.64 20.91 0.63
C HIS B 168 14.52 21.80 1.87
N ARG B 169 14.19 23.06 1.66
CA ARG B 169 14.00 23.99 2.77
C ARG B 169 12.76 23.60 3.56
N LYS B 170 11.80 23.01 2.87
CA LYS B 170 10.61 22.47 3.50
C LYS B 170 10.76 20.95 3.57
N ALA B 171 9.68 20.26 3.92
CA ALA B 171 9.66 18.80 3.94
C ALA B 171 10.56 18.22 5.04
N VAL B 172 11.03 19.10 5.93
CA VAL B 172 11.92 18.70 7.02
C VAL B 172 11.13 18.60 8.32
N ASP A 1 -24.21 -22.92 -1.20
CA ASP A 1 -24.65 -22.57 0.17
C ASP A 1 -23.46 -22.24 1.07
N TYR A 2 -22.26 -22.43 0.54
CA TYR A 2 -21.04 -22.08 1.26
C TYR A 2 -21.00 -20.58 1.50
N VAL A 3 -21.08 -20.18 2.75
CA VAL A 3 -21.03 -18.78 3.10
C VAL A 3 -19.57 -18.36 3.31
N GLN A 4 -19.05 -17.62 2.35
CA GLN A 4 -17.69 -17.13 2.45
C GLN A 4 -17.60 -16.08 3.54
N PRO A 5 -16.43 -15.93 4.17
CA PRO A 5 -16.17 -14.86 5.14
C PRO A 5 -16.40 -13.47 4.53
N GLN A 6 -16.38 -13.43 3.19
CA GLN A 6 -16.58 -12.20 2.41
C GLN A 6 -15.37 -11.29 2.54
N LEU A 7 -15.09 -10.53 1.50
CA LEU A 7 -14.05 -9.52 1.54
C LEU A 7 -14.58 -8.23 2.16
N ARG A 8 -15.86 -7.98 1.94
CA ARG A 8 -16.51 -6.78 2.43
C ARG A 8 -16.29 -6.60 3.93
N ARG A 9 -16.68 -7.60 4.72
CA ARG A 9 -16.60 -7.52 6.17
C ARG A 9 -15.19 -7.11 6.64
N PRO A 10 -14.12 -7.83 6.23
CA PRO A 10 -12.75 -7.41 6.51
C PRO A 10 -12.49 -5.96 6.10
N PHE A 11 -12.82 -5.61 4.86
CA PHE A 11 -12.57 -4.25 4.37
C PHE A 11 -13.33 -3.21 5.18
N GLU A 12 -14.57 -3.51 5.54
CA GLU A 12 -15.35 -2.66 6.45
C GLU A 12 -14.54 -2.36 7.70
N LEU A 13 -13.99 -3.41 8.28
CA LEU A 13 -13.19 -3.32 9.50
C LEU A 13 -11.91 -2.51 9.25
N LEU A 14 -11.16 -2.91 8.22
CA LEU A 14 -9.88 -2.28 7.91
C LEU A 14 -10.05 -0.79 7.60
N ILE A 15 -11.04 -0.46 6.78
CA ILE A 15 -11.27 0.93 6.41
C ILE A 15 -11.66 1.76 7.64
N ALA A 16 -12.56 1.21 8.46
CA ALA A 16 -12.98 1.90 9.68
C ALA A 16 -11.81 2.15 10.60
N ALA A 17 -10.88 1.20 10.65
CA ALA A 17 -9.68 1.33 11.45
C ALA A 17 -8.74 2.37 10.85
N ALA A 18 -8.66 2.39 9.53
CA ALA A 18 -7.82 3.34 8.81
C ALA A 18 -8.28 4.78 9.03
N MET A 19 -9.60 4.94 9.18
CA MET A 19 -10.19 6.26 9.41
C MET A 19 -9.64 6.88 10.69
N GLU A 20 -9.24 6.03 11.62
CA GLU A 20 -8.78 6.50 12.93
C GLU A 20 -7.25 6.51 13.00
N ARG A 21 -6.61 6.57 11.85
CA ARG A 21 -5.16 6.65 11.81
C ARG A 21 -4.68 8.09 11.74
N ASN A 22 -4.02 8.51 12.81
CA ASN A 22 -3.46 9.85 12.88
C ASN A 22 -2.28 9.96 11.92
N PRO A 23 -1.95 11.19 11.48
CA PRO A 23 -0.83 11.42 10.57
C PRO A 23 0.52 11.10 11.19
N THR A 24 0.86 9.82 11.22
CA THR A 24 2.15 9.37 11.73
C THR A 24 3.12 9.12 10.57
N GLN A 25 4.38 9.49 10.77
CA GLN A 25 5.40 9.32 9.73
C GLN A 25 5.59 7.83 9.43
N PHE A 26 5.32 7.45 8.20
CA PHE A 26 5.39 6.05 7.78
C PHE A 26 6.82 5.52 7.84
N GLN A 27 7.10 4.73 8.87
CA GLN A 27 8.35 4.00 8.94
C GLN A 27 8.06 2.51 9.01
N LEU A 28 8.89 1.72 8.36
CA LEU A 28 8.65 0.29 8.26
C LEU A 28 9.63 -0.47 9.17
N PRO A 29 9.29 -1.74 9.51
CA PRO A 29 10.05 -2.53 10.48
C PRO A 29 11.53 -2.64 10.14
N ASN A 30 12.34 -2.84 11.17
CA ASN A 30 13.79 -2.91 11.01
C ASN A 30 14.22 -4.18 10.27
N GLU A 31 13.30 -5.14 10.17
CA GLU A 31 13.52 -6.32 9.35
C GLU A 31 13.60 -5.93 7.87
N LEU A 32 12.92 -4.86 7.54
CA LEU A 32 12.84 -4.38 6.18
C LEU A 32 13.78 -3.20 5.97
N THR A 33 13.91 -2.35 7.00
CA THR A 33 14.86 -1.25 6.95
C THR A 33 15.65 -1.16 8.25
N CYS A 34 15.13 -0.41 9.21
CA CYS A 34 15.80 -0.16 10.48
C CYS A 34 14.96 0.73 11.38
N THR A 35 14.09 1.54 10.78
CA THR A 35 13.32 2.52 11.51
C THR A 35 12.15 1.90 12.28
N THR A 36 12.42 1.47 13.51
CA THR A 36 11.36 1.04 14.40
C THR A 36 10.93 2.19 15.29
N ALA A 37 9.80 2.03 15.98
CA ALA A 37 9.32 3.06 16.89
C ALA A 37 10.27 3.22 18.08
N LEU A 38 11.14 4.21 17.99
CA LEU A 38 12.12 4.48 19.03
C LEU A 38 11.44 5.16 20.21
N PRO A 39 11.82 4.76 21.44
CA PRO A 39 11.28 5.35 22.67
C PRO A 39 11.70 6.80 22.84
N GLY A 40 10.81 7.71 22.47
CA GLY A 40 11.09 9.12 22.57
C GLY A 40 9.83 9.95 22.53
N SER A 41 8.76 9.41 23.10
CA SER A 41 7.49 10.12 23.18
C SER A 41 7.57 11.18 24.27
N SER A 42 8.40 10.91 25.26
CA SER A 42 8.61 11.83 26.37
C SER A 42 10.10 12.02 26.60
N SER B 1 -4.08 -16.11 21.58
CA SER B 1 -5.02 -15.36 20.72
C SER B 1 -4.95 -15.89 19.28
N ASN B 2 -3.86 -15.58 18.59
CA ASN B 2 -3.61 -16.07 17.24
C ASN B 2 -2.21 -15.68 16.80
N ALA B 3 -2.08 -14.45 16.31
CA ALA B 3 -0.80 -13.90 15.90
C ALA B 3 -0.99 -12.49 15.38
N GLU B 4 -0.08 -11.60 15.73
CA GLU B 4 -0.05 -10.27 15.14
C GLU B 4 0.40 -10.41 13.68
N VAL B 5 -0.50 -10.12 12.77
CA VAL B 5 -0.36 -10.47 11.37
C VAL B 5 0.87 -9.85 10.72
N LYS B 6 1.67 -10.69 10.08
CA LYS B 6 2.83 -10.23 9.35
C LYS B 6 2.62 -10.44 7.85
N VAL B 7 2.27 -9.36 7.16
CA VAL B 7 2.17 -9.41 5.72
C VAL B 7 3.57 -9.32 5.13
N LYS B 8 4.18 -10.49 4.98
CA LYS B 8 5.56 -10.59 4.52
C LYS B 8 5.76 -9.92 3.17
N ILE B 9 6.58 -8.88 3.16
CA ILE B 9 7.00 -8.23 1.93
C ILE B 9 7.91 -9.17 1.15
N PRO B 10 7.52 -9.53 -0.09
CA PRO B 10 8.29 -10.43 -0.94
C PRO B 10 9.75 -10.00 -1.05
N GLU B 11 10.63 -10.99 -1.12
CA GLU B 11 12.07 -10.76 -1.10
C GLU B 11 12.50 -9.89 -2.27
N GLU B 12 11.83 -10.04 -3.41
CA GLU B 12 12.18 -9.28 -4.60
C GLU B 12 11.66 -7.85 -4.53
N LEU B 13 10.70 -7.61 -3.64
CA LEU B 13 10.12 -6.29 -3.49
C LEU B 13 10.88 -5.48 -2.45
N LYS B 14 11.51 -6.17 -1.51
CA LYS B 14 12.35 -5.54 -0.50
C LYS B 14 13.35 -4.54 -1.10
N PRO B 15 14.12 -4.90 -2.15
CA PRO B 15 15.04 -3.96 -2.81
C PRO B 15 14.35 -2.64 -3.18
N TRP B 16 13.21 -2.73 -3.83
CA TRP B 16 12.44 -1.55 -4.23
C TRP B 16 11.90 -0.83 -3.01
N LEU B 17 11.46 -1.62 -2.03
CA LEU B 17 10.94 -1.11 -0.78
C LEU B 17 11.99 -0.30 -0.02
N VAL B 18 13.19 -0.86 0.09
CA VAL B 18 14.29 -0.18 0.75
C VAL B 18 14.72 1.02 -0.09
N ASP B 19 14.68 0.85 -1.41
CA ASP B 19 14.99 1.95 -2.32
C ASP B 19 14.06 3.12 -2.06
N ASP B 20 12.75 2.88 -2.13
CA ASP B 20 11.75 3.93 -1.90
C ASP B 20 11.98 4.63 -0.56
N TRP B 21 12.13 3.83 0.49
CA TRP B 21 12.39 4.35 1.83
C TRP B 21 13.66 5.21 1.85
N ASP B 22 14.75 4.67 1.31
CA ASP B 22 16.04 5.35 1.35
C ASP B 22 16.04 6.59 0.46
N LEU B 23 15.36 6.50 -0.67
CA LEU B 23 15.26 7.61 -1.61
C LEU B 23 14.57 8.80 -0.95
N ILE B 24 13.51 8.54 -0.20
CA ILE B 24 12.78 9.62 0.44
C ILE B 24 13.51 10.15 1.69
N THR B 25 13.95 9.24 2.55
CA THR B 25 14.51 9.64 3.85
C THR B 25 15.96 10.11 3.75
N ARG B 26 16.82 9.27 3.18
CA ARG B 26 18.26 9.53 3.14
C ARG B 26 18.62 10.38 1.93
N GLN B 27 18.22 9.92 0.75
CA GLN B 27 18.54 10.61 -0.49
C GLN B 27 17.73 11.89 -0.62
N LYS B 28 16.54 11.86 -0.03
CA LYS B 28 15.61 12.99 -0.06
C LYS B 28 15.24 13.36 -1.50
N GLN B 29 15.09 12.34 -2.32
CA GLN B 29 14.62 12.49 -3.68
C GLN B 29 13.10 12.41 -3.68
N LEU B 30 12.46 12.94 -4.70
CA LEU B 30 11.01 13.02 -4.70
C LEU B 30 10.41 12.15 -5.79
N PHE B 31 9.27 11.56 -5.47
CA PHE B 31 8.56 10.68 -6.39
C PHE B 31 7.66 11.49 -7.32
N TYR B 32 7.64 11.10 -8.58
CA TYR B 32 6.69 11.65 -9.54
C TYR B 32 5.31 11.14 -9.19
N LEU B 33 4.54 11.94 -8.47
CA LEU B 33 3.25 11.49 -7.93
C LEU B 33 2.33 10.96 -9.03
N PRO B 34 2.14 11.67 -10.16
CA PRO B 34 1.45 11.08 -11.29
C PRO B 34 2.15 9.80 -11.73
N ALA B 35 1.53 8.67 -11.42
CA ALA B 35 2.17 7.38 -11.59
C ALA B 35 1.84 6.75 -12.94
N LYS B 36 2.86 6.17 -13.55
CA LYS B 36 2.70 5.43 -14.80
C LYS B 36 1.66 4.33 -14.66
N LYS B 37 1.65 3.69 -13.51
CA LYS B 37 0.67 2.65 -13.20
C LYS B 37 -0.19 3.10 -12.03
N ASN B 38 -1.42 3.48 -12.35
CA ASN B 38 -2.36 3.98 -11.34
C ASN B 38 -2.85 2.83 -10.47
N VAL B 39 -3.25 3.13 -9.23
CA VAL B 39 -3.80 2.11 -8.33
C VAL B 39 -5.05 1.48 -8.96
N ASP B 40 -5.91 2.33 -9.51
CA ASP B 40 -7.14 1.88 -10.15
C ASP B 40 -6.81 1.01 -11.37
N SER B 41 -5.73 1.37 -12.05
CA SER B 41 -5.25 0.62 -13.20
C SER B 41 -4.83 -0.78 -12.79
N ILE B 42 -4.12 -0.88 -11.66
CA ILE B 42 -3.70 -2.16 -11.12
C ILE B 42 -4.90 -3.02 -10.78
N LEU B 43 -5.95 -2.39 -10.26
CA LEU B 43 -7.20 -3.08 -9.94
C LEU B 43 -7.75 -3.77 -11.18
N GLU B 44 -7.92 -3.00 -12.26
CA GLU B 44 -8.46 -3.52 -13.50
C GLU B 44 -7.66 -4.70 -14.01
N ASP B 45 -6.35 -4.53 -14.09
CA ASP B 45 -5.47 -5.56 -14.65
C ASP B 45 -5.54 -6.83 -13.79
N TYR B 46 -5.43 -6.66 -12.48
CA TYR B 46 -5.45 -7.79 -11.56
C TYR B 46 -6.77 -8.53 -11.61
N ALA B 47 -7.87 -7.79 -11.63
CA ALA B 47 -9.20 -8.39 -11.65
C ALA B 47 -9.40 -9.23 -12.90
N ASN B 48 -9.00 -8.69 -14.04
CA ASN B 48 -9.19 -9.37 -15.32
C ASN B 48 -8.13 -10.45 -15.52
N TYR B 49 -7.03 -10.36 -14.77
CA TYR B 49 -5.94 -11.30 -14.90
C TYR B 49 -6.37 -12.71 -14.52
N ARG B 50 -6.90 -12.87 -13.31
CA ARG B 50 -7.25 -14.19 -12.79
C ARG B 50 -8.45 -14.77 -13.54
N LYS B 51 -9.18 -13.92 -14.27
CA LYS B 51 -10.33 -14.37 -15.04
C LYS B 51 -9.87 -15.02 -16.34
N SER B 52 -8.61 -14.79 -16.68
CA SER B 52 -8.02 -15.43 -17.85
C SER B 52 -7.04 -16.51 -17.40
N ARG B 53 -6.28 -16.20 -16.35
CA ARG B 53 -5.33 -17.14 -15.78
C ARG B 53 -6.08 -18.21 -14.99
N GLY B 54 -6.57 -19.23 -15.68
CA GLY B 54 -7.30 -20.30 -15.04
C GLY B 54 -8.80 -20.14 -15.18
N ASN B 55 -9.41 -19.48 -14.19
CA ASN B 55 -10.86 -19.29 -14.15
C ASN B 55 -11.60 -20.62 -14.29
N THR B 56 -11.57 -21.41 -13.22
CA THR B 56 -12.24 -22.70 -13.20
C THR B 56 -13.23 -22.76 -12.03
N ASP B 57 -13.44 -21.61 -11.41
CA ASP B 57 -14.33 -21.49 -10.26
C ASP B 57 -14.83 -20.06 -10.15
N ASN B 58 -16.07 -19.90 -9.69
CA ASN B 58 -16.68 -18.58 -9.58
C ASN B 58 -16.07 -17.78 -8.42
N LYS B 59 -14.93 -17.17 -8.67
CA LYS B 59 -14.23 -16.38 -7.66
C LYS B 59 -14.28 -14.88 -7.97
N GLU B 60 -15.14 -14.49 -8.91
CA GLU B 60 -15.22 -13.09 -9.32
C GLU B 60 -15.74 -12.21 -8.17
N TYR B 61 -16.60 -12.78 -7.33
CA TYR B 61 -17.16 -12.05 -6.18
C TYR B 61 -16.04 -11.44 -5.33
N ALA B 62 -15.04 -12.25 -5.04
CA ALA B 62 -13.99 -11.86 -4.13
C ALA B 62 -13.09 -10.82 -4.76
N VAL B 63 -12.71 -11.05 -6.01
CA VAL B 63 -11.83 -10.14 -6.73
C VAL B 63 -12.45 -8.74 -6.80
N ASN B 64 -13.75 -8.68 -7.07
CA ASN B 64 -14.46 -7.42 -7.13
C ASN B 64 -14.48 -6.72 -5.77
N GLU B 65 -14.70 -7.51 -4.72
CA GLU B 65 -14.63 -6.97 -3.36
C GLU B 65 -13.23 -6.48 -3.06
N VAL B 66 -12.22 -7.24 -3.48
CA VAL B 66 -10.83 -6.89 -3.28
C VAL B 66 -10.49 -5.54 -3.89
N VAL B 67 -10.74 -5.38 -5.19
CA VAL B 67 -10.36 -4.14 -5.87
C VAL B 67 -11.11 -2.95 -5.29
N ALA B 68 -12.38 -3.13 -4.96
CA ALA B 68 -13.18 -2.06 -4.37
C ALA B 68 -12.64 -1.72 -2.98
N GLY B 69 -12.40 -2.76 -2.19
CA GLY B 69 -11.90 -2.57 -0.85
C GLY B 69 -10.52 -1.95 -0.82
N ILE B 70 -9.61 -2.50 -1.61
CA ILE B 70 -8.25 -1.97 -1.70
C ILE B 70 -8.25 -0.49 -2.07
N LYS B 71 -9.05 -0.14 -3.06
CA LYS B 71 -9.16 1.23 -3.52
C LYS B 71 -9.59 2.17 -2.39
N GLU B 72 -10.70 1.85 -1.74
CA GLU B 72 -11.23 2.69 -0.67
C GLU B 72 -10.32 2.65 0.56
N TYR B 73 -9.77 1.48 0.86
CA TYR B 73 -8.85 1.31 1.98
C TYR B 73 -7.58 2.12 1.74
N PHE B 74 -7.15 2.19 0.50
CA PHE B 74 -6.00 2.99 0.14
C PHE B 74 -6.33 4.47 0.32
N ASN B 75 -7.54 4.86 -0.07
CA ASN B 75 -7.98 6.24 0.04
C ASN B 75 -8.00 6.73 1.49
N VAL B 76 -8.35 5.84 2.41
CA VAL B 76 -8.38 6.21 3.83
C VAL B 76 -7.01 6.04 4.50
N MET B 77 -6.20 5.11 4.01
CA MET B 77 -4.91 4.81 4.61
C MET B 77 -3.84 5.79 4.09
N LEU B 78 -4.00 6.21 2.85
CA LEU B 78 -3.08 7.16 2.23
C LEU B 78 -3.45 8.57 2.66
N GLY B 79 -2.45 9.35 3.05
CA GLY B 79 -2.68 10.71 3.46
C GLY B 79 -2.30 10.93 4.90
N THR B 80 -2.64 9.97 5.74
CA THR B 80 -2.33 10.05 7.16
C THR B 80 -1.27 9.04 7.56
N GLN B 81 -1.36 7.83 7.00
CA GLN B 81 -0.50 6.73 7.44
C GLN B 81 0.63 6.44 6.44
N LEU B 82 0.29 6.30 5.16
CA LEU B 82 1.24 5.81 4.17
C LEU B 82 2.15 6.91 3.61
N LEU B 83 2.43 7.93 4.39
CA LEU B 83 3.24 9.05 3.91
C LEU B 83 4.36 9.39 4.87
N TYR B 84 5.49 9.80 4.31
CA TYR B 84 6.59 10.35 5.08
C TYR B 84 6.33 11.83 5.35
N LYS B 85 7.18 12.44 6.17
CA LYS B 85 7.04 13.86 6.45
C LYS B 85 7.55 14.67 5.26
N PHE B 86 8.36 14.02 4.43
CA PHE B 86 8.91 14.65 3.24
C PHE B 86 7.85 14.76 2.14
N GLU B 87 6.85 13.89 2.20
CA GLU B 87 5.84 13.82 1.15
C GLU B 87 4.63 14.69 1.48
N ARG B 88 4.66 15.35 2.64
CA ARG B 88 3.54 16.16 3.10
C ARG B 88 3.20 17.30 2.11
N PRO B 89 4.17 18.15 1.72
CA PRO B 89 3.92 19.25 0.79
C PRO B 89 3.38 18.76 -0.55
N GLN B 90 3.87 17.61 -1.01
CA GLN B 90 3.46 17.06 -2.29
C GLN B 90 2.01 16.60 -2.25
N TYR B 91 1.63 15.98 -1.14
CA TYR B 91 0.25 15.55 -0.93
C TYR B 91 -0.68 16.76 -0.98
N ALA B 92 -0.32 17.81 -0.26
CA ALA B 92 -1.10 19.04 -0.24
C ALA B 92 -1.10 19.71 -1.61
N GLU B 93 0.00 19.55 -2.33
CA GLU B 93 0.15 20.13 -3.67
C GLU B 93 -0.91 19.59 -4.61
N ILE B 94 -1.01 18.28 -4.67
CA ILE B 94 -1.98 17.63 -5.56
C ILE B 94 -3.40 17.96 -5.15
N LEU B 95 -3.69 17.85 -3.85
CA LEU B 95 -5.04 18.14 -3.35
C LEU B 95 -5.46 19.57 -3.63
N ALA B 96 -4.59 20.52 -3.31
CA ALA B 96 -4.88 21.94 -3.53
C ALA B 96 -4.99 22.28 -5.01
N ASP B 97 -4.13 21.71 -5.83
CA ASP B 97 -4.10 22.00 -7.26
C ASP B 97 -5.19 21.22 -8.00
N HIS B 98 -5.45 20.00 -7.55
CA HIS B 98 -6.47 19.16 -8.16
C HIS B 98 -7.41 18.57 -7.11
N PRO B 99 -8.54 19.21 -6.84
CA PRO B 99 -9.55 18.67 -5.94
C PRO B 99 -10.37 17.58 -6.62
N ASP B 100 -10.12 17.41 -7.92
CA ASP B 100 -10.84 16.45 -8.73
C ASP B 100 -9.97 15.22 -9.02
N ALA B 101 -8.87 15.10 -8.28
CA ALA B 101 -7.96 13.99 -8.49
C ALA B 101 -8.00 13.03 -7.30
N PRO B 102 -8.68 11.89 -7.46
CA PRO B 102 -8.73 10.86 -6.41
C PRO B 102 -7.38 10.20 -6.19
N MET B 103 -7.14 9.75 -4.96
CA MET B 103 -5.86 9.17 -4.58
C MET B 103 -5.56 7.90 -5.38
N SER B 104 -6.61 7.14 -5.68
CA SER B 104 -6.47 5.90 -6.44
C SER B 104 -6.07 6.17 -7.89
N GLN B 105 -6.22 7.43 -8.30
CA GLN B 105 -5.92 7.81 -9.67
C GLN B 105 -4.48 8.29 -9.81
N VAL B 106 -4.09 9.21 -8.93
CA VAL B 106 -2.76 9.79 -9.00
C VAL B 106 -1.69 8.81 -8.50
N TYR B 107 -1.97 8.13 -7.39
CA TYR B 107 -1.01 7.19 -6.81
C TYR B 107 -0.99 5.88 -7.58
N GLY B 108 0.04 5.08 -7.32
CA GLY B 108 0.18 3.82 -8.01
C GLY B 108 0.91 2.78 -7.19
N ALA B 109 1.41 1.76 -7.87
CA ALA B 109 2.03 0.58 -7.24
C ALA B 109 3.07 0.94 -6.17
N PRO B 110 4.08 1.82 -6.47
CA PRO B 110 5.12 2.17 -5.49
C PRO B 110 4.57 2.56 -4.12
N HIS B 111 3.54 3.40 -4.09
CA HIS B 111 2.95 3.84 -2.83
C HIS B 111 1.96 2.81 -2.30
N LEU B 112 1.46 1.97 -3.20
CA LEU B 112 0.50 0.94 -2.82
C LEU B 112 1.20 -0.21 -2.09
N LEU B 113 2.47 -0.43 -2.42
CA LEU B 113 3.26 -1.47 -1.78
C LEU B 113 3.41 -1.20 -0.28
N ARG B 114 3.48 0.08 0.08
CA ARG B 114 3.63 0.49 1.47
C ARG B 114 2.43 0.03 2.31
N LEU B 115 1.29 -0.10 1.66
CA LEU B 115 0.05 -0.47 2.33
C LEU B 115 0.18 -1.80 3.05
N PHE B 116 0.82 -2.75 2.38
CA PHE B 116 0.93 -4.11 2.89
C PHE B 116 1.81 -4.15 4.15
N VAL B 117 2.73 -3.21 4.25
CA VAL B 117 3.62 -3.13 5.40
C VAL B 117 2.85 -2.73 6.65
N ARG B 118 1.84 -1.88 6.49
CA ARG B 118 1.13 -1.33 7.62
C ARG B 118 -0.19 -2.04 7.89
N ILE B 119 -0.78 -2.65 6.85
CA ILE B 119 -2.05 -3.35 7.01
C ILE B 119 -1.92 -4.52 7.98
N GLY B 120 -0.73 -5.12 8.02
CA GLY B 120 -0.49 -6.24 8.92
C GLY B 120 -0.71 -5.88 10.37
N ALA B 121 -0.20 -4.73 10.77
CA ALA B 121 -0.33 -4.28 12.15
C ALA B 121 -1.74 -3.81 12.45
N MET B 122 -2.46 -3.40 11.41
CA MET B 122 -3.84 -2.99 11.56
C MET B 122 -4.73 -4.22 11.68
N LEU B 123 -4.34 -5.29 10.99
CA LEU B 123 -5.01 -6.57 11.14
C LEU B 123 -4.83 -7.10 12.55
N ALA B 124 -3.73 -6.70 13.18
CA ALA B 124 -3.45 -7.06 14.56
C ALA B 124 -4.43 -6.38 15.51
N TYR B 125 -5.05 -5.30 15.04
CA TYR B 125 -6.05 -4.58 15.83
C TYR B 125 -7.46 -5.04 15.45
N THR B 126 -7.54 -5.90 14.45
CA THR B 126 -8.82 -6.32 13.90
C THR B 126 -9.14 -7.76 14.32
N PRO B 127 -10.24 -7.95 15.06
CA PRO B 127 -10.68 -9.28 15.52
C PRO B 127 -11.21 -10.14 14.39
N LEU B 128 -10.29 -10.69 13.61
CA LEU B 128 -10.65 -11.59 12.51
C LEU B 128 -10.53 -13.04 12.98
N ASP B 129 -11.01 -13.97 12.17
CA ASP B 129 -10.88 -15.37 12.50
C ASP B 129 -9.93 -16.03 11.51
N GLU B 130 -9.67 -17.32 11.71
CA GLU B 130 -8.69 -18.04 10.90
C GLU B 130 -9.07 -18.04 9.42
N LYS B 131 -10.36 -18.18 9.13
CA LYS B 131 -10.80 -18.32 7.75
C LYS B 131 -10.85 -16.99 7.01
N SER B 132 -11.41 -15.97 7.66
CA SER B 132 -11.50 -14.65 7.04
C SER B 132 -10.11 -14.07 6.79
N LEU B 133 -9.25 -14.19 7.80
CA LEU B 133 -7.91 -13.66 7.73
C LEU B 133 -7.09 -14.40 6.67
N ALA B 134 -7.13 -15.73 6.69
CA ALA B 134 -6.38 -16.53 5.72
C ALA B 134 -6.86 -16.27 4.29
N LEU B 135 -8.15 -16.02 4.16
CA LEU B 135 -8.74 -15.71 2.86
C LEU B 135 -8.12 -14.43 2.30
N LEU B 136 -8.15 -13.39 3.11
CA LEU B 136 -7.69 -12.10 2.70
C LEU B 136 -6.17 -12.08 2.59
N LEU B 137 -5.49 -12.80 3.49
CA LEU B 137 -4.03 -12.93 3.41
C LEU B 137 -3.62 -13.62 2.12
N ASN B 138 -4.47 -14.51 1.63
CA ASN B 138 -4.24 -15.15 0.34
C ASN B 138 -4.25 -14.10 -0.76
N TYR B 139 -5.29 -13.27 -0.79
CA TYR B 139 -5.36 -12.22 -1.81
C TYR B 139 -4.21 -11.23 -1.68
N LEU B 140 -3.87 -10.88 -0.45
CA LEU B 140 -2.76 -9.96 -0.20
C LEU B 140 -1.46 -10.53 -0.77
N HIS B 141 -1.21 -11.80 -0.52
CA HIS B 141 0.00 -12.45 -1.00
C HIS B 141 -0.05 -12.66 -2.51
N ASP B 142 -1.24 -12.91 -3.04
CA ASP B 142 -1.42 -13.07 -4.47
C ASP B 142 -1.20 -11.74 -5.20
N PHE B 143 -1.65 -10.67 -4.57
CA PHE B 143 -1.42 -9.34 -5.07
C PHE B 143 0.08 -9.04 -5.03
N LEU B 144 0.72 -9.45 -3.94
CA LEU B 144 2.15 -9.25 -3.76
C LEU B 144 2.97 -10.02 -4.79
N LYS B 145 2.59 -11.26 -5.07
CA LYS B 145 3.32 -12.07 -6.03
C LYS B 145 3.16 -11.51 -7.44
N TYR B 146 2.02 -10.89 -7.71
CA TYR B 146 1.81 -10.20 -8.98
C TYR B 146 2.79 -9.02 -9.11
N LEU B 147 2.89 -8.25 -8.03
CA LEU B 147 3.82 -7.12 -7.98
C LEU B 147 5.26 -7.59 -8.05
N ALA B 148 5.57 -8.69 -7.37
CA ALA B 148 6.91 -9.24 -7.34
C ALA B 148 7.32 -9.83 -8.69
N LYS B 149 6.33 -10.23 -9.47
CA LYS B 149 6.59 -10.76 -10.80
C LYS B 149 6.90 -9.62 -11.78
N ASN B 150 6.18 -8.52 -11.64
CA ASN B 150 6.28 -7.42 -12.60
C ASN B 150 6.93 -6.19 -11.96
N SER B 151 7.86 -6.43 -11.04
CA SER B 151 8.52 -5.35 -10.32
C SER B 151 9.30 -4.44 -11.27
N ALA B 152 9.82 -5.04 -12.34
CA ALA B 152 10.69 -4.33 -13.28
C ALA B 152 9.95 -3.20 -14.00
N THR B 153 8.64 -3.29 -14.07
CA THR B 153 7.84 -2.31 -14.79
C THR B 153 6.98 -1.46 -13.87
N LEU B 154 6.48 -2.08 -12.81
CA LEU B 154 5.57 -1.39 -11.88
C LEU B 154 6.34 -0.49 -10.92
N PHE B 155 7.61 -0.81 -10.70
CA PHE B 155 8.43 -0.04 -9.78
C PHE B 155 9.64 0.55 -10.49
N SER B 156 9.73 1.88 -10.49
CA SER B 156 10.86 2.55 -11.12
C SER B 156 11.53 3.49 -10.12
N ALA B 157 12.63 3.03 -9.51
CA ALA B 157 13.34 3.83 -8.54
C ALA B 157 14.40 4.68 -9.24
N SER B 158 14.73 4.30 -10.46
CA SER B 158 15.71 5.03 -11.26
C SER B 158 15.10 6.31 -11.82
N ASP B 159 13.77 6.43 -11.71
CA ASP B 159 13.05 7.58 -12.24
C ASP B 159 13.07 8.72 -11.22
N TYR B 160 13.34 8.37 -9.96
CA TYR B 160 13.42 9.35 -8.88
C TYR B 160 14.48 10.41 -9.16
N GLU B 161 14.14 11.66 -8.89
CA GLU B 161 15.07 12.77 -9.06
C GLU B 161 15.25 13.50 -7.75
N VAL B 162 16.41 14.13 -7.59
CA VAL B 162 16.71 14.90 -6.40
C VAL B 162 15.86 16.16 -6.37
N ALA B 163 14.91 16.22 -5.45
CA ALA B 163 14.04 17.37 -5.30
C ALA B 163 14.86 18.63 -5.02
N PRO B 164 14.45 19.77 -5.57
CA PRO B 164 15.13 21.05 -5.36
C PRO B 164 15.29 21.38 -3.87
N PRO B 165 16.35 22.15 -3.54
CA PRO B 165 16.68 22.47 -2.14
C PRO B 165 15.53 23.14 -1.40
N GLU B 166 14.78 23.99 -2.10
CA GLU B 166 13.67 24.71 -1.51
C GLU B 166 12.58 23.75 -1.07
N TYR B 167 12.37 22.70 -1.86
CA TYR B 167 11.34 21.71 -1.57
C TYR B 167 11.76 20.86 -0.37
N HIS B 168 13.06 20.64 -0.24
CA HIS B 168 13.61 19.92 0.90
C HIS B 168 13.25 20.61 2.20
N ARG B 169 13.58 21.89 2.28
CA ARG B 169 13.38 22.65 3.51
C ARG B 169 11.92 23.09 3.69
N LYS B 170 11.06 22.68 2.77
CA LYS B 170 9.62 22.84 2.95
C LYS B 170 9.09 21.73 3.84
N ALA B 171 9.67 20.55 3.67
CA ALA B 171 9.17 19.36 4.33
C ALA B 171 9.87 19.08 5.65
N VAL B 172 10.86 19.90 5.98
CA VAL B 172 11.59 19.75 7.23
C VAL B 172 11.21 20.88 8.18
N ASP A 1 -22.87 -27.48 3.24
CA ASP A 1 -22.99 -26.14 2.62
C ASP A 1 -21.70 -25.36 2.83
N TYR A 2 -21.19 -24.79 1.75
CA TYR A 2 -19.93 -24.07 1.79
C TYR A 2 -20.18 -22.57 1.69
N VAL A 3 -20.12 -21.89 2.83
CA VAL A 3 -20.26 -20.45 2.85
C VAL A 3 -18.90 -19.78 2.99
N GLN A 4 -18.57 -18.92 2.04
CA GLN A 4 -17.29 -18.23 2.05
C GLN A 4 -17.43 -16.84 2.66
N PRO A 5 -16.34 -16.32 3.21
CA PRO A 5 -16.30 -14.97 3.76
C PRO A 5 -16.18 -13.92 2.65
N GLN A 6 -17.02 -12.90 2.71
CA GLN A 6 -16.93 -11.80 1.77
C GLN A 6 -15.87 -10.82 2.24
N LEU A 7 -15.20 -10.17 1.29
CA LEU A 7 -14.08 -9.30 1.62
C LEU A 7 -14.57 -7.95 2.13
N ARG A 8 -15.81 -7.60 1.84
CA ARG A 8 -16.36 -6.32 2.27
C ARG A 8 -16.32 -6.18 3.79
N ARG A 9 -16.58 -7.27 4.52
CA ARG A 9 -16.66 -7.19 5.97
C ARG A 9 -15.30 -6.90 6.59
N PRO A 10 -14.24 -7.69 6.28
CA PRO A 10 -12.89 -7.37 6.75
C PRO A 10 -12.42 -6.00 6.29
N PHE A 11 -12.70 -5.64 5.04
CA PHE A 11 -12.34 -4.32 4.53
C PHE A 11 -13.11 -3.23 5.26
N GLU A 12 -14.35 -3.51 5.63
CA GLU A 12 -15.17 -2.61 6.42
C GLU A 12 -14.42 -2.24 7.70
N LEU A 13 -14.01 -3.28 8.41
CA LEU A 13 -13.29 -3.13 9.66
C LEU A 13 -11.92 -2.51 9.42
N LEU A 14 -11.29 -2.92 8.32
CA LEU A 14 -9.97 -2.46 7.94
C LEU A 14 -9.97 -0.95 7.71
N ILE A 15 -11.01 -0.46 7.04
CA ILE A 15 -11.17 0.97 6.81
C ILE A 15 -11.44 1.70 8.13
N ALA A 16 -12.31 1.12 8.95
CA ALA A 16 -12.64 1.68 10.25
C ALA A 16 -11.39 1.82 11.11
N ALA A 17 -10.54 0.80 11.07
CA ALA A 17 -9.28 0.82 11.80
C ALA A 17 -8.34 1.87 11.23
N ALA A 18 -8.38 2.03 9.91
CA ALA A 18 -7.55 3.03 9.23
C ALA A 18 -7.96 4.45 9.60
N MET A 19 -9.24 4.62 9.94
CA MET A 19 -9.74 5.92 10.38
C MET A 19 -9.13 6.29 11.72
N GLU A 20 -8.67 5.28 12.45
CA GLU A 20 -8.07 5.47 13.77
C GLU A 20 -6.57 5.66 13.67
N ARG A 21 -6.07 5.90 12.46
CA ARG A 21 -4.66 6.13 12.24
C ARG A 21 -4.38 7.62 12.14
N ASN A 22 -3.73 8.15 13.17
CA ASN A 22 -3.30 9.54 13.17
C ASN A 22 -2.28 9.74 12.07
N PRO A 23 -2.39 10.85 11.32
CA PRO A 23 -1.45 11.17 10.23
C PRO A 23 0.00 11.25 10.71
N THR A 24 0.66 10.11 10.67
CA THR A 24 2.05 10.02 11.10
C THR A 24 2.97 9.70 9.92
N GLN A 25 4.27 9.88 10.15
CA GLN A 25 5.29 9.58 9.14
C GLN A 25 5.30 8.08 8.86
N PHE A 26 5.13 7.70 7.59
CA PHE A 26 5.10 6.29 7.20
C PHE A 26 6.36 5.55 7.67
N GLN A 27 6.15 4.58 8.55
CA GLN A 27 7.24 3.79 9.09
C GLN A 27 7.12 2.34 8.65
N LEU A 28 8.25 1.67 8.54
CA LEU A 28 8.28 0.25 8.22
C LEU A 28 8.53 -0.56 9.48
N PRO A 29 8.19 -1.85 9.47
CA PRO A 29 8.64 -2.76 10.51
C PRO A 29 10.16 -2.84 10.51
N ASN A 30 10.75 -2.95 11.69
CA ASN A 30 12.21 -2.96 11.80
C ASN A 30 12.80 -4.25 11.23
N GLU A 31 11.93 -5.23 10.99
CA GLU A 31 12.29 -6.43 10.26
C GLU A 31 12.74 -6.07 8.85
N LEU A 32 12.21 -4.97 8.35
CA LEU A 32 12.50 -4.51 7.01
C LEU A 32 13.53 -3.38 7.01
N THR A 33 13.36 -2.43 7.94
CA THR A 33 14.32 -1.34 8.08
C THR A 33 14.65 -1.08 9.55
N CYS A 34 14.23 0.07 10.05
CA CYS A 34 14.48 0.49 11.42
C CYS A 34 13.47 1.55 11.81
N THR A 35 13.59 2.73 11.18
CA THR A 35 12.70 3.87 11.41
C THR A 35 12.51 4.20 12.88
N THR A 36 13.48 4.91 13.44
CA THR A 36 13.43 5.31 14.83
C THR A 36 13.23 6.83 14.95
N ALA A 37 12.69 7.27 16.07
CA ALA A 37 12.52 8.69 16.31
C ALA A 37 13.70 9.24 17.11
N LEU A 38 13.87 10.54 17.12
CA LEU A 38 14.94 11.16 17.90
C LEU A 38 14.55 11.26 19.36
N PRO A 39 15.49 10.97 20.27
CA PRO A 39 15.27 11.07 21.71
C PRO A 39 15.03 12.52 22.14
N GLY A 40 15.61 13.45 21.39
CA GLY A 40 15.46 14.85 21.70
C GLY A 40 16.54 15.68 21.05
N SER A 41 16.57 16.96 21.36
CA SER A 41 17.55 17.87 20.81
C SER A 41 18.85 17.82 21.60
N SER A 42 19.92 18.35 21.03
CA SER A 42 21.22 18.36 21.67
C SER A 42 22.02 19.57 21.22
N SER B 1 -7.74 -13.36 16.66
CA SER B 1 -6.30 -13.69 16.65
C SER B 1 -5.56 -12.81 17.65
N ASN B 2 -4.88 -13.44 18.60
CA ASN B 2 -4.07 -12.71 19.57
C ASN B 2 -2.77 -12.27 18.90
N ALA B 3 -2.29 -13.06 17.96
CA ALA B 3 -1.08 -12.74 17.23
C ALA B 3 -1.38 -11.71 16.15
N GLU B 4 -0.48 -10.76 15.99
CA GLU B 4 -0.62 -9.74 14.96
C GLU B 4 -0.37 -10.36 13.59
N VAL B 5 -1.14 -9.93 12.60
CA VAL B 5 -1.02 -10.47 11.27
C VAL B 5 0.22 -9.89 10.59
N LYS B 6 1.25 -10.71 10.44
CA LYS B 6 2.48 -10.26 9.83
C LYS B 6 2.48 -10.56 8.35
N VAL B 7 1.99 -9.62 7.57
CA VAL B 7 2.06 -9.71 6.12
C VAL B 7 3.48 -9.37 5.68
N LYS B 8 4.34 -10.37 5.68
CA LYS B 8 5.75 -10.17 5.42
C LYS B 8 5.98 -9.72 3.97
N ILE B 9 6.82 -8.72 3.82
CA ILE B 9 7.23 -8.25 2.51
C ILE B 9 8.27 -9.22 1.94
N PRO B 10 8.00 -9.81 0.76
CA PRO B 10 8.90 -10.77 0.12
C PRO B 10 10.32 -10.23 -0.04
N GLU B 11 11.31 -11.11 0.09
CA GLU B 11 12.71 -10.73 0.02
C GLU B 11 13.05 -10.14 -1.34
N GLU B 12 12.29 -10.53 -2.35
CA GLU B 12 12.49 -10.04 -3.72
C GLU B 12 11.92 -8.63 -3.90
N LEU B 13 11.06 -8.22 -2.97
CA LEU B 13 10.39 -6.92 -3.06
C LEU B 13 10.99 -5.94 -2.05
N LYS B 14 11.44 -6.48 -0.91
CA LYS B 14 12.12 -5.71 0.13
C LYS B 14 13.14 -4.69 -0.42
N PRO B 15 14.07 -5.08 -1.32
CA PRO B 15 15.08 -4.15 -1.88
C PRO B 15 14.48 -2.85 -2.41
N TRP B 16 13.41 -2.97 -3.18
CA TRP B 16 12.77 -1.80 -3.78
C TRP B 16 11.95 -1.05 -2.74
N LEU B 17 11.41 -1.78 -1.79
CA LEU B 17 10.69 -1.19 -0.66
C LEU B 17 11.62 -0.29 0.15
N VAL B 18 12.78 -0.83 0.50
CA VAL B 18 13.79 -0.09 1.24
C VAL B 18 14.38 1.00 0.35
N ASP B 19 14.39 0.76 -0.96
CA ASP B 19 14.92 1.72 -1.92
C ASP B 19 14.02 2.95 -1.99
N ASP B 20 12.71 2.72 -2.10
CA ASP B 20 11.73 3.82 -2.07
C ASP B 20 11.89 4.63 -0.79
N TRP B 21 11.91 3.93 0.34
CA TRP B 21 12.14 4.55 1.64
C TRP B 21 13.43 5.37 1.64
N ASP B 22 14.50 4.75 1.14
CA ASP B 22 15.81 5.40 1.09
C ASP B 22 15.78 6.63 0.18
N LEU B 23 15.23 6.46 -1.01
CA LEU B 23 15.15 7.52 -2.00
C LEU B 23 14.47 8.76 -1.43
N ILE B 24 13.34 8.57 -0.77
CA ILE B 24 12.56 9.69 -0.24
C ILE B 24 13.26 10.35 0.95
N THR B 25 13.53 9.56 1.98
CA THR B 25 13.99 10.12 3.25
C THR B 25 15.49 10.45 3.24
N ARG B 26 16.30 9.51 2.80
CA ARG B 26 17.76 9.65 2.89
C ARG B 26 18.33 10.30 1.64
N GLN B 27 17.96 9.76 0.49
CA GLN B 27 18.52 10.20 -0.78
C GLN B 27 17.88 11.51 -1.23
N LYS B 28 16.80 11.89 -0.55
CA LYS B 28 16.16 13.19 -0.75
C LYS B 28 15.65 13.39 -2.17
N GLN B 29 15.25 12.29 -2.79
CA GLN B 29 14.65 12.33 -4.11
C GLN B 29 13.15 12.07 -3.99
N LEU B 30 12.40 12.39 -5.02
CA LEU B 30 10.96 12.29 -4.95
C LEU B 30 10.38 11.53 -6.13
N PHE B 31 9.34 10.74 -5.86
CA PHE B 31 8.58 10.10 -6.92
C PHE B 31 7.50 11.06 -7.41
N TYR B 32 7.50 11.33 -8.70
CA TYR B 32 6.54 12.25 -9.28
C TYR B 32 5.15 11.64 -9.33
N LEU B 33 4.14 12.51 -9.40
CA LEU B 33 2.75 12.07 -9.35
C LEU B 33 2.40 11.12 -10.51
N PRO B 34 2.63 11.53 -11.79
CA PRO B 34 2.24 10.70 -12.94
C PRO B 34 2.72 9.26 -12.80
N ALA B 35 1.76 8.37 -12.57
CA ALA B 35 2.07 6.99 -12.31
C ALA B 35 1.79 6.13 -13.54
N LYS B 36 2.79 5.32 -13.92
CA LYS B 36 2.66 4.40 -15.05
C LYS B 36 1.52 3.40 -14.80
N LYS B 37 1.42 2.97 -13.55
CA LYS B 37 0.37 2.05 -13.12
C LYS B 37 -0.36 2.63 -11.92
N ASN B 38 -1.65 2.83 -12.06
CA ASN B 38 -2.47 3.30 -10.95
C ASN B 38 -2.91 2.11 -10.11
N VAL B 39 -3.53 2.36 -8.97
CA VAL B 39 -4.05 1.29 -8.15
C VAL B 39 -5.17 0.58 -8.90
N ASP B 40 -6.01 1.37 -9.54
CA ASP B 40 -7.09 0.86 -10.38
C ASP B 40 -6.54 -0.04 -11.49
N SER B 41 -5.44 0.39 -12.10
CA SER B 41 -4.80 -0.36 -13.18
C SER B 41 -4.41 -1.75 -12.68
N ILE B 42 -3.74 -1.79 -11.53
CA ILE B 42 -3.28 -3.04 -10.96
C ILE B 42 -4.45 -3.89 -10.49
N LEU B 43 -5.44 -3.24 -9.89
CA LEU B 43 -6.64 -3.93 -9.41
C LEU B 43 -7.39 -4.58 -10.57
N GLU B 44 -7.51 -3.86 -11.68
CA GLU B 44 -8.17 -4.37 -12.87
C GLU B 44 -7.46 -5.61 -13.38
N ASP B 45 -6.15 -5.50 -13.58
CA ASP B 45 -5.36 -6.62 -14.08
C ASP B 45 -5.42 -7.79 -13.11
N TYR B 46 -5.33 -7.49 -11.82
CA TYR B 46 -5.40 -8.51 -10.77
C TYR B 46 -6.75 -9.22 -10.79
N ALA B 47 -7.81 -8.45 -11.02
CA ALA B 47 -9.16 -9.01 -11.06
C ALA B 47 -9.33 -9.96 -12.24
N ASN B 48 -8.69 -9.65 -13.35
CA ASN B 48 -8.74 -10.52 -14.52
C ASN B 48 -7.75 -11.67 -14.38
N TYR B 49 -6.62 -11.39 -13.74
CA TYR B 49 -5.59 -12.39 -13.49
C TYR B 49 -6.17 -13.59 -12.74
N ARG B 50 -7.10 -13.32 -11.84
CA ARG B 50 -7.75 -14.38 -11.06
C ARG B 50 -8.73 -15.18 -11.90
N LYS B 51 -9.28 -14.55 -12.93
CA LYS B 51 -10.21 -15.22 -13.83
C LYS B 51 -9.47 -16.04 -14.86
N SER B 52 -8.38 -15.47 -15.34
CA SER B 52 -7.57 -16.09 -16.39
C SER B 52 -6.73 -17.24 -15.83
N ARG B 53 -6.10 -17.01 -14.69
CA ARG B 53 -5.29 -18.04 -14.05
C ARG B 53 -6.18 -18.97 -13.23
N GLY B 54 -6.52 -20.11 -13.83
CA GLY B 54 -7.44 -21.03 -13.21
C GLY B 54 -8.63 -21.29 -14.13
N ASN B 55 -9.82 -21.38 -13.54
CA ASN B 55 -11.04 -21.56 -14.34
C ASN B 55 -12.28 -21.20 -13.53
N THR B 56 -12.07 -20.48 -12.43
CA THR B 56 -13.18 -20.12 -11.57
C THR B 56 -13.80 -18.80 -12.01
N ASP B 57 -14.82 -18.88 -12.85
CA ASP B 57 -15.53 -17.69 -13.34
C ASP B 57 -16.38 -17.10 -12.22
N ASN B 58 -16.77 -17.95 -11.27
CA ASN B 58 -17.58 -17.50 -10.14
C ASN B 58 -16.71 -16.96 -9.01
N LYS B 59 -15.45 -16.68 -9.32
CA LYS B 59 -14.53 -16.15 -8.32
C LYS B 59 -14.51 -14.62 -8.38
N GLU B 60 -15.28 -14.07 -9.32
CA GLU B 60 -15.33 -12.63 -9.52
C GLU B 60 -15.83 -11.90 -8.29
N TYR B 61 -16.69 -12.58 -7.50
CA TYR B 61 -17.24 -12.00 -6.28
C TYR B 61 -16.11 -11.48 -5.38
N ALA B 62 -15.03 -12.24 -5.34
CA ALA B 62 -13.94 -11.98 -4.43
C ALA B 62 -13.11 -10.80 -4.90
N VAL B 63 -12.72 -10.82 -6.16
CA VAL B 63 -11.90 -9.75 -6.71
C VAL B 63 -12.71 -8.46 -6.82
N ASN B 64 -14.02 -8.59 -6.97
CA ASN B 64 -14.92 -7.44 -6.92
C ASN B 64 -14.81 -6.76 -5.55
N GLU B 65 -14.95 -7.57 -4.51
CA GLU B 65 -14.80 -7.12 -3.14
C GLU B 65 -13.40 -6.54 -2.91
N VAL B 66 -12.38 -7.26 -3.39
CA VAL B 66 -10.99 -6.84 -3.22
C VAL B 66 -10.73 -5.48 -3.86
N VAL B 67 -11.09 -5.34 -5.13
CA VAL B 67 -10.85 -4.09 -5.86
C VAL B 67 -11.54 -2.92 -5.16
N ALA B 68 -12.80 -3.12 -4.76
CA ALA B 68 -13.54 -2.08 -4.06
C ALA B 68 -12.90 -1.77 -2.71
N GLY B 69 -12.59 -2.82 -1.96
CA GLY B 69 -12.00 -2.67 -0.64
C GLY B 69 -10.64 -1.99 -0.69
N ILE B 70 -9.77 -2.45 -1.60
CA ILE B 70 -8.44 -1.88 -1.74
C ILE B 70 -8.53 -0.40 -2.09
N LYS B 71 -9.44 -0.06 -3.00
CA LYS B 71 -9.63 1.32 -3.42
C LYS B 71 -9.96 2.21 -2.22
N GLU B 72 -11.01 1.85 -1.48
CA GLU B 72 -11.44 2.65 -0.35
C GLU B 72 -10.39 2.65 0.76
N TYR B 73 -9.81 1.49 1.04
CA TYR B 73 -8.79 1.37 2.07
C TYR B 73 -7.55 2.17 1.71
N PHE B 74 -7.20 2.18 0.43
CA PHE B 74 -6.07 2.97 -0.03
C PHE B 74 -6.38 4.46 0.12
N ASN B 75 -7.61 4.83 -0.19
CA ASN B 75 -8.05 6.22 -0.09
C ASN B 75 -8.03 6.70 1.36
N VAL B 76 -8.36 5.83 2.29
CA VAL B 76 -8.43 6.20 3.70
C VAL B 76 -7.07 6.08 4.38
N MET B 77 -6.32 5.03 4.07
CA MET B 77 -5.04 4.79 4.73
C MET B 77 -3.98 5.75 4.23
N LEU B 78 -4.00 6.05 2.93
CA LEU B 78 -3.07 7.02 2.39
C LEU B 78 -3.58 8.42 2.71
N GLY B 79 -2.74 9.19 3.37
CA GLY B 79 -3.14 10.48 3.87
C GLY B 79 -2.90 10.55 5.36
N THR B 80 -3.09 9.43 6.03
CA THR B 80 -2.85 9.36 7.45
C THR B 80 -1.46 8.77 7.73
N GLN B 81 -1.34 7.45 7.68
CA GLN B 81 -0.08 6.79 7.99
C GLN B 81 0.43 6.04 6.78
N LEU B 82 0.48 6.72 5.64
CA LEU B 82 0.93 6.11 4.40
C LEU B 82 1.71 7.11 3.56
N LEU B 83 2.22 8.14 4.23
CA LEU B 83 2.94 9.21 3.54
C LEU B 83 4.20 9.59 4.31
N TYR B 84 5.19 10.07 3.58
CA TYR B 84 6.40 10.58 4.21
C TYR B 84 6.27 12.06 4.51
N LYS B 85 7.00 12.54 5.50
CA LYS B 85 6.95 13.96 5.87
C LYS B 85 7.46 14.82 4.71
N PHE B 86 8.41 14.27 3.97
CA PHE B 86 8.99 14.94 2.80
C PHE B 86 8.00 14.93 1.64
N GLU B 87 6.97 14.10 1.77
CA GLU B 87 6.04 13.84 0.70
C GLU B 87 4.70 14.54 0.94
N ARG B 88 4.52 15.04 2.17
CA ARG B 88 3.26 15.68 2.58
C ARG B 88 2.87 16.86 1.67
N PRO B 89 3.80 17.79 1.34
CA PRO B 89 3.49 18.94 0.48
C PRO B 89 2.80 18.55 -0.83
N GLN B 90 3.19 17.40 -1.38
CA GLN B 90 2.60 16.92 -2.63
C GLN B 90 1.15 16.51 -2.39
N TYR B 91 0.94 15.70 -1.37
CA TYR B 91 -0.40 15.24 -1.00
C TYR B 91 -1.33 16.41 -0.76
N ALA B 92 -0.85 17.39 -0.01
CA ALA B 92 -1.62 18.59 0.29
C ALA B 92 -1.99 19.33 -0.99
N GLU B 93 -1.03 19.46 -1.90
CA GLU B 93 -1.26 20.19 -3.14
C GLU B 93 -2.22 19.42 -4.05
N ILE B 94 -2.15 18.09 -4.01
CA ILE B 94 -3.02 17.25 -4.82
C ILE B 94 -4.48 17.49 -4.43
N LEU B 95 -4.79 17.38 -3.15
CA LEU B 95 -6.16 17.56 -2.67
C LEU B 95 -6.65 18.98 -2.92
N ALA B 96 -5.81 19.95 -2.58
CA ALA B 96 -6.16 21.35 -2.73
C ALA B 96 -6.45 21.72 -4.18
N ASP B 97 -5.67 21.18 -5.10
CA ASP B 97 -5.79 21.54 -6.50
C ASP B 97 -6.79 20.63 -7.23
N HIS B 98 -6.79 19.35 -6.88
CA HIS B 98 -7.69 18.39 -7.51
C HIS B 98 -8.53 17.66 -6.47
N PRO B 99 -9.73 18.17 -6.17
CA PRO B 99 -10.63 17.54 -5.20
C PRO B 99 -11.36 16.33 -5.77
N ASP B 100 -11.17 16.10 -7.06
CA ASP B 100 -11.88 15.02 -7.77
C ASP B 100 -10.95 13.84 -7.99
N ALA B 101 -9.76 13.91 -7.43
CA ALA B 101 -8.76 12.87 -7.66
C ALA B 101 -8.60 11.97 -6.45
N PRO B 102 -9.10 10.73 -6.53
CA PRO B 102 -8.91 9.74 -5.48
C PRO B 102 -7.45 9.33 -5.35
N MET B 103 -7.06 8.86 -4.17
CA MET B 103 -5.67 8.52 -3.89
C MET B 103 -5.21 7.37 -4.78
N SER B 104 -6.13 6.47 -5.08
CA SER B 104 -5.83 5.30 -5.90
C SER B 104 -5.56 5.68 -7.36
N GLN B 105 -5.96 6.89 -7.73
CA GLN B 105 -5.78 7.37 -9.11
C GLN B 105 -4.43 8.07 -9.26
N VAL B 106 -4.09 8.90 -8.29
CA VAL B 106 -2.88 9.71 -8.36
C VAL B 106 -1.66 8.96 -7.81
N TYR B 107 -1.88 8.09 -6.85
CA TYR B 107 -0.79 7.35 -6.23
C TYR B 107 -0.84 5.89 -6.63
N GLY B 108 0.02 5.51 -7.55
CA GLY B 108 -0.01 4.15 -8.07
C GLY B 108 0.90 3.18 -7.32
N ALA B 109 1.49 2.27 -8.09
CA ALA B 109 2.25 1.12 -7.56
C ALA B 109 3.17 1.44 -6.37
N PRO B 110 4.12 2.40 -6.48
CA PRO B 110 5.06 2.70 -5.39
C PRO B 110 4.37 2.98 -4.06
N HIS B 111 3.20 3.61 -4.14
CA HIS B 111 2.44 3.95 -2.94
C HIS B 111 1.60 2.76 -2.48
N LEU B 112 1.14 1.96 -3.44
CA LEU B 112 0.37 0.77 -3.13
C LEU B 112 1.26 -0.26 -2.43
N LEU B 113 2.54 -0.23 -2.76
CA LEU B 113 3.54 -1.06 -2.09
C LEU B 113 3.56 -0.76 -0.59
N ARG B 114 3.57 0.53 -0.26
CA ARG B 114 3.61 0.97 1.13
C ARG B 114 2.32 0.57 1.86
N LEU B 115 1.24 0.47 1.12
CA LEU B 115 -0.07 0.13 1.67
C LEU B 115 -0.02 -1.23 2.39
N PHE B 116 0.56 -2.22 1.74
CA PHE B 116 0.62 -3.56 2.29
C PHE B 116 1.56 -3.65 3.48
N VAL B 117 2.54 -2.75 3.53
CA VAL B 117 3.52 -2.72 4.61
C VAL B 117 2.85 -2.50 5.97
N ARG B 118 1.76 -1.74 5.97
CA ARG B 118 1.09 -1.40 7.23
C ARG B 118 -0.19 -2.20 7.43
N ILE B 119 -0.72 -2.79 6.35
CA ILE B 119 -2.02 -3.46 6.41
C ILE B 119 -2.01 -4.64 7.40
N GLY B 120 -0.85 -5.26 7.58
CA GLY B 120 -0.75 -6.39 8.49
C GLY B 120 -1.06 -6.00 9.92
N ALA B 121 -0.48 -4.89 10.38
CA ALA B 121 -0.68 -4.43 11.74
C ALA B 121 -2.11 -3.90 11.93
N MET B 122 -2.74 -3.54 10.82
CA MET B 122 -4.11 -3.07 10.85
C MET B 122 -5.05 -4.23 11.10
N LEU B 123 -4.73 -5.38 10.52
CA LEU B 123 -5.50 -6.60 10.72
C LEU B 123 -5.38 -7.08 12.17
N ALA B 124 -4.33 -6.62 12.84
CA ALA B 124 -4.12 -6.96 14.24
C ALA B 124 -5.19 -6.32 15.13
N TYR B 125 -5.77 -5.23 14.63
CA TYR B 125 -6.83 -4.53 15.36
C TYR B 125 -8.19 -4.90 14.77
N THR B 126 -8.20 -5.83 13.83
CA THR B 126 -9.41 -6.20 13.13
C THR B 126 -9.82 -7.63 13.46
N PRO B 127 -10.92 -7.81 14.20
CA PRO B 127 -11.44 -9.13 14.56
C PRO B 127 -12.02 -9.86 13.34
N LEU B 128 -11.29 -10.83 12.84
CA LEU B 128 -11.69 -11.54 11.63
C LEU B 128 -11.79 -13.03 11.88
N ASP B 129 -12.66 -13.69 11.12
CA ASP B 129 -12.70 -15.15 11.11
C ASP B 129 -11.37 -15.69 10.61
N GLU B 130 -10.96 -16.82 11.16
CA GLU B 130 -9.76 -17.50 10.68
C GLU B 130 -9.91 -17.77 9.18
N LYS B 131 -11.10 -18.17 8.80
CA LYS B 131 -11.45 -18.39 7.40
C LYS B 131 -11.21 -17.13 6.57
N SER B 132 -11.76 -16.02 7.05
CA SER B 132 -11.69 -14.76 6.33
C SER B 132 -10.25 -14.27 6.25
N LEU B 133 -9.54 -14.32 7.37
CA LEU B 133 -8.18 -13.81 7.43
C LEU B 133 -7.26 -14.60 6.50
N ALA B 134 -7.43 -15.91 6.48
CA ALA B 134 -6.66 -16.77 5.56
C ALA B 134 -6.94 -16.38 4.12
N LEU B 135 -8.18 -16.02 3.84
CA LEU B 135 -8.60 -15.56 2.52
C LEU B 135 -7.79 -14.30 2.13
N LEU B 136 -7.78 -13.31 3.04
CA LEU B 136 -7.00 -12.09 2.83
C LEU B 136 -5.52 -12.41 2.63
N LEU B 137 -4.96 -13.22 3.51
CA LEU B 137 -3.54 -13.56 3.45
C LEU B 137 -3.17 -14.19 2.11
N ASN B 138 -4.10 -14.93 1.54
CA ASN B 138 -3.92 -15.53 0.22
C ASN B 138 -3.78 -14.42 -0.83
N TYR B 139 -4.77 -13.52 -0.88
CA TYR B 139 -4.74 -12.42 -1.84
C TYR B 139 -3.53 -11.52 -1.64
N LEU B 140 -3.29 -11.14 -0.39
CA LEU B 140 -2.21 -10.21 -0.06
C LEU B 140 -0.85 -10.75 -0.45
N HIS B 141 -0.55 -11.99 -0.06
CA HIS B 141 0.75 -12.59 -0.37
C HIS B 141 0.94 -12.78 -1.87
N ASP B 142 -0.14 -13.16 -2.55
CA ASP B 142 -0.09 -13.33 -3.99
C ASP B 142 0.04 -11.98 -4.69
N PHE B 143 -0.52 -10.95 -4.08
CA PHE B 143 -0.39 -9.59 -4.58
C PHE B 143 1.07 -9.13 -4.43
N LEU B 144 1.66 -9.49 -3.31
CA LEU B 144 3.05 -9.15 -3.02
C LEU B 144 4.01 -9.81 -4.00
N LYS B 145 3.82 -11.10 -4.24
CA LYS B 145 4.67 -11.84 -5.17
C LYS B 145 4.47 -11.31 -6.59
N TYR B 146 3.26 -10.81 -6.87
CA TYR B 146 2.97 -10.16 -8.15
C TYR B 146 3.80 -8.88 -8.30
N LEU B 147 3.80 -8.06 -7.25
CA LEU B 147 4.59 -6.82 -7.23
C LEU B 147 6.07 -7.13 -7.34
N ALA B 148 6.50 -8.15 -6.62
CA ALA B 148 7.89 -8.60 -6.65
C ALA B 148 8.28 -9.06 -8.05
N LYS B 149 7.31 -9.63 -8.76
CA LYS B 149 7.54 -10.09 -10.13
C LYS B 149 7.65 -8.90 -11.09
N ASN B 150 7.13 -7.76 -10.66
CA ASN B 150 7.14 -6.57 -11.48
C ASN B 150 8.19 -5.58 -10.99
N SER B 151 9.09 -6.03 -10.14
CA SER B 151 10.12 -5.16 -9.59
C SER B 151 11.20 -4.86 -10.64
N ALA B 152 11.25 -5.69 -11.66
CA ALA B 152 12.24 -5.52 -12.73
C ALA B 152 11.71 -4.59 -13.83
N THR B 153 10.42 -4.32 -13.82
CA THR B 153 9.79 -3.54 -14.88
C THR B 153 9.00 -2.36 -14.31
N LEU B 154 7.98 -2.68 -13.53
CA LEU B 154 7.09 -1.69 -12.95
C LEU B 154 7.86 -0.73 -12.03
N PHE B 155 8.60 -1.29 -11.10
CA PHE B 155 9.37 -0.48 -10.17
C PHE B 155 10.72 -0.10 -10.78
N SER B 156 11.00 1.19 -10.80
CA SER B 156 12.25 1.69 -11.35
C SER B 156 12.66 2.98 -10.64
N ALA B 157 13.96 3.16 -10.47
CA ALA B 157 14.48 4.39 -9.86
C ALA B 157 14.47 5.53 -10.88
N SER B 158 14.10 5.20 -12.10
CA SER B 158 14.02 6.18 -13.18
C SER B 158 12.80 7.09 -12.99
N ASP B 159 11.84 6.61 -12.21
CA ASP B 159 10.63 7.38 -11.95
C ASP B 159 10.86 8.35 -10.81
N TYR B 160 11.95 8.15 -10.10
CA TYR B 160 12.33 9.00 -8.97
C TYR B 160 13.41 9.98 -9.40
N GLU B 161 13.18 11.26 -9.19
CA GLU B 161 14.18 12.27 -9.49
C GLU B 161 14.44 13.12 -8.26
N VAL B 162 15.64 13.67 -8.18
CA VAL B 162 16.00 14.51 -7.05
C VAL B 162 15.26 15.84 -7.09
N ALA B 163 14.46 16.08 -6.07
CA ALA B 163 13.68 17.31 -5.96
C ALA B 163 14.61 18.48 -5.65
N PRO B 164 14.22 19.69 -6.07
CA PRO B 164 15.02 20.90 -5.87
C PRO B 164 15.36 21.15 -4.39
N PRO B 165 16.54 21.71 -4.12
CA PRO B 165 17.03 21.94 -2.75
C PRO B 165 16.08 22.80 -1.92
N GLU B 166 15.48 23.80 -2.56
CA GLU B 166 14.57 24.70 -1.85
C GLU B 166 13.30 23.96 -1.41
N TYR B 167 12.95 22.90 -2.13
CA TYR B 167 11.82 22.07 -1.75
C TYR B 167 12.19 21.26 -0.50
N HIS B 168 13.46 20.90 -0.39
CA HIS B 168 13.96 20.16 0.76
C HIS B 168 13.77 20.99 2.02
N ARG B 169 14.02 22.29 1.88
CA ARG B 169 13.98 23.21 3.02
C ARG B 169 12.53 23.49 3.45
N LYS B 170 11.59 23.06 2.63
CA LYS B 170 10.17 23.26 2.93
C LYS B 170 9.57 22.01 3.57
N ALA B 171 9.85 20.86 2.99
CA ALA B 171 9.26 19.60 3.43
C ALA B 171 9.86 19.12 4.75
N VAL B 172 11.11 19.48 5.00
CA VAL B 172 11.80 19.06 6.23
C VAL B 172 11.68 20.12 7.31
N ASP A 1 -23.46 -24.99 -0.75
CA ASP A 1 -23.56 -25.90 0.41
C ASP A 1 -22.77 -25.36 1.60
N TYR A 2 -21.55 -24.91 1.34
CA TYR A 2 -20.79 -24.20 2.36
C TYR A 2 -20.38 -22.83 1.86
N VAL A 3 -20.38 -21.86 2.74
CA VAL A 3 -20.05 -20.49 2.38
C VAL A 3 -18.73 -20.09 3.01
N GLN A 4 -17.85 -19.54 2.19
CA GLN A 4 -16.56 -19.06 2.65
C GLN A 4 -16.66 -17.56 2.96
N PRO A 5 -15.71 -17.01 3.72
CA PRO A 5 -15.72 -15.60 4.13
C PRO A 5 -15.88 -14.61 2.97
N GLN A 6 -16.33 -13.42 3.30
CA GLN A 6 -16.57 -12.36 2.33
C GLN A 6 -15.49 -11.28 2.49
N LEU A 7 -15.17 -10.57 1.41
CA LEU A 7 -14.17 -9.51 1.47
C LEU A 7 -14.80 -8.21 1.96
N ARG A 8 -16.01 -7.94 1.51
CA ARG A 8 -16.71 -6.68 1.78
C ARG A 8 -16.68 -6.30 3.27
N ARG A 9 -17.11 -7.21 4.13
CA ARG A 9 -17.20 -6.90 5.57
C ARG A 9 -15.83 -6.63 6.18
N PRO A 10 -14.84 -7.54 6.05
CA PRO A 10 -13.47 -7.30 6.55
C PRO A 10 -12.88 -5.99 6.04
N PHE A 11 -13.16 -5.65 4.78
CA PHE A 11 -12.68 -4.40 4.20
C PHE A 11 -13.33 -3.19 4.84
N GLU A 12 -14.62 -3.29 5.16
CA GLU A 12 -15.30 -2.23 5.90
C GLU A 12 -14.57 -1.97 7.21
N LEU A 13 -14.32 -3.05 7.95
CA LEU A 13 -13.59 -2.99 9.21
C LEU A 13 -12.20 -2.40 9.00
N LEU A 14 -11.54 -2.86 7.95
CA LEU A 14 -10.17 -2.44 7.64
C LEU A 14 -10.13 -0.96 7.28
N ILE A 15 -11.04 -0.54 6.41
CA ILE A 15 -11.12 0.86 5.99
C ILE A 15 -11.52 1.75 7.17
N ALA A 16 -12.46 1.28 7.98
CA ALA A 16 -12.89 2.02 9.16
C ALA A 16 -11.73 2.24 10.11
N ALA A 17 -10.86 1.24 10.21
CA ALA A 17 -9.65 1.34 11.02
C ALA A 17 -8.69 2.37 10.44
N ALA A 18 -8.60 2.39 9.11
CA ALA A 18 -7.77 3.37 8.42
C ALA A 18 -8.28 4.78 8.65
N MET A 19 -9.61 4.91 8.76
CA MET A 19 -10.23 6.20 9.05
C MET A 19 -9.79 6.71 10.41
N GLU A 20 -9.52 5.79 11.33
CA GLU A 20 -9.11 6.13 12.69
C GLU A 20 -7.63 6.49 12.74
N ARG A 21 -6.90 6.18 11.68
CA ARG A 21 -5.47 6.45 11.63
C ARG A 21 -5.21 7.93 11.46
N ASN A 22 -4.66 8.53 12.51
CA ASN A 22 -4.24 9.92 12.46
C ASN A 22 -3.06 10.06 11.51
N PRO A 23 -2.89 11.24 10.88
CA PRO A 23 -1.80 11.49 9.94
C PRO A 23 -0.42 11.23 10.57
N THR A 24 0.04 10.00 10.44
CA THR A 24 1.32 9.60 11.00
C THR A 24 2.35 9.39 9.90
N GLN A 25 3.62 9.40 10.29
CA GLN A 25 4.71 9.10 9.37
C GLN A 25 4.78 7.61 9.14
N PHE A 26 4.76 7.20 7.89
CA PHE A 26 4.86 5.79 7.55
C PHE A 26 6.19 5.19 8.02
N GLN A 27 6.11 4.08 8.73
CA GLN A 27 7.27 3.37 9.22
C GLN A 27 7.28 1.94 8.70
N LEU A 28 8.45 1.31 8.76
CA LEU A 28 8.57 -0.08 8.34
C LEU A 28 9.18 -0.90 9.48
N PRO A 29 8.89 -2.21 9.53
CA PRO A 29 9.52 -3.12 10.49
C PRO A 29 11.04 -3.12 10.37
N ASN A 30 11.73 -3.36 11.48
CA ASN A 30 13.18 -3.32 11.53
C ASN A 30 13.81 -4.28 10.52
N GLU A 31 13.14 -5.40 10.25
CA GLU A 31 13.60 -6.37 9.26
C GLU A 31 13.83 -5.70 7.91
N LEU A 32 12.96 -4.75 7.57
CA LEU A 32 13.04 -4.07 6.30
C LEU A 32 13.92 -2.83 6.41
N THR A 33 13.77 -2.11 7.52
CA THR A 33 14.53 -0.91 7.78
C THR A 33 14.09 -0.32 9.12
N CYS A 34 15.02 -0.26 10.05
CA CYS A 34 14.79 0.33 11.36
C CYS A 34 14.34 1.79 11.27
N THR A 35 14.72 2.42 10.16
CA THR A 35 14.45 3.83 9.87
C THR A 35 15.15 4.78 10.85
N THR A 36 14.85 4.67 12.13
CA THR A 36 15.44 5.55 13.13
C THR A 36 16.71 4.96 13.71
N ALA A 37 17.80 5.69 13.63
CA ALA A 37 19.07 5.28 14.22
C ALA A 37 19.11 5.69 15.69
N LEU A 38 19.86 4.95 16.50
CA LEU A 38 19.98 5.25 17.92
C LEU A 38 20.68 6.59 18.12
N PRO A 39 20.09 7.49 18.93
CA PRO A 39 20.68 8.77 19.26
C PRO A 39 21.92 8.62 20.13
N GLY A 40 23.08 8.79 19.53
CA GLY A 40 24.32 8.66 20.26
C GLY A 40 25.22 7.59 19.69
N SER A 41 25.97 6.93 20.56
CA SER A 41 26.86 5.86 20.14
C SER A 41 26.79 4.71 21.13
N SER A 42 27.50 3.63 20.86
CA SER A 42 27.51 2.48 21.74
C SER A 42 28.92 1.91 21.80
N SER B 1 -7.32 -7.01 18.07
CA SER B 1 -7.85 -7.83 19.19
C SER B 1 -7.59 -9.32 18.97
N ASN B 2 -6.57 -9.63 18.17
CA ASN B 2 -6.26 -11.02 17.84
C ASN B 2 -4.76 -11.26 17.92
N ALA B 3 -4.05 -10.82 16.89
CA ALA B 3 -2.60 -10.98 16.80
C ALA B 3 -2.08 -10.14 15.65
N GLU B 4 -0.85 -9.66 15.78
CA GLU B 4 -0.25 -8.86 14.72
C GLU B 4 0.09 -9.76 13.54
N VAL B 5 -0.66 -9.61 12.46
CA VAL B 5 -0.49 -10.45 11.28
C VAL B 5 0.67 -9.96 10.43
N LYS B 6 1.59 -10.85 10.12
CA LYS B 6 2.68 -10.54 9.23
C LYS B 6 2.47 -11.24 7.90
N VAL B 7 2.06 -10.48 6.90
CA VAL B 7 1.87 -11.02 5.58
C VAL B 7 3.23 -11.39 4.97
N LYS B 8 4.28 -10.81 5.53
CA LYS B 8 5.66 -11.07 5.10
C LYS B 8 5.92 -10.51 3.71
N ILE B 9 6.71 -9.45 3.66
CA ILE B 9 7.06 -8.83 2.40
C ILE B 9 7.99 -9.75 1.61
N PRO B 10 7.63 -10.06 0.35
CA PRO B 10 8.47 -10.88 -0.52
C PRO B 10 9.87 -10.34 -0.64
N GLU B 11 10.85 -11.25 -0.68
CA GLU B 11 12.25 -10.87 -0.68
C GLU B 11 12.63 -10.12 -1.96
N GLU B 12 11.78 -10.24 -2.97
CA GLU B 12 11.99 -9.54 -4.23
C GLU B 12 11.52 -8.08 -4.13
N LEU B 13 10.57 -7.83 -3.23
CA LEU B 13 9.98 -6.50 -3.07
C LEU B 13 10.68 -5.71 -1.98
N LYS B 14 11.37 -6.43 -1.09
CA LYS B 14 12.10 -5.80 0.02
C LYS B 14 13.07 -4.72 -0.48
N PRO B 15 13.93 -5.01 -1.49
CA PRO B 15 14.84 -4.00 -2.06
C PRO B 15 14.11 -2.75 -2.53
N TRP B 16 12.91 -2.93 -3.09
CA TRP B 16 12.15 -1.81 -3.61
C TRP B 16 11.53 -0.99 -2.48
N LEU B 17 11.26 -1.64 -1.36
CA LEU B 17 10.81 -0.93 -0.18
C LEU B 17 11.90 0.00 0.32
N VAL B 18 13.10 -0.54 0.42
CA VAL B 18 14.26 0.22 0.88
C VAL B 18 14.62 1.30 -0.13
N ASP B 19 14.50 0.98 -1.41
CA ASP B 19 14.85 1.92 -2.48
C ASP B 19 13.93 3.14 -2.43
N ASP B 20 12.63 2.90 -2.45
CA ASP B 20 11.62 3.97 -2.36
C ASP B 20 11.82 4.79 -1.08
N TRP B 21 12.07 4.08 0.02
CA TRP B 21 12.31 4.73 1.30
C TRP B 21 13.58 5.58 1.26
N ASP B 22 14.63 5.03 0.66
CA ASP B 22 15.88 5.77 0.46
C ASP B 22 15.64 7.03 -0.35
N LEU B 23 14.91 6.87 -1.45
CA LEU B 23 14.59 7.98 -2.33
C LEU B 23 13.87 9.10 -1.58
N ILE B 24 12.84 8.72 -0.81
CA ILE B 24 12.03 9.70 -0.09
C ILE B 24 12.78 10.31 1.10
N THR B 25 13.23 9.46 2.03
CA THR B 25 13.76 9.96 3.29
C THR B 25 15.22 10.43 3.18
N ARG B 26 16.05 9.65 2.52
CA ARG B 26 17.47 9.92 2.49
C ARG B 26 17.82 10.90 1.38
N GLN B 27 17.44 10.56 0.16
CA GLN B 27 17.73 11.39 -1.00
C GLN B 27 16.80 12.60 -1.04
N LYS B 28 15.61 12.43 -0.46
CA LYS B 28 14.61 13.49 -0.43
C LYS B 28 14.18 13.85 -1.84
N GLN B 29 14.09 12.83 -2.68
CA GLN B 29 13.63 12.97 -4.04
C GLN B 29 12.14 12.64 -4.11
N LEU B 30 11.37 13.52 -4.72
CA LEU B 30 9.93 13.35 -4.73
C LEU B 30 9.48 12.61 -5.97
N PHE B 31 8.38 11.88 -5.81
CA PHE B 31 7.80 11.10 -6.89
C PHE B 31 7.11 12.02 -7.90
N TYR B 32 7.39 11.80 -9.17
CA TYR B 32 6.67 12.48 -10.24
C TYR B 32 5.22 12.06 -10.19
N LEU B 33 4.39 13.01 -9.75
CA LEU B 33 3.01 12.75 -9.39
C LEU B 33 2.25 11.92 -10.43
N PRO B 34 2.20 12.36 -11.72
CA PRO B 34 1.38 11.70 -12.74
C PRO B 34 1.50 10.17 -12.69
N ALA B 35 0.43 9.53 -12.23
CA ALA B 35 0.41 8.11 -12.05
C ALA B 35 0.13 7.40 -13.35
N LYS B 36 1.20 7.16 -14.09
CA LYS B 36 1.13 6.39 -15.32
C LYS B 36 0.70 4.96 -15.05
N LYS B 37 1.03 4.49 -13.86
CA LYS B 37 0.63 3.15 -13.45
C LYS B 37 -0.20 3.22 -12.18
N ASN B 38 -1.50 3.32 -12.35
CA ASN B 38 -2.42 3.41 -11.22
C ASN B 38 -2.61 2.06 -10.58
N VAL B 39 -3.07 2.06 -9.34
CA VAL B 39 -3.40 0.82 -8.66
C VAL B 39 -4.51 0.09 -9.41
N ASP B 40 -5.45 0.86 -9.93
CA ASP B 40 -6.60 0.32 -10.66
C ASP B 40 -6.19 -0.57 -11.82
N SER B 41 -5.19 -0.13 -12.58
CA SER B 41 -4.73 -0.85 -13.76
C SER B 41 -4.29 -2.28 -13.39
N ILE B 42 -3.38 -2.37 -12.42
CA ILE B 42 -2.85 -3.66 -11.98
C ILE B 42 -3.93 -4.45 -11.24
N LEU B 43 -4.75 -3.73 -10.50
CA LEU B 43 -5.81 -4.34 -9.71
C LEU B 43 -6.82 -5.05 -10.62
N GLU B 44 -7.23 -4.35 -11.67
CA GLU B 44 -8.17 -4.91 -12.63
C GLU B 44 -7.53 -6.06 -13.41
N ASP B 45 -6.24 -5.91 -13.72
CA ASP B 45 -5.49 -6.96 -14.38
C ASP B 45 -5.43 -8.20 -13.50
N TYR B 46 -5.24 -7.97 -12.20
CA TYR B 46 -5.22 -9.04 -11.21
C TYR B 46 -6.59 -9.70 -11.09
N ALA B 47 -7.64 -8.89 -11.22
CA ALA B 47 -9.01 -9.39 -11.19
C ALA B 47 -9.22 -10.43 -12.28
N ASN B 48 -8.92 -10.05 -13.52
CA ASN B 48 -9.06 -10.94 -14.66
C ASN B 48 -8.10 -12.13 -14.52
N TYR B 49 -6.95 -11.87 -13.92
CA TYR B 49 -5.95 -12.90 -13.67
C TYR B 49 -6.52 -14.01 -12.79
N ARG B 50 -7.09 -13.62 -11.67
CA ARG B 50 -7.65 -14.58 -10.71
C ARG B 50 -8.92 -15.23 -11.25
N LYS B 51 -9.61 -14.55 -12.17
CA LYS B 51 -10.81 -15.13 -12.77
C LYS B 51 -10.44 -16.21 -13.77
N SER B 52 -9.48 -15.91 -14.61
CA SER B 52 -9.10 -16.77 -15.71
C SER B 52 -8.27 -17.96 -15.23
N ARG B 53 -7.51 -17.77 -14.14
CA ARG B 53 -6.63 -18.81 -13.63
C ARG B 53 -7.43 -19.97 -13.03
N GLY B 54 -8.67 -19.70 -12.65
CA GLY B 54 -9.52 -20.74 -12.10
C GLY B 54 -10.94 -20.61 -12.58
N ASN B 55 -11.39 -21.60 -13.35
CA ASN B 55 -12.73 -21.54 -13.96
C ASN B 55 -13.73 -22.40 -13.19
N THR B 56 -13.27 -23.03 -12.12
CA THR B 56 -14.08 -23.99 -11.39
C THR B 56 -15.16 -23.30 -10.55
N ASP B 57 -14.77 -22.33 -9.75
CA ASP B 57 -15.70 -21.68 -8.83
C ASP B 57 -16.01 -20.25 -9.24
N ASN B 58 -17.22 -19.81 -8.97
CA ASN B 58 -17.65 -18.44 -9.28
C ASN B 58 -17.22 -17.49 -8.16
N LYS B 59 -15.95 -17.58 -7.78
CA LYS B 59 -15.39 -16.75 -6.71
C LYS B 59 -15.21 -15.28 -7.13
N GLU B 60 -15.85 -14.90 -8.24
CA GLU B 60 -15.75 -13.56 -8.78
C GLU B 60 -16.19 -12.51 -7.76
N TYR B 61 -17.15 -12.88 -6.91
CA TYR B 61 -17.65 -11.99 -5.87
C TYR B 61 -16.50 -11.47 -5.03
N ALA B 62 -15.56 -12.36 -4.75
CA ALA B 62 -14.47 -12.05 -3.86
C ALA B 62 -13.50 -11.10 -4.53
N VAL B 63 -13.15 -11.42 -5.77
CA VAL B 63 -12.27 -10.57 -6.56
C VAL B 63 -12.84 -9.17 -6.66
N ASN B 64 -14.14 -9.09 -6.93
CA ASN B 64 -14.82 -7.81 -7.03
C ASN B 64 -14.66 -7.00 -5.74
N GLU B 65 -14.93 -7.64 -4.61
CA GLU B 65 -14.91 -6.94 -3.32
C GLU B 65 -13.49 -6.56 -2.90
N VAL B 66 -12.53 -7.45 -3.11
CA VAL B 66 -11.15 -7.15 -2.72
C VAL B 66 -10.56 -6.05 -3.60
N VAL B 67 -10.94 -6.03 -4.88
CA VAL B 67 -10.55 -4.95 -5.78
C VAL B 67 -11.17 -3.63 -5.31
N ALA B 68 -12.46 -3.66 -5.04
CA ALA B 68 -13.18 -2.50 -4.53
C ALA B 68 -12.55 -2.02 -3.22
N GLY B 69 -12.27 -2.97 -2.34
CA GLY B 69 -11.67 -2.67 -1.07
C GLY B 69 -10.30 -2.04 -1.19
N ILE B 70 -9.40 -2.69 -1.92
CA ILE B 70 -8.04 -2.17 -2.11
C ILE B 70 -8.06 -0.74 -2.65
N LYS B 71 -8.97 -0.48 -3.58
CA LYS B 71 -9.08 0.84 -4.19
C LYS B 71 -9.43 1.89 -3.14
N GLU B 72 -10.54 1.69 -2.42
CA GLU B 72 -10.99 2.67 -1.43
C GLU B 72 -10.05 2.70 -0.23
N TYR B 73 -9.46 1.55 0.09
CA TYR B 73 -8.51 1.46 1.18
C TYR B 73 -7.26 2.25 0.86
N PHE B 74 -6.84 2.20 -0.40
CA PHE B 74 -5.70 2.99 -0.86
C PHE B 74 -6.00 4.47 -0.70
N ASN B 75 -7.19 4.88 -1.13
CA ASN B 75 -7.60 6.28 -1.05
C ASN B 75 -7.66 6.78 0.39
N VAL B 76 -8.09 5.94 1.32
CA VAL B 76 -8.27 6.36 2.71
C VAL B 76 -6.98 6.21 3.52
N MET B 77 -6.18 5.20 3.19
CA MET B 77 -4.99 4.90 3.97
C MET B 77 -3.81 5.76 3.52
N LEU B 78 -3.76 6.06 2.23
CA LEU B 78 -2.72 6.95 1.73
C LEU B 78 -3.17 8.39 1.93
N GLY B 79 -2.24 9.22 2.37
CA GLY B 79 -2.58 10.58 2.72
C GLY B 79 -2.59 10.77 4.22
N THR B 80 -3.03 9.74 4.92
CA THR B 80 -3.04 9.76 6.37
C THR B 80 -1.76 9.12 6.93
N GLN B 81 -1.59 7.83 6.68
CA GLN B 81 -0.46 7.10 7.25
C GLN B 81 0.53 6.63 6.18
N LEU B 82 0.05 6.34 4.97
CA LEU B 82 0.91 5.74 3.93
C LEU B 82 1.94 6.71 3.37
N LEU B 83 2.09 7.87 3.98
CA LEU B 83 3.03 8.86 3.47
C LEU B 83 4.09 9.16 4.51
N TYR B 84 5.32 9.32 4.05
CA TYR B 84 6.41 9.72 4.92
C TYR B 84 6.25 11.19 5.28
N LYS B 85 6.95 11.63 6.31
CA LYS B 85 6.80 13.00 6.80
C LYS B 85 7.29 14.01 5.76
N PHE B 86 8.13 13.56 4.86
CA PHE B 86 8.65 14.41 3.79
C PHE B 86 7.62 14.56 2.67
N GLU B 87 6.70 13.60 2.58
CA GLU B 87 5.69 13.61 1.53
C GLU B 87 4.51 14.51 1.87
N ARG B 88 4.41 14.88 3.15
CA ARG B 88 3.30 15.69 3.63
C ARG B 88 3.13 16.99 2.82
N PRO B 89 4.22 17.78 2.63
CA PRO B 89 4.16 19.01 1.83
C PRO B 89 3.65 18.77 0.41
N GLN B 90 4.12 17.68 -0.22
CA GLN B 90 3.70 17.37 -1.58
C GLN B 90 2.24 16.96 -1.60
N TYR B 91 1.82 16.19 -0.60
CA TYR B 91 0.42 15.81 -0.46
C TYR B 91 -0.46 17.05 -0.35
N ALA B 92 -0.02 18.00 0.47
CA ALA B 92 -0.73 19.27 0.62
C ALA B 92 -0.71 20.05 -0.70
N GLU B 93 0.44 20.04 -1.37
CA GLU B 93 0.60 20.70 -2.66
C GLU B 93 -0.40 20.15 -3.67
N ILE B 94 -0.57 18.83 -3.65
CA ILE B 94 -1.51 18.15 -4.54
C ILE B 94 -2.93 18.57 -4.27
N LEU B 95 -3.37 18.46 -3.01
CA LEU B 95 -4.74 18.81 -2.64
C LEU B 95 -5.04 20.27 -2.90
N ALA B 96 -4.09 21.13 -2.53
CA ALA B 96 -4.22 22.56 -2.76
C ALA B 96 -4.44 22.87 -4.24
N ASP B 97 -3.56 22.37 -5.09
CA ASP B 97 -3.64 22.68 -6.53
C ASP B 97 -4.73 21.87 -7.20
N HIS B 98 -4.85 20.60 -6.82
CA HIS B 98 -5.85 19.71 -7.41
C HIS B 98 -6.81 19.21 -6.33
N PRO B 99 -7.89 19.96 -6.04
CA PRO B 99 -8.88 19.55 -5.05
C PRO B 99 -9.86 18.53 -5.60
N ASP B 100 -9.63 18.14 -6.85
CA ASP B 100 -10.50 17.20 -7.55
C ASP B 100 -9.75 15.92 -7.88
N ALA B 101 -8.56 15.76 -7.30
CA ALA B 101 -7.72 14.60 -7.61
C ALA B 101 -7.78 13.55 -6.53
N PRO B 102 -8.30 12.35 -6.86
CA PRO B 102 -8.35 11.21 -5.93
C PRO B 102 -6.97 10.55 -5.78
N MET B 103 -6.78 9.85 -4.66
CA MET B 103 -5.49 9.25 -4.34
C MET B 103 -5.06 8.22 -5.38
N SER B 104 -6.01 7.43 -5.86
CA SER B 104 -5.72 6.37 -6.82
C SER B 104 -5.25 6.94 -8.16
N GLN B 105 -5.51 8.22 -8.37
CA GLN B 105 -5.17 8.88 -9.61
C GLN B 105 -3.81 9.57 -9.51
N VAL B 106 -3.53 10.14 -8.35
CA VAL B 106 -2.30 10.89 -8.13
C VAL B 106 -1.16 10.00 -7.68
N TYR B 107 -1.47 8.85 -7.08
CA TYR B 107 -0.43 7.94 -6.65
C TYR B 107 -0.62 6.56 -7.27
N GLY B 108 0.48 5.88 -7.54
CA GLY B 108 0.41 4.62 -8.26
C GLY B 108 1.15 3.48 -7.60
N ALA B 109 1.50 2.48 -8.43
CA ALA B 109 2.05 1.21 -7.96
C ALA B 109 3.32 1.32 -7.09
N PRO B 110 4.35 2.09 -7.50
CA PRO B 110 5.61 2.17 -6.73
C PRO B 110 5.41 2.37 -5.23
N HIS B 111 4.66 3.40 -4.87
CA HIS B 111 4.45 3.73 -3.47
C HIS B 111 3.33 2.89 -2.86
N LEU B 112 2.58 2.19 -3.71
CA LEU B 112 1.49 1.32 -3.26
C LEU B 112 2.01 0.23 -2.33
N LEU B 113 3.27 -0.15 -2.51
CA LEU B 113 3.89 -1.21 -1.70
C LEU B 113 3.89 -0.85 -0.21
N ARG B 114 3.75 0.44 0.10
CA ARG B 114 3.73 0.89 1.48
C ARG B 114 2.51 0.31 2.21
N LEU B 115 1.43 0.11 1.46
CA LEU B 115 0.17 -0.35 2.03
C LEU B 115 0.30 -1.75 2.63
N PHE B 116 0.95 -2.63 1.89
CA PHE B 116 1.05 -4.03 2.28
C PHE B 116 1.93 -4.23 3.52
N VAL B 117 2.84 -3.30 3.74
CA VAL B 117 3.75 -3.37 4.87
C VAL B 117 3.00 -3.30 6.20
N ARG B 118 2.11 -2.32 6.33
CA ARG B 118 1.40 -2.10 7.59
C ARG B 118 0.00 -2.68 7.58
N ILE B 119 -0.42 -3.25 6.44
CA ILE B 119 -1.76 -3.80 6.34
C ILE B 119 -1.95 -4.99 7.28
N GLY B 120 -0.87 -5.73 7.52
CA GLY B 120 -0.93 -6.86 8.42
C GLY B 120 -1.17 -6.43 9.85
N ALA B 121 -0.59 -5.29 10.21
CA ALA B 121 -0.77 -4.74 11.54
C ALA B 121 -2.18 -4.16 11.69
N MET B 122 -2.75 -3.74 10.57
CA MET B 122 -4.12 -3.25 10.56
C MET B 122 -5.08 -4.42 10.79
N LEU B 123 -4.68 -5.59 10.31
CA LEU B 123 -5.44 -6.81 10.53
C LEU B 123 -5.32 -7.26 11.98
N ALA B 124 -4.29 -6.76 12.65
CA ALA B 124 -4.08 -7.08 14.06
C ALA B 124 -5.16 -6.45 14.93
N TYR B 125 -5.44 -5.18 14.67
CA TYR B 125 -6.42 -4.42 15.44
C TYR B 125 -7.84 -4.88 15.08
N THR B 126 -7.99 -5.33 13.85
CA THR B 126 -9.29 -5.72 13.32
C THR B 126 -9.66 -7.13 13.75
N PRO B 127 -10.86 -7.31 14.33
CA PRO B 127 -11.37 -8.62 14.72
C PRO B 127 -11.87 -9.43 13.51
N LEU B 128 -11.01 -10.28 12.99
CA LEU B 128 -11.36 -11.11 11.85
C LEU B 128 -11.20 -12.59 12.19
N ASP B 129 -11.95 -13.43 11.49
CA ASP B 129 -11.88 -14.88 11.70
C ASP B 129 -10.64 -15.44 11.01
N GLU B 130 -10.17 -16.59 11.49
CA GLU B 130 -8.96 -17.22 10.95
C GLU B 130 -9.11 -17.51 9.47
N LYS B 131 -10.30 -17.98 9.07
CA LYS B 131 -10.56 -18.33 7.68
C LYS B 131 -10.60 -17.07 6.83
N SER B 132 -11.14 -16.01 7.40
CA SER B 132 -11.24 -14.73 6.71
C SER B 132 -9.84 -14.15 6.52
N LEU B 133 -8.99 -14.29 7.54
CA LEU B 133 -7.62 -13.82 7.45
C LEU B 133 -6.88 -14.54 6.33
N ALA B 134 -7.10 -15.85 6.24
CA ALA B 134 -6.48 -16.66 5.20
C ALA B 134 -6.94 -16.20 3.82
N LEU B 135 -8.20 -15.79 3.74
CA LEU B 135 -8.77 -15.24 2.51
C LEU B 135 -7.95 -14.02 2.05
N LEU B 136 -7.85 -13.02 2.94
CA LEU B 136 -7.05 -11.83 2.66
C LEU B 136 -5.60 -12.20 2.33
N LEU B 137 -4.99 -13.01 3.20
CA LEU B 137 -3.59 -13.41 3.00
C LEU B 137 -3.39 -14.04 1.64
N ASN B 138 -4.35 -14.85 1.22
CA ASN B 138 -4.29 -15.50 -0.09
C ASN B 138 -4.18 -14.47 -1.20
N TYR B 139 -5.11 -13.52 -1.23
CA TYR B 139 -5.11 -12.50 -2.28
C TYR B 139 -3.88 -11.61 -2.18
N LEU B 140 -3.53 -11.23 -0.96
CA LEU B 140 -2.39 -10.35 -0.73
C LEU B 140 -1.10 -10.98 -1.25
N HIS B 141 -0.90 -12.25 -0.96
CA HIS B 141 0.31 -12.95 -1.38
C HIS B 141 0.38 -13.10 -2.89
N ASP B 142 -0.76 -13.37 -3.51
CA ASP B 142 -0.82 -13.50 -4.97
C ASP B 142 -0.50 -12.14 -5.61
N PHE B 143 -1.08 -11.10 -5.02
CA PHE B 143 -0.84 -9.73 -5.47
C PHE B 143 0.65 -9.40 -5.32
N LEU B 144 1.22 -9.76 -4.18
CA LEU B 144 2.61 -9.48 -3.88
C LEU B 144 3.57 -10.24 -4.81
N LYS B 145 3.29 -11.52 -5.05
CA LYS B 145 4.18 -12.32 -5.90
C LYS B 145 4.09 -11.85 -7.35
N TYR B 146 2.92 -11.34 -7.72
CA TYR B 146 2.74 -10.74 -9.04
C TYR B 146 3.67 -9.54 -9.17
N LEU B 147 3.57 -8.61 -8.22
CA LEU B 147 4.41 -7.42 -8.19
C LEU B 147 5.88 -7.77 -8.05
N ALA B 148 6.16 -8.84 -7.33
CA ALA B 148 7.53 -9.27 -7.08
C ALA B 148 8.20 -9.77 -8.36
N LYS B 149 7.44 -10.48 -9.19
CA LYS B 149 8.00 -11.08 -10.40
C LYS B 149 8.30 -10.01 -11.45
N ASN B 150 7.40 -9.03 -11.59
CA ASN B 150 7.57 -8.00 -12.60
C ASN B 150 8.12 -6.72 -11.98
N SER B 151 8.66 -6.84 -10.78
CA SER B 151 9.15 -5.70 -10.02
C SER B 151 10.18 -4.89 -10.80
N ALA B 152 11.03 -5.59 -11.54
CA ALA B 152 12.09 -4.94 -12.31
C ALA B 152 11.54 -4.05 -13.41
N THR B 153 10.29 -4.28 -13.79
CA THR B 153 9.66 -3.49 -14.84
C THR B 153 8.57 -2.57 -14.29
N LEU B 154 8.11 -2.88 -13.08
CA LEU B 154 7.03 -2.12 -12.47
C LEU B 154 7.56 -1.05 -11.52
N PHE B 155 8.62 -1.41 -10.80
CA PHE B 155 9.21 -0.50 -9.84
C PHE B 155 10.55 0.01 -10.35
N SER B 156 10.66 1.32 -10.51
CA SER B 156 11.90 1.94 -10.93
C SER B 156 11.99 3.37 -10.40
N ALA B 157 13.20 3.86 -10.21
CA ALA B 157 13.41 5.20 -9.67
C ALA B 157 13.31 6.26 -10.76
N SER B 158 12.71 5.89 -11.89
CA SER B 158 12.60 6.77 -13.04
C SER B 158 11.76 8.00 -12.73
N ASP B 159 10.77 7.85 -11.86
CA ASP B 159 9.91 8.96 -11.48
C ASP B 159 10.34 9.53 -10.13
N TYR B 160 11.59 9.31 -9.77
CA TYR B 160 12.15 9.87 -8.54
C TYR B 160 13.41 10.67 -8.86
N GLU B 161 13.27 11.98 -8.92
CA GLU B 161 14.41 12.83 -9.21
C GLU B 161 14.58 13.90 -8.14
N VAL B 162 15.70 14.61 -8.20
CA VAL B 162 16.04 15.58 -7.18
C VAL B 162 15.16 16.83 -7.28
N ALA B 163 14.19 16.92 -6.38
CA ALA B 163 13.41 18.13 -6.24
C ALA B 163 14.27 19.21 -5.59
N PRO B 164 13.99 20.51 -5.88
CA PRO B 164 14.79 21.63 -5.38
C PRO B 164 15.28 21.46 -3.94
N PRO B 165 16.61 21.57 -3.73
CA PRO B 165 17.23 21.38 -2.43
C PRO B 165 16.63 22.24 -1.33
N GLU B 166 16.35 23.50 -1.66
CA GLU B 166 15.79 24.43 -0.68
C GLU B 166 14.32 24.11 -0.41
N TYR B 167 13.67 23.41 -1.34
CA TYR B 167 12.30 22.95 -1.15
C TYR B 167 12.28 21.88 -0.07
N HIS B 168 13.41 21.17 0.06
CA HIS B 168 13.56 20.14 1.09
C HIS B 168 13.45 20.77 2.47
N ARG B 169 14.08 21.94 2.62
CA ARG B 169 14.09 22.65 3.89
C ARG B 169 12.68 23.12 4.25
N LYS B 170 11.96 23.59 3.25
CA LYS B 170 10.61 24.10 3.45
C LYS B 170 9.64 22.95 3.73
N ALA B 171 9.99 21.77 3.24
CA ALA B 171 9.19 20.57 3.45
C ALA B 171 9.25 20.15 4.93
N VAL B 172 10.43 20.29 5.53
CA VAL B 172 10.60 19.92 6.92
C VAL B 172 10.25 21.09 7.83
N ASP A 1 -16.81 -25.58 -4.71
CA ASP A 1 -16.03 -24.50 -4.09
C ASP A 1 -16.13 -24.64 -2.57
N TYR A 2 -15.78 -23.60 -1.82
CA TYR A 2 -15.91 -23.64 -0.37
C TYR A 2 -16.58 -22.35 0.12
N VAL A 3 -17.33 -22.46 1.21
CA VAL A 3 -18.03 -21.30 1.75
C VAL A 3 -17.06 -20.38 2.47
N GLN A 4 -16.57 -19.39 1.73
CA GLN A 4 -15.63 -18.42 2.28
C GLN A 4 -16.37 -17.14 2.68
N PRO A 5 -15.80 -16.38 3.61
CA PRO A 5 -16.31 -15.05 3.95
C PRO A 5 -16.11 -14.08 2.80
N GLN A 6 -16.81 -12.96 2.84
CA GLN A 6 -16.63 -11.93 1.83
C GLN A 6 -15.63 -10.91 2.33
N LEU A 7 -14.96 -10.23 1.42
CA LEU A 7 -13.94 -9.26 1.80
C LEU A 7 -14.57 -7.93 2.18
N ARG A 8 -15.80 -7.73 1.72
CA ARG A 8 -16.56 -6.52 2.00
C ARG A 8 -16.50 -6.18 3.49
N ARG A 9 -16.83 -7.15 4.34
CA ARG A 9 -16.85 -6.92 5.78
C ARG A 9 -15.47 -6.60 6.36
N PRO A 10 -14.45 -7.45 6.12
CA PRO A 10 -13.07 -7.15 6.54
C PRO A 10 -12.61 -5.76 6.10
N PHE A 11 -12.94 -5.36 4.88
CA PHE A 11 -12.55 -4.05 4.38
C PHE A 11 -13.30 -2.93 5.10
N GLU A 12 -14.59 -3.15 5.38
CA GLU A 12 -15.36 -2.21 6.20
C GLU A 12 -14.63 -1.96 7.52
N LEU A 13 -14.20 -3.05 8.13
CA LEU A 13 -13.47 -3.00 9.39
C LEU A 13 -12.12 -2.31 9.21
N LEU A 14 -11.39 -2.73 8.17
CA LEU A 14 -10.07 -2.18 7.88
C LEU A 14 -10.12 -0.67 7.69
N ILE A 15 -11.06 -0.21 6.86
CA ILE A 15 -11.18 1.21 6.58
C ILE A 15 -11.60 1.97 7.84
N ALA A 16 -12.57 1.42 8.57
CA ALA A 16 -13.04 2.03 9.80
C ALA A 16 -11.89 2.14 10.81
N ALA A 17 -11.10 1.08 10.92
CA ALA A 17 -9.95 1.06 11.81
C ALA A 17 -8.86 2.01 11.32
N ALA A 18 -8.78 2.18 9.99
CA ALA A 18 -7.83 3.10 9.39
C ALA A 18 -8.23 4.54 9.67
N MET A 19 -9.53 4.77 9.83
CA MET A 19 -10.04 6.09 10.19
C MET A 19 -9.62 6.44 11.62
N GLU A 20 -9.51 5.40 12.45
CA GLU A 20 -9.15 5.57 13.86
C GLU A 20 -7.65 5.80 14.00
N ARG A 21 -6.91 5.57 12.94
CA ARG A 21 -5.47 5.74 12.95
C ARG A 21 -5.08 7.20 12.96
N ASN A 22 -4.41 7.61 14.03
CA ASN A 22 -3.86 8.95 14.11
C ASN A 22 -2.69 9.07 13.14
N PRO A 23 -2.37 10.30 12.70
CA PRO A 23 -1.27 10.55 11.77
C PRO A 23 0.08 10.16 12.37
N THR A 24 0.45 8.90 12.20
CA THR A 24 1.76 8.42 12.61
C THR A 24 2.67 8.26 11.40
N GLN A 25 3.84 8.90 11.49
CA GLN A 25 4.84 8.82 10.42
C GLN A 25 5.12 7.35 10.07
N PHE A 26 4.91 7.01 8.81
CA PHE A 26 5.12 5.64 8.33
C PHE A 26 6.52 5.14 8.65
N GLN A 27 6.60 4.13 9.49
CA GLN A 27 7.87 3.48 9.81
C GLN A 27 7.72 1.97 9.63
N LEU A 28 8.79 1.32 9.23
CA LEU A 28 8.72 -0.09 8.86
C LEU A 28 9.35 -0.96 9.95
N PRO A 29 8.98 -2.25 9.98
CA PRO A 29 9.59 -3.24 10.88
C PRO A 29 11.11 -3.26 10.80
N ASN A 30 11.73 -3.65 11.90
CA ASN A 30 13.19 -3.66 12.03
C ASN A 30 13.85 -4.53 10.97
N GLU A 31 13.23 -5.65 10.64
CA GLU A 31 13.79 -6.60 9.67
C GLU A 31 13.77 -6.02 8.25
N LEU A 32 12.99 -4.95 8.05
CA LEU A 32 12.95 -4.29 6.76
C LEU A 32 13.88 -3.08 6.77
N THR A 33 13.87 -2.36 7.89
CA THR A 33 14.70 -1.19 8.08
C THR A 33 14.48 -0.66 9.49
N CYS A 34 15.51 -0.80 10.31
CA CYS A 34 15.46 -0.38 11.68
C CYS A 34 15.23 1.12 11.82
N THR A 35 13.98 1.51 12.00
CA THR A 35 13.64 2.88 12.31
C THR A 35 13.47 3.04 13.81
N THR A 36 14.00 4.12 14.37
CA THR A 36 14.00 4.31 15.81
C THR A 36 12.58 4.41 16.38
N ALA A 37 12.20 3.41 17.15
CA ALA A 37 10.88 3.37 17.77
C ALA A 37 10.95 2.68 19.13
N LEU A 38 10.64 3.41 20.18
CA LEU A 38 10.68 2.86 21.53
C LEU A 38 9.36 2.19 21.88
N PRO A 39 9.41 0.95 22.41
CA PRO A 39 8.22 0.22 22.81
C PRO A 39 7.57 0.82 24.05
N GLY A 40 6.69 1.78 23.83
CA GLY A 40 6.00 2.44 24.92
C GLY A 40 5.53 3.83 24.54
N SER A 41 4.65 3.90 23.55
CA SER A 41 4.15 5.16 23.07
C SER A 41 2.88 5.56 23.82
N SER A 42 2.33 4.62 24.56
CA SER A 42 1.11 4.87 25.31
C SER A 42 1.38 4.70 26.81
N SER B 1 -8.14 -12.67 23.92
CA SER B 1 -7.07 -13.02 22.97
C SER B 1 -6.92 -11.93 21.91
N ASN B 2 -5.76 -11.88 21.28
CA ASN B 2 -5.54 -10.94 20.17
C ASN B 2 -5.04 -11.70 18.94
N ALA B 3 -5.25 -11.11 17.78
CA ALA B 3 -4.87 -11.76 16.53
C ALA B 3 -3.88 -10.91 15.74
N GLU B 4 -2.61 -11.26 15.83
CA GLU B 4 -1.58 -10.63 15.05
C GLU B 4 -1.21 -11.54 13.89
N VAL B 5 -1.64 -11.17 12.69
CA VAL B 5 -1.38 -11.99 11.52
C VAL B 5 -0.05 -11.62 10.87
N LYS B 6 0.76 -12.62 10.60
CA LYS B 6 2.05 -12.40 9.99
C LYS B 6 1.94 -12.56 8.48
N VAL B 7 1.53 -11.48 7.82
CA VAL B 7 1.34 -11.47 6.37
C VAL B 7 2.65 -11.78 5.66
N LYS B 8 3.75 -11.30 6.22
CA LYS B 8 5.10 -11.51 5.67
C LYS B 8 5.30 -10.72 4.40
N ILE B 9 6.31 -9.85 4.40
CA ILE B 9 6.65 -9.10 3.20
C ILE B 9 7.51 -9.97 2.30
N PRO B 10 7.01 -10.29 1.09
CA PRO B 10 7.72 -11.14 0.14
C PRO B 10 9.11 -10.64 -0.17
N GLU B 11 10.04 -11.57 -0.32
CA GLU B 11 11.45 -11.25 -0.48
C GLU B 11 11.72 -10.55 -1.80
N GLU B 12 10.77 -10.65 -2.73
CA GLU B 12 10.89 -10.00 -4.02
C GLU B 12 10.45 -8.54 -3.93
N LEU B 13 9.73 -8.19 -2.86
CA LEU B 13 9.23 -6.83 -2.68
C LEU B 13 10.00 -6.11 -1.57
N LYS B 14 10.67 -6.90 -0.73
CA LYS B 14 11.43 -6.36 0.40
C LYS B 14 12.49 -5.35 -0.04
N PRO B 15 13.37 -5.68 -1.02
CA PRO B 15 14.40 -4.75 -1.50
C PRO B 15 13.80 -3.45 -2.04
N TRP B 16 12.58 -3.53 -2.54
CA TRP B 16 11.91 -2.36 -3.10
C TRP B 16 11.56 -1.37 -2.00
N LEU B 17 10.86 -1.83 -0.96
CA LEU B 17 10.44 -0.94 0.11
C LEU B 17 11.66 -0.40 0.86
N VAL B 18 12.75 -1.16 0.87
CA VAL B 18 13.99 -0.68 1.45
C VAL B 18 14.56 0.47 0.63
N ASP B 19 14.53 0.32 -0.69
CA ASP B 19 15.07 1.33 -1.59
C ASP B 19 14.15 2.54 -1.66
N ASP B 20 12.84 2.31 -1.72
CA ASP B 20 11.85 3.39 -1.73
C ASP B 20 12.01 4.26 -0.49
N TRP B 21 12.08 3.61 0.67
CA TRP B 21 12.29 4.30 1.94
C TRP B 21 13.59 5.12 1.90
N ASP B 22 14.66 4.48 1.46
CA ASP B 22 15.98 5.11 1.41
C ASP B 22 15.99 6.29 0.43
N LEU B 23 15.45 6.06 -0.75
CA LEU B 23 15.48 7.04 -1.83
C LEU B 23 14.59 8.24 -1.54
N ILE B 24 13.57 8.06 -0.71
CA ILE B 24 12.75 9.18 -0.29
C ILE B 24 13.42 9.94 0.86
N THR B 25 13.78 9.21 1.91
CA THR B 25 14.26 9.84 3.14
C THR B 25 15.68 10.39 3.01
N ARG B 26 16.61 9.56 2.57
CA ARG B 26 18.01 9.96 2.51
C ARG B 26 18.36 10.60 1.18
N GLN B 27 17.87 10.02 0.10
CA GLN B 27 18.21 10.51 -1.25
C GLN B 27 17.43 11.78 -1.57
N LYS B 28 16.26 11.94 -0.94
CA LYS B 28 15.42 13.13 -1.09
C LYS B 28 14.77 13.19 -2.47
N GLN B 29 14.53 12.02 -3.07
CA GLN B 29 13.85 11.94 -4.34
C GLN B 29 12.35 12.19 -4.18
N LEU B 30 11.71 12.52 -5.29
CA LEU B 30 10.27 12.72 -5.33
C LEU B 30 9.79 12.50 -6.77
N PHE B 31 9.04 11.43 -6.98
CA PHE B 31 8.66 11.03 -8.33
C PHE B 31 7.48 11.86 -8.84
N TYR B 32 7.30 11.86 -10.16
CA TYR B 32 6.13 12.46 -10.77
C TYR B 32 4.92 11.67 -10.33
N LEU B 33 4.13 12.24 -9.43
CA LEU B 33 3.04 11.51 -8.80
C LEU B 33 2.10 10.85 -9.81
N PRO B 34 1.64 11.55 -10.88
CA PRO B 34 0.81 10.92 -11.90
C PRO B 34 1.47 9.65 -12.44
N ALA B 35 0.92 8.51 -12.05
CA ALA B 35 1.50 7.23 -12.39
C ALA B 35 0.70 6.55 -13.49
N LYS B 36 1.41 6.12 -14.52
CA LYS B 36 0.81 5.39 -15.64
C LYS B 36 0.24 4.05 -15.17
N LYS B 37 0.80 3.53 -14.08
CA LYS B 37 0.33 2.30 -13.49
C LYS B 37 -0.13 2.56 -12.06
N ASN B 38 -1.41 2.89 -11.92
CA ASN B 38 -1.98 3.22 -10.63
C ASN B 38 -2.61 2.00 -9.97
N VAL B 39 -3.21 2.20 -8.81
CA VAL B 39 -3.83 1.11 -8.06
C VAL B 39 -5.01 0.53 -8.83
N ASP B 40 -5.82 1.42 -9.42
CA ASP B 40 -6.99 1.02 -10.18
C ASP B 40 -6.62 0.05 -11.31
N SER B 41 -5.52 0.36 -12.00
CA SER B 41 -5.04 -0.46 -13.09
C SER B 41 -4.62 -1.84 -12.58
N ILE B 42 -3.84 -1.87 -11.50
CA ILE B 42 -3.34 -3.13 -10.96
C ILE B 42 -4.51 -4.00 -10.46
N LEU B 43 -5.46 -3.37 -9.77
CA LEU B 43 -6.63 -4.07 -9.28
C LEU B 43 -7.42 -4.69 -10.43
N GLU B 44 -7.68 -3.88 -11.44
CA GLU B 44 -8.44 -4.32 -12.60
C GLU B 44 -7.69 -5.42 -13.37
N ASP B 45 -6.39 -5.25 -13.51
CA ASP B 45 -5.57 -6.23 -14.22
C ASP B 45 -5.53 -7.54 -13.45
N TYR B 46 -5.48 -7.45 -12.13
CA TYR B 46 -5.51 -8.64 -11.28
C TYR B 46 -6.81 -9.40 -11.48
N ALA B 47 -7.92 -8.66 -11.59
CA ALA B 47 -9.22 -9.27 -11.85
C ALA B 47 -9.20 -10.01 -13.18
N ASN B 48 -8.57 -9.40 -14.18
CA ASN B 48 -8.39 -10.05 -15.48
C ASN B 48 -7.51 -11.28 -15.35
N TYR B 49 -6.38 -11.12 -14.66
CA TYR B 49 -5.41 -12.20 -14.48
C TYR B 49 -6.05 -13.39 -13.77
N ARG B 50 -6.89 -13.13 -12.80
CA ARG B 50 -7.56 -14.19 -12.05
C ARG B 50 -8.43 -15.03 -12.98
N LYS B 51 -9.13 -14.35 -13.87
CA LYS B 51 -10.01 -15.02 -14.83
C LYS B 51 -9.19 -15.71 -15.92
N SER B 52 -7.98 -15.22 -16.12
CA SER B 52 -7.08 -15.78 -17.11
C SER B 52 -6.39 -17.04 -16.59
N ARG B 53 -6.16 -17.06 -15.28
CA ARG B 53 -5.50 -18.19 -14.64
C ARG B 53 -6.44 -19.40 -14.65
N GLY B 54 -7.69 -19.17 -14.30
CA GLY B 54 -8.70 -20.21 -14.38
C GLY B 54 -8.81 -21.02 -13.11
N ASN B 55 -9.56 -22.12 -13.20
CA ASN B 55 -9.83 -23.03 -12.07
C ASN B 55 -10.76 -22.38 -11.05
N THR B 56 -10.35 -21.22 -10.55
CA THR B 56 -11.19 -20.45 -9.63
C THR B 56 -11.47 -19.07 -10.22
N ASP B 57 -11.81 -19.05 -11.51
CA ASP B 57 -12.12 -17.80 -12.20
C ASP B 57 -13.53 -17.35 -11.86
N ASN B 58 -14.18 -18.11 -10.98
CA ASN B 58 -15.47 -17.76 -10.44
C ASN B 58 -15.31 -16.80 -9.27
N LYS B 59 -14.05 -16.52 -8.94
CA LYS B 59 -13.70 -15.64 -7.81
C LYS B 59 -13.92 -14.18 -8.15
N GLU B 60 -14.67 -13.91 -9.22
CA GLU B 60 -14.98 -12.55 -9.65
C GLU B 60 -15.54 -11.72 -8.49
N TYR B 61 -16.44 -12.32 -7.71
CA TYR B 61 -17.02 -11.64 -6.56
C TYR B 61 -15.93 -11.17 -5.60
N ALA B 62 -14.94 -12.03 -5.38
CA ALA B 62 -13.92 -11.79 -4.37
C ALA B 62 -12.87 -10.82 -4.87
N VAL B 63 -12.54 -10.88 -6.16
CA VAL B 63 -11.56 -9.96 -6.71
C VAL B 63 -12.13 -8.55 -6.80
N ASN B 64 -13.44 -8.45 -7.05
CA ASN B 64 -14.12 -7.15 -6.99
C ASN B 64 -14.09 -6.61 -5.57
N GLU B 65 -14.27 -7.50 -4.60
CA GLU B 65 -14.13 -7.15 -3.18
C GLU B 65 -12.76 -6.52 -2.94
N VAL B 66 -11.72 -7.18 -3.45
CA VAL B 66 -10.35 -6.70 -3.30
C VAL B 66 -10.19 -5.33 -3.94
N VAL B 67 -10.68 -5.18 -5.17
CA VAL B 67 -10.56 -3.93 -5.90
C VAL B 67 -11.18 -2.77 -5.13
N ALA B 68 -12.43 -2.92 -4.73
CA ALA B 68 -13.14 -1.88 -4.00
C ALA B 68 -12.42 -1.59 -2.68
N GLY B 69 -12.11 -2.67 -1.95
CA GLY B 69 -11.48 -2.55 -0.66
C GLY B 69 -10.12 -1.89 -0.72
N ILE B 70 -9.21 -2.46 -1.51
CA ILE B 70 -7.85 -1.93 -1.61
C ILE B 70 -7.86 -0.47 -2.04
N LYS B 71 -8.72 -0.15 -3.01
CA LYS B 71 -8.85 1.21 -3.51
C LYS B 71 -9.13 2.19 -2.36
N GLU B 72 -10.19 1.94 -1.61
CA GLU B 72 -10.61 2.85 -0.55
C GLU B 72 -9.71 2.73 0.67
N TYR B 73 -9.30 1.51 1.00
CA TYR B 73 -8.41 1.27 2.13
C TYR B 73 -7.08 1.99 1.96
N PHE B 74 -6.60 2.03 0.72
CA PHE B 74 -5.37 2.74 0.40
C PHE B 74 -5.61 4.24 0.47
N ASN B 75 -6.72 4.69 -0.10
CA ASN B 75 -7.04 6.12 -0.18
C ASN B 75 -7.24 6.72 1.21
N VAL B 76 -7.83 5.97 2.12
CA VAL B 76 -8.14 6.47 3.47
C VAL B 76 -6.87 6.52 4.33
N MET B 77 -5.86 5.74 3.97
CA MET B 77 -4.62 5.68 4.74
C MET B 77 -3.56 6.59 4.14
N LEU B 78 -3.58 6.73 2.83
CA LEU B 78 -2.61 7.56 2.12
C LEU B 78 -2.74 9.01 2.57
N GLY B 79 -1.69 9.52 3.20
CA GLY B 79 -1.68 10.89 3.62
C GLY B 79 -1.10 11.07 5.00
N THR B 80 -1.67 10.37 5.98
CA THR B 80 -1.27 10.55 7.37
C THR B 80 -0.74 9.26 7.99
N GLN B 81 -1.00 8.12 7.35
CA GLN B 81 -0.61 6.84 7.92
C GLN B 81 0.12 5.96 6.91
N LEU B 82 0.61 6.57 5.84
CA LEU B 82 1.28 5.80 4.80
C LEU B 82 2.38 6.61 4.11
N LEU B 83 2.67 7.79 4.65
CA LEU B 83 3.66 8.67 4.06
C LEU B 83 4.65 9.15 5.11
N TYR B 84 5.74 9.75 4.66
CA TYR B 84 6.69 10.37 5.56
C TYR B 84 6.39 11.85 5.65
N LYS B 85 6.95 12.51 6.65
CA LYS B 85 6.73 13.94 6.86
C LYS B 85 7.28 14.77 5.70
N PHE B 86 8.22 14.18 4.96
CA PHE B 86 8.82 14.84 3.80
C PHE B 86 7.83 14.90 2.64
N GLU B 87 6.84 14.03 2.66
CA GLU B 87 5.89 13.90 1.57
C GLU B 87 4.67 14.78 1.79
N ARG B 88 4.71 15.60 2.84
CA ARG B 88 3.63 16.54 3.14
C ARG B 88 3.35 17.49 1.97
N PRO B 89 4.37 18.21 1.43
CA PRO B 89 4.17 19.12 0.30
C PRO B 89 3.62 18.41 -0.93
N GLN B 90 4.14 17.22 -1.20
CA GLN B 90 3.68 16.39 -2.31
C GLN B 90 2.17 16.18 -2.23
N TYR B 91 1.72 15.71 -1.06
CA TYR B 91 0.32 15.42 -0.83
C TYR B 91 -0.52 16.70 -0.94
N ALA B 92 -0.09 17.74 -0.25
CA ALA B 92 -0.82 19.00 -0.22
C ALA B 92 -0.89 19.64 -1.60
N GLU B 93 0.23 19.61 -2.32
CA GLU B 93 0.32 20.26 -3.63
C GLU B 93 -0.63 19.60 -4.62
N ILE B 94 -0.57 18.28 -4.70
CA ILE B 94 -1.42 17.54 -5.62
C ILE B 94 -2.89 17.72 -5.30
N LEU B 95 -3.23 17.73 -4.02
CA LEU B 95 -4.61 17.98 -3.61
C LEU B 95 -5.05 19.39 -4.00
N ALA B 96 -4.21 20.36 -3.68
CA ALA B 96 -4.50 21.76 -3.98
C ALA B 96 -4.65 22.01 -5.48
N ASP B 97 -3.82 21.35 -6.29
CA ASP B 97 -3.85 21.56 -7.73
C ASP B 97 -4.86 20.64 -8.41
N HIS B 98 -5.00 19.42 -7.90
CA HIS B 98 -5.94 18.45 -8.45
C HIS B 98 -6.85 17.88 -7.37
N PRO B 99 -8.01 18.52 -7.14
CA PRO B 99 -8.97 18.03 -6.15
C PRO B 99 -9.82 16.89 -6.68
N ASP B 100 -9.62 16.54 -7.94
CA ASP B 100 -10.42 15.51 -8.59
C ASP B 100 -9.60 14.24 -8.78
N ALA B 101 -8.43 14.20 -8.20
CA ALA B 101 -7.53 13.06 -8.36
C ALA B 101 -7.46 12.24 -7.08
N PRO B 102 -8.05 11.04 -7.09
CA PRO B 102 -7.97 10.10 -5.96
C PRO B 102 -6.55 9.58 -5.77
N MET B 103 -6.19 9.34 -4.52
CA MET B 103 -4.84 8.87 -4.18
C MET B 103 -4.51 7.55 -4.86
N SER B 104 -5.52 6.73 -5.07
CA SER B 104 -5.36 5.43 -5.71
C SER B 104 -5.02 5.58 -7.19
N GLN B 105 -5.32 6.75 -7.75
CA GLN B 105 -5.08 7.02 -9.16
C GLN B 105 -3.70 7.62 -9.36
N VAL B 106 -3.29 8.47 -8.44
CA VAL B 106 -1.97 9.08 -8.51
C VAL B 106 -0.90 8.14 -7.95
N TYR B 107 -1.10 7.63 -6.74
CA TYR B 107 -0.11 6.76 -6.12
C TYR B 107 -0.24 5.35 -6.65
N GLY B 108 0.62 5.01 -7.60
CA GLY B 108 0.55 3.71 -8.24
C GLY B 108 1.40 2.65 -7.55
N ALA B 109 1.81 1.66 -8.35
CA ALA B 109 2.52 0.47 -7.84
C ALA B 109 3.66 0.78 -6.86
N PRO B 110 4.63 1.67 -7.23
CA PRO B 110 5.79 1.98 -6.37
C PRO B 110 5.40 2.25 -4.92
N HIS B 111 4.47 3.18 -4.73
CA HIS B 111 4.07 3.61 -3.39
C HIS B 111 3.03 2.68 -2.78
N LEU B 112 2.37 1.89 -3.63
CA LEU B 112 1.32 0.96 -3.17
C LEU B 112 1.87 -0.11 -2.24
N LEU B 113 3.13 -0.47 -2.44
CA LEU B 113 3.78 -1.52 -1.66
C LEU B 113 3.71 -1.21 -0.16
N ARG B 114 3.72 0.08 0.17
CA ARG B 114 3.73 0.52 1.57
C ARG B 114 2.46 0.07 2.31
N LEU B 115 1.35 -0.04 1.58
CA LEU B 115 0.07 -0.35 2.19
C LEU B 115 0.10 -1.73 2.85
N PHE B 116 0.87 -2.64 2.26
CA PHE B 116 0.94 -4.01 2.74
C PHE B 116 1.78 -4.08 4.01
N VAL B 117 2.68 -3.14 4.16
CA VAL B 117 3.49 -3.02 5.37
C VAL B 117 2.60 -2.57 6.54
N ARG B 118 1.51 -1.89 6.21
CA ARG B 118 0.59 -1.39 7.21
C ARG B 118 -0.57 -2.35 7.46
N ILE B 119 -1.07 -2.98 6.39
CA ILE B 119 -2.25 -3.85 6.50
C ILE B 119 -2.04 -4.99 7.48
N GLY B 120 -0.78 -5.43 7.62
CA GLY B 120 -0.48 -6.49 8.56
C GLY B 120 -0.86 -6.12 9.99
N ALA B 121 -0.46 -4.92 10.40
CA ALA B 121 -0.77 -4.44 11.74
C ALA B 121 -2.22 -4.01 11.84
N MET B 122 -2.78 -3.57 10.72
CA MET B 122 -4.17 -3.14 10.68
C MET B 122 -5.11 -4.34 10.83
N LEU B 123 -4.70 -5.49 10.29
CA LEU B 123 -5.45 -6.72 10.48
C LEU B 123 -5.39 -7.14 11.93
N ALA B 124 -4.35 -6.70 12.63
CA ALA B 124 -4.22 -6.94 14.07
C ALA B 124 -5.20 -6.08 14.85
N TYR B 125 -5.73 -5.06 14.17
CA TYR B 125 -6.76 -4.20 14.75
C TYR B 125 -8.13 -4.62 14.25
N THR B 126 -8.19 -5.73 13.53
CA THR B 126 -9.43 -6.17 12.91
C THR B 126 -9.80 -7.58 13.38
N PRO B 127 -10.95 -7.73 14.04
CA PRO B 127 -11.43 -9.04 14.51
C PRO B 127 -12.05 -9.86 13.38
N LEU B 128 -11.24 -10.72 12.78
CA LEU B 128 -11.70 -11.58 11.69
C LEU B 128 -11.61 -13.05 12.07
N ASP B 129 -12.16 -13.91 11.22
CA ASP B 129 -12.02 -15.36 11.40
C ASP B 129 -10.66 -15.81 10.92
N GLU B 130 -10.28 -17.03 11.29
CA GLU B 130 -9.03 -17.61 10.83
C GLU B 130 -9.10 -17.78 9.33
N LYS B 131 -10.28 -18.22 8.90
CA LYS B 131 -10.60 -18.39 7.49
C LYS B 131 -10.51 -17.06 6.75
N SER B 132 -10.99 -16.01 7.40
CA SER B 132 -10.99 -14.67 6.82
C SER B 132 -9.55 -14.17 6.65
N LEU B 133 -8.74 -14.32 7.69
CA LEU B 133 -7.33 -13.94 7.62
C LEU B 133 -6.63 -14.63 6.46
N ALA B 134 -6.76 -15.95 6.42
CA ALA B 134 -6.20 -16.77 5.36
C ALA B 134 -6.71 -16.32 3.99
N LEU B 135 -7.94 -15.84 3.97
CA LEU B 135 -8.56 -15.33 2.75
C LEU B 135 -7.77 -14.12 2.23
N LEU B 136 -7.60 -13.11 3.10
CA LEU B 136 -6.82 -11.94 2.74
C LEU B 136 -5.40 -12.33 2.34
N LEU B 137 -4.72 -13.11 3.17
CA LEU B 137 -3.40 -13.62 2.84
C LEU B 137 -3.34 -14.19 1.43
N ASN B 138 -4.33 -14.99 1.07
CA ASN B 138 -4.40 -15.58 -0.26
C ASN B 138 -4.34 -14.50 -1.34
N TYR B 139 -5.30 -13.58 -1.31
CA TYR B 139 -5.37 -12.54 -2.33
C TYR B 139 -4.18 -11.61 -2.26
N LEU B 140 -3.79 -11.21 -1.05
CA LEU B 140 -2.67 -10.30 -0.86
C LEU B 140 -1.37 -10.90 -1.40
N HIS B 141 -1.15 -12.19 -1.13
CA HIS B 141 0.07 -12.84 -1.58
C HIS B 141 0.07 -13.05 -3.08
N ASP B 142 -1.11 -13.17 -3.68
CA ASP B 142 -1.20 -13.22 -5.13
C ASP B 142 -0.95 -11.84 -5.73
N PHE B 143 -1.48 -10.82 -5.06
CA PHE B 143 -1.28 -9.44 -5.45
C PHE B 143 0.22 -9.10 -5.38
N LEU B 144 0.84 -9.46 -4.27
CA LEU B 144 2.26 -9.22 -4.04
C LEU B 144 3.12 -9.95 -5.07
N LYS B 145 2.78 -11.19 -5.37
CA LYS B 145 3.53 -11.96 -6.37
C LYS B 145 3.41 -11.32 -7.74
N TYR B 146 2.25 -10.74 -8.04
CA TYR B 146 2.04 -10.05 -9.30
C TYR B 146 3.00 -8.86 -9.40
N LEU B 147 3.07 -8.06 -8.33
CA LEU B 147 3.98 -6.93 -8.28
C LEU B 147 5.43 -7.39 -8.37
N ALA B 148 5.72 -8.53 -7.74
CA ALA B 148 7.06 -9.09 -7.75
C ALA B 148 7.48 -9.53 -9.15
N LYS B 149 6.58 -10.22 -9.84
CA LYS B 149 6.87 -10.74 -11.18
C LYS B 149 6.98 -9.62 -12.20
N ASN B 150 6.22 -8.56 -12.00
CA ASN B 150 6.21 -7.43 -12.92
C ASN B 150 6.96 -6.25 -12.34
N SER B 151 7.92 -6.54 -11.47
CA SER B 151 8.67 -5.51 -10.77
C SER B 151 9.39 -4.56 -11.73
N ALA B 152 9.81 -5.07 -12.87
CA ALA B 152 10.57 -4.28 -13.84
C ALA B 152 9.72 -3.17 -14.45
N THR B 153 8.43 -3.44 -14.63
CA THR B 153 7.55 -2.47 -15.27
C THR B 153 6.66 -1.73 -14.26
N LEU B 154 6.44 -2.34 -13.10
CA LEU B 154 5.59 -1.74 -12.09
C LEU B 154 6.36 -0.77 -11.21
N PHE B 155 7.56 -1.16 -10.81
CA PHE B 155 8.34 -0.36 -9.88
C PHE B 155 9.38 0.48 -10.60
N SER B 156 9.03 1.74 -10.82
CA SER B 156 9.89 2.66 -11.52
C SER B 156 10.61 3.59 -10.53
N ALA B 157 11.86 3.29 -10.23
CA ALA B 157 12.64 4.11 -9.31
C ALA B 157 13.32 5.27 -10.02
N SER B 158 13.46 5.14 -11.34
CA SER B 158 14.12 6.16 -12.15
C SER B 158 13.16 7.32 -12.42
N ASP B 159 11.87 7.06 -12.21
CA ASP B 159 10.84 8.10 -12.35
C ASP B 159 10.83 9.00 -11.13
N TYR B 160 11.57 8.61 -10.10
CA TYR B 160 11.76 9.45 -8.94
C TYR B 160 12.70 10.60 -9.27
N GLU B 161 12.11 11.75 -9.54
CA GLU B 161 12.85 12.97 -9.80
C GLU B 161 13.52 13.42 -8.50
N VAL B 162 14.35 14.42 -8.61
CA VAL B 162 14.98 15.00 -7.45
C VAL B 162 14.31 16.32 -7.15
N ALA B 163 13.52 16.35 -6.08
CA ALA B 163 12.80 17.55 -5.69
C ALA B 163 13.76 18.73 -5.57
N PRO B 164 13.44 19.86 -6.21
CA PRO B 164 14.27 21.06 -6.17
C PRO B 164 14.65 21.47 -4.75
N PRO B 165 15.89 21.94 -4.55
CA PRO B 165 16.36 22.39 -3.24
C PRO B 165 15.47 23.47 -2.66
N GLU B 166 14.91 24.30 -3.53
CA GLU B 166 13.97 25.32 -3.14
C GLU B 166 12.70 24.66 -2.60
N TYR B 167 12.19 23.68 -3.36
CA TYR B 167 11.02 22.92 -2.96
C TYR B 167 11.29 22.15 -1.66
N HIS B 168 12.55 21.78 -1.45
CA HIS B 168 12.96 21.12 -0.21
C HIS B 168 12.65 21.99 1.00
N ARG B 169 12.82 23.29 0.84
CA ARG B 169 12.61 24.23 1.93
C ARG B 169 11.12 24.40 2.20
N LYS B 170 10.30 24.10 1.19
CA LYS B 170 8.86 24.13 1.35
C LYS B 170 8.35 22.77 1.82
N ALA B 171 9.25 21.80 1.83
CA ALA B 171 8.92 20.46 2.30
C ALA B 171 9.16 20.36 3.80
N VAL B 172 10.36 20.74 4.23
CA VAL B 172 10.72 20.69 5.63
C VAL B 172 11.23 22.06 6.07
N ASP A 1 -20.02 -27.97 -1.07
CA ASP A 1 -19.08 -28.64 -0.13
C ASP A 1 -18.23 -27.60 0.59
N TYR A 2 -17.36 -26.93 -0.14
CA TYR A 2 -16.50 -25.91 0.44
C TYR A 2 -17.20 -24.55 0.41
N VAL A 3 -17.19 -23.86 1.54
CA VAL A 3 -17.77 -22.54 1.63
C VAL A 3 -16.73 -21.53 2.08
N GLN A 4 -16.56 -20.47 1.31
CA GLN A 4 -15.62 -19.41 1.66
C GLN A 4 -16.35 -18.25 2.33
N PRO A 5 -15.71 -17.59 3.30
CA PRO A 5 -16.31 -16.44 4.00
C PRO A 5 -16.34 -15.18 3.11
N GLN A 6 -16.81 -14.09 3.68
CA GLN A 6 -16.95 -12.85 2.92
C GLN A 6 -15.76 -11.92 3.14
N LEU A 7 -15.41 -11.19 2.08
CA LEU A 7 -14.36 -10.17 2.16
C LEU A 7 -14.93 -8.86 2.72
N ARG A 8 -16.24 -8.70 2.58
CA ARG A 8 -16.91 -7.45 2.97
C ARG A 8 -16.54 -7.00 4.37
N ARG A 9 -16.96 -7.77 5.37
CA ARG A 9 -16.71 -7.42 6.77
C ARG A 9 -15.23 -7.13 7.05
N PRO A 10 -14.30 -8.05 6.72
CA PRO A 10 -12.87 -7.80 6.92
C PRO A 10 -12.40 -6.47 6.33
N PHE A 11 -12.83 -6.17 5.11
CA PHE A 11 -12.44 -4.92 4.45
C PHE A 11 -13.06 -3.72 5.16
N GLU A 12 -14.31 -3.84 5.60
CA GLU A 12 -14.96 -2.77 6.34
C GLU A 12 -14.20 -2.48 7.62
N LEU A 13 -13.82 -3.54 8.32
CA LEU A 13 -13.03 -3.42 9.54
C LEU A 13 -11.68 -2.78 9.23
N LEU A 14 -11.08 -3.24 8.14
CA LEU A 14 -9.77 -2.77 7.72
C LEU A 14 -9.80 -1.29 7.35
N ILE A 15 -10.78 -0.90 6.53
CA ILE A 15 -10.91 0.49 6.12
C ILE A 15 -11.28 1.37 7.31
N ALA A 16 -12.09 0.83 8.22
CA ALA A 16 -12.44 1.56 9.44
C ALA A 16 -11.18 1.89 10.24
N ALA A 17 -10.24 0.94 10.24
CA ALA A 17 -8.96 1.16 10.89
C ALA A 17 -8.15 2.21 10.13
N ALA A 18 -8.28 2.22 8.80
CA ALA A 18 -7.61 3.22 7.97
C ALA A 18 -8.15 4.63 8.26
N MET A 19 -9.40 4.71 8.64
CA MET A 19 -10.04 6.00 8.91
C MET A 19 -9.50 6.61 10.20
N GLU A 20 -9.23 5.78 11.20
CA GLU A 20 -8.78 6.27 12.50
C GLU A 20 -7.29 6.59 12.48
N ARG A 21 -6.58 6.05 11.51
CA ARG A 21 -5.12 6.21 11.45
C ARG A 21 -4.73 7.68 11.33
N ASN A 22 -4.04 8.15 12.36
CA ASN A 22 -3.45 9.48 12.34
C ASN A 22 -2.14 9.43 11.57
N PRO A 23 -1.69 10.57 11.02
CA PRO A 23 -0.43 10.64 10.29
C PRO A 23 0.77 10.40 11.22
N THR A 24 1.12 9.14 11.39
CA THR A 24 2.26 8.75 12.22
C THR A 24 3.51 8.61 11.38
N GLN A 25 3.44 9.07 10.13
CA GLN A 25 4.52 8.95 9.16
C GLN A 25 4.69 7.49 8.73
N PHE A 26 4.93 7.26 7.45
CA PHE A 26 5.15 5.91 6.96
C PHE A 26 6.45 5.36 7.51
N GLN A 27 6.34 4.30 8.31
CA GLN A 27 7.51 3.67 8.92
C GLN A 27 7.54 2.20 8.55
N LEU A 28 8.74 1.67 8.33
CA LEU A 28 8.90 0.31 7.88
C LEU A 28 9.31 -0.61 9.02
N PRO A 29 8.84 -1.87 8.97
CA PRO A 29 9.16 -2.91 9.96
C PRO A 29 10.66 -3.05 10.21
N ASN A 30 11.00 -3.58 11.39
CA ASN A 30 12.39 -3.74 11.79
C ASN A 30 13.10 -4.74 10.89
N GLU A 31 12.36 -5.73 10.40
CA GLU A 31 12.92 -6.75 9.50
C GLU A 31 13.24 -6.14 8.14
N LEU A 32 12.66 -4.99 7.87
CA LEU A 32 12.89 -4.30 6.61
C LEU A 32 13.98 -3.25 6.73
N THR A 33 13.93 -2.46 7.81
CA THR A 33 14.93 -1.42 8.03
C THR A 33 14.91 -0.92 9.47
N CYS A 34 13.74 -0.99 10.11
CA CYS A 34 13.57 -0.56 11.51
C CYS A 34 13.68 0.96 11.63
N THR A 35 12.56 1.65 11.43
CA THR A 35 12.51 3.09 11.54
C THR A 35 11.89 3.51 12.87
N THR A 36 11.74 2.55 13.78
CA THR A 36 11.14 2.80 15.07
C THR A 36 12.20 3.16 16.12
N ALA A 37 13.44 3.27 15.67
CA ALA A 37 14.54 3.61 16.57
C ALA A 37 15.24 4.88 16.10
N LEU A 38 15.32 5.86 16.99
CA LEU A 38 15.95 7.14 16.67
C LEU A 38 17.45 6.96 16.44
N PRO A 39 17.99 7.59 15.39
CA PRO A 39 19.38 7.49 15.03
C PRO A 39 20.24 8.59 15.66
N GLY A 40 20.98 8.23 16.71
CA GLY A 40 21.89 9.16 17.33
C GLY A 40 21.21 10.06 18.35
N SER A 41 22.02 10.77 19.13
CA SER A 41 21.51 11.70 20.12
C SER A 41 21.59 13.13 19.58
N SER A 42 22.49 13.34 18.61
CA SER A 42 22.73 14.65 18.02
C SER A 42 23.28 15.62 19.05
N SER B 1 -5.00 -9.64 21.47
CA SER B 1 -5.79 -9.59 20.22
C SER B 1 -6.05 -10.99 19.67
N ASN B 2 -5.06 -11.88 19.83
CA ASN B 2 -5.15 -13.26 19.32
C ASN B 2 -5.30 -13.29 17.81
N ALA B 3 -4.85 -12.23 17.17
CA ALA B 3 -4.96 -12.11 15.73
C ALA B 3 -3.77 -11.36 15.15
N GLU B 4 -2.60 -11.59 15.73
CA GLU B 4 -1.40 -10.98 15.21
C GLU B 4 -0.99 -11.70 13.94
N VAL B 5 -1.53 -11.26 12.82
CA VAL B 5 -1.18 -11.82 11.53
C VAL B 5 0.17 -11.30 11.09
N LYS B 6 1.08 -12.20 10.81
CA LYS B 6 2.42 -11.82 10.43
C LYS B 6 2.49 -11.67 8.92
N VAL B 7 1.99 -10.53 8.43
CA VAL B 7 2.07 -10.23 7.02
C VAL B 7 3.53 -9.98 6.63
N LYS B 8 4.20 -11.06 6.26
CA LYS B 8 5.63 -11.01 5.98
C LYS B 8 5.89 -10.57 4.55
N ILE B 9 6.42 -9.36 4.43
CA ILE B 9 6.86 -8.84 3.14
C ILE B 9 7.88 -9.77 2.52
N PRO B 10 7.58 -10.31 1.32
CA PRO B 10 8.49 -11.23 0.61
C PRO B 10 9.89 -10.64 0.49
N GLU B 11 10.90 -11.47 0.72
CA GLU B 11 12.28 -11.00 0.70
C GLU B 11 12.70 -10.60 -0.71
N GLU B 12 11.94 -11.05 -1.70
CA GLU B 12 12.18 -10.64 -3.08
C GLU B 12 11.72 -9.19 -3.30
N LEU B 13 10.79 -8.76 -2.47
CA LEU B 13 10.17 -7.45 -2.63
C LEU B 13 10.68 -6.46 -1.58
N LYS B 14 11.25 -7.00 -0.50
CA LYS B 14 11.88 -6.18 0.55
C LYS B 14 12.82 -5.09 -0.02
N PRO B 15 13.77 -5.45 -0.93
CA PRO B 15 14.72 -4.48 -1.51
C PRO B 15 14.05 -3.22 -2.02
N TRP B 16 12.92 -3.35 -2.71
CA TRP B 16 12.24 -2.19 -3.27
C TRP B 16 11.73 -1.29 -2.16
N LEU B 17 11.14 -1.87 -1.14
CA LEU B 17 10.59 -1.09 -0.03
C LEU B 17 11.69 -0.35 0.72
N VAL B 18 12.83 -1.00 0.90
CA VAL B 18 13.97 -0.38 1.55
C VAL B 18 14.55 0.71 0.64
N ASP B 19 14.55 0.44 -0.66
CA ASP B 19 15.09 1.36 -1.64
C ASP B 19 14.21 2.60 -1.75
N ASP B 20 12.90 2.39 -1.83
CA ASP B 20 11.92 3.49 -1.86
C ASP B 20 12.08 4.37 -0.63
N TRP B 21 12.20 3.72 0.53
CA TRP B 21 12.41 4.43 1.79
C TRP B 21 13.71 5.25 1.74
N ASP B 22 14.81 4.61 1.38
CA ASP B 22 16.11 5.27 1.32
C ASP B 22 16.10 6.38 0.28
N LEU B 23 15.42 6.12 -0.81
CA LEU B 23 15.30 7.07 -1.92
C LEU B 23 14.68 8.39 -1.45
N ILE B 24 13.59 8.28 -0.70
CA ILE B 24 12.90 9.46 -0.19
C ILE B 24 13.67 10.11 0.97
N THR B 25 14.12 9.30 1.92
CA THR B 25 14.70 9.82 3.15
C THR B 25 16.15 10.28 2.99
N ARG B 26 16.94 9.51 2.26
CA ARG B 26 18.36 9.82 2.13
C ARG B 26 18.63 10.71 0.91
N GLN B 27 18.11 10.32 -0.25
CA GLN B 27 18.37 11.08 -1.47
C GLN B 27 17.46 12.31 -1.56
N LYS B 28 16.29 12.22 -0.95
CA LYS B 28 15.29 13.29 -1.03
C LYS B 28 14.85 13.51 -2.47
N GLN B 29 14.80 12.43 -3.24
CA GLN B 29 14.30 12.50 -4.60
C GLN B 29 12.80 12.25 -4.59
N LEU B 30 12.04 13.23 -5.02
CA LEU B 30 10.60 13.22 -4.87
C LEU B 30 9.93 12.47 -6.02
N PHE B 31 8.83 11.80 -5.70
CA PHE B 31 8.00 11.15 -6.71
C PHE B 31 7.18 12.21 -7.43
N TYR B 32 7.46 12.41 -8.70
CA TYR B 32 6.72 13.36 -9.50
C TYR B 32 5.31 12.84 -9.77
N LEU B 33 4.41 13.75 -10.13
CA LEU B 33 3.00 13.44 -10.28
C LEU B 33 2.76 12.34 -11.34
N PRO B 34 3.34 12.46 -12.57
CA PRO B 34 3.07 11.51 -13.66
C PRO B 34 3.12 10.05 -13.22
N ALA B 35 1.95 9.44 -13.15
CA ALA B 35 1.83 8.06 -12.74
C ALA B 35 1.75 7.15 -13.95
N LYS B 36 2.85 6.48 -14.24
CA LYS B 36 2.93 5.56 -15.34
C LYS B 36 2.27 4.23 -14.99
N LYS B 37 2.05 4.01 -13.70
CA LYS B 37 1.38 2.82 -13.20
C LYS B 37 0.37 3.22 -12.14
N ASN B 38 -0.90 3.35 -12.55
CA ASN B 38 -1.95 3.76 -11.63
C ASN B 38 -2.58 2.56 -10.92
N VAL B 39 -3.13 2.82 -9.74
CA VAL B 39 -3.75 1.77 -8.95
C VAL B 39 -4.93 1.15 -9.69
N ASP B 40 -5.77 2.00 -10.28
CA ASP B 40 -6.95 1.55 -11.02
C ASP B 40 -6.60 0.50 -12.07
N SER B 41 -5.51 0.75 -12.79
CA SER B 41 -5.07 -0.15 -13.85
C SER B 41 -4.60 -1.48 -13.27
N ILE B 42 -3.71 -1.42 -12.27
CA ILE B 42 -3.16 -2.62 -11.65
C ILE B 42 -4.25 -3.42 -10.96
N LEU B 43 -5.17 -2.71 -10.32
CA LEU B 43 -6.29 -3.33 -9.62
C LEU B 43 -7.12 -4.17 -10.58
N GLU B 44 -7.52 -3.54 -11.69
CA GLU B 44 -8.30 -4.22 -12.71
C GLU B 44 -7.51 -5.35 -13.35
N ASP B 45 -6.23 -5.09 -13.63
CA ASP B 45 -5.37 -6.08 -14.27
C ASP B 45 -5.22 -7.32 -13.41
N TYR B 46 -5.12 -7.11 -12.09
CA TYR B 46 -5.03 -8.24 -11.15
C TYR B 46 -6.33 -9.02 -11.14
N ALA B 47 -7.45 -8.30 -11.07
CA ALA B 47 -8.77 -8.93 -11.06
C ALA B 47 -8.97 -9.73 -12.35
N ASN B 48 -8.59 -9.13 -13.46
CA ASN B 48 -8.64 -9.78 -14.76
C ASN B 48 -7.76 -11.03 -14.78
N TYR B 49 -6.54 -10.88 -14.29
CA TYR B 49 -5.58 -11.98 -14.22
C TYR B 49 -6.12 -13.11 -13.34
N ARG B 50 -6.75 -12.75 -12.23
CA ARG B 50 -7.25 -13.72 -11.28
C ARG B 50 -8.48 -14.45 -11.83
N LYS B 51 -9.24 -13.79 -12.70
CA LYS B 51 -10.45 -14.38 -13.28
C LYS B 51 -10.13 -15.54 -14.21
N SER B 52 -9.30 -15.25 -15.20
CA SER B 52 -8.90 -16.27 -16.17
C SER B 52 -8.08 -17.37 -15.51
N ARG B 53 -7.44 -17.01 -14.40
CA ARG B 53 -6.64 -17.94 -13.61
C ARG B 53 -7.55 -18.71 -12.64
N GLY B 54 -8.82 -18.33 -12.59
CA GLY B 54 -9.77 -19.00 -11.73
C GLY B 54 -10.55 -20.07 -12.47
N ASN B 55 -10.03 -21.27 -12.47
CA ASN B 55 -10.61 -22.37 -13.24
C ASN B 55 -11.90 -22.88 -12.61
N THR B 56 -12.07 -22.59 -11.34
CA THR B 56 -13.23 -23.06 -10.58
C THR B 56 -14.44 -22.14 -10.76
N ASP B 57 -14.26 -21.05 -11.52
CA ASP B 57 -15.33 -20.05 -11.73
C ASP B 57 -15.72 -19.40 -10.42
N ASN B 58 -16.78 -18.58 -10.46
CA ASN B 58 -17.31 -17.91 -9.27
C ASN B 58 -16.21 -17.14 -8.56
N LYS B 59 -15.36 -16.48 -9.33
CA LYS B 59 -14.21 -15.80 -8.80
C LYS B 59 -14.48 -14.30 -8.65
N GLU B 60 -15.43 -13.81 -9.46
CA GLU B 60 -15.80 -12.39 -9.45
C GLU B 60 -16.21 -11.94 -8.06
N TYR B 61 -16.94 -12.80 -7.36
CA TYR B 61 -17.39 -12.52 -5.99
C TYR B 61 -16.23 -12.02 -5.12
N ALA B 62 -15.21 -12.85 -4.99
CA ALA B 62 -14.11 -12.54 -4.11
C ALA B 62 -13.24 -11.41 -4.66
N VAL B 63 -12.93 -11.46 -5.95
CA VAL B 63 -12.02 -10.48 -6.54
C VAL B 63 -12.67 -9.10 -6.60
N ASN B 64 -13.97 -9.05 -6.80
CA ASN B 64 -14.68 -7.77 -6.82
C ASN B 64 -14.71 -7.17 -5.43
N GLU B 65 -14.94 -8.02 -4.42
CA GLU B 65 -14.86 -7.58 -3.03
C GLU B 65 -13.47 -7.03 -2.71
N VAL B 66 -12.44 -7.69 -3.24
CA VAL B 66 -11.06 -7.23 -3.07
C VAL B 66 -10.84 -5.90 -3.78
N VAL B 67 -11.26 -5.82 -5.05
CA VAL B 67 -11.11 -4.63 -5.85
C VAL B 67 -11.72 -3.41 -5.16
N ALA B 68 -12.97 -3.55 -4.73
CA ALA B 68 -13.67 -2.47 -4.05
C ALA B 68 -12.93 -2.09 -2.76
N GLY B 69 -12.57 -3.12 -1.98
CA GLY B 69 -11.89 -2.91 -0.73
C GLY B 69 -10.56 -2.20 -0.91
N ILE B 70 -9.69 -2.76 -1.73
CA ILE B 70 -8.35 -2.20 -1.95
C ILE B 70 -8.43 -0.75 -2.45
N LYS B 71 -9.33 -0.51 -3.39
CA LYS B 71 -9.48 0.81 -3.99
C LYS B 71 -9.82 1.86 -2.93
N GLU B 72 -10.86 1.60 -2.14
CA GLU B 72 -11.29 2.55 -1.13
C GLU B 72 -10.34 2.56 0.06
N TYR B 73 -9.73 1.40 0.34
CA TYR B 73 -8.74 1.29 1.41
C TYR B 73 -7.52 2.14 1.08
N PHE B 74 -7.12 2.14 -0.17
CA PHE B 74 -6.01 2.96 -0.62
C PHE B 74 -6.39 4.44 -0.59
N ASN B 75 -7.64 4.72 -0.96
CA ASN B 75 -8.13 6.11 -1.00
C ASN B 75 -8.04 6.76 0.38
N VAL B 76 -8.45 6.04 1.41
CA VAL B 76 -8.42 6.55 2.77
C VAL B 76 -7.00 6.53 3.36
N MET B 77 -6.24 5.50 3.01
CA MET B 77 -4.94 5.26 3.60
C MET B 77 -3.86 6.17 3.00
N LEU B 78 -4.01 6.50 1.73
CA LEU B 78 -3.06 7.38 1.07
C LEU B 78 -3.22 8.79 1.63
N GLY B 79 -2.19 9.23 2.34
CA GLY B 79 -2.22 10.55 2.96
C GLY B 79 -1.88 10.50 4.42
N THR B 80 -2.48 9.56 5.15
CA THR B 80 -2.26 9.45 6.58
C THR B 80 -0.86 8.94 6.89
N GLN B 81 -0.62 7.66 6.63
CA GLN B 81 0.68 7.07 6.94
C GLN B 81 1.19 6.21 5.79
N LEU B 82 0.73 6.49 4.58
CA LEU B 82 1.32 5.89 3.38
C LEU B 82 2.38 6.80 2.80
N LEU B 83 2.55 7.96 3.42
CA LEU B 83 3.47 8.97 2.93
C LEU B 83 4.57 9.22 3.95
N TYR B 84 5.77 9.47 3.44
CA TYR B 84 6.88 9.84 4.29
C TYR B 84 6.74 11.29 4.72
N LYS B 85 7.81 11.83 5.26
CA LYS B 85 7.81 13.19 5.77
C LYS B 85 8.12 14.16 4.63
N PHE B 86 8.84 13.68 3.63
CA PHE B 86 9.26 14.52 2.51
C PHE B 86 8.13 14.70 1.50
N GLU B 87 7.16 13.78 1.53
CA GLU B 87 6.04 13.81 0.59
C GLU B 87 4.91 14.70 1.11
N ARG B 88 5.10 15.23 2.32
CA ARG B 88 4.06 16.00 2.98
C ARG B 88 3.75 17.33 2.28
N PRO B 89 4.78 18.16 1.96
CA PRO B 89 4.55 19.43 1.26
C PRO B 89 3.78 19.25 -0.06
N GLN B 90 4.13 18.20 -0.80
CA GLN B 90 3.50 17.93 -2.09
C GLN B 90 2.04 17.55 -1.90
N TYR B 91 1.79 16.59 -1.01
CA TYR B 91 0.43 16.14 -0.74
C TYR B 91 -0.42 17.29 -0.20
N ALA B 92 0.21 18.16 0.57
CA ALA B 92 -0.46 19.34 1.10
C ALA B 92 -0.95 20.22 -0.03
N GLU B 93 -0.07 20.46 -1.02
CA GLU B 93 -0.45 21.26 -2.19
C GLU B 93 -1.50 20.54 -3.02
N ILE B 94 -1.31 19.23 -3.22
CA ILE B 94 -2.23 18.43 -4.01
C ILE B 94 -3.66 18.61 -3.53
N LEU B 95 -3.86 18.51 -2.22
CA LEU B 95 -5.20 18.64 -1.65
C LEU B 95 -5.68 20.09 -1.67
N ALA B 96 -4.90 20.98 -1.05
CA ALA B 96 -5.31 22.36 -0.87
C ALA B 96 -5.45 23.10 -2.20
N ASP B 97 -4.58 22.79 -3.15
CA ASP B 97 -4.55 23.52 -4.41
C ASP B 97 -5.23 22.75 -5.54
N HIS B 98 -5.35 21.42 -5.39
CA HIS B 98 -6.00 20.59 -6.41
C HIS B 98 -6.96 19.60 -5.76
N PRO B 99 -8.01 20.08 -5.07
CA PRO B 99 -8.91 19.24 -4.27
C PRO B 99 -9.74 18.27 -5.12
N ASP B 100 -9.52 18.26 -6.42
CA ASP B 100 -10.28 17.41 -7.32
C ASP B 100 -9.39 16.34 -7.95
N ALA B 101 -8.20 16.15 -7.38
CA ALA B 101 -7.28 15.15 -7.89
C ALA B 101 -7.31 13.89 -7.03
N PRO B 102 -7.86 12.79 -7.58
CA PRO B 102 -7.91 11.50 -6.88
C PRO B 102 -6.51 10.98 -6.51
N MET B 103 -6.39 10.49 -5.28
CA MET B 103 -5.12 9.98 -4.76
C MET B 103 -4.58 8.85 -5.63
N SER B 104 -5.46 7.99 -6.11
CA SER B 104 -5.07 6.83 -6.91
C SER B 104 -4.61 7.25 -8.31
N GLN B 105 -4.87 8.51 -8.67
CA GLN B 105 -4.46 9.04 -9.96
C GLN B 105 -3.08 9.68 -9.85
N VAL B 106 -2.93 10.50 -8.83
CA VAL B 106 -1.72 11.28 -8.65
C VAL B 106 -0.59 10.44 -8.07
N TYR B 107 -0.93 9.40 -7.31
CA TYR B 107 0.07 8.54 -6.72
C TYR B 107 -0.24 7.08 -7.02
N GLY B 108 0.62 6.44 -7.81
CA GLY B 108 0.34 5.10 -8.27
C GLY B 108 1.09 3.99 -7.52
N ALA B 109 1.55 3.01 -8.30
CA ALA B 109 2.10 1.73 -7.79
C ALA B 109 2.99 1.85 -6.55
N PRO B 110 4.07 2.67 -6.57
CA PRO B 110 4.99 2.78 -5.42
C PRO B 110 4.26 3.04 -4.10
N HIS B 111 3.17 3.77 -4.17
CA HIS B 111 2.40 4.10 -2.97
C HIS B 111 1.43 2.99 -2.59
N LEU B 112 1.03 2.19 -3.58
CA LEU B 112 0.08 1.11 -3.36
C LEU B 112 0.71 -0.03 -2.58
N LEU B 113 1.95 -0.35 -2.92
CA LEU B 113 2.67 -1.45 -2.28
C LEU B 113 2.88 -1.17 -0.79
N ARG B 114 2.87 0.10 -0.43
CA ARG B 114 3.09 0.52 0.95
C ARG B 114 1.98 0.00 1.86
N LEU B 115 0.80 -0.26 1.29
CA LEU B 115 -0.31 -0.83 2.06
C LEU B 115 0.10 -2.13 2.74
N PHE B 116 0.68 -3.04 1.98
CA PHE B 116 0.90 -4.40 2.41
C PHE B 116 1.95 -4.51 3.52
N VAL B 117 2.87 -3.57 3.55
CA VAL B 117 3.94 -3.61 4.53
C VAL B 117 3.51 -3.01 5.87
N ARG B 118 2.51 -2.13 5.85
CA ARG B 118 2.07 -1.47 7.07
C ARG B 118 0.76 -2.08 7.59
N ILE B 119 0.03 -2.76 6.70
CA ILE B 119 -1.26 -3.34 7.04
C ILE B 119 -1.14 -4.38 8.17
N GLY B 120 0.03 -4.98 8.28
CA GLY B 120 0.26 -6.01 9.28
C GLY B 120 -0.07 -5.56 10.69
N ALA B 121 0.39 -4.36 11.06
CA ALA B 121 0.17 -3.85 12.40
C ALA B 121 -1.26 -3.37 12.58
N MET B 122 -1.93 -3.08 11.48
CA MET B 122 -3.31 -2.62 11.52
C MET B 122 -4.24 -3.82 11.69
N LEU B 123 -3.90 -4.92 11.04
CA LEU B 123 -4.63 -6.16 11.21
C LEU B 123 -4.41 -6.73 12.59
N ALA B 124 -3.39 -6.23 13.28
CA ALA B 124 -3.13 -6.60 14.66
C ALA B 124 -4.24 -6.05 15.58
N TYR B 125 -4.95 -5.05 15.09
CA TYR B 125 -6.07 -4.48 15.81
C TYR B 125 -7.37 -5.15 15.40
N THR B 126 -7.39 -5.67 14.18
CA THR B 126 -8.59 -6.21 13.57
C THR B 126 -8.74 -7.72 13.85
N PRO B 127 -9.73 -8.11 14.65
CA PRO B 127 -9.98 -9.51 14.98
C PRO B 127 -10.68 -10.24 13.83
N LEU B 128 -9.89 -10.74 12.89
CA LEU B 128 -10.44 -11.48 11.77
C LEU B 128 -10.52 -12.96 12.07
N ASP B 129 -11.46 -13.65 11.43
CA ASP B 129 -11.63 -15.09 11.62
C ASP B 129 -10.55 -15.85 10.87
N GLU B 130 -10.32 -17.11 11.25
CA GLU B 130 -9.33 -17.96 10.61
C GLU B 130 -9.52 -17.97 9.09
N LYS B 131 -10.72 -18.30 8.65
CA LYS B 131 -11.00 -18.45 7.23
C LYS B 131 -11.02 -17.09 6.52
N SER B 132 -11.51 -16.07 7.23
CA SER B 132 -11.52 -14.73 6.68
C SER B 132 -10.08 -14.24 6.47
N LEU B 133 -9.26 -14.39 7.51
CA LEU B 133 -7.86 -13.99 7.44
C LEU B 133 -7.13 -14.82 6.39
N ALA B 134 -7.53 -16.08 6.26
CA ALA B 134 -6.95 -16.97 5.25
C ALA B 134 -7.24 -16.43 3.85
N LEU B 135 -8.41 -15.82 3.69
CA LEU B 135 -8.72 -15.11 2.44
C LEU B 135 -7.70 -14.02 2.21
N LEU B 136 -7.64 -13.06 3.14
CA LEU B 136 -6.74 -11.93 2.98
C LEU B 136 -5.30 -12.37 2.75
N LEU B 137 -4.80 -13.30 3.54
CA LEU B 137 -3.49 -13.88 3.31
C LEU B 137 -3.34 -14.37 1.87
N ASN B 138 -4.31 -15.15 1.40
CA ASN B 138 -4.27 -15.67 0.03
C ASN B 138 -4.20 -14.52 -0.99
N TYR B 139 -5.13 -13.58 -0.86
CA TYR B 139 -5.27 -12.49 -1.83
C TYR B 139 -4.10 -11.52 -1.76
N LEU B 140 -3.72 -11.12 -0.56
CA LEU B 140 -2.65 -10.15 -0.36
C LEU B 140 -1.30 -10.71 -0.81
N HIS B 141 -1.00 -11.94 -0.42
CA HIS B 141 0.26 -12.57 -0.81
C HIS B 141 0.28 -12.83 -2.31
N ASP B 142 -0.88 -13.14 -2.87
CA ASP B 142 -1.01 -13.39 -4.31
C ASP B 142 -0.76 -12.10 -5.08
N PHE B 143 -1.31 -11.01 -4.54
CA PHE B 143 -1.09 -9.68 -5.10
C PHE B 143 0.40 -9.35 -5.07
N LEU B 144 1.03 -9.68 -3.94
CA LEU B 144 2.47 -9.48 -3.77
C LEU B 144 3.26 -10.29 -4.79
N LYS B 145 2.80 -11.51 -5.07
CA LYS B 145 3.45 -12.37 -6.05
C LYS B 145 3.43 -11.72 -7.42
N TYR B 146 2.27 -11.18 -7.81
CA TYR B 146 2.12 -10.50 -9.09
C TYR B 146 3.10 -9.33 -9.19
N LEU B 147 3.17 -8.51 -8.14
CA LEU B 147 4.06 -7.36 -8.09
C LEU B 147 5.53 -7.78 -8.08
N ALA B 148 5.83 -8.84 -7.34
CA ALA B 148 7.21 -9.31 -7.21
C ALA B 148 7.69 -10.03 -8.46
N LYS B 149 6.76 -10.51 -9.26
CA LYS B 149 7.08 -11.27 -10.46
C LYS B 149 7.59 -10.35 -11.58
N ASN B 150 7.25 -9.07 -11.50
CA ASN B 150 7.64 -8.11 -12.53
C ASN B 150 8.08 -6.79 -11.93
N SER B 151 8.61 -6.85 -10.70
CA SER B 151 8.99 -5.65 -9.95
C SER B 151 9.89 -4.71 -10.77
N ALA B 152 10.88 -5.28 -11.45
CA ALA B 152 11.84 -4.49 -12.21
C ALA B 152 11.19 -3.74 -13.36
N THR B 153 10.01 -4.18 -13.77
CA THR B 153 9.31 -3.56 -14.89
C THR B 153 8.08 -2.78 -14.41
N LEU B 154 7.66 -3.05 -13.18
CA LEU B 154 6.49 -2.40 -12.62
C LEU B 154 6.88 -1.19 -11.79
N PHE B 155 7.96 -1.33 -11.03
CA PHE B 155 8.42 -0.28 -10.14
C PHE B 155 9.68 0.38 -10.67
N SER B 156 9.53 1.58 -11.20
CA SER B 156 10.66 2.32 -11.71
C SER B 156 10.96 3.52 -10.80
N ALA B 157 12.15 3.50 -10.20
CA ALA B 157 12.54 4.55 -9.26
C ALA B 157 13.24 5.70 -9.98
N SER B 158 13.42 5.55 -11.29
CA SER B 158 14.08 6.57 -12.07
C SER B 158 13.13 7.72 -12.35
N ASP B 159 11.87 7.55 -11.96
CA ASP B 159 10.86 8.60 -12.09
C ASP B 159 10.93 9.53 -10.89
N TYR B 160 11.70 9.11 -9.88
CA TYR B 160 11.97 9.96 -8.73
C TYR B 160 13.13 10.89 -9.05
N GLU B 161 12.85 12.17 -9.21
CA GLU B 161 13.90 13.13 -9.48
C GLU B 161 14.17 13.98 -8.25
N VAL B 162 15.38 14.52 -8.17
CA VAL B 162 15.77 15.33 -7.03
C VAL B 162 14.94 16.61 -6.96
N ALA B 163 14.21 16.76 -5.87
CA ALA B 163 13.34 17.93 -5.66
C ALA B 163 14.17 19.22 -5.60
N PRO B 164 13.55 20.36 -5.97
CA PRO B 164 14.21 21.67 -5.95
C PRO B 164 14.87 21.98 -4.60
N PRO B 165 15.99 22.73 -4.63
CA PRO B 165 16.79 23.04 -3.43
C PRO B 165 15.97 23.49 -2.22
N GLU B 166 15.23 24.59 -2.38
CA GLU B 166 14.47 25.14 -1.26
C GLU B 166 13.30 24.25 -0.88
N TYR B 167 12.84 23.44 -1.83
CA TYR B 167 11.74 22.51 -1.57
C TYR B 167 12.13 21.52 -0.48
N HIS B 168 13.42 21.22 -0.41
CA HIS B 168 13.94 20.29 0.61
C HIS B 168 13.71 20.85 2.01
N ARG B 169 14.00 22.13 2.20
CA ARG B 169 13.89 22.75 3.51
C ARG B 169 12.46 23.16 3.82
N LYS B 170 11.58 23.02 2.83
CA LYS B 170 10.17 23.29 3.03
C LYS B 170 9.38 22.00 3.25
N ALA B 171 10.09 20.88 3.26
CA ALA B 171 9.47 19.59 3.54
C ALA B 171 9.29 19.42 5.04
N VAL B 172 9.97 20.26 5.80
CA VAL B 172 9.92 20.20 7.26
C VAL B 172 8.90 21.19 7.79
N ASP A 1 -19.68 -21.02 4.94
CA ASP A 1 -18.91 -22.27 5.16
C ASP A 1 -18.10 -22.62 3.92
N TYR A 2 -18.74 -23.11 2.86
CA TYR A 2 -18.05 -23.33 1.60
C TYR A 2 -17.80 -21.98 0.94
N VAL A 3 -18.84 -21.16 0.92
CA VAL A 3 -18.71 -19.79 0.46
C VAL A 3 -17.94 -18.99 1.50
N GLN A 4 -16.90 -18.31 1.05
CA GLN A 4 -16.01 -17.58 1.94
C GLN A 4 -16.73 -16.43 2.64
N PRO A 5 -16.14 -15.90 3.72
CA PRO A 5 -16.74 -14.84 4.55
C PRO A 5 -17.12 -13.57 3.79
N GLN A 6 -16.69 -13.46 2.52
CA GLN A 6 -16.90 -12.25 1.71
C GLN A 6 -15.97 -11.13 2.19
N LEU A 7 -15.42 -10.36 1.27
CA LEU A 7 -14.40 -9.37 1.60
C LEU A 7 -15.01 -8.07 2.14
N ARG A 8 -16.25 -7.78 1.78
CA ARG A 8 -16.83 -6.46 2.08
C ARG A 8 -16.87 -6.19 3.58
N ARG A 9 -17.48 -7.08 4.36
CA ARG A 9 -17.59 -6.89 5.80
C ARG A 9 -16.21 -6.69 6.46
N PRO A 10 -15.22 -7.58 6.20
CA PRO A 10 -13.84 -7.36 6.66
C PRO A 10 -13.29 -6.00 6.23
N PHE A 11 -13.59 -5.59 5.00
CA PHE A 11 -13.14 -4.29 4.51
C PHE A 11 -13.89 -3.14 5.20
N GLU A 12 -15.15 -3.38 5.57
CA GLU A 12 -15.89 -2.41 6.37
C GLU A 12 -15.13 -2.12 7.66
N LEU A 13 -14.64 -3.20 8.27
CA LEU A 13 -13.83 -3.09 9.47
C LEU A 13 -12.48 -2.46 9.15
N LEU A 14 -11.85 -2.95 8.10
CA LEU A 14 -10.53 -2.51 7.69
C LEU A 14 -10.51 -1.00 7.39
N ILE A 15 -11.48 -0.57 6.60
CA ILE A 15 -11.61 0.84 6.24
C ILE A 15 -11.92 1.67 7.48
N ALA A 16 -12.81 1.19 8.32
CA ALA A 16 -13.19 1.91 9.53
C ALA A 16 -12.03 2.01 10.51
N ALA A 17 -11.13 1.03 10.47
CA ALA A 17 -9.92 1.08 11.26
C ALA A 17 -8.95 2.11 10.67
N ALA A 18 -8.99 2.23 9.35
CA ALA A 18 -8.18 3.24 8.64
C ALA A 18 -8.73 4.64 8.89
N MET A 19 -10.04 4.72 9.11
CA MET A 19 -10.69 6.00 9.45
C MET A 19 -10.09 6.55 10.74
N GLU A 20 -9.64 5.65 11.59
CA GLU A 20 -9.11 6.00 12.89
C GLU A 20 -7.58 6.13 12.84
N ARG A 21 -7.03 6.15 11.64
CA ARG A 21 -5.59 6.26 11.47
C ARG A 21 -5.17 7.69 11.29
N ASN A 22 -4.61 8.25 12.34
CA ASN A 22 -4.02 9.58 12.31
C ASN A 22 -2.77 9.53 11.45
N PRO A 23 -2.44 10.61 10.73
CA PRO A 23 -1.24 10.67 9.92
C PRO A 23 0.02 10.49 10.75
N THR A 24 0.51 9.25 10.80
CA THR A 24 1.70 8.93 11.57
C THR A 24 2.95 9.09 10.72
N GLN A 25 3.27 8.05 9.96
CA GLN A 25 4.46 8.01 9.10
C GLN A 25 4.71 6.59 8.63
N PHE A 26 4.97 6.43 7.35
CA PHE A 26 5.42 5.15 6.83
C PHE A 26 6.84 5.25 6.28
N GLN A 27 7.79 4.79 7.07
CA GLN A 27 9.18 4.65 6.61
C GLN A 27 9.61 3.21 6.71
N LEU A 28 8.62 2.32 6.58
CA LEU A 28 8.83 0.87 6.58
C LEU A 28 9.22 0.35 7.96
N PRO A 29 8.92 -0.93 8.23
CA PRO A 29 9.32 -1.60 9.47
C PRO A 29 10.84 -1.70 9.61
N ASN A 30 11.29 -1.90 10.84
CA ASN A 30 12.72 -1.85 11.16
C ASN A 30 13.51 -2.96 10.45
N GLU A 31 12.85 -4.04 10.08
CA GLU A 31 13.54 -5.15 9.45
C GLU A 31 13.94 -4.82 8.02
N LEU A 32 13.30 -3.82 7.43
CA LEU A 32 13.60 -3.43 6.07
C LEU A 32 14.46 -2.16 6.05
N THR A 33 14.23 -1.26 6.98
CA THR A 33 14.92 0.02 6.99
C THR A 33 15.72 0.25 8.26
N CYS A 34 15.17 -0.18 9.40
CA CYS A 34 15.77 0.03 10.71
C CYS A 34 15.78 1.52 11.03
N THR A 35 14.66 2.17 10.73
CA THR A 35 14.50 3.59 11.00
C THR A 35 14.34 3.85 12.50
N THR A 36 15.46 3.94 13.19
CA THR A 36 15.47 4.22 14.62
C THR A 36 14.90 5.62 14.90
N ALA A 37 13.75 5.65 15.55
CA ALA A 37 13.08 6.90 15.87
C ALA A 37 13.72 7.56 17.09
N LEU A 38 14.96 7.98 16.92
CA LEU A 38 15.73 8.60 17.97
C LEU A 38 16.36 9.89 17.46
N PRO A 39 16.76 10.79 18.36
CA PRO A 39 17.54 11.97 17.99
C PRO A 39 18.90 11.57 17.42
N GLY A 40 18.97 11.46 16.10
CA GLY A 40 20.19 10.98 15.47
C GLY A 40 20.31 9.47 15.57
N SER A 41 21.45 9.00 16.04
CA SER A 41 21.66 7.58 16.26
C SER A 41 22.72 7.37 17.33
N SER A 42 22.28 7.05 18.54
CA SER A 42 23.18 6.79 19.64
C SER A 42 22.54 5.81 20.63
N SER B 1 -7.82 -12.93 15.55
CA SER B 1 -8.67 -11.72 15.43
C SER B 1 -7.89 -10.47 15.78
N ASN B 2 -7.45 -10.36 17.03
CA ASN B 2 -6.68 -9.20 17.48
C ASN B 2 -5.24 -9.59 17.73
N ALA B 3 -4.45 -9.54 16.66
CA ALA B 3 -3.02 -9.81 16.72
C ALA B 3 -2.37 -9.28 15.45
N GLU B 4 -1.13 -8.84 15.55
CA GLU B 4 -0.42 -8.35 14.37
C GLU B 4 -0.16 -9.49 13.40
N VAL B 5 -0.85 -9.46 12.28
CA VAL B 5 -0.73 -10.49 11.28
C VAL B 5 0.55 -10.32 10.49
N LYS B 6 1.32 -11.39 10.39
CA LYS B 6 2.62 -11.33 9.74
C LYS B 6 2.48 -11.42 8.23
N VAL B 7 2.40 -10.28 7.59
CA VAL B 7 2.44 -10.23 6.14
C VAL B 7 3.88 -10.34 5.68
N LYS B 8 4.32 -11.58 5.54
CA LYS B 8 5.69 -11.90 5.15
C LYS B 8 6.13 -11.11 3.92
N ILE B 9 7.15 -10.27 4.11
CA ILE B 9 7.69 -9.46 3.01
C ILE B 9 8.77 -10.24 2.27
N PRO B 10 8.52 -10.57 1.00
CA PRO B 10 9.45 -11.36 0.18
C PRO B 10 10.76 -10.63 -0.09
N GLU B 11 11.85 -11.40 -0.15
CA GLU B 11 13.17 -10.85 -0.46
C GLU B 11 13.24 -10.41 -1.92
N GLU B 12 12.29 -10.87 -2.70
CA GLU B 12 12.17 -10.48 -4.10
C GLU B 12 11.64 -9.05 -4.21
N LEU B 13 11.00 -8.57 -3.16
CA LEU B 13 10.38 -7.25 -3.15
C LEU B 13 11.16 -6.28 -2.27
N LYS B 14 11.88 -6.82 -1.30
CA LYS B 14 12.66 -6.04 -0.34
C LYS B 14 13.60 -5.01 -1.02
N PRO B 15 14.34 -5.38 -2.11
CA PRO B 15 15.20 -4.44 -2.83
C PRO B 15 14.50 -3.12 -3.19
N TRP B 16 13.44 -3.21 -3.98
CA TRP B 16 12.72 -2.03 -4.43
C TRP B 16 12.00 -1.36 -3.28
N LEU B 17 11.71 -2.13 -2.25
CA LEU B 17 11.10 -1.62 -1.03
C LEU B 17 12.03 -0.58 -0.41
N VAL B 18 13.26 -1.01 -0.15
CA VAL B 18 14.29 -0.16 0.43
C VAL B 18 14.69 0.94 -0.57
N ASP B 19 14.72 0.60 -1.85
CA ASP B 19 15.07 1.56 -2.89
C ASP B 19 14.14 2.77 -2.89
N ASP B 20 12.83 2.50 -2.88
CA ASP B 20 11.84 3.59 -2.83
C ASP B 20 12.04 4.42 -1.58
N TRP B 21 12.21 3.74 -0.45
CA TRP B 21 12.49 4.41 0.82
C TRP B 21 13.75 5.28 0.70
N ASP B 22 14.81 4.69 0.16
CA ASP B 22 16.11 5.32 0.01
C ASP B 22 16.02 6.60 -0.84
N LEU B 23 15.27 6.51 -1.93
CA LEU B 23 15.10 7.63 -2.84
C LEU B 23 14.39 8.80 -2.16
N ILE B 24 13.31 8.50 -1.44
CA ILE B 24 12.51 9.53 -0.80
C ILE B 24 13.21 10.12 0.43
N THR B 25 13.69 9.25 1.31
CA THR B 25 14.21 9.70 2.60
C THR B 25 15.64 10.22 2.53
N ARG B 26 16.54 9.44 1.96
CA ARG B 26 17.95 9.78 1.99
C ARG B 26 18.31 10.83 0.92
N GLN B 27 18.00 10.55 -0.34
CA GLN B 27 18.27 11.51 -1.40
C GLN B 27 17.29 12.65 -1.35
N LYS B 28 16.08 12.36 -0.87
CA LYS B 28 14.99 13.33 -0.84
C LYS B 28 14.66 13.75 -2.27
N GLN B 29 14.50 12.75 -3.12
CA GLN B 29 14.13 12.94 -4.50
C GLN B 29 12.62 12.82 -4.65
N LEU B 30 12.07 13.48 -5.64
CA LEU B 30 10.64 13.49 -5.85
C LEU B 30 10.32 13.26 -7.31
N PHE B 31 9.59 12.19 -7.59
CA PHE B 31 9.24 11.83 -8.96
C PHE B 31 7.97 12.55 -9.39
N TYR B 32 7.68 12.51 -10.68
CA TYR B 32 6.43 13.03 -11.20
C TYR B 32 5.30 12.10 -10.78
N LEU B 33 4.52 12.55 -9.79
CA LEU B 33 3.56 11.69 -9.11
C LEU B 33 2.60 10.95 -10.04
N PRO B 34 1.87 11.65 -10.95
CA PRO B 34 0.89 11.01 -11.82
C PRO B 34 1.46 9.75 -12.48
N ALA B 35 0.97 8.61 -12.01
CA ALA B 35 1.50 7.32 -12.44
C ALA B 35 0.64 6.71 -13.52
N LYS B 36 1.29 6.22 -14.58
CA LYS B 36 0.59 5.55 -15.66
C LYS B 36 0.06 4.19 -15.18
N LYS B 37 0.84 3.55 -14.32
CA LYS B 37 0.43 2.29 -13.72
C LYS B 37 -0.10 2.57 -12.32
N ASN B 38 -1.36 2.99 -12.26
CA ASN B 38 -1.97 3.39 -11.00
C ASN B 38 -2.72 2.23 -10.35
N VAL B 39 -3.29 2.49 -9.17
CA VAL B 39 -3.99 1.46 -8.41
C VAL B 39 -5.10 0.82 -9.21
N ASP B 40 -5.91 1.66 -9.85
CA ASP B 40 -7.07 1.20 -10.60
C ASP B 40 -6.64 0.21 -11.69
N SER B 41 -5.58 0.56 -12.41
CA SER B 41 -5.05 -0.27 -13.49
C SER B 41 -4.54 -1.61 -12.95
N ILE B 42 -3.72 -1.56 -11.91
CA ILE B 42 -3.15 -2.78 -11.32
C ILE B 42 -4.25 -3.63 -10.70
N LEU B 43 -5.25 -2.97 -10.16
CA LEU B 43 -6.39 -3.64 -9.56
C LEU B 43 -7.10 -4.50 -10.60
N GLU B 44 -7.30 -3.92 -11.78
CA GLU B 44 -7.86 -4.67 -12.90
C GLU B 44 -6.99 -5.87 -13.25
N ASP B 45 -5.68 -5.63 -13.32
CA ASP B 45 -4.73 -6.70 -13.63
C ASP B 45 -4.90 -7.87 -12.68
N TYR B 46 -4.97 -7.56 -11.38
CA TYR B 46 -5.13 -8.59 -10.36
C TYR B 46 -6.48 -9.30 -10.49
N ALA B 47 -7.53 -8.50 -10.64
CA ALA B 47 -8.89 -9.02 -10.72
C ALA B 47 -9.07 -10.00 -11.88
N ASN B 48 -8.63 -9.58 -13.06
CA ASN B 48 -8.77 -10.41 -14.26
C ASN B 48 -7.86 -11.63 -14.17
N TYR B 49 -6.67 -11.44 -13.61
CA TYR B 49 -5.73 -12.54 -13.47
C TYR B 49 -6.28 -13.61 -12.54
N ARG B 50 -6.97 -13.19 -11.49
CA ARG B 50 -7.58 -14.12 -10.54
C ARG B 50 -8.59 -15.04 -11.22
N LYS B 51 -9.38 -14.48 -12.13
CA LYS B 51 -10.38 -15.26 -12.83
C LYS B 51 -9.73 -16.22 -13.82
N SER B 52 -8.63 -15.76 -14.39
CA SER B 52 -7.91 -16.53 -15.39
C SER B 52 -6.83 -17.38 -14.73
N ARG B 53 -7.00 -17.62 -13.44
CA ARG B 53 -6.09 -18.49 -12.70
C ARG B 53 -6.56 -19.93 -12.80
N GLY B 54 -7.87 -20.10 -13.04
CA GLY B 54 -8.43 -21.42 -13.17
C GLY B 54 -9.86 -21.48 -12.68
N ASN B 55 -10.05 -21.18 -11.41
CA ASN B 55 -11.39 -21.16 -10.83
C ASN B 55 -11.99 -19.77 -10.95
N THR B 56 -12.90 -19.61 -11.90
CA THR B 56 -13.57 -18.33 -12.10
C THR B 56 -14.82 -18.25 -11.23
N ASP B 57 -15.65 -19.29 -11.29
CA ASP B 57 -16.93 -19.29 -10.60
C ASP B 57 -16.75 -19.42 -9.09
N ASN B 58 -17.56 -18.67 -8.34
CA ASN B 58 -17.53 -18.67 -6.87
C ASN B 58 -16.26 -18.03 -6.32
N LYS B 59 -15.28 -17.80 -7.18
CA LYS B 59 -14.02 -17.21 -6.77
C LYS B 59 -13.97 -15.73 -7.12
N GLU B 60 -14.67 -15.36 -8.18
CA GLU B 60 -14.64 -13.98 -8.67
C GLU B 60 -15.48 -13.05 -7.80
N TYR B 61 -16.47 -13.59 -7.11
CA TYR B 61 -17.33 -12.78 -6.25
C TYR B 61 -16.47 -12.06 -5.21
N ALA B 62 -15.51 -12.81 -4.69
CA ALA B 62 -14.62 -12.32 -3.66
C ALA B 62 -13.62 -11.34 -4.25
N VAL B 63 -13.36 -11.50 -5.55
CA VAL B 63 -12.50 -10.58 -6.26
C VAL B 63 -13.17 -9.22 -6.37
N ASN B 64 -14.45 -9.22 -6.74
CA ASN B 64 -15.23 -7.98 -6.77
C ASN B 64 -15.18 -7.29 -5.42
N GLU B 65 -15.37 -8.08 -4.37
CA GLU B 65 -15.39 -7.56 -3.01
C GLU B 65 -14.04 -6.96 -2.61
N VAL B 66 -12.96 -7.69 -2.86
CA VAL B 66 -11.63 -7.23 -2.46
C VAL B 66 -11.16 -6.08 -3.36
N VAL B 67 -11.57 -6.09 -4.62
CA VAL B 67 -11.22 -5.00 -5.54
C VAL B 67 -11.83 -3.69 -5.06
N ALA B 68 -13.13 -3.68 -4.81
CA ALA B 68 -13.80 -2.50 -4.29
C ALA B 68 -13.20 -2.10 -2.95
N GLY B 69 -12.95 -3.11 -2.13
CA GLY B 69 -12.35 -2.88 -0.82
C GLY B 69 -10.98 -2.23 -0.90
N ILE B 70 -10.09 -2.81 -1.70
CA ILE B 70 -8.74 -2.29 -1.85
C ILE B 70 -8.74 -0.84 -2.31
N LYS B 71 -9.59 -0.53 -3.27
CA LYS B 71 -9.66 0.84 -3.80
C LYS B 71 -10.06 1.82 -2.69
N GLU B 72 -11.16 1.52 -2.01
CA GLU B 72 -11.65 2.40 -0.94
C GLU B 72 -10.67 2.43 0.23
N TYR B 73 -10.14 1.26 0.58
CA TYR B 73 -9.18 1.14 1.67
C TYR B 73 -7.91 1.91 1.35
N PHE B 74 -7.49 1.89 0.09
CA PHE B 74 -6.34 2.65 -0.33
C PHE B 74 -6.61 4.15 -0.16
N ASN B 75 -7.81 4.56 -0.51
CA ASN B 75 -8.18 5.98 -0.43
C ASN B 75 -8.14 6.49 1.02
N VAL B 76 -8.50 5.64 1.97
CA VAL B 76 -8.50 6.05 3.38
C VAL B 76 -7.12 5.84 4.03
N MET B 77 -6.35 4.88 3.52
CA MET B 77 -5.04 4.57 4.09
C MET B 77 -3.97 5.50 3.53
N LEU B 78 -4.11 5.82 2.25
CA LEU B 78 -3.20 6.75 1.58
C LEU B 78 -3.61 8.17 1.92
N GLY B 79 -2.77 8.85 2.67
CA GLY B 79 -3.09 10.19 3.12
C GLY B 79 -2.77 10.37 4.57
N THR B 80 -2.79 9.28 5.31
CA THR B 80 -2.50 9.31 6.73
C THR B 80 -1.32 8.39 7.09
N GLN B 81 -1.50 7.11 6.85
CA GLN B 81 -0.52 6.10 7.24
C GLN B 81 0.52 5.85 6.15
N LEU B 82 0.07 5.81 4.89
CA LEU B 82 0.93 5.41 3.78
C LEU B 82 1.72 6.57 3.18
N LEU B 83 2.11 7.54 4.00
CA LEU B 83 2.86 8.68 3.49
C LEU B 83 4.15 8.89 4.26
N TYR B 84 5.16 9.42 3.58
CA TYR B 84 6.40 9.82 4.22
C TYR B 84 6.26 11.25 4.74
N LYS B 85 6.96 11.57 5.83
CA LYS B 85 6.86 12.91 6.42
C LYS B 85 7.44 13.98 5.49
N PHE B 86 8.29 13.56 4.56
CA PHE B 86 8.87 14.47 3.58
C PHE B 86 7.90 14.67 2.41
N GLU B 87 6.97 13.72 2.27
CA GLU B 87 6.04 13.70 1.15
C GLU B 87 4.79 14.52 1.47
N ARG B 88 4.62 14.86 2.75
CA ARG B 88 3.44 15.59 3.22
C ARG B 88 3.14 16.84 2.38
N PRO B 89 4.12 17.74 2.17
CA PRO B 89 3.91 18.96 1.38
C PRO B 89 3.40 18.68 -0.04
N GLN B 90 3.89 17.60 -0.64
CA GLN B 90 3.51 17.26 -2.01
C GLN B 90 2.08 16.71 -2.03
N TYR B 91 1.73 15.92 -1.03
CA TYR B 91 0.38 15.39 -0.90
C TYR B 91 -0.62 16.55 -0.84
N ALA B 92 -0.31 17.55 -0.02
CA ALA B 92 -1.14 18.72 0.11
C ALA B 92 -1.20 19.49 -1.20
N GLU B 93 -0.05 19.59 -1.86
CA GLU B 93 0.07 20.31 -3.13
C GLU B 93 -0.81 19.64 -4.20
N ILE B 94 -0.71 18.32 -4.29
CA ILE B 94 -1.48 17.55 -5.25
C ILE B 94 -2.98 17.77 -5.05
N LEU B 95 -3.43 17.66 -3.81
CA LEU B 95 -4.84 17.87 -3.50
C LEU B 95 -5.28 19.29 -3.82
N ALA B 96 -4.41 20.24 -3.48
CA ALA B 96 -4.68 21.65 -3.72
C ALA B 96 -4.85 21.95 -5.22
N ASP B 97 -3.86 21.58 -6.01
CA ASP B 97 -3.88 21.90 -7.45
C ASP B 97 -4.77 20.93 -8.23
N HIS B 98 -4.79 19.67 -7.81
CA HIS B 98 -5.58 18.65 -8.49
C HIS B 98 -6.61 18.04 -7.53
N PRO B 99 -7.69 18.77 -7.21
CA PRO B 99 -8.76 18.24 -6.36
C PRO B 99 -9.68 17.33 -7.16
N ASP B 100 -9.48 17.35 -8.45
CA ASP B 100 -10.28 16.55 -9.38
C ASP B 100 -9.61 15.21 -9.62
N ALA B 101 -8.33 15.12 -9.29
CA ALA B 101 -7.56 13.91 -9.53
C ALA B 101 -7.78 12.89 -8.42
N PRO B 102 -8.26 11.69 -8.78
CA PRO B 102 -8.44 10.58 -7.83
C PRO B 102 -7.12 10.15 -7.20
N MET B 103 -7.15 9.86 -5.90
CA MET B 103 -5.95 9.42 -5.19
C MET B 103 -5.41 8.11 -5.78
N SER B 104 -6.33 7.28 -6.28
CA SER B 104 -5.96 6.00 -6.86
C SER B 104 -5.30 6.19 -8.22
N GLN B 105 -5.36 7.41 -8.76
CA GLN B 105 -4.80 7.68 -10.08
C GLN B 105 -3.43 8.32 -9.97
N VAL B 106 -3.29 9.28 -9.05
CA VAL B 106 -2.00 9.92 -8.83
C VAL B 106 -1.05 8.96 -8.12
N TYR B 107 -1.50 8.33 -7.05
CA TYR B 107 -0.68 7.40 -6.32
C TYR B 107 -0.86 6.00 -6.86
N GLY B 108 0.09 5.56 -7.67
CA GLY B 108 -0.01 4.26 -8.31
C GLY B 108 0.82 3.18 -7.62
N ALA B 109 1.44 2.35 -8.44
CA ALA B 109 2.19 1.17 -7.98
C ALA B 109 3.06 1.42 -6.75
N PRO B 110 4.00 2.41 -6.78
CA PRO B 110 4.91 2.65 -5.66
C PRO B 110 4.22 2.73 -4.30
N HIS B 111 3.21 3.57 -4.20
CA HIS B 111 2.54 3.81 -2.93
C HIS B 111 1.46 2.76 -2.64
N LEU B 112 0.98 2.07 -3.67
CA LEU B 112 0.07 0.96 -3.45
C LEU B 112 0.82 -0.21 -2.83
N LEU B 113 2.06 -0.39 -3.27
CA LEU B 113 2.94 -1.42 -2.74
C LEU B 113 3.23 -1.15 -1.27
N ARG B 114 3.20 0.12 -0.88
CA ARG B 114 3.45 0.52 0.50
C ARG B 114 2.36 -0.05 1.43
N LEU B 115 1.17 -0.24 0.87
CA LEU B 115 0.01 -0.65 1.64
C LEU B 115 0.20 -2.03 2.28
N PHE B 116 0.65 -2.99 1.48
CA PHE B 116 0.77 -4.37 1.91
C PHE B 116 1.76 -4.53 3.06
N VAL B 117 2.72 -3.62 3.12
CA VAL B 117 3.75 -3.66 4.15
C VAL B 117 3.22 -3.11 5.47
N ARG B 118 2.20 -2.29 5.40
CA ARG B 118 1.70 -1.57 6.57
C ARG B 118 0.35 -2.12 7.03
N ILE B 119 -0.25 -3.00 6.24
CA ILE B 119 -1.57 -3.54 6.55
C ILE B 119 -1.50 -4.55 7.69
N GLY B 120 -0.30 -5.05 7.97
CA GLY B 120 -0.13 -6.03 9.03
C GLY B 120 -0.60 -5.54 10.38
N ALA B 121 -0.25 -4.29 10.72
CA ALA B 121 -0.65 -3.70 11.98
C ALA B 121 -2.12 -3.30 11.96
N MET B 122 -2.67 -3.15 10.76
CA MET B 122 -4.06 -2.78 10.60
C MET B 122 -4.94 -3.99 10.85
N LEU B 123 -4.50 -5.14 10.36
CA LEU B 123 -5.19 -6.40 10.59
C LEU B 123 -5.10 -6.79 12.08
N ALA B 124 -4.22 -6.10 12.80
CA ALA B 124 -4.09 -6.30 14.23
C ALA B 124 -5.26 -5.64 14.97
N TYR B 125 -5.81 -4.60 14.38
CA TYR B 125 -6.93 -3.89 14.97
C TYR B 125 -8.24 -4.50 14.50
N THR B 126 -8.23 -5.00 13.28
CA THR B 126 -9.43 -5.56 12.66
C THR B 126 -9.71 -6.96 13.16
N PRO B 127 -10.78 -7.15 13.93
CA PRO B 127 -11.13 -8.45 14.51
C PRO B 127 -11.76 -9.39 13.47
N LEU B 128 -10.90 -10.13 12.79
CA LEU B 128 -11.37 -11.07 11.76
C LEU B 128 -11.19 -12.51 12.24
N ASP B 129 -12.01 -13.39 11.68
CA ASP B 129 -11.92 -14.82 11.94
C ASP B 129 -10.66 -15.38 11.27
N GLU B 130 -10.25 -16.57 11.68
CA GLU B 130 -9.08 -17.21 11.11
C GLU B 130 -9.24 -17.40 9.60
N LYS B 131 -10.43 -17.84 9.19
CA LYS B 131 -10.70 -18.07 7.78
C LYS B 131 -10.82 -16.75 7.04
N SER B 132 -11.30 -15.73 7.74
CA SER B 132 -11.37 -14.40 7.17
C SER B 132 -9.97 -13.85 6.94
N LEU B 133 -9.09 -14.04 7.93
CA LEU B 133 -7.72 -13.58 7.82
C LEU B 133 -7.00 -14.34 6.71
N ALA B 134 -7.21 -15.65 6.66
CA ALA B 134 -6.60 -16.48 5.61
C ALA B 134 -7.05 -16.03 4.23
N LEU B 135 -8.30 -15.57 4.17
CA LEU B 135 -8.85 -15.01 2.93
C LEU B 135 -8.01 -13.81 2.49
N LEU B 136 -7.89 -12.81 3.36
CA LEU B 136 -7.07 -11.64 3.08
C LEU B 136 -5.62 -12.02 2.80
N LEU B 137 -5.05 -12.87 3.65
CA LEU B 137 -3.67 -13.31 3.50
C LEU B 137 -3.45 -13.94 2.13
N ASN B 138 -4.43 -14.71 1.68
CA ASN B 138 -4.41 -15.30 0.36
C ASN B 138 -4.19 -14.23 -0.70
N TYR B 139 -5.06 -13.23 -0.69
CA TYR B 139 -4.98 -12.14 -1.68
C TYR B 139 -3.70 -11.33 -1.50
N LEU B 140 -3.38 -10.98 -0.26
CA LEU B 140 -2.22 -10.15 0.04
C LEU B 140 -0.92 -10.80 -0.45
N HIS B 141 -0.73 -12.07 -0.11
CA HIS B 141 0.52 -12.76 -0.44
C HIS B 141 0.63 -13.03 -1.94
N ASP B 142 -0.50 -13.32 -2.58
CA ASP B 142 -0.50 -13.52 -4.03
C ASP B 142 -0.17 -12.22 -4.74
N PHE B 143 -0.76 -11.14 -4.25
CA PHE B 143 -0.51 -9.80 -4.81
C PHE B 143 0.97 -9.45 -4.66
N LEU B 144 1.52 -9.75 -3.49
CA LEU B 144 2.93 -9.50 -3.20
C LEU B 144 3.83 -10.20 -4.21
N LYS B 145 3.58 -11.48 -4.46
CA LYS B 145 4.39 -12.24 -5.38
C LYS B 145 4.24 -11.71 -6.82
N TYR B 146 3.04 -11.28 -7.18
CA TYR B 146 2.80 -10.70 -8.49
C TYR B 146 3.65 -9.44 -8.68
N LEU B 147 3.62 -8.58 -7.68
CA LEU B 147 4.36 -7.33 -7.71
C LEU B 147 5.86 -7.58 -7.63
N ALA B 148 6.25 -8.50 -6.76
CA ALA B 148 7.65 -8.85 -6.56
C ALA B 148 8.31 -9.32 -7.85
N LYS B 149 7.58 -10.12 -8.63
CA LYS B 149 8.10 -10.65 -9.88
C LYS B 149 8.39 -9.54 -10.89
N ASN B 150 7.40 -8.68 -11.12
CA ASN B 150 7.50 -7.66 -12.16
C ASN B 150 8.02 -6.35 -11.59
N SER B 151 8.59 -6.40 -10.41
CA SER B 151 9.09 -5.21 -9.72
C SER B 151 10.15 -4.48 -10.54
N ALA B 152 10.98 -5.25 -11.23
CA ALA B 152 12.10 -4.71 -11.99
C ALA B 152 11.64 -3.83 -13.14
N THR B 153 10.43 -4.07 -13.62
CA THR B 153 9.90 -3.30 -14.73
C THR B 153 8.69 -2.46 -14.30
N LEU B 154 8.43 -2.44 -13.00
CA LEU B 154 7.28 -1.73 -12.46
C LEU B 154 7.72 -0.43 -11.78
N PHE B 155 8.88 -0.45 -11.15
CA PHE B 155 9.37 0.71 -10.42
C PHE B 155 10.50 1.40 -11.19
N SER B 156 10.45 2.72 -11.25
CA SER B 156 11.44 3.49 -11.99
C SER B 156 12.07 4.56 -11.09
N ALA B 157 13.37 4.44 -10.87
CA ALA B 157 14.08 5.39 -10.02
C ALA B 157 14.58 6.58 -10.82
N SER B 158 14.55 6.45 -12.14
CA SER B 158 15.03 7.48 -13.05
C SER B 158 14.19 8.75 -12.93
N ASP B 159 12.92 8.59 -12.61
CA ASP B 159 11.98 9.70 -12.60
C ASP B 159 12.07 10.48 -11.28
N TYR B 160 12.83 9.95 -10.33
CA TYR B 160 13.02 10.61 -9.06
C TYR B 160 14.11 11.66 -9.14
N GLU B 161 13.73 12.90 -9.42
CA GLU B 161 14.68 14.00 -9.43
C GLU B 161 14.79 14.61 -8.03
N VAL B 162 15.96 15.10 -7.68
CA VAL B 162 16.20 15.62 -6.33
C VAL B 162 15.37 16.88 -6.10
N ALA B 163 14.60 16.89 -5.02
CA ALA B 163 13.84 18.07 -4.65
C ALA B 163 14.77 19.20 -4.28
N PRO B 164 14.46 20.44 -4.70
CA PRO B 164 15.30 21.60 -4.41
C PRO B 164 15.50 21.81 -2.91
N PRO B 165 16.65 22.39 -2.52
CA PRO B 165 17.02 22.58 -1.11
C PRO B 165 16.00 23.40 -0.33
N GLU B 166 15.40 24.39 -0.98
CA GLU B 166 14.41 25.21 -0.32
C GLU B 166 13.10 24.44 -0.14
N TYR B 167 12.83 23.50 -1.04
CA TYR B 167 11.66 22.65 -0.91
C TYR B 167 11.90 21.63 0.20
N HIS B 168 13.17 21.30 0.42
CA HIS B 168 13.56 20.46 1.55
C HIS B 168 13.13 21.10 2.85
N ARG B 169 13.25 22.42 2.91
CA ARG B 169 12.93 23.18 4.10
C ARG B 169 11.43 23.44 4.20
N LYS B 170 10.72 23.10 3.14
CA LYS B 170 9.26 23.18 3.14
C LYS B 170 8.69 21.96 3.86
N ALA B 171 9.37 20.84 3.71
CA ALA B 171 8.99 19.61 4.39
C ALA B 171 9.65 19.53 5.76
N VAL B 172 10.97 19.69 5.76
CA VAL B 172 11.74 19.67 7.00
C VAL B 172 12.10 21.10 7.40
N ASP A 1 -22.11 -27.98 4.24
CA ASP A 1 -22.33 -26.52 4.16
C ASP A 1 -21.02 -25.79 4.32
N TYR A 2 -20.82 -24.75 3.53
CA TYR A 2 -19.61 -23.97 3.61
C TYR A 2 -19.89 -22.53 3.23
N VAL A 3 -19.69 -21.62 4.17
CA VAL A 3 -19.85 -20.21 3.90
C VAL A 3 -18.49 -19.52 3.89
N GLN A 4 -18.08 -19.09 2.71
CA GLN A 4 -16.83 -18.40 2.55
C GLN A 4 -17.04 -16.90 2.74
N PRO A 5 -16.26 -16.28 3.62
CA PRO A 5 -16.37 -14.85 3.92
C PRO A 5 -16.07 -13.97 2.70
N GLN A 6 -16.69 -12.80 2.66
CA GLN A 6 -16.45 -11.86 1.59
C GLN A 6 -15.37 -10.87 2.02
N LEU A 7 -14.90 -10.07 1.08
CA LEU A 7 -13.85 -9.09 1.38
C LEU A 7 -14.43 -7.84 2.04
N ARG A 8 -15.73 -7.63 1.85
CA ARG A 8 -16.39 -6.43 2.33
C ARG A 8 -16.31 -6.31 3.86
N ARG A 9 -16.55 -7.39 4.57
CA ARG A 9 -16.49 -7.37 6.04
C ARG A 9 -15.10 -6.99 6.54
N PRO A 10 -14.03 -7.73 6.18
CA PRO A 10 -12.67 -7.41 6.61
C PRO A 10 -12.25 -5.99 6.25
N PHE A 11 -12.52 -5.57 5.01
CA PHE A 11 -12.15 -4.22 4.57
C PHE A 11 -12.96 -3.16 5.29
N GLU A 12 -14.21 -3.48 5.61
CA GLU A 12 -15.05 -2.59 6.41
C GLU A 12 -14.39 -2.33 7.76
N LEU A 13 -13.96 -3.41 8.40
CA LEU A 13 -13.26 -3.34 9.67
C LEU A 13 -11.92 -2.63 9.50
N LEU A 14 -11.21 -3.02 8.46
CA LEU A 14 -9.87 -2.50 8.17
C LEU A 14 -9.91 -0.99 7.93
N ILE A 15 -10.90 -0.53 7.19
CA ILE A 15 -11.06 0.90 6.93
C ILE A 15 -11.48 1.64 8.20
N ALA A 16 -12.32 1.01 9.00
CA ALA A 16 -12.74 1.60 10.27
C ALA A 16 -11.52 1.81 11.16
N ALA A 17 -10.57 0.89 11.11
CA ALA A 17 -9.33 1.01 11.85
C ALA A 17 -8.39 2.03 11.19
N ALA A 18 -8.51 2.16 9.87
CA ALA A 18 -7.70 3.11 9.12
C ALA A 18 -8.09 4.55 9.45
N MET A 19 -9.36 4.75 9.76
CA MET A 19 -9.86 6.08 10.12
C MET A 19 -9.20 6.57 11.40
N GLU A 20 -8.73 5.63 12.22
CA GLU A 20 -8.14 5.95 13.51
C GLU A 20 -6.65 6.24 13.36
N ARG A 21 -6.14 6.12 12.14
CA ARG A 21 -4.72 6.34 11.89
C ARG A 21 -4.44 7.80 11.63
N ASN A 22 -3.80 8.43 12.59
CA ASN A 22 -3.43 9.84 12.48
C ASN A 22 -2.28 9.98 11.50
N PRO A 23 -2.13 11.17 10.88
CA PRO A 23 -1.06 11.43 9.92
C PRO A 23 0.33 11.33 10.55
N THR A 24 0.84 10.11 10.60
CA THR A 24 2.17 9.85 11.12
C THR A 24 3.09 9.38 10.00
N GLN A 25 4.38 9.58 10.18
CA GLN A 25 5.37 9.17 9.20
C GLN A 25 5.29 7.67 8.96
N PHE A 26 5.23 7.27 7.69
CA PHE A 26 5.27 5.86 7.34
C PHE A 26 6.61 5.27 7.71
N GLN A 27 6.57 4.21 8.49
CA GLN A 27 7.78 3.52 8.90
C GLN A 27 7.63 2.02 8.69
N LEU A 28 8.68 1.41 8.18
CA LEU A 28 8.64 0.02 7.76
C LEU A 28 8.79 -0.93 8.94
N PRO A 29 8.07 -2.06 8.89
CA PRO A 29 8.12 -3.13 9.90
C PRO A 29 9.53 -3.67 10.14
N ASN A 30 9.67 -4.44 11.21
CA ASN A 30 10.96 -5.01 11.61
C ASN A 30 11.53 -5.91 10.51
N GLU A 31 10.65 -6.68 9.88
CA GLU A 31 11.04 -7.63 8.83
C GLU A 31 11.77 -6.95 7.67
N LEU A 32 11.55 -5.65 7.51
CA LEU A 32 12.13 -4.92 6.39
C LEU A 32 13.34 -4.10 6.82
N THR A 33 13.26 -3.46 7.98
CA THR A 33 14.33 -2.60 8.46
C THR A 33 14.17 -2.26 9.94
N CYS A 34 12.91 -2.22 10.40
CA CYS A 34 12.60 -1.88 11.79
C CYS A 34 12.98 -0.44 12.08
N THR A 35 12.41 0.47 11.31
CA THR A 35 12.65 1.89 11.50
C THR A 35 11.88 2.40 12.71
N THR A 36 12.62 2.74 13.76
CA THR A 36 12.02 3.23 14.97
C THR A 36 12.83 4.40 15.54
N ALA A 37 12.15 5.46 15.92
CA ALA A 37 12.78 6.58 16.58
C ALA A 37 13.05 6.22 18.04
N LEU A 38 14.32 5.91 18.33
CA LEU A 38 14.72 5.40 19.64
C LEU A 38 14.15 4.00 19.87
N PRO A 39 14.71 3.25 20.84
CA PRO A 39 14.24 1.91 21.19
C PRO A 39 12.72 1.84 21.37
N GLY A 40 12.13 2.90 21.90
CA GLY A 40 10.70 2.93 22.09
C GLY A 40 10.30 2.82 23.55
N SER A 41 10.62 1.69 24.17
CA SER A 41 10.30 1.48 25.58
C SER A 41 11.24 2.28 26.48
N SER A 42 12.30 2.81 25.88
CA SER A 42 13.23 3.66 26.59
C SER A 42 13.23 5.07 26.00
N SER B 1 -2.18 -10.27 20.18
CA SER B 1 -2.16 -11.75 20.24
C SER B 1 -3.49 -12.33 19.77
N ASN B 2 -4.57 -11.56 19.89
CA ASN B 2 -5.90 -12.03 19.49
C ASN B 2 -5.93 -12.36 18.00
N ALA B 3 -5.39 -11.46 17.21
CA ALA B 3 -5.30 -11.65 15.78
C ALA B 3 -4.33 -10.68 15.14
N GLU B 4 -3.06 -11.02 15.12
CA GLU B 4 -2.09 -10.26 14.37
C GLU B 4 -1.79 -11.01 13.08
N VAL B 5 -1.96 -10.32 11.98
CA VAL B 5 -1.89 -10.95 10.67
C VAL B 5 -0.46 -10.95 10.16
N LYS B 6 0.15 -12.13 10.15
CA LYS B 6 1.51 -12.27 9.67
C LYS B 6 1.51 -12.38 8.16
N VAL B 7 1.37 -11.24 7.51
CA VAL B 7 1.42 -11.16 6.06
C VAL B 7 2.86 -11.37 5.60
N LYS B 8 3.73 -10.50 6.08
CA LYS B 8 5.14 -10.51 5.75
C LYS B 8 5.37 -10.19 4.27
N ILE B 9 6.14 -9.16 4.05
CA ILE B 9 6.51 -8.76 2.70
C ILE B 9 7.52 -9.75 2.14
N PRO B 10 7.36 -10.19 0.89
CA PRO B 10 8.33 -11.08 0.23
C PRO B 10 9.73 -10.50 0.25
N GLU B 11 10.68 -11.27 0.74
CA GLU B 11 12.06 -10.82 0.88
C GLU B 11 12.69 -10.52 -0.47
N GLU B 12 12.04 -11.00 -1.54
CA GLU B 12 12.48 -10.71 -2.89
C GLU B 12 12.12 -9.27 -3.28
N LEU B 13 11.10 -8.75 -2.61
CA LEU B 13 10.61 -7.39 -2.88
C LEU B 13 11.11 -6.43 -1.81
N LYS B 14 11.70 -7.01 -0.76
CA LYS B 14 12.28 -6.25 0.33
C LYS B 14 13.35 -5.25 -0.14
N PRO B 15 14.31 -5.67 -1.00
CA PRO B 15 15.34 -4.75 -1.54
C PRO B 15 14.76 -3.46 -2.11
N TRP B 16 13.60 -3.57 -2.76
CA TRP B 16 12.93 -2.41 -3.32
C TRP B 16 12.50 -1.45 -2.22
N LEU B 17 11.79 -1.98 -1.23
CA LEU B 17 11.29 -1.19 -0.12
C LEU B 17 12.43 -0.52 0.65
N VAL B 18 13.51 -1.26 0.87
CA VAL B 18 14.68 -0.71 1.54
C VAL B 18 15.31 0.39 0.69
N ASP B 19 15.25 0.22 -0.63
CA ASP B 19 15.79 1.21 -1.54
C ASP B 19 14.92 2.46 -1.55
N ASP B 20 13.60 2.27 -1.58
CA ASP B 20 12.63 3.37 -1.47
C ASP B 20 12.94 4.22 -0.25
N TRP B 21 13.00 3.55 0.89
CA TRP B 21 13.24 4.20 2.17
C TRP B 21 14.58 4.94 2.20
N ASP B 22 15.62 4.33 1.62
CA ASP B 22 16.93 4.96 1.54
C ASP B 22 16.88 6.19 0.63
N LEU B 23 16.20 6.05 -0.51
CA LEU B 23 16.02 7.15 -1.46
C LEU B 23 15.36 8.35 -0.80
N ILE B 24 14.25 8.10 -0.12
CA ILE B 24 13.46 9.18 0.48
C ILE B 24 14.17 9.82 1.67
N THR B 25 14.52 9.02 2.66
CA THR B 25 14.99 9.57 3.94
C THR B 25 16.46 9.98 3.89
N ARG B 26 17.27 9.24 3.16
CA ARG B 26 18.71 9.47 3.15
C ARG B 26 19.13 10.44 2.03
N GLN B 27 18.75 10.12 0.80
CA GLN B 27 19.07 11.02 -0.32
C GLN B 27 18.18 12.25 -0.30
N LYS B 28 16.97 12.07 0.22
CA LYS B 28 15.94 13.13 0.24
C LYS B 28 15.41 13.37 -1.16
N GLN B 29 15.32 12.29 -1.93
CA GLN B 29 14.78 12.34 -3.27
C GLN B 29 13.28 12.12 -3.23
N LEU B 30 12.61 12.38 -4.35
CA LEU B 30 11.16 12.29 -4.42
C LEU B 30 10.72 11.59 -5.70
N PHE B 31 9.73 10.72 -5.57
CA PHE B 31 9.17 10.03 -6.72
C PHE B 31 8.26 10.95 -7.51
N TYR B 32 8.42 10.98 -8.84
CA TYR B 32 7.58 11.79 -9.70
C TYR B 32 6.11 11.43 -9.52
N LEU B 33 5.29 12.46 -9.32
CA LEU B 33 3.88 12.27 -9.06
C LEU B 33 3.17 11.58 -10.26
N PRO B 34 3.35 12.08 -11.51
CA PRO B 34 2.74 11.45 -12.70
C PRO B 34 2.94 9.94 -12.73
N ALA B 35 1.85 9.21 -12.60
CA ALA B 35 1.91 7.77 -12.49
C ALA B 35 1.14 7.09 -13.62
N LYS B 36 1.87 6.56 -14.59
CA LYS B 36 1.28 5.86 -15.70
C LYS B 36 0.66 4.54 -15.24
N LYS B 37 1.20 3.99 -14.17
CA LYS B 37 0.64 2.78 -13.56
C LYS B 37 0.26 3.06 -12.12
N ASN B 38 -0.99 3.47 -11.94
CA ASN B 38 -1.50 3.77 -10.60
C ASN B 38 -2.28 2.57 -10.07
N VAL B 39 -2.74 2.67 -8.83
CA VAL B 39 -3.44 1.58 -8.17
C VAL B 39 -4.61 1.08 -9.02
N ASP B 40 -5.35 2.03 -9.56
CA ASP B 40 -6.51 1.74 -10.41
C ASP B 40 -6.17 0.78 -11.55
N SER B 41 -5.17 1.11 -12.34
CA SER B 41 -4.79 0.29 -13.49
C SER B 41 -4.26 -1.07 -13.06
N ILE B 42 -3.43 -1.08 -12.01
CA ILE B 42 -2.86 -2.32 -11.50
C ILE B 42 -3.95 -3.22 -10.93
N LEU B 43 -4.88 -2.59 -10.24
CA LEU B 43 -5.96 -3.29 -9.56
C LEU B 43 -6.82 -4.05 -10.56
N GLU B 44 -7.32 -3.33 -11.56
CA GLU B 44 -8.14 -3.95 -12.60
C GLU B 44 -7.32 -4.98 -13.38
N ASP B 45 -6.05 -4.68 -13.59
CA ASP B 45 -5.17 -5.55 -14.36
C ASP B 45 -5.06 -6.92 -13.70
N TYR B 46 -4.91 -6.93 -12.38
CA TYR B 46 -4.85 -8.19 -11.63
C TYR B 46 -6.21 -8.89 -11.63
N ALA B 47 -7.27 -8.11 -11.41
CA ALA B 47 -8.63 -8.65 -11.41
C ALA B 47 -8.95 -9.35 -12.72
N ASN B 48 -8.68 -8.64 -13.82
CA ASN B 48 -8.94 -9.18 -15.16
C ASN B 48 -7.96 -10.28 -15.50
N TYR B 49 -6.76 -10.22 -14.91
CA TYR B 49 -5.76 -11.26 -15.09
C TYR B 49 -6.30 -12.60 -14.64
N ARG B 50 -6.97 -12.60 -13.50
CA ARG B 50 -7.55 -13.81 -12.94
C ARG B 50 -8.75 -14.29 -13.74
N LYS B 51 -9.43 -13.37 -14.41
CA LYS B 51 -10.60 -13.70 -15.21
C LYS B 51 -10.20 -14.23 -16.57
N SER B 52 -9.09 -13.72 -17.08
CA SER B 52 -8.60 -14.10 -18.40
C SER B 52 -7.74 -15.35 -18.33
N ARG B 53 -6.89 -15.46 -17.31
CA ARG B 53 -6.08 -16.65 -17.11
C ARG B 53 -6.96 -17.78 -16.56
N GLY B 54 -7.47 -18.60 -17.45
CA GLY B 54 -8.43 -19.61 -17.06
C GLY B 54 -9.81 -19.01 -16.91
N ASN B 55 -10.45 -19.25 -15.78
CA ASN B 55 -11.76 -18.67 -15.49
C ASN B 55 -11.93 -18.52 -13.98
N THR B 56 -12.52 -17.41 -13.57
CA THR B 56 -12.88 -17.23 -12.17
C THR B 56 -14.19 -17.94 -11.86
N ASP B 57 -14.10 -19.25 -11.63
CA ASP B 57 -15.27 -20.10 -11.41
C ASP B 57 -16.12 -19.56 -10.26
N ASN B 58 -15.57 -19.55 -9.06
CA ASN B 58 -16.26 -18.99 -7.91
C ASN B 58 -15.41 -17.93 -7.23
N LYS B 59 -14.32 -17.55 -7.89
CA LYS B 59 -13.39 -16.57 -7.33
C LYS B 59 -13.75 -15.16 -7.77
N GLU B 60 -14.71 -15.03 -8.68
CA GLU B 60 -15.02 -13.74 -9.29
C GLU B 60 -15.53 -12.74 -8.26
N TYR B 61 -16.51 -13.15 -7.44
CA TYR B 61 -17.11 -12.26 -6.46
C TYR B 61 -16.05 -11.71 -5.51
N ALA B 62 -15.09 -12.56 -5.20
CA ALA B 62 -14.06 -12.23 -4.24
C ALA B 62 -13.06 -11.25 -4.83
N VAL B 63 -12.63 -11.51 -6.07
CA VAL B 63 -11.71 -10.62 -6.76
C VAL B 63 -12.31 -9.22 -6.90
N ASN B 64 -13.55 -9.16 -7.34
CA ASN B 64 -14.23 -7.87 -7.50
C ASN B 64 -14.39 -7.18 -6.15
N GLU B 65 -14.63 -7.98 -5.11
CA GLU B 65 -14.85 -7.44 -3.78
C GLU B 65 -13.55 -6.89 -3.18
N VAL B 66 -12.48 -7.66 -3.30
CA VAL B 66 -11.19 -7.24 -2.76
C VAL B 66 -10.63 -6.06 -3.55
N VAL B 67 -10.91 -6.03 -4.86
CA VAL B 67 -10.55 -4.90 -5.70
C VAL B 67 -11.21 -3.62 -5.18
N ALA B 68 -12.53 -3.68 -5.00
CA ALA B 68 -13.26 -2.54 -4.47
C ALA B 68 -12.74 -2.14 -3.09
N GLY B 69 -12.53 -3.15 -2.25
CA GLY B 69 -12.04 -2.92 -0.91
C GLY B 69 -10.66 -2.28 -0.87
N ILE B 70 -9.73 -2.85 -1.63
CA ILE B 70 -8.36 -2.31 -1.69
C ILE B 70 -8.38 -0.86 -2.18
N LYS B 71 -9.24 -0.58 -3.15
CA LYS B 71 -9.30 0.74 -3.75
C LYS B 71 -9.71 1.79 -2.72
N GLU B 72 -10.85 1.59 -2.07
CA GLU B 72 -11.33 2.58 -1.11
C GLU B 72 -10.46 2.60 0.16
N TYR B 73 -9.87 1.46 0.49
CA TYR B 73 -8.94 1.38 1.62
C TYR B 73 -7.68 2.17 1.28
N PHE B 74 -7.28 2.12 0.02
CA PHE B 74 -6.14 2.88 -0.46
C PHE B 74 -6.42 4.38 -0.33
N ASN B 75 -7.63 4.78 -0.73
CA ASN B 75 -8.03 6.18 -0.68
C ASN B 75 -8.07 6.72 0.74
N VAL B 76 -8.54 5.91 1.69
CA VAL B 76 -8.72 6.36 3.06
C VAL B 76 -7.39 6.32 3.85
N MET B 77 -6.49 5.43 3.43
CA MET B 77 -5.26 5.21 4.17
C MET B 77 -4.13 6.13 3.68
N LEU B 78 -4.27 6.63 2.45
CA LEU B 78 -3.26 7.49 1.88
C LEU B 78 -3.45 8.92 2.38
N GLY B 79 -2.34 9.57 2.70
CA GLY B 79 -2.41 10.91 3.25
C GLY B 79 -2.05 10.90 4.71
N THR B 80 -2.54 9.90 5.42
CA THR B 80 -2.25 9.75 6.83
C THR B 80 -1.03 8.88 7.05
N GLN B 81 -1.01 7.69 6.45
CA GLN B 81 0.07 6.75 6.65
C GLN B 81 0.80 6.42 5.35
N LEU B 82 0.08 6.33 4.24
CA LEU B 82 0.66 5.86 2.96
C LEU B 82 1.59 6.86 2.31
N LEU B 83 2.16 7.77 3.11
CA LEU B 83 3.10 8.75 2.59
C LEU B 83 4.25 8.90 3.56
N TYR B 84 5.45 9.03 3.03
CA TYR B 84 6.59 9.37 3.85
C TYR B 84 6.47 10.82 4.31
N LYS B 85 7.33 11.23 5.23
CA LYS B 85 7.29 12.60 5.74
C LYS B 85 7.64 13.61 4.65
N PHE B 86 8.32 13.15 3.61
CA PHE B 86 8.74 14.02 2.53
C PHE B 86 7.67 14.09 1.44
N GLU B 87 6.70 13.18 1.49
CA GLU B 87 5.62 13.15 0.51
C GLU B 87 4.44 13.99 0.97
N ARG B 88 4.52 14.44 2.22
CA ARG B 88 3.45 15.23 2.83
C ARG B 88 3.18 16.54 2.07
N PRO B 89 4.22 17.31 1.70
CA PRO B 89 4.03 18.51 0.88
C PRO B 89 3.36 18.20 -0.45
N GLN B 90 3.68 17.06 -1.04
CA GLN B 90 3.10 16.64 -2.31
C GLN B 90 1.60 16.38 -2.17
N TYR B 91 1.22 15.77 -1.05
CA TYR B 91 -0.19 15.53 -0.75
C TYR B 91 -0.94 16.85 -0.68
N ALA B 92 -0.42 17.77 0.14
CA ALA B 92 -1.02 19.08 0.29
C ALA B 92 -1.00 19.84 -1.03
N GLU B 93 0.08 19.68 -1.78
CA GLU B 93 0.25 20.37 -3.06
C GLU B 93 -0.84 19.95 -4.04
N ILE B 94 -1.02 18.64 -4.18
CA ILE B 94 -2.01 18.09 -5.10
C ILE B 94 -3.42 18.57 -4.74
N LEU B 95 -3.78 18.42 -3.47
CA LEU B 95 -5.12 18.79 -3.03
C LEU B 95 -5.41 20.27 -3.25
N ALA B 96 -4.53 21.12 -2.72
CA ALA B 96 -4.72 22.56 -2.77
C ALA B 96 -4.66 23.09 -4.20
N ASP B 97 -3.92 22.42 -5.07
CA ASP B 97 -3.76 22.87 -6.45
C ASP B 97 -4.81 22.24 -7.36
N HIS B 98 -5.16 20.99 -7.09
CA HIS B 98 -6.16 20.28 -7.89
C HIS B 98 -7.11 19.50 -6.99
N PRO B 99 -8.25 20.11 -6.60
CA PRO B 99 -9.24 19.46 -5.74
C PRO B 99 -10.01 18.34 -6.45
N ASP B 100 -9.71 18.16 -7.73
CA ASP B 100 -10.37 17.15 -8.54
C ASP B 100 -9.67 15.81 -8.45
N ALA B 101 -8.39 15.85 -8.10
CA ALA B 101 -7.55 14.66 -8.17
C ALA B 101 -7.72 13.76 -6.94
N PRO B 102 -8.17 12.52 -7.15
CA PRO B 102 -8.22 11.51 -6.10
C PRO B 102 -6.86 10.82 -5.93
N MET B 103 -6.56 10.43 -4.70
CA MET B 103 -5.27 9.81 -4.38
C MET B 103 -5.04 8.54 -5.20
N SER B 104 -6.12 7.82 -5.46
CA SER B 104 -6.06 6.58 -6.22
C SER B 104 -5.66 6.82 -7.68
N GLN B 105 -5.87 8.04 -8.15
CA GLN B 105 -5.58 8.39 -9.54
C GLN B 105 -4.13 8.84 -9.68
N VAL B 106 -3.73 9.74 -8.81
CA VAL B 106 -2.45 10.41 -8.95
C VAL B 106 -1.30 9.58 -8.35
N TYR B 107 -1.58 8.75 -7.37
CA TYR B 107 -0.53 7.97 -6.72
C TYR B 107 -0.48 6.55 -7.29
N GLY B 108 0.66 6.22 -7.87
CA GLY B 108 0.81 4.96 -8.56
C GLY B 108 1.36 3.82 -7.72
N ALA B 109 1.92 2.83 -8.40
CA ALA B 109 2.37 1.55 -7.82
C ALA B 109 3.09 1.68 -6.48
N PRO B 110 4.16 2.52 -6.36
CA PRO B 110 4.93 2.64 -5.11
C PRO B 110 4.05 2.88 -3.88
N HIS B 111 2.91 3.54 -4.06
CA HIS B 111 2.01 3.83 -2.95
C HIS B 111 1.10 2.65 -2.65
N LEU B 112 0.72 1.91 -3.67
CA LEU B 112 -0.07 0.70 -3.48
C LEU B 112 0.77 -0.36 -2.78
N LEU B 113 2.04 -0.42 -3.15
CA LEU B 113 2.98 -1.33 -2.50
C LEU B 113 3.12 -0.96 -1.02
N ARG B 114 3.19 0.34 -0.75
CA ARG B 114 3.32 0.85 0.61
C ARG B 114 2.08 0.48 1.44
N LEU B 115 0.95 0.34 0.74
CA LEU B 115 -0.31 -0.04 1.38
C LEU B 115 -0.20 -1.43 1.99
N PHE B 116 0.31 -2.38 1.21
CA PHE B 116 0.45 -3.76 1.66
C PHE B 116 1.50 -3.87 2.77
N VAL B 117 2.46 -2.96 2.77
CA VAL B 117 3.52 -2.96 3.76
C VAL B 117 2.98 -2.68 5.17
N ARG B 118 2.00 -1.80 5.26
CA ARG B 118 1.47 -1.41 6.56
C ARG B 118 0.22 -2.21 6.93
N ILE B 119 -0.30 -2.97 5.98
CA ILE B 119 -1.56 -3.70 6.19
C ILE B 119 -1.42 -4.75 7.30
N GLY B 120 -0.20 -5.25 7.48
CA GLY B 120 0.04 -6.26 8.51
C GLY B 120 -0.26 -5.75 9.91
N ALA B 121 0.24 -4.54 10.20
CA ALA B 121 0.00 -3.93 11.51
C ALA B 121 -1.42 -3.41 11.61
N MET B 122 -2.00 -3.06 10.47
CA MET B 122 -3.37 -2.58 10.43
C MET B 122 -4.35 -3.69 10.75
N LEU B 123 -4.14 -4.85 10.12
CA LEU B 123 -4.98 -6.01 10.37
C LEU B 123 -4.75 -6.54 11.78
N ALA B 124 -3.63 -6.15 12.37
CA ALA B 124 -3.30 -6.54 13.74
C ALA B 124 -4.22 -5.82 14.75
N TYR B 125 -4.78 -4.70 14.32
CA TYR B 125 -5.73 -3.95 15.16
C TYR B 125 -7.16 -4.29 14.77
N THR B 126 -7.33 -5.28 13.91
CA THR B 126 -8.64 -5.61 13.38
C THR B 126 -9.09 -7.00 13.85
N PRO B 127 -10.32 -7.09 14.38
CA PRO B 127 -10.91 -8.38 14.78
C PRO B 127 -11.43 -9.17 13.58
N LEU B 128 -10.59 -10.05 13.05
CA LEU B 128 -10.95 -10.83 11.87
C LEU B 128 -11.17 -12.29 12.24
N ASP B 129 -11.95 -12.98 11.43
CA ASP B 129 -12.19 -14.41 11.61
C ASP B 129 -11.04 -15.22 11.04
N GLU B 130 -10.90 -16.45 11.48
CA GLU B 130 -9.82 -17.34 11.02
C GLU B 130 -9.86 -17.50 9.50
N LYS B 131 -11.05 -17.75 8.95
CA LYS B 131 -11.17 -17.99 7.53
C LYS B 131 -11.03 -16.68 6.77
N SER B 132 -11.46 -15.59 7.39
CA SER B 132 -11.25 -14.26 6.82
C SER B 132 -9.76 -13.96 6.76
N LEU B 133 -9.06 -14.36 7.82
CA LEU B 133 -7.61 -14.18 7.90
C LEU B 133 -6.92 -14.83 6.71
N ALA B 134 -7.22 -16.11 6.49
CA ALA B 134 -6.63 -16.86 5.38
C ALA B 134 -7.04 -16.27 4.04
N LEU B 135 -8.23 -15.69 4.01
CA LEU B 135 -8.75 -15.03 2.81
C LEU B 135 -7.79 -13.91 2.36
N LEU B 136 -7.51 -12.97 3.27
CA LEU B 136 -6.58 -11.90 2.97
C LEU B 136 -5.20 -12.45 2.59
N LEU B 137 -4.67 -13.36 3.40
CA LEU B 137 -3.38 -13.98 3.10
C LEU B 137 -3.32 -14.48 1.67
N ASN B 138 -4.39 -15.13 1.22
CA ASN B 138 -4.44 -15.64 -0.15
C ASN B 138 -4.22 -14.51 -1.16
N TYR B 139 -5.09 -13.50 -1.09
CA TYR B 139 -5.02 -12.43 -2.09
C TYR B 139 -3.78 -11.58 -1.92
N LEU B 140 -3.42 -11.27 -0.69
CA LEU B 140 -2.28 -10.42 -0.40
C LEU B 140 -0.99 -11.05 -0.91
N HIS B 141 -0.75 -12.32 -0.59
CA HIS B 141 0.47 -12.98 -1.01
C HIS B 141 0.50 -13.17 -2.52
N ASP B 142 -0.67 -13.41 -3.10
CA ASP B 142 -0.78 -13.56 -4.55
C ASP B 142 -0.46 -12.22 -5.24
N PHE B 143 -1.04 -11.16 -4.70
CA PHE B 143 -0.82 -9.82 -5.20
C PHE B 143 0.65 -9.43 -5.04
N LEU B 144 1.22 -9.75 -3.87
CA LEU B 144 2.60 -9.41 -3.56
C LEU B 144 3.58 -10.04 -4.55
N LYS B 145 3.40 -11.32 -4.88
CA LYS B 145 4.30 -11.97 -5.81
C LYS B 145 4.09 -11.44 -7.24
N TYR B 146 2.86 -11.03 -7.55
CA TYR B 146 2.59 -10.37 -8.82
C TYR B 146 3.43 -9.09 -8.91
N LEU B 147 3.40 -8.30 -7.84
CA LEU B 147 4.16 -7.07 -7.77
C LEU B 147 5.66 -7.34 -7.84
N ALA B 148 6.09 -8.38 -7.12
CA ALA B 148 7.50 -8.75 -7.07
C ALA B 148 8.06 -9.06 -8.45
N LYS B 149 7.30 -9.78 -9.26
CA LYS B 149 7.76 -10.14 -10.60
C LYS B 149 7.77 -8.92 -11.51
N ASN B 150 6.65 -8.19 -11.54
CA ASN B 150 6.46 -7.09 -12.47
C ASN B 150 7.08 -5.79 -11.93
N SER B 151 7.86 -5.94 -10.87
CA SER B 151 8.41 -4.79 -10.14
C SER B 151 9.18 -3.83 -11.05
N ALA B 152 10.06 -4.37 -11.87
CA ALA B 152 10.92 -3.56 -12.74
C ALA B 152 10.09 -2.71 -13.71
N THR B 153 8.95 -3.24 -14.13
CA THR B 153 8.11 -2.56 -15.12
C THR B 153 6.89 -1.91 -14.47
N LEU B 154 6.90 -1.83 -13.14
CA LEU B 154 5.75 -1.29 -12.43
C LEU B 154 6.16 -0.14 -11.51
N PHE B 155 7.25 -0.33 -10.77
CA PHE B 155 7.69 0.68 -9.81
C PHE B 155 8.74 1.60 -10.45
N SER B 156 9.93 1.06 -10.68
CA SER B 156 11.03 1.81 -11.30
C SER B 156 11.50 2.96 -10.40
N ALA B 157 12.64 2.77 -9.76
CA ALA B 157 13.20 3.77 -8.85
C ALA B 157 13.89 4.89 -9.62
N SER B 158 13.78 4.86 -10.93
CA SER B 158 14.40 5.85 -11.80
C SER B 158 13.68 7.20 -11.69
N ASP B 159 12.40 7.16 -11.32
CA ASP B 159 11.60 8.38 -11.24
C ASP B 159 11.74 9.06 -9.88
N TYR B 160 12.79 8.71 -9.15
CA TYR B 160 13.12 9.42 -7.93
C TYR B 160 14.09 10.54 -8.21
N GLU B 161 13.57 11.75 -8.25
CA GLU B 161 14.36 12.93 -8.56
C GLU B 161 14.82 13.61 -7.29
N VAL B 162 15.84 14.44 -7.39
CA VAL B 162 16.19 15.33 -6.30
C VAL B 162 15.20 16.49 -6.32
N ALA B 163 14.24 16.44 -5.40
CA ALA B 163 13.21 17.46 -5.31
C ALA B 163 13.82 18.86 -5.26
N PRO B 164 13.19 19.83 -5.95
CA PRO B 164 13.68 21.21 -6.01
C PRO B 164 14.05 21.76 -4.63
N PRO B 165 15.21 22.43 -4.53
CA PRO B 165 15.72 22.97 -3.27
C PRO B 165 14.69 23.85 -2.56
N GLU B 166 14.04 24.71 -3.32
CA GLU B 166 13.03 25.61 -2.79
C GLU B 166 11.82 24.82 -2.28
N TYR B 167 11.53 23.71 -2.95
CA TYR B 167 10.39 22.89 -2.57
C TYR B 167 10.67 22.18 -1.24
N HIS B 168 11.94 21.92 -0.98
CA HIS B 168 12.35 21.33 0.30
C HIS B 168 11.91 22.21 1.46
N ARG B 169 11.93 23.52 1.23
CA ARG B 169 11.66 24.49 2.27
C ARG B 169 10.17 24.53 2.61
N LYS B 170 9.37 23.82 1.83
CA LYS B 170 7.94 23.76 2.08
C LYS B 170 7.63 22.60 3.04
N ALA B 171 8.62 21.75 3.27
CA ALA B 171 8.46 20.59 4.13
C ALA B 171 9.54 20.53 5.19
N VAL B 172 10.76 20.19 4.78
CA VAL B 172 11.87 20.04 5.70
C VAL B 172 12.89 21.15 5.48
N ASP A 1 -21.86 -26.55 -2.57
CA ASP A 1 -20.97 -25.36 -2.53
C ASP A 1 -20.39 -25.19 -1.12
N TYR A 2 -19.20 -24.62 -1.05
CA TYR A 2 -18.56 -24.35 0.22
C TYR A 2 -18.67 -22.87 0.55
N VAL A 3 -19.47 -22.55 1.56
CA VAL A 3 -19.65 -21.17 1.99
C VAL A 3 -18.38 -20.63 2.61
N GLN A 4 -17.76 -19.69 1.92
CA GLN A 4 -16.55 -19.05 2.41
C GLN A 4 -16.86 -17.62 2.83
N PRO A 5 -16.04 -17.03 3.70
CA PRO A 5 -16.24 -15.66 4.18
C PRO A 5 -16.23 -14.64 3.05
N GLN A 6 -16.85 -13.51 3.30
CA GLN A 6 -16.92 -12.44 2.30
C GLN A 6 -15.96 -11.32 2.66
N LEU A 7 -15.24 -10.80 1.67
CA LEU A 7 -14.22 -9.78 1.91
C LEU A 7 -14.85 -8.43 2.25
N ARG A 8 -16.10 -8.25 1.86
CA ARG A 8 -16.78 -6.97 2.01
C ARG A 8 -16.73 -6.44 3.44
N ARG A 9 -17.11 -7.26 4.41
CA ARG A 9 -17.15 -6.80 5.80
C ARG A 9 -15.74 -6.59 6.36
N PRO A 10 -14.83 -7.59 6.25
CA PRO A 10 -13.43 -7.42 6.69
C PRO A 10 -12.78 -6.14 6.17
N PHE A 11 -13.04 -5.79 4.91
CA PHE A 11 -12.50 -4.56 4.36
C PHE A 11 -13.07 -3.35 5.08
N GLU A 12 -14.37 -3.35 5.31
CA GLU A 12 -15.02 -2.25 6.04
C GLU A 12 -14.40 -2.11 7.42
N LEU A 13 -14.19 -3.24 8.07
CA LEU A 13 -13.59 -3.29 9.40
C LEU A 13 -12.15 -2.79 9.35
N LEU A 14 -11.41 -3.26 8.36
CA LEU A 14 -10.01 -2.88 8.17
C LEU A 14 -9.90 -1.38 7.88
N ILE A 15 -10.80 -0.87 7.06
CA ILE A 15 -10.85 0.54 6.75
C ILE A 15 -11.19 1.36 7.99
N ALA A 16 -12.11 0.84 8.81
CA ALA A 16 -12.50 1.51 10.05
C ALA A 16 -11.29 1.68 10.96
N ALA A 17 -10.46 0.65 11.04
CA ALA A 17 -9.22 0.71 11.81
C ALA A 17 -8.22 1.65 11.14
N ALA A 18 -8.25 1.68 9.80
CA ALA A 18 -7.40 2.58 9.04
C ALA A 18 -7.78 4.03 9.28
N MET A 19 -9.06 4.26 9.55
CA MET A 19 -9.54 5.60 9.86
C MET A 19 -8.90 6.10 11.15
N GLU A 20 -8.54 5.17 12.03
CA GLU A 20 -7.95 5.52 13.31
C GLU A 20 -6.45 5.79 13.18
N ARG A 21 -5.93 5.63 11.97
CA ARG A 21 -4.51 5.87 11.75
C ARG A 21 -4.25 7.35 11.59
N ASN A 22 -3.78 7.96 12.67
CA ASN A 22 -3.39 9.36 12.66
C ASN A 22 -2.28 9.55 11.64
N PRO A 23 -2.33 10.64 10.84
CA PRO A 23 -1.34 10.92 9.81
C PRO A 23 0.09 10.93 10.34
N THR A 24 0.72 9.77 10.28
CA THR A 24 2.09 9.59 10.75
C THR A 24 3.00 9.22 9.60
N GLN A 25 4.29 9.43 9.78
CA GLN A 25 5.27 9.12 8.74
C GLN A 25 5.36 7.62 8.53
N PHE A 26 5.28 7.20 7.27
CA PHE A 26 5.43 5.78 6.92
C PHE A 26 6.78 5.26 7.37
N GLN A 27 6.76 4.14 8.07
CA GLN A 27 7.97 3.50 8.53
C GLN A 27 7.84 1.98 8.39
N LEU A 28 8.98 1.30 8.31
CA LEU A 28 8.98 -0.13 8.04
C LEU A 28 9.58 -0.90 9.21
N PRO A 29 9.27 -2.20 9.29
CA PRO A 29 9.88 -3.10 10.27
C PRO A 29 11.40 -3.10 10.17
N ASN A 30 12.07 -3.26 11.31
CA ASN A 30 13.52 -3.14 11.39
C ASN A 30 14.23 -4.23 10.61
N GLU A 31 13.57 -5.37 10.43
CA GLU A 31 14.17 -6.47 9.68
C GLU A 31 14.11 -6.20 8.18
N LEU A 32 13.35 -5.19 7.77
CA LEU A 32 13.31 -4.76 6.38
C LEU A 32 14.20 -3.53 6.21
N THR A 33 14.09 -2.63 7.16
CA THR A 33 14.89 -1.42 7.20
C THR A 33 14.56 -0.68 8.50
N CYS A 34 15.52 -0.65 9.39
CA CYS A 34 15.36 0.04 10.67
C CYS A 34 15.11 1.53 10.47
N THR A 35 13.83 1.90 10.34
CA THR A 35 13.45 3.28 10.14
C THR A 35 13.23 3.99 11.47
N THR A 36 13.55 3.28 12.55
CA THR A 36 13.47 3.85 13.89
C THR A 36 14.87 4.14 14.42
N ALA A 37 15.82 4.16 13.50
CA ALA A 37 17.22 4.39 13.82
C ALA A 37 17.44 5.81 14.32
N LEU A 38 18.39 5.96 15.24
CA LEU A 38 18.70 7.26 15.83
C LEU A 38 20.10 7.71 15.45
N PRO A 39 20.26 9.02 15.19
CA PRO A 39 21.56 9.60 14.89
C PRO A 39 22.33 9.99 16.16
N GLY A 40 23.52 10.53 15.98
CA GLY A 40 24.29 11.01 17.11
C GLY A 40 24.52 12.50 17.02
N SER A 41 25.46 12.88 16.14
CA SER A 41 25.75 14.28 15.84
C SER A 41 26.40 14.99 17.02
N SER A 42 27.70 15.22 16.89
CA SER A 42 28.46 15.93 17.89
C SER A 42 28.07 17.41 17.91
N SER B 1 -0.74 -14.43 21.93
CA SER B 1 -1.16 -13.37 22.88
C SER B 1 -1.97 -12.30 22.16
N ASN B 2 -1.44 -11.80 21.06
CA ASN B 2 -2.14 -10.80 20.26
C ASN B 2 -2.55 -11.39 18.93
N ALA B 3 -2.95 -10.54 17.98
CA ALA B 3 -3.40 -11.01 16.69
C ALA B 3 -2.63 -10.33 15.57
N GLU B 4 -1.35 -10.08 15.81
CA GLU B 4 -0.50 -9.43 14.82
C GLU B 4 -0.22 -10.37 13.66
N VAL B 5 -0.59 -9.94 12.46
CA VAL B 5 -0.45 -10.78 11.29
C VAL B 5 0.85 -10.49 10.54
N LYS B 6 1.73 -11.48 10.54
CA LYS B 6 2.96 -11.38 9.76
C LYS B 6 2.68 -11.77 8.32
N VAL B 7 2.48 -10.78 7.45
CA VAL B 7 2.15 -11.04 6.06
C VAL B 7 3.37 -11.51 5.27
N LYS B 8 4.55 -11.35 5.87
CA LYS B 8 5.81 -11.82 5.28
C LYS B 8 6.11 -11.15 3.94
N ILE B 9 6.89 -10.08 3.99
CA ILE B 9 7.29 -9.37 2.78
C ILE B 9 8.32 -10.20 2.00
N PRO B 10 8.04 -10.46 0.71
CA PRO B 10 8.96 -11.21 -0.17
C PRO B 10 10.35 -10.60 -0.19
N GLU B 11 11.37 -11.45 -0.15
CA GLU B 11 12.75 -10.99 -0.05
C GLU B 11 13.17 -10.16 -1.27
N GLU B 12 12.67 -10.55 -2.44
CA GLU B 12 12.99 -9.84 -3.68
C GLU B 12 12.19 -8.55 -3.80
N LEU B 13 11.24 -8.36 -2.88
CA LEU B 13 10.38 -7.20 -2.91
C LEU B 13 10.87 -6.17 -1.89
N LYS B 14 11.68 -6.64 -0.94
CA LYS B 14 12.25 -5.77 0.10
C LYS B 14 13.05 -4.60 -0.49
N PRO B 15 14.01 -4.87 -1.44
CA PRO B 15 14.85 -3.83 -2.05
C PRO B 15 14.04 -2.61 -2.50
N TRP B 16 12.97 -2.85 -3.23
CA TRP B 16 12.17 -1.74 -3.77
C TRP B 16 11.51 -0.93 -2.67
N LEU B 17 11.18 -1.59 -1.57
CA LEU B 17 10.59 -0.90 -0.42
C LEU B 17 11.61 0.02 0.23
N VAL B 18 12.81 -0.49 0.44
CA VAL B 18 13.85 0.30 1.09
C VAL B 18 14.46 1.29 0.11
N ASP B 19 14.39 0.99 -1.18
CA ASP B 19 14.80 1.94 -2.22
C ASP B 19 13.88 3.16 -2.20
N ASP B 20 12.57 2.91 -2.14
CA ASP B 20 11.59 3.99 -2.01
C ASP B 20 11.90 4.84 -0.79
N TRP B 21 12.04 4.17 0.36
CA TRP B 21 12.40 4.81 1.61
C TRP B 21 13.70 5.61 1.47
N ASP B 22 14.71 5.01 0.85
CA ASP B 22 16.01 5.65 0.69
C ASP B 22 15.90 6.87 -0.21
N LEU B 23 15.18 6.72 -1.33
CA LEU B 23 15.00 7.81 -2.28
C LEU B 23 14.33 9.01 -1.63
N ILE B 24 13.40 8.75 -0.73
CA ILE B 24 12.69 9.82 -0.05
C ILE B 24 13.53 10.43 1.08
N THR B 25 14.05 9.59 1.97
CA THR B 25 14.72 10.06 3.16
C THR B 25 16.17 10.49 2.90
N ARG B 26 16.95 9.60 2.29
CA ARG B 26 18.37 9.87 2.07
C ARG B 26 18.59 10.68 0.79
N GLN B 27 18.00 10.24 -0.31
CA GLN B 27 18.18 10.90 -1.59
C GLN B 27 17.39 12.21 -1.65
N LYS B 28 16.27 12.24 -0.94
CA LYS B 28 15.40 13.42 -0.91
C LYS B 28 14.89 13.75 -2.31
N GLN B 29 14.69 12.71 -3.10
CA GLN B 29 14.28 12.86 -4.49
C GLN B 29 12.84 12.43 -4.66
N LEU B 30 12.11 13.15 -5.50
CA LEU B 30 10.70 12.90 -5.70
C LEU B 30 10.40 12.65 -7.17
N PHE B 31 9.57 11.65 -7.43
CA PHE B 31 9.23 11.29 -8.80
C PHE B 31 8.25 12.30 -9.39
N TYR B 32 8.30 12.45 -10.69
CA TYR B 32 7.33 13.29 -11.38
C TYR B 32 5.94 12.67 -11.21
N LEU B 33 4.99 13.51 -10.81
CA LEU B 33 3.65 13.06 -10.44
C LEU B 33 3.05 12.07 -11.46
N PRO B 34 3.02 12.40 -12.77
CA PRO B 34 2.44 11.50 -13.79
C PRO B 34 2.86 10.05 -13.59
N ALA B 35 1.91 9.23 -13.18
CA ALA B 35 2.17 7.85 -12.84
C ALA B 35 2.01 6.95 -14.06
N LYS B 36 3.11 6.40 -14.53
CA LYS B 36 3.12 5.53 -15.70
C LYS B 36 2.42 4.22 -15.40
N LYS B 37 2.48 3.79 -14.14
CA LYS B 37 1.77 2.60 -13.71
C LYS B 37 0.91 2.93 -12.49
N ASN B 38 -0.29 3.41 -12.74
CA ASN B 38 -1.22 3.76 -11.67
C ASN B 38 -1.96 2.52 -11.19
N VAL B 39 -2.52 2.60 -9.99
CA VAL B 39 -3.11 1.43 -9.33
C VAL B 39 -4.29 0.88 -10.14
N ASP B 40 -5.13 1.76 -10.66
CA ASP B 40 -6.35 1.37 -11.36
C ASP B 40 -6.08 0.37 -12.48
N SER B 41 -5.18 0.72 -13.39
CA SER B 41 -4.85 -0.14 -14.53
C SER B 41 -4.30 -1.50 -14.07
N ILE B 42 -3.48 -1.48 -13.02
CA ILE B 42 -2.90 -2.70 -12.50
C ILE B 42 -3.97 -3.55 -11.81
N LEU B 43 -4.83 -2.88 -11.06
CA LEU B 43 -5.91 -3.55 -10.34
C LEU B 43 -6.88 -4.18 -11.34
N GLU B 44 -7.21 -3.42 -12.37
CA GLU B 44 -8.04 -3.89 -13.47
C GLU B 44 -7.42 -5.13 -14.11
N ASP B 45 -6.13 -5.01 -14.44
CA ASP B 45 -5.38 -6.09 -15.08
C ASP B 45 -5.41 -7.35 -14.23
N TYR B 46 -5.17 -7.20 -12.93
CA TYR B 46 -5.14 -8.35 -12.03
C TYR B 46 -6.53 -8.96 -11.85
N ALA B 47 -7.56 -8.11 -11.82
CA ALA B 47 -8.93 -8.58 -11.69
C ALA B 47 -9.27 -9.55 -12.82
N ASN B 48 -8.92 -9.16 -14.04
CA ASN B 48 -9.12 -10.02 -15.21
C ASN B 48 -8.09 -11.15 -15.21
N TYR B 49 -6.89 -10.84 -14.75
CA TYR B 49 -5.80 -11.81 -14.65
C TYR B 49 -6.24 -13.02 -13.80
N ARG B 50 -6.91 -12.72 -12.70
CA ARG B 50 -7.39 -13.73 -11.77
C ARG B 50 -8.39 -14.67 -12.45
N LYS B 51 -9.26 -14.09 -13.28
CA LYS B 51 -10.34 -14.85 -13.90
C LYS B 51 -9.84 -15.62 -15.12
N SER B 52 -8.95 -14.98 -15.87
CA SER B 52 -8.47 -15.55 -17.12
C SER B 52 -7.41 -16.62 -16.86
N ARG B 53 -6.84 -16.62 -15.66
CA ARG B 53 -5.89 -17.65 -15.28
C ARG B 53 -6.65 -18.90 -14.88
N GLY B 54 -6.98 -19.70 -15.87
CA GLY B 54 -7.90 -20.79 -15.68
C GLY B 54 -9.32 -20.34 -15.97
N ASN B 55 -10.25 -20.69 -15.10
CA ASN B 55 -11.62 -20.19 -15.20
C ASN B 55 -12.34 -20.39 -13.88
N THR B 56 -12.49 -19.32 -13.13
CA THR B 56 -13.16 -19.39 -11.85
C THR B 56 -14.20 -18.27 -11.72
N ASP B 57 -15.46 -18.65 -11.87
CA ASP B 57 -16.57 -17.70 -11.79
C ASP B 57 -16.95 -17.46 -10.33
N ASN B 58 -16.75 -18.49 -9.51
CA ASN B 58 -17.16 -18.45 -8.11
C ASN B 58 -16.31 -17.49 -7.28
N LYS B 59 -15.30 -16.89 -7.88
CA LYS B 59 -14.43 -15.96 -7.17
C LYS B 59 -14.66 -14.53 -7.63
N GLU B 60 -15.70 -14.31 -8.44
CA GLU B 60 -15.99 -12.97 -8.95
C GLU B 60 -16.27 -12.02 -7.81
N TYR B 61 -17.13 -12.43 -6.87
CA TYR B 61 -17.48 -11.59 -5.73
C TYR B 61 -16.25 -11.24 -4.91
N ALA B 62 -15.32 -12.17 -4.82
CA ALA B 62 -14.14 -11.98 -4.00
C ALA B 62 -13.20 -10.97 -4.64
N VAL B 63 -13.01 -11.09 -5.95
CA VAL B 63 -12.19 -10.13 -6.68
C VAL B 63 -12.84 -8.75 -6.66
N ASN B 64 -14.15 -8.72 -6.88
CA ASN B 64 -14.90 -7.46 -6.82
C ASN B 64 -14.71 -6.80 -5.45
N GLU B 65 -14.88 -7.60 -4.40
CA GLU B 65 -14.68 -7.13 -3.03
C GLU B 65 -13.25 -6.65 -2.81
N VAL B 66 -12.28 -7.43 -3.27
CA VAL B 66 -10.87 -7.08 -3.10
C VAL B 66 -10.52 -5.81 -3.88
N VAL B 67 -10.91 -5.74 -5.14
CA VAL B 67 -10.64 -4.57 -5.97
C VAL B 67 -11.21 -3.30 -5.33
N ALA B 68 -12.47 -3.34 -4.94
CA ALA B 68 -13.11 -2.22 -4.27
C ALA B 68 -12.41 -1.92 -2.96
N GLY B 69 -12.11 -2.97 -2.21
CA GLY B 69 -11.43 -2.83 -0.95
C GLY B 69 -10.07 -2.19 -1.09
N ILE B 70 -9.33 -2.58 -2.13
CA ILE B 70 -8.02 -1.99 -2.41
C ILE B 70 -8.15 -0.49 -2.63
N LYS B 71 -9.08 -0.08 -3.48
CA LYS B 71 -9.28 1.34 -3.74
C LYS B 71 -9.65 2.09 -2.46
N GLU B 72 -10.65 1.58 -1.77
CA GLU B 72 -11.14 2.21 -0.54
C GLU B 72 -10.03 2.26 0.52
N TYR B 73 -9.42 1.12 0.79
CA TYR B 73 -8.40 1.02 1.83
C TYR B 73 -7.15 1.82 1.47
N PHE B 74 -6.87 1.92 0.18
CA PHE B 74 -5.76 2.73 -0.29
C PHE B 74 -6.08 4.21 -0.09
N ASN B 75 -7.28 4.61 -0.49
CA ASN B 75 -7.70 6.01 -0.40
C ASN B 75 -7.86 6.48 1.05
N VAL B 76 -8.05 5.55 1.97
CA VAL B 76 -8.19 5.90 3.38
C VAL B 76 -6.82 5.88 4.09
N MET B 77 -5.86 5.15 3.53
CA MET B 77 -4.57 5.01 4.17
C MET B 77 -3.52 5.89 3.48
N LEU B 78 -3.69 6.11 2.19
CA LEU B 78 -2.81 7.00 1.45
C LEU B 78 -3.16 8.44 1.82
N GLY B 79 -2.28 9.07 2.56
CA GLY B 79 -2.55 10.39 3.05
C GLY B 79 -2.40 10.47 4.54
N THR B 80 -2.57 9.33 5.21
CA THR B 80 -2.38 9.28 6.64
C THR B 80 -0.98 8.78 7.00
N GLN B 81 -0.74 7.48 6.85
CA GLN B 81 0.56 6.92 7.24
C GLN B 81 1.22 6.15 6.10
N LEU B 82 0.77 6.36 4.87
CA LEU B 82 1.42 5.76 3.70
C LEU B 82 2.39 6.74 3.08
N LEU B 83 2.59 7.87 3.73
CA LEU B 83 3.43 8.92 3.18
C LEU B 83 4.50 9.33 4.18
N TYR B 84 5.62 9.80 3.66
CA TYR B 84 6.66 10.35 4.49
C TYR B 84 6.38 11.85 4.69
N LYS B 85 7.11 12.48 5.60
CA LYS B 85 6.92 13.90 5.86
C LYS B 85 7.33 14.72 4.63
N PHE B 86 8.13 14.11 3.78
CA PHE B 86 8.60 14.75 2.55
C PHE B 86 7.46 14.89 1.53
N GLU B 87 6.50 13.98 1.59
CA GLU B 87 5.43 13.95 0.60
C GLU B 87 4.21 14.74 1.06
N ARG B 88 4.27 15.25 2.29
CA ARG B 88 3.15 15.98 2.88
C ARG B 88 2.77 17.22 2.07
N PRO B 89 3.73 18.13 1.77
CA PRO B 89 3.44 19.36 1.02
C PRO B 89 2.81 19.10 -0.35
N GLN B 90 3.39 18.16 -1.09
CA GLN B 90 2.91 17.86 -2.44
C GLN B 90 1.52 17.22 -2.39
N TYR B 91 1.30 16.35 -1.40
CA TYR B 91 0.01 15.70 -1.22
C TYR B 91 -1.09 16.73 -1.01
N ALA B 92 -0.86 17.66 -0.09
CA ALA B 92 -1.83 18.71 0.18
C ALA B 92 -2.06 19.58 -1.05
N GLU B 93 -0.99 19.83 -1.78
CA GLU B 93 -1.05 20.64 -2.99
C GLU B 93 -1.88 19.95 -4.07
N ILE B 94 -1.65 18.65 -4.26
CA ILE B 94 -2.40 17.87 -5.24
C ILE B 94 -3.88 17.91 -4.96
N LEU B 95 -4.26 17.64 -3.71
CA LEU B 95 -5.67 17.60 -3.32
C LEU B 95 -6.33 18.97 -3.49
N ALA B 96 -5.68 20.00 -2.95
CA ALA B 96 -6.23 21.36 -2.98
C ALA B 96 -6.42 21.87 -4.41
N ASP B 97 -5.47 21.58 -5.28
CA ASP B 97 -5.52 22.09 -6.65
C ASP B 97 -6.27 21.14 -7.57
N HIS B 98 -6.13 19.85 -7.33
CA HIS B 98 -6.74 18.84 -8.20
C HIS B 98 -7.71 17.95 -7.45
N PRO B 99 -8.99 18.32 -7.41
CA PRO B 99 -10.05 17.43 -6.95
C PRO B 99 -10.39 16.41 -8.04
N ASP B 100 -9.76 16.61 -9.19
CA ASP B 100 -9.96 15.79 -10.37
C ASP B 100 -8.91 14.69 -10.44
N ALA B 101 -8.09 14.59 -9.42
CA ALA B 101 -7.01 13.61 -9.40
C ALA B 101 -7.24 12.55 -8.32
N PRO B 102 -7.50 11.30 -8.74
CA PRO B 102 -7.64 10.15 -7.83
C PRO B 102 -6.28 9.76 -7.24
N MET B 103 -6.30 9.26 -6.01
CA MET B 103 -5.06 8.91 -5.31
C MET B 103 -4.34 7.77 -6.01
N SER B 104 -5.10 6.81 -6.51
CA SER B 104 -4.54 5.65 -7.19
C SER B 104 -4.02 6.04 -8.58
N GLN B 105 -4.38 7.24 -9.02
CA GLN B 105 -3.96 7.74 -10.32
C GLN B 105 -2.66 8.52 -10.19
N VAL B 106 -2.63 9.42 -9.21
CA VAL B 106 -1.46 10.26 -8.99
C VAL B 106 -0.33 9.48 -8.31
N TYR B 107 -0.69 8.49 -7.51
CA TYR B 107 0.29 7.68 -6.85
C TYR B 107 0.13 6.22 -7.26
N GLY B 108 1.04 5.74 -8.09
CA GLY B 108 0.92 4.40 -8.64
C GLY B 108 1.49 3.31 -7.77
N ALA B 109 1.92 2.24 -8.44
CA ALA B 109 2.36 0.99 -7.78
C ALA B 109 3.33 1.20 -6.60
N PRO B 110 4.42 2.00 -6.75
CA PRO B 110 5.38 2.24 -5.66
C PRO B 110 4.70 2.63 -4.35
N HIS B 111 3.60 3.37 -4.43
CA HIS B 111 2.88 3.82 -3.25
C HIS B 111 1.94 2.74 -2.74
N LEU B 112 1.47 1.90 -3.66
CA LEU B 112 0.57 0.80 -3.30
C LEU B 112 1.31 -0.28 -2.53
N LEU B 113 2.59 -0.43 -2.82
CA LEU B 113 3.41 -1.45 -2.18
C LEU B 113 3.61 -1.14 -0.69
N ARG B 114 3.58 0.14 -0.35
CA ARG B 114 3.73 0.58 1.03
C ARG B 114 2.58 0.06 1.89
N LEU B 115 1.44 -0.13 1.25
CA LEU B 115 0.22 -0.56 1.93
C LEU B 115 0.42 -1.87 2.68
N PHE B 116 1.09 -2.80 2.03
CA PHE B 116 1.28 -4.15 2.58
C PHE B 116 2.21 -4.15 3.78
N VAL B 117 3.11 -3.18 3.82
CA VAL B 117 4.09 -3.09 4.89
C VAL B 117 3.42 -2.79 6.23
N ARG B 118 2.26 -2.17 6.19
CA ARG B 118 1.55 -1.80 7.41
C ARG B 118 0.27 -2.62 7.57
N ILE B 119 -0.16 -3.27 6.49
CA ILE B 119 -1.42 -4.00 6.48
C ILE B 119 -1.42 -5.15 7.51
N GLY B 120 -0.25 -5.77 7.70
CA GLY B 120 -0.15 -6.87 8.63
C GLY B 120 -0.47 -6.47 10.06
N ALA B 121 0.02 -5.31 10.47
CA ALA B 121 -0.22 -4.81 11.81
C ALA B 121 -1.63 -4.24 11.93
N MET B 122 -2.24 -3.94 10.80
CA MET B 122 -3.60 -3.42 10.78
C MET B 122 -4.60 -4.55 11.00
N LEU B 123 -4.25 -5.74 10.54
CA LEU B 123 -5.06 -6.93 10.78
C LEU B 123 -4.96 -7.36 12.23
N ALA B 124 -4.00 -6.77 12.95
CA ALA B 124 -3.82 -7.04 14.37
C ALA B 124 -4.94 -6.41 15.18
N TYR B 125 -5.42 -5.27 14.72
CA TYR B 125 -6.48 -4.55 15.41
C TYR B 125 -7.85 -5.10 15.01
N THR B 126 -7.99 -5.45 13.75
CA THR B 126 -9.28 -5.88 13.21
C THR B 126 -9.59 -7.32 13.60
N PRO B 127 -10.66 -7.53 14.39
CA PRO B 127 -11.09 -8.86 14.82
C PRO B 127 -11.79 -9.60 13.69
N LEU B 128 -11.04 -10.40 12.96
CA LEU B 128 -11.58 -11.15 11.84
C LEU B 128 -11.60 -12.64 12.13
N ASP B 129 -12.31 -13.38 11.30
CA ASP B 129 -12.34 -14.83 11.40
C ASP B 129 -11.08 -15.43 10.82
N GLU B 130 -10.79 -16.66 11.21
CA GLU B 130 -9.58 -17.34 10.75
C GLU B 130 -9.65 -17.58 9.24
N LYS B 131 -10.83 -18.00 8.77
CA LYS B 131 -11.03 -18.23 7.34
C LYS B 131 -10.99 -16.91 6.57
N SER B 132 -11.49 -15.85 7.19
CA SER B 132 -11.47 -14.53 6.58
C SER B 132 -10.03 -14.03 6.46
N LEU B 133 -9.28 -14.16 7.55
CA LEU B 133 -7.88 -13.78 7.56
C LEU B 133 -7.11 -14.60 6.51
N ALA B 134 -7.50 -15.87 6.39
CA ALA B 134 -6.91 -16.75 5.41
C ALA B 134 -7.15 -16.24 3.99
N LEU B 135 -8.33 -15.64 3.77
CA LEU B 135 -8.62 -14.99 2.50
C LEU B 135 -7.60 -13.90 2.23
N LEU B 136 -7.56 -12.90 3.13
CA LEU B 136 -6.65 -11.77 2.95
C LEU B 136 -5.20 -12.24 2.76
N LEU B 137 -4.77 -13.18 3.59
CA LEU B 137 -3.41 -13.72 3.48
C LEU B 137 -3.19 -14.29 2.08
N ASN B 138 -4.16 -15.04 1.58
CA ASN B 138 -4.06 -15.68 0.28
C ASN B 138 -4.00 -14.64 -0.84
N TYR B 139 -4.99 -13.75 -0.86
CA TYR B 139 -5.09 -12.72 -1.89
C TYR B 139 -3.86 -11.82 -1.89
N LEU B 140 -3.45 -11.38 -0.72
CA LEU B 140 -2.31 -10.48 -0.58
C LEU B 140 -1.03 -11.12 -1.10
N HIS B 141 -0.80 -12.38 -0.75
CA HIS B 141 0.41 -13.08 -1.19
C HIS B 141 0.42 -13.30 -2.68
N ASP B 142 -0.74 -13.57 -3.26
CA ASP B 142 -0.83 -13.77 -4.70
C ASP B 142 -0.62 -12.44 -5.42
N PHE B 143 -1.13 -11.37 -4.83
CA PHE B 143 -0.94 -10.04 -5.37
C PHE B 143 0.53 -9.64 -5.24
N LEU B 144 1.13 -9.99 -4.11
CA LEU B 144 2.55 -9.70 -3.87
C LEU B 144 3.45 -10.42 -4.88
N LYS B 145 3.14 -11.68 -5.17
CA LYS B 145 3.94 -12.44 -6.12
C LYS B 145 3.73 -11.93 -7.53
N TYR B 146 2.55 -11.36 -7.79
CA TYR B 146 2.30 -10.66 -9.04
C TYR B 146 3.18 -9.42 -9.12
N LEU B 147 3.26 -8.69 -8.01
CA LEU B 147 4.09 -7.49 -7.92
C LEU B 147 5.56 -7.84 -8.11
N ALA B 148 5.97 -8.94 -7.49
CA ALA B 148 7.34 -9.41 -7.61
C ALA B 148 7.64 -9.90 -9.04
N LYS B 149 6.62 -10.42 -9.70
CA LYS B 149 6.78 -10.89 -11.07
C LYS B 149 6.91 -9.72 -12.04
N ASN B 150 6.05 -8.73 -11.87
CA ASN B 150 6.09 -7.54 -12.71
C ASN B 150 6.89 -6.44 -12.02
N SER B 151 7.81 -6.85 -11.16
CA SER B 151 8.55 -5.94 -10.29
C SER B 151 9.20 -4.77 -11.04
N ALA B 152 9.96 -5.08 -12.09
CA ALA B 152 10.69 -4.05 -12.82
C ALA B 152 9.74 -3.10 -13.54
N THR B 153 8.56 -3.59 -13.86
CA THR B 153 7.58 -2.79 -14.60
C THR B 153 6.54 -2.19 -13.66
N LEU B 154 6.77 -2.29 -12.37
CA LEU B 154 5.86 -1.72 -11.38
C LEU B 154 6.60 -0.78 -10.44
N PHE B 155 7.78 -1.18 -10.02
CA PHE B 155 8.54 -0.41 -9.05
C PHE B 155 9.85 0.03 -9.65
N SER B 156 10.10 1.33 -9.62
CA SER B 156 11.34 1.88 -10.14
C SER B 156 11.75 3.12 -9.36
N ALA B 157 12.99 3.13 -8.89
CA ALA B 157 13.49 4.26 -8.11
C ALA B 157 14.15 5.29 -9.01
N SER B 158 14.14 5.01 -10.30
CA SER B 158 14.73 5.90 -11.30
C SER B 158 13.88 7.14 -11.51
N ASP B 159 12.58 6.99 -11.28
CA ASP B 159 11.62 8.07 -11.51
C ASP B 159 11.76 9.16 -10.47
N TYR B 160 12.20 8.79 -9.28
CA TYR B 160 12.47 9.77 -8.23
C TYR B 160 13.68 10.60 -8.61
N GLU B 161 13.47 11.86 -8.96
CA GLU B 161 14.56 12.73 -9.33
C GLU B 161 14.72 13.85 -8.30
N VAL B 162 15.85 14.54 -8.36
CA VAL B 162 16.15 15.59 -7.39
C VAL B 162 15.07 16.67 -7.38
N ALA B 163 14.34 16.74 -6.28
CA ALA B 163 13.33 17.76 -6.09
C ALA B 163 13.98 19.06 -5.64
N PRO B 164 13.40 20.21 -6.00
CA PRO B 164 13.95 21.53 -5.66
C PRO B 164 14.17 21.71 -4.16
N PRO B 165 15.30 22.34 -3.76
CA PRO B 165 15.64 22.60 -2.36
C PRO B 165 14.53 23.34 -1.62
N GLU B 166 13.83 24.21 -2.32
CA GLU B 166 12.73 24.96 -1.74
C GLU B 166 11.62 24.02 -1.27
N TYR B 167 11.41 22.93 -2.00
CA TYR B 167 10.41 21.94 -1.61
C TYR B 167 10.94 21.09 -0.46
N HIS B 168 12.25 20.87 -0.45
CA HIS B 168 12.89 20.08 0.61
C HIS B 168 12.59 20.65 1.98
N ARG B 169 12.72 21.97 2.10
CA ARG B 169 12.54 22.61 3.40
C ARG B 169 11.07 22.96 3.66
N LYS B 170 10.17 22.63 2.73
CA LYS B 170 8.74 22.68 3.00
C LYS B 170 8.36 21.50 3.88
N ALA B 171 9.09 20.42 3.69
CA ALA B 171 8.78 19.15 4.35
C ALA B 171 9.37 19.10 5.75
N VAL B 172 10.05 20.15 6.16
CA VAL B 172 10.65 20.19 7.48
C VAL B 172 9.81 21.04 8.42
N ASP A 1 -16.71 -23.59 -7.69
CA ASP A 1 -17.04 -24.88 -7.04
C ASP A 1 -17.27 -24.66 -5.54
N TYR A 2 -16.46 -23.80 -4.95
CA TYR A 2 -16.63 -23.42 -3.56
C TYR A 2 -16.64 -21.91 -3.45
N VAL A 3 -17.72 -21.35 -2.91
CA VAL A 3 -17.86 -19.92 -2.80
C VAL A 3 -17.29 -19.43 -1.46
N GLN A 4 -16.31 -18.52 -1.54
CA GLN A 4 -15.72 -17.96 -0.34
C GLN A 4 -15.34 -16.50 -0.56
N PRO A 5 -16.30 -15.62 -0.32
CA PRO A 5 -16.19 -14.19 -0.47
C PRO A 5 -16.25 -13.46 0.87
N GLN A 6 -16.96 -12.32 0.86
CA GLN A 6 -17.25 -11.54 2.06
C GLN A 6 -16.02 -10.76 2.48
N LEU A 7 -15.46 -10.06 1.53
CA LEU A 7 -14.27 -9.24 1.72
C LEU A 7 -14.67 -7.90 2.32
N ARG A 8 -15.85 -7.42 1.92
CA ARG A 8 -16.33 -6.11 2.34
C ARG A 8 -16.33 -5.95 3.85
N ARG A 9 -16.88 -6.94 4.57
CA ARG A 9 -16.98 -6.83 6.03
C ARG A 9 -15.62 -6.60 6.70
N PRO A 10 -14.61 -7.47 6.44
CA PRO A 10 -13.25 -7.23 6.92
C PRO A 10 -12.70 -5.86 6.52
N PHE A 11 -12.93 -5.47 5.27
CA PHE A 11 -12.48 -4.17 4.79
C PHE A 11 -13.14 -3.03 5.55
N GLU A 12 -14.44 -3.17 5.82
CA GLU A 12 -15.17 -2.18 6.62
C GLU A 12 -14.47 -1.97 7.96
N LEU A 13 -14.11 -3.07 8.59
CA LEU A 13 -13.42 -3.06 9.86
C LEU A 13 -12.04 -2.41 9.71
N LEU A 14 -11.32 -2.79 8.67
CA LEU A 14 -10.00 -2.25 8.40
C LEU A 14 -10.05 -0.75 8.13
N ILE A 15 -11.04 -0.33 7.36
CA ILE A 15 -11.23 1.08 7.07
C ILE A 15 -11.55 1.85 8.35
N ALA A 16 -12.43 1.28 9.16
CA ALA A 16 -12.81 1.89 10.43
C ALA A 16 -11.59 2.03 11.35
N ALA A 17 -10.75 1.00 11.36
CA ALA A 17 -9.51 1.02 12.12
C ALA A 17 -8.53 2.04 11.55
N ALA A 18 -8.54 2.16 10.22
CA ALA A 18 -7.71 3.15 9.54
C ALA A 18 -8.17 4.56 9.85
N MET A 19 -9.48 4.73 10.04
CA MET A 19 -10.05 6.01 10.45
C MET A 19 -9.52 6.38 11.83
N GLU A 20 -9.25 5.36 12.64
CA GLU A 20 -8.74 5.55 13.99
C GLU A 20 -7.23 5.78 13.99
N ARG A 21 -6.63 5.65 12.82
CA ARG A 21 -5.21 5.90 12.67
C ARG A 21 -4.97 7.37 12.40
N ASN A 22 -4.41 8.05 13.39
CA ASN A 22 -4.10 9.45 13.28
C ASN A 22 -2.83 9.62 12.47
N PRO A 23 -2.70 10.73 11.73
CA PRO A 23 -1.59 10.94 10.80
C PRO A 23 -0.23 11.02 11.49
N THR A 24 0.40 9.87 11.64
CA THR A 24 1.70 9.82 12.27
C THR A 24 2.81 9.87 11.22
N GLN A 25 3.18 8.72 10.68
CA GLN A 25 4.16 8.64 9.60
C GLN A 25 4.29 7.20 9.14
N PHE A 26 4.41 7.01 7.83
CA PHE A 26 4.66 5.70 7.26
C PHE A 26 5.99 5.13 7.75
N GLN A 27 5.91 4.06 8.52
CA GLN A 27 7.11 3.39 9.02
C GLN A 27 7.23 2.00 8.40
N LEU A 28 8.46 1.58 8.15
CA LEU A 28 8.71 0.31 7.50
C LEU A 28 9.07 -0.75 8.54
N PRO A 29 8.86 -2.03 8.19
CA PRO A 29 9.11 -3.15 9.11
C PRO A 29 10.54 -3.19 9.64
N ASN A 30 10.67 -3.73 10.85
CA ASN A 30 11.96 -3.80 11.54
C ASN A 30 12.93 -4.69 10.78
N GLU A 31 12.43 -5.80 10.25
CA GLU A 31 13.26 -6.75 9.52
C GLU A 31 13.68 -6.17 8.17
N LEU A 32 12.96 -5.17 7.68
CA LEU A 32 13.26 -4.58 6.38
C LEU A 32 14.31 -3.48 6.52
N THR A 33 14.14 -2.60 7.50
CA THR A 33 15.09 -1.51 7.71
C THR A 33 15.04 -0.96 9.14
N CYS A 34 13.88 -1.07 9.79
CA CYS A 34 13.69 -0.51 11.12
C CYS A 34 13.73 1.01 11.08
N THR A 35 12.59 1.62 10.79
CA THR A 35 12.49 3.07 10.72
C THR A 35 12.26 3.64 12.12
N THR A 36 12.18 2.75 13.09
CA THR A 36 12.03 3.15 14.47
C THR A 36 13.41 3.40 15.11
N ALA A 37 14.45 3.09 14.33
CA ALA A 37 15.84 3.35 14.72
C ALA A 37 16.28 2.46 15.88
N LEU A 38 17.54 2.60 16.26
CA LEU A 38 18.12 1.82 17.33
C LEU A 38 19.10 2.69 18.11
N PRO A 39 19.20 2.48 19.43
CA PRO A 39 20.09 3.27 20.29
C PRO A 39 21.56 3.01 19.98
N GLY A 40 22.17 3.94 19.26
CA GLY A 40 23.58 3.81 18.93
C GLY A 40 23.96 4.60 17.70
N SER A 41 23.46 5.83 17.63
CA SER A 41 23.77 6.72 16.51
C SER A 41 23.47 8.16 16.89
N SER A 42 24.49 8.89 17.32
CA SER A 42 24.33 10.29 17.66
C SER A 42 25.65 11.04 17.44
N SER B 1 -4.13 -13.71 23.10
CA SER B 1 -4.89 -12.46 22.91
C SER B 1 -4.29 -11.63 21.78
N ASN B 2 -5.14 -11.21 20.85
CA ASN B 2 -4.71 -10.44 19.68
C ASN B 2 -3.62 -11.16 18.91
N ALA B 3 -4.01 -12.14 18.12
CA ALA B 3 -3.05 -12.90 17.31
C ALA B 3 -2.57 -12.04 16.15
N GLU B 4 -1.26 -11.92 16.02
CA GLU B 4 -0.68 -11.13 14.94
C GLU B 4 -0.78 -11.86 13.62
N VAL B 5 -1.54 -11.29 12.70
CA VAL B 5 -1.66 -11.84 11.37
C VAL B 5 -0.50 -11.35 10.51
N LYS B 6 0.50 -12.20 10.35
CA LYS B 6 1.66 -11.85 9.55
C LYS B 6 1.41 -12.13 8.09
N VAL B 7 1.23 -11.08 7.31
CA VAL B 7 1.11 -11.20 5.87
C VAL B 7 2.50 -11.43 5.30
N LYS B 8 3.49 -10.78 5.90
CA LYS B 8 4.89 -10.92 5.53
C LYS B 8 5.21 -10.25 4.21
N ILE B 9 6.38 -9.67 4.13
CA ILE B 9 6.85 -9.02 2.92
C ILE B 9 7.82 -9.96 2.20
N PRO B 10 7.46 -10.39 0.97
CA PRO B 10 8.31 -11.27 0.17
C PRO B 10 9.72 -10.70 0.00
N GLU B 11 10.71 -11.59 -0.01
CA GLU B 11 12.11 -11.19 0.02
C GLU B 11 12.52 -10.43 -1.23
N GLU B 12 11.70 -10.52 -2.28
CA GLU B 12 12.00 -9.82 -3.52
C GLU B 12 11.32 -8.45 -3.56
N LEU B 13 10.42 -8.21 -2.62
CA LEU B 13 9.77 -6.90 -2.51
C LEU B 13 10.46 -6.08 -1.43
N LYS B 14 11.11 -6.78 -0.50
CA LYS B 14 11.86 -6.14 0.58
C LYS B 14 12.86 -5.09 0.06
N PRO B 15 13.73 -5.45 -0.93
CA PRO B 15 14.70 -4.50 -1.49
C PRO B 15 14.04 -3.23 -2.00
N TRP B 16 12.81 -3.35 -2.51
CA TRP B 16 12.09 -2.19 -3.00
C TRP B 16 11.80 -1.22 -1.87
N LEU B 17 11.28 -1.72 -0.75
CA LEU B 17 11.00 -0.86 0.40
C LEU B 17 12.28 -0.18 0.89
N VAL B 18 13.36 -0.95 0.97
CA VAL B 18 14.63 -0.41 1.44
C VAL B 18 15.18 0.64 0.46
N ASP B 19 14.97 0.39 -0.83
CA ASP B 19 15.45 1.30 -1.87
C ASP B 19 14.60 2.56 -1.89
N ASP B 20 13.29 2.37 -1.89
CA ASP B 20 12.31 3.47 -1.88
C ASP B 20 12.52 4.35 -0.65
N TRP B 21 12.64 3.71 0.51
CA TRP B 21 12.87 4.40 1.76
C TRP B 21 14.16 5.23 1.71
N ASP B 22 15.24 4.61 1.25
CA ASP B 22 16.54 5.31 1.13
C ASP B 22 16.39 6.49 0.17
N LEU B 23 15.74 6.23 -0.95
CA LEU B 23 15.52 7.24 -1.98
C LEU B 23 14.76 8.45 -1.44
N ILE B 24 13.66 8.19 -0.75
CA ILE B 24 12.81 9.26 -0.26
C ILE B 24 13.43 10.00 0.93
N THR B 25 13.93 9.25 1.91
CA THR B 25 14.40 9.86 3.15
C THR B 25 15.80 10.45 3.00
N ARG B 26 16.70 9.72 2.37
CA ARG B 26 18.09 10.13 2.31
C ARG B 26 18.36 10.98 1.09
N GLN B 27 18.04 10.45 -0.09
CA GLN B 27 18.29 11.17 -1.33
C GLN B 27 17.29 12.31 -1.49
N LYS B 28 16.10 12.13 -0.91
CA LYS B 28 15.07 13.16 -0.89
C LYS B 28 14.64 13.53 -2.31
N GLN B 29 14.57 12.52 -3.16
CA GLN B 29 14.11 12.69 -4.52
C GLN B 29 12.63 12.35 -4.60
N LEU B 30 11.82 13.30 -5.06
CA LEU B 30 10.38 13.13 -5.06
C LEU B 30 9.87 12.68 -6.43
N PHE B 31 8.67 12.16 -6.44
CA PHE B 31 8.07 11.65 -7.66
C PHE B 31 6.91 12.56 -8.07
N TYR B 32 6.97 13.08 -9.29
CA TYR B 32 5.83 13.80 -9.84
C TYR B 32 4.65 12.85 -9.94
N LEU B 33 3.54 13.24 -9.32
CA LEU B 33 2.47 12.30 -8.98
C LEU B 33 2.02 11.40 -10.15
N PRO B 34 1.66 11.97 -11.33
CA PRO B 34 1.18 11.15 -12.45
C PRO B 34 2.06 9.92 -12.68
N ALA B 35 1.53 8.76 -12.33
CA ALA B 35 2.30 7.54 -12.36
C ALA B 35 2.05 6.75 -13.63
N LYS B 36 3.08 6.05 -14.09
CA LYS B 36 2.98 5.18 -15.25
C LYS B 36 1.94 4.08 -15.04
N LYS B 37 1.69 3.75 -13.78
CA LYS B 37 0.73 2.73 -13.44
C LYS B 37 0.02 3.08 -12.14
N ASN B 38 -1.26 3.39 -12.23
CA ASN B 38 -2.04 3.74 -11.04
C ASN B 38 -2.66 2.49 -10.41
N VAL B 39 -3.36 2.67 -9.29
CA VAL B 39 -3.95 1.56 -8.55
C VAL B 39 -5.14 0.97 -9.31
N ASP B 40 -5.92 1.82 -9.94
CA ASP B 40 -7.14 1.39 -10.62
C ASP B 40 -6.83 0.45 -11.78
N SER B 41 -5.79 0.74 -12.55
CA SER B 41 -5.41 -0.11 -13.67
C SER B 41 -4.86 -1.44 -13.16
N ILE B 42 -4.16 -1.39 -12.02
CA ILE B 42 -3.66 -2.61 -11.38
C ILE B 42 -4.83 -3.49 -10.95
N LEU B 43 -5.77 -2.91 -10.21
CA LEU B 43 -6.93 -3.63 -9.72
C LEU B 43 -7.76 -4.20 -10.86
N GLU B 44 -7.97 -3.40 -11.90
CA GLU B 44 -8.75 -3.81 -13.05
C GLU B 44 -8.13 -5.05 -13.70
N ASP B 45 -6.83 -4.98 -13.96
CA ASP B 45 -6.13 -6.09 -14.60
C ASP B 45 -6.07 -7.29 -13.66
N TYR B 46 -5.84 -7.03 -12.38
CA TYR B 46 -5.79 -8.08 -11.37
C TYR B 46 -7.13 -8.80 -11.28
N ALA B 47 -8.21 -8.06 -11.41
CA ALA B 47 -9.55 -8.62 -11.41
C ALA B 47 -9.72 -9.57 -12.60
N ASN B 48 -9.31 -9.11 -13.77
CA ASN B 48 -9.37 -9.93 -14.99
C ASN B 48 -8.52 -11.18 -14.83
N TYR B 49 -7.37 -11.01 -14.17
CA TYR B 49 -6.43 -12.08 -13.96
C TYR B 49 -7.02 -13.17 -13.06
N ARG B 50 -7.73 -12.75 -12.01
CA ARG B 50 -8.34 -13.69 -11.08
C ARG B 50 -9.58 -14.34 -11.67
N LYS B 51 -10.15 -13.71 -12.70
CA LYS B 51 -11.28 -14.30 -13.40
C LYS B 51 -10.81 -15.36 -14.38
N SER B 52 -9.73 -15.03 -15.09
CA SER B 52 -9.21 -15.90 -16.12
C SER B 52 -8.42 -17.06 -15.53
N ARG B 53 -7.59 -16.77 -14.53
CA ARG B 53 -6.81 -17.80 -13.87
C ARG B 53 -7.53 -18.28 -12.62
N GLY B 54 -8.57 -19.06 -12.84
CA GLY B 54 -9.34 -19.63 -11.75
C GLY B 54 -10.25 -20.73 -12.24
N ASN B 55 -11.28 -20.33 -12.99
CA ASN B 55 -12.22 -21.27 -13.62
C ASN B 55 -13.07 -22.00 -12.58
N THR B 56 -12.49 -22.98 -11.91
CA THR B 56 -13.20 -23.77 -10.91
C THR B 56 -13.74 -22.88 -9.81
N ASP B 57 -12.84 -22.20 -9.12
CA ASP B 57 -13.24 -21.25 -8.09
C ASP B 57 -13.00 -19.83 -8.58
N ASN B 58 -13.78 -19.44 -9.59
CA ASN B 58 -13.67 -18.11 -10.17
C ASN B 58 -13.92 -17.04 -9.11
N LYS B 59 -12.88 -16.30 -8.77
CA LYS B 59 -12.89 -15.40 -7.63
C LYS B 59 -13.48 -14.03 -7.96
N GLU B 60 -14.15 -13.92 -9.10
CA GLU B 60 -14.66 -12.63 -9.58
C GLU B 60 -15.43 -11.85 -8.52
N TYR B 61 -16.29 -12.54 -7.78
CA TYR B 61 -17.13 -11.88 -6.79
C TYR B 61 -16.29 -11.25 -5.67
N ALA B 62 -15.42 -12.04 -5.07
CA ALA B 62 -14.65 -11.60 -3.93
C ALA B 62 -13.51 -10.69 -4.38
N VAL B 63 -12.98 -10.91 -5.58
CA VAL B 63 -11.92 -10.06 -6.10
C VAL B 63 -12.49 -8.68 -6.42
N ASN B 64 -13.77 -8.62 -6.77
CA ASN B 64 -14.45 -7.35 -6.95
C ASN B 64 -14.55 -6.64 -5.62
N GLU B 65 -14.89 -7.41 -4.58
CA GLU B 65 -14.87 -6.90 -3.22
C GLU B 65 -13.48 -6.39 -2.87
N VAL B 66 -12.45 -7.14 -3.27
CA VAL B 66 -11.06 -6.76 -3.03
C VAL B 66 -10.73 -5.43 -3.72
N VAL B 67 -11.08 -5.31 -4.99
CA VAL B 67 -10.83 -4.08 -5.75
C VAL B 67 -11.40 -2.87 -5.02
N ALA B 68 -12.68 -2.94 -4.67
CA ALA B 68 -13.34 -1.83 -3.97
C ALA B 68 -12.73 -1.63 -2.59
N GLY B 69 -12.50 -2.73 -1.89
CA GLY B 69 -11.96 -2.66 -0.55
C GLY B 69 -10.56 -2.08 -0.50
N ILE B 70 -9.69 -2.56 -1.38
CA ILE B 70 -8.32 -2.06 -1.45
C ILE B 70 -8.32 -0.57 -1.78
N LYS B 71 -9.16 -0.16 -2.72
CA LYS B 71 -9.28 1.25 -3.09
C LYS B 71 -9.62 2.09 -1.87
N GLU B 72 -10.71 1.75 -1.20
CA GLU B 72 -11.18 2.49 -0.04
C GLU B 72 -10.18 2.44 1.10
N TYR B 73 -9.63 1.25 1.36
CA TYR B 73 -8.66 1.07 2.43
C TYR B 73 -7.39 1.87 2.16
N PHE B 74 -6.91 1.82 0.92
CA PHE B 74 -5.71 2.55 0.54
C PHE B 74 -5.96 4.06 0.64
N ASN B 75 -7.16 4.49 0.26
CA ASN B 75 -7.49 5.91 0.27
C ASN B 75 -7.65 6.46 1.69
N VAL B 76 -8.22 5.65 2.58
CA VAL B 76 -8.41 6.09 3.96
C VAL B 76 -7.10 6.01 4.75
N MET B 77 -6.26 5.05 4.39
CA MET B 77 -4.97 4.88 5.04
C MET B 77 -3.97 5.90 4.50
N LEU B 78 -4.26 6.39 3.29
CA LEU B 78 -3.44 7.42 2.66
C LEU B 78 -3.84 8.79 3.19
N GLY B 79 -2.90 9.72 3.18
CA GLY B 79 -3.16 11.04 3.71
C GLY B 79 -2.80 11.10 5.18
N THR B 80 -3.08 10.03 5.89
CA THR B 80 -2.77 9.96 7.30
C THR B 80 -1.34 9.44 7.52
N GLN B 81 -1.11 8.15 7.32
CA GLN B 81 0.20 7.56 7.63
C GLN B 81 0.73 6.70 6.49
N LEU B 82 0.22 6.87 5.28
CA LEU B 82 0.79 6.19 4.11
C LEU B 82 1.71 7.12 3.34
N LEU B 83 2.29 8.08 4.04
CA LEU B 83 3.13 9.09 3.40
C LEU B 83 4.36 9.37 4.25
N TYR B 84 5.49 9.58 3.59
CA TYR B 84 6.69 10.03 4.28
C TYR B 84 6.51 11.50 4.66
N LYS B 85 7.20 11.96 5.70
CA LYS B 85 7.04 13.34 6.14
C LYS B 85 7.61 14.32 5.12
N PHE B 86 8.49 13.84 4.27
CA PHE B 86 9.07 14.67 3.20
C PHE B 86 8.19 14.58 1.94
N GLU B 87 7.31 13.59 1.93
CA GLU B 87 6.44 13.33 0.78
C GLU B 87 5.13 14.12 0.93
N ARG B 88 4.92 14.65 2.14
CA ARG B 88 3.69 15.38 2.47
C ARG B 88 3.47 16.61 1.56
N PRO B 89 4.49 17.50 1.38
CA PRO B 89 4.33 18.71 0.55
C PRO B 89 3.78 18.43 -0.85
N GLN B 90 4.34 17.43 -1.53
CA GLN B 90 3.90 17.09 -2.88
C GLN B 90 2.45 16.61 -2.86
N TYR B 91 2.14 15.79 -1.86
CA TYR B 91 0.77 15.29 -1.69
C TYR B 91 -0.20 16.43 -1.46
N ALA B 92 0.18 17.36 -0.60
CA ALA B 92 -0.65 18.52 -0.28
C ALA B 92 -0.84 19.41 -1.50
N GLU B 93 0.18 19.48 -2.35
CA GLU B 93 0.12 20.26 -3.57
C GLU B 93 -0.94 19.69 -4.51
N ILE B 94 -0.91 18.38 -4.70
CA ILE B 94 -1.88 17.70 -5.56
C ILE B 94 -3.30 17.93 -5.06
N LEU B 95 -3.52 17.78 -3.76
CA LEU B 95 -4.84 17.97 -3.18
C LEU B 95 -5.35 19.38 -3.40
N ALA B 96 -4.49 20.35 -3.09
CA ALA B 96 -4.85 21.75 -3.22
C ALA B 96 -5.13 22.14 -4.67
N ASP B 97 -4.28 21.70 -5.57
CA ASP B 97 -4.39 22.07 -6.97
C ASP B 97 -5.46 21.24 -7.69
N HIS B 98 -5.60 19.98 -7.29
CA HIS B 98 -6.59 19.10 -7.90
C HIS B 98 -7.37 18.33 -6.84
N PRO B 99 -8.49 18.90 -6.37
CA PRO B 99 -9.40 18.18 -5.47
C PRO B 99 -10.21 17.14 -6.24
N ASP B 100 -10.09 17.19 -7.55
CA ASP B 100 -10.82 16.32 -8.44
C ASP B 100 -10.07 15.02 -8.68
N ALA B 101 -8.85 14.94 -8.17
CA ALA B 101 -8.00 13.79 -8.42
C ALA B 101 -8.15 12.73 -7.33
N PRO B 102 -8.70 11.56 -7.68
CA PRO B 102 -8.78 10.42 -6.77
C PRO B 102 -7.38 9.91 -6.42
N MET B 103 -7.23 9.44 -5.19
CA MET B 103 -5.94 8.99 -4.68
C MET B 103 -5.38 7.81 -5.49
N SER B 104 -6.28 6.97 -5.97
CA SER B 104 -5.87 5.78 -6.72
C SER B 104 -5.49 6.14 -8.15
N GLN B 105 -5.73 7.38 -8.54
CA GLN B 105 -5.40 7.84 -9.89
C GLN B 105 -3.99 8.39 -9.92
N VAL B 106 -3.65 9.19 -8.92
CA VAL B 106 -2.34 9.81 -8.86
C VAL B 106 -1.29 8.82 -8.33
N TYR B 107 -1.58 8.18 -7.20
CA TYR B 107 -0.64 7.24 -6.61
C TYR B 107 -0.90 5.85 -7.15
N GLY B 108 0.14 5.23 -7.68
CA GLY B 108 -0.01 3.92 -8.29
C GLY B 108 0.80 2.84 -7.60
N ALA B 109 1.22 1.86 -8.37
CA ALA B 109 1.88 0.65 -7.86
C ALA B 109 3.05 0.93 -6.90
N PRO B 110 4.03 1.78 -7.28
CA PRO B 110 5.19 2.08 -6.43
C PRO B 110 4.78 2.50 -5.02
N HIS B 111 3.76 3.34 -4.92
CA HIS B 111 3.31 3.84 -3.63
C HIS B 111 2.36 2.83 -2.96
N LEU B 112 1.68 2.05 -3.80
CA LEU B 112 0.71 1.07 -3.32
C LEU B 112 1.39 -0.04 -2.51
N LEU B 113 2.62 -0.38 -2.91
CA LEU B 113 3.41 -1.41 -2.22
C LEU B 113 3.55 -1.07 -0.74
N ARG B 114 3.65 0.22 -0.44
CA ARG B 114 3.86 0.69 0.92
C ARG B 114 2.70 0.34 1.84
N LEU B 115 1.50 0.20 1.27
CA LEU B 115 0.29 -0.07 2.06
C LEU B 115 0.35 -1.46 2.68
N PHE B 116 0.77 -2.43 1.89
CA PHE B 116 0.72 -3.84 2.30
C PHE B 116 1.65 -4.15 3.47
N VAL B 117 2.71 -3.37 3.62
CA VAL B 117 3.64 -3.58 4.71
C VAL B 117 3.00 -3.22 6.06
N ARG B 118 1.97 -2.37 6.02
CA ARG B 118 1.35 -1.88 7.24
C ARG B 118 0.09 -2.65 7.62
N ILE B 119 -0.51 -3.33 6.65
CA ILE B 119 -1.82 -3.98 6.86
C ILE B 119 -1.70 -5.15 7.84
N GLY B 120 -0.51 -5.74 7.94
CA GLY B 120 -0.30 -6.88 8.82
C GLY B 120 -0.67 -6.59 10.27
N ALA B 121 -0.16 -5.48 10.79
CA ALA B 121 -0.42 -5.11 12.18
C ALA B 121 -1.86 -4.64 12.36
N MET B 122 -2.49 -4.25 11.27
CA MET B 122 -3.88 -3.80 11.32
C MET B 122 -4.82 -4.98 11.51
N LEU B 123 -4.39 -6.14 11.02
CA LEU B 123 -5.16 -7.37 11.18
C LEU B 123 -4.96 -7.96 12.58
N ALA B 124 -3.96 -7.47 13.30
CA ALA B 124 -3.66 -7.94 14.64
C ALA B 124 -4.68 -7.40 15.64
N TYR B 125 -5.42 -6.39 15.24
CA TYR B 125 -6.44 -5.79 16.09
C TYR B 125 -7.83 -6.23 15.67
N THR B 126 -8.00 -6.47 14.39
CA THR B 126 -9.32 -6.74 13.81
C THR B 126 -9.72 -8.20 13.98
N PRO B 127 -10.78 -8.46 14.75
CA PRO B 127 -11.31 -9.80 14.95
C PRO B 127 -12.06 -10.32 13.72
N LEU B 128 -11.41 -11.21 12.98
CA LEU B 128 -11.99 -11.72 11.75
C LEU B 128 -12.24 -13.22 11.83
N ASP B 129 -12.87 -13.75 10.80
CA ASP B 129 -13.10 -15.18 10.69
C ASP B 129 -11.85 -15.89 10.20
N GLU B 130 -11.67 -17.13 10.62
CA GLU B 130 -10.46 -17.90 10.31
C GLU B 130 -10.30 -18.11 8.81
N LYS B 131 -11.37 -18.55 8.16
CA LYS B 131 -11.32 -18.86 6.74
C LYS B 131 -11.23 -17.59 5.91
N SER B 132 -11.96 -16.56 6.34
CA SER B 132 -11.90 -15.26 5.68
C SER B 132 -10.50 -14.67 5.84
N LEU B 133 -9.86 -14.96 6.97
CA LEU B 133 -8.50 -14.51 7.23
C LEU B 133 -7.55 -15.12 6.20
N ALA B 134 -7.65 -16.43 6.03
CA ALA B 134 -6.83 -17.14 5.05
C ALA B 134 -7.15 -16.65 3.64
N LEU B 135 -8.42 -16.37 3.40
CA LEU B 135 -8.89 -15.82 2.13
C LEU B 135 -8.14 -14.51 1.83
N LEU B 136 -8.13 -13.61 2.80
CA LEU B 136 -7.43 -12.34 2.68
C LEU B 136 -5.95 -12.54 2.38
N LEU B 137 -5.31 -13.37 3.19
CA LEU B 137 -3.89 -13.65 3.04
C LEU B 137 -3.55 -14.18 1.65
N ASN B 138 -4.48 -14.96 1.09
CA ASN B 138 -4.30 -15.52 -0.25
C ASN B 138 -4.27 -14.38 -1.27
N TYR B 139 -5.27 -13.50 -1.22
CA TYR B 139 -5.34 -12.37 -2.15
C TYR B 139 -4.11 -11.48 -2.03
N LEU B 140 -3.79 -11.08 -0.81
CA LEU B 140 -2.66 -10.20 -0.55
C LEU B 140 -1.36 -10.77 -1.12
N HIS B 141 -1.06 -12.01 -0.78
CA HIS B 141 0.15 -12.67 -1.28
C HIS B 141 0.20 -12.69 -2.79
N ASP B 142 -0.93 -12.98 -3.44
CA ASP B 142 -0.97 -13.04 -4.90
C ASP B 142 -0.85 -11.66 -5.49
N PHE B 143 -1.36 -10.67 -4.78
CA PHE B 143 -1.24 -9.28 -5.20
C PHE B 143 0.23 -8.87 -5.24
N LEU B 144 0.97 -9.21 -4.18
CA LEU B 144 2.40 -9.00 -4.14
C LEU B 144 3.10 -9.75 -5.27
N LYS B 145 2.66 -10.98 -5.52
CA LYS B 145 3.18 -11.79 -6.62
C LYS B 145 3.03 -11.07 -7.95
N TYR B 146 1.85 -10.52 -8.19
CA TYR B 146 1.57 -9.82 -9.44
C TYR B 146 2.49 -8.60 -9.59
N LEU B 147 2.68 -7.87 -8.51
CA LEU B 147 3.54 -6.69 -8.51
C LEU B 147 5.01 -7.09 -8.65
N ALA B 148 5.37 -8.23 -8.06
CA ALA B 148 6.74 -8.73 -8.14
C ALA B 148 7.09 -9.17 -9.55
N LYS B 149 6.15 -9.86 -10.20
CA LYS B 149 6.35 -10.37 -11.55
C LYS B 149 6.52 -9.22 -12.55
N ASN B 150 5.98 -8.06 -12.21
CA ASN B 150 6.07 -6.89 -13.06
C ASN B 150 6.89 -5.80 -12.38
N SER B 151 7.70 -6.20 -11.42
CA SER B 151 8.46 -5.25 -10.60
C SER B 151 9.31 -4.30 -11.45
N ALA B 152 9.98 -4.85 -12.46
CA ALA B 152 10.89 -4.08 -13.29
C ALA B 152 10.17 -2.98 -14.08
N THR B 153 8.87 -3.15 -14.26
CA THR B 153 8.09 -2.20 -15.05
C THR B 153 7.22 -1.31 -14.18
N LEU B 154 7.12 -1.62 -12.89
CA LEU B 154 6.26 -0.87 -12.00
C LEU B 154 7.07 -0.08 -10.98
N PHE B 155 8.20 -0.62 -10.58
CA PHE B 155 9.00 -0.01 -9.54
C PHE B 155 10.35 0.46 -10.09
N SER B 156 10.39 1.72 -10.50
CA SER B 156 11.61 2.31 -11.03
C SER B 156 11.88 3.67 -10.37
N ALA B 157 13.03 3.77 -9.72
CA ALA B 157 13.41 4.99 -9.01
C ALA B 157 13.92 6.06 -9.97
N SER B 158 14.19 5.66 -11.21
CA SER B 158 14.69 6.57 -12.23
C SER B 158 13.68 7.68 -12.55
N ASP B 159 12.42 7.46 -12.18
CA ASP B 159 11.36 8.41 -12.49
C ASP B 159 11.25 9.46 -11.39
N TYR B 160 12.03 9.30 -10.34
CA TYR B 160 12.07 10.27 -9.25
C TYR B 160 13.04 11.39 -9.59
N GLU B 161 12.68 12.61 -9.25
CA GLU B 161 13.52 13.77 -9.55
C GLU B 161 13.95 14.46 -8.26
N VAL B 162 15.17 15.01 -8.29
CA VAL B 162 15.72 15.66 -7.11
C VAL B 162 15.00 16.97 -6.82
N ALA B 163 14.30 17.01 -5.70
CA ALA B 163 13.61 18.22 -5.27
C ALA B 163 14.62 19.32 -4.95
N PRO B 164 14.35 20.55 -5.39
CA PRO B 164 15.25 21.70 -5.18
C PRO B 164 15.64 21.88 -3.71
N PRO B 165 16.85 22.42 -3.45
CA PRO B 165 17.37 22.60 -2.09
C PRO B 165 16.41 23.35 -1.19
N GLU B 166 15.84 24.42 -1.71
CA GLU B 166 14.93 25.25 -0.94
C GLU B 166 13.64 24.51 -0.62
N TYR B 167 13.25 23.59 -1.49
CA TYR B 167 12.04 22.81 -1.29
C TYR B 167 12.24 21.88 -0.09
N HIS B 168 13.49 21.48 0.13
CA HIS B 168 13.84 20.65 1.28
C HIS B 168 13.61 21.42 2.57
N ARG B 169 13.88 22.72 2.52
CA ARG B 169 13.79 23.58 3.70
C ARG B 169 12.34 23.98 3.97
N LYS B 170 11.48 23.77 2.99
CA LYS B 170 10.07 24.07 3.15
C LYS B 170 9.31 22.81 3.55
N ALA B 171 9.95 21.67 3.37
CA ALA B 171 9.37 20.39 3.76
C ALA B 171 9.77 20.04 5.19
N VAL B 172 11.06 20.12 5.47
CA VAL B 172 11.57 19.80 6.80
C VAL B 172 11.89 21.08 7.56
N ASP A 1 -24.43 -18.35 -3.28
CA ASP A 1 -24.40 -16.91 -2.91
C ASP A 1 -23.55 -16.67 -1.67
N TYR A 2 -23.94 -17.30 -0.56
CA TYR A 2 -23.25 -17.08 0.69
C TYR A 2 -22.86 -18.40 1.34
N VAL A 3 -21.72 -18.94 0.92
CA VAL A 3 -21.20 -20.16 1.52
C VAL A 3 -19.77 -19.89 1.95
N GLN A 4 -19.51 -18.63 2.21
CA GLN A 4 -18.18 -18.17 2.55
C GLN A 4 -18.26 -16.91 3.42
N PRO A 5 -17.23 -16.66 4.23
CA PRO A 5 -17.17 -15.47 5.11
C PRO A 5 -17.36 -14.17 4.35
N GLN A 6 -16.81 -14.13 3.14
CA GLN A 6 -16.88 -12.96 2.27
C GLN A 6 -16.03 -11.81 2.80
N LEU A 7 -15.36 -11.13 1.89
CA LEU A 7 -14.42 -10.06 2.24
C LEU A 7 -15.13 -8.74 2.50
N ARG A 8 -16.37 -8.63 2.05
CA ARG A 8 -17.18 -7.41 2.20
C ARG A 8 -17.04 -6.80 3.60
N ARG A 9 -17.40 -7.57 4.64
CA ARG A 9 -17.32 -7.08 6.01
C ARG A 9 -15.89 -6.83 6.47
N PRO A 10 -14.96 -7.80 6.30
CA PRO A 10 -13.54 -7.59 6.60
C PRO A 10 -12.98 -6.28 6.03
N PHE A 11 -13.34 -5.94 4.80
CA PHE A 11 -12.87 -4.70 4.18
C PHE A 11 -13.50 -3.48 4.84
N GLU A 12 -14.77 -3.59 5.22
CA GLU A 12 -15.45 -2.56 6.01
C GLU A 12 -14.65 -2.29 7.29
N LEU A 13 -14.36 -3.38 7.99
CA LEU A 13 -13.60 -3.32 9.24
C LEU A 13 -12.18 -2.81 8.99
N LEU A 14 -11.62 -3.19 7.86
CA LEU A 14 -10.26 -2.81 7.50
C LEU A 14 -10.15 -1.32 7.23
N ILE A 15 -11.09 -0.78 6.47
CA ILE A 15 -11.11 0.64 6.20
C ILE A 15 -11.37 1.41 7.49
N ALA A 16 -12.22 0.85 8.34
CA ALA A 16 -12.49 1.43 9.66
C ALA A 16 -11.20 1.50 10.48
N ALA A 17 -10.36 0.48 10.34
CA ALA A 17 -9.06 0.46 11.02
C ALA A 17 -8.15 1.54 10.45
N ALA A 18 -8.26 1.77 9.14
CA ALA A 18 -7.49 2.83 8.49
C ALA A 18 -7.90 4.20 9.00
N MET A 19 -9.19 4.34 9.33
CA MET A 19 -9.72 5.60 9.85
C MET A 19 -9.13 5.87 11.24
N GLU A 20 -8.60 4.84 11.87
CA GLU A 20 -8.00 4.95 13.20
C GLU A 20 -6.49 5.20 13.10
N ARG A 21 -5.98 5.20 11.88
CA ARG A 21 -4.55 5.38 11.67
C ARG A 21 -4.22 6.85 11.47
N ASN A 22 -3.76 7.48 12.53
CA ASN A 22 -3.39 8.89 12.48
C ASN A 22 -2.11 9.06 11.67
N PRO A 23 -1.83 10.29 11.20
CA PRO A 23 -0.62 10.60 10.43
C PRO A 23 0.67 10.38 11.21
N THR A 24 1.20 9.17 11.14
CA THR A 24 2.52 8.87 11.67
C THR A 24 3.50 8.71 10.52
N GLN A 25 4.76 9.11 10.74
CA GLN A 25 5.78 8.94 9.73
C GLN A 25 5.97 7.45 9.42
N PHE A 26 5.69 7.07 8.19
CA PHE A 26 5.70 5.68 7.74
C PHE A 26 7.03 5.00 8.08
N GLN A 27 6.93 3.98 8.93
CA GLN A 27 8.10 3.15 9.26
C GLN A 27 7.92 1.77 8.63
N LEU A 28 9.03 1.14 8.31
CA LEU A 28 9.00 -0.23 7.82
C LEU A 28 9.61 -1.16 8.86
N PRO A 29 9.21 -2.44 8.87
CA PRO A 29 9.82 -3.45 9.73
C PRO A 29 11.35 -3.45 9.57
N ASN A 30 12.07 -3.73 10.64
CA ASN A 30 13.52 -3.57 10.63
C ASN A 30 14.21 -4.68 9.84
N GLU A 31 13.52 -5.79 9.58
CA GLU A 31 14.07 -6.82 8.70
C GLU A 31 14.04 -6.33 7.26
N LEU A 32 13.20 -5.33 7.00
CA LEU A 32 13.11 -4.74 5.68
C LEU A 32 13.98 -3.48 5.61
N THR A 33 13.92 -2.66 6.67
CA THR A 33 14.72 -1.44 6.74
C THR A 33 15.49 -1.38 8.06
N CYS A 34 14.97 -0.57 8.98
CA CYS A 34 15.56 -0.36 10.31
C CYS A 34 14.85 0.80 10.98
N THR A 35 14.84 1.95 10.28
CA THR A 35 14.21 3.18 10.74
C THR A 35 14.63 3.57 12.15
N THR A 36 13.77 3.31 13.13
CA THR A 36 14.06 3.61 14.52
C THR A 36 13.04 2.93 15.43
N ALA A 37 13.36 1.73 15.86
CA ALA A 37 12.46 0.93 16.68
C ALA A 37 13.13 0.57 17.99
N LEU A 38 12.40 0.73 19.09
CA LEU A 38 12.90 0.38 20.41
C LEU A 38 12.65 -1.09 20.72
N PRO A 39 13.72 -1.88 20.84
CA PRO A 39 13.64 -3.31 21.16
C PRO A 39 13.15 -3.54 22.59
N GLY A 40 13.38 -2.54 23.44
CA GLY A 40 12.97 -2.64 24.83
C GLY A 40 14.09 -3.10 25.72
N SER A 41 13.90 -4.25 26.34
CA SER A 41 14.88 -4.82 27.25
C SER A 41 14.58 -6.29 27.49
N SER A 42 15.35 -6.91 28.37
CA SER A 42 15.10 -8.29 28.74
C SER A 42 14.33 -8.34 30.06
N SER B 1 -7.78 -12.50 22.00
CA SER B 1 -7.43 -11.07 22.11
C SER B 1 -6.69 -10.59 20.86
N ASN B 2 -5.56 -11.21 20.57
CA ASN B 2 -4.74 -10.77 19.45
C ASN B 2 -5.04 -11.57 18.18
N ALA B 3 -5.19 -10.87 17.08
CA ALA B 3 -5.33 -11.51 15.78
C ALA B 3 -4.15 -11.10 14.91
N GLU B 4 -3.01 -11.72 15.16
CA GLU B 4 -1.78 -11.30 14.51
C GLU B 4 -1.57 -12.01 13.20
N VAL B 5 -1.77 -11.27 12.13
CA VAL B 5 -1.43 -11.73 10.80
C VAL B 5 -0.08 -11.17 10.38
N LYS B 6 0.87 -12.04 10.14
CA LYS B 6 2.18 -11.61 9.70
C LYS B 6 2.25 -11.56 8.18
N VAL B 7 1.86 -10.42 7.62
CA VAL B 7 1.89 -10.24 6.18
C VAL B 7 3.33 -10.07 5.72
N LYS B 8 3.92 -11.18 5.28
CA LYS B 8 5.29 -11.18 4.84
C LYS B 8 5.44 -10.45 3.52
N ILE B 9 6.35 -9.52 3.48
CA ILE B 9 6.74 -8.85 2.26
C ILE B 9 7.80 -9.70 1.57
N PRO B 10 7.52 -10.20 0.36
CA PRO B 10 8.49 -10.99 -0.41
C PRO B 10 9.82 -10.25 -0.55
N GLU B 11 10.92 -10.99 -0.41
CA GLU B 11 12.25 -10.39 -0.44
C GLU B 11 12.57 -9.76 -1.79
N GLU B 12 11.77 -10.10 -2.80
CA GLU B 12 11.90 -9.48 -4.11
C GLU B 12 11.50 -8.01 -4.04
N LEU B 13 10.67 -7.68 -3.06
CA LEU B 13 10.18 -6.30 -2.91
C LEU B 13 10.90 -5.59 -1.77
N LYS B 14 11.70 -6.32 -1.02
CA LYS B 14 12.47 -5.75 0.08
C LYS B 14 13.38 -4.61 -0.38
N PRO B 15 14.21 -4.80 -1.43
CA PRO B 15 15.09 -3.75 -1.94
C PRO B 15 14.32 -2.46 -2.27
N TRP B 16 13.23 -2.61 -3.02
CA TRP B 16 12.39 -1.46 -3.36
C TRP B 16 11.91 -0.72 -2.12
N LEU B 17 11.56 -1.47 -1.09
CA LEU B 17 11.10 -0.88 0.17
C LEU B 17 12.16 0.01 0.78
N VAL B 18 13.31 -0.58 1.12
CA VAL B 18 14.35 0.14 1.83
C VAL B 18 15.04 1.18 0.94
N ASP B 19 15.19 0.87 -0.35
CA ASP B 19 15.87 1.77 -1.26
C ASP B 19 15.02 3.01 -1.54
N ASP B 20 13.72 2.82 -1.70
CA ASP B 20 12.79 3.94 -1.90
C ASP B 20 12.61 4.73 -0.60
N TRP B 21 12.57 4.02 0.52
CA TRP B 21 12.54 4.66 1.82
C TRP B 21 13.78 5.54 2.00
N ASP B 22 14.94 4.97 1.68
CA ASP B 22 16.20 5.72 1.71
C ASP B 22 16.16 6.86 0.71
N LEU B 23 15.58 6.58 -0.44
CA LEU B 23 15.44 7.54 -1.54
C LEU B 23 14.73 8.81 -1.08
N ILE B 24 13.60 8.65 -0.40
CA ILE B 24 12.81 9.79 0.04
C ILE B 24 13.39 10.44 1.30
N THR B 25 13.85 9.62 2.25
CA THR B 25 14.28 10.16 3.54
C THR B 25 15.69 10.74 3.50
N ARG B 26 16.60 10.06 2.82
CA ARG B 26 18.01 10.44 2.84
C ARG B 26 18.35 11.42 1.72
N GLN B 27 18.07 11.01 0.48
CA GLN B 27 18.38 11.85 -0.68
C GLN B 27 17.26 12.86 -0.91
N LYS B 28 16.05 12.51 -0.48
CA LYS B 28 14.90 13.37 -0.58
C LYS B 28 14.58 13.68 -2.04
N GLN B 29 14.71 12.66 -2.87
CA GLN B 29 14.32 12.74 -4.27
C GLN B 29 12.83 12.51 -4.38
N LEU B 30 12.11 13.50 -4.86
CA LEU B 30 10.67 13.48 -4.83
C LEU B 30 10.10 12.69 -6.01
N PHE B 31 8.90 12.17 -5.80
CA PHE B 31 8.22 11.37 -6.81
C PHE B 31 7.49 12.26 -7.80
N TYR B 32 7.67 12.00 -9.08
CA TYR B 32 6.92 12.69 -10.11
C TYR B 32 5.51 12.12 -10.17
N LEU B 33 4.53 13.00 -10.28
CA LEU B 33 3.13 12.60 -10.19
C LEU B 33 2.74 11.56 -11.24
N PRO B 34 3.07 11.76 -12.55
CA PRO B 34 2.70 10.80 -13.60
C PRO B 34 3.01 9.35 -13.22
N ALA B 35 1.96 8.60 -12.95
CA ALA B 35 2.10 7.22 -12.51
C ALA B 35 1.82 6.27 -13.67
N LYS B 36 2.88 5.62 -14.15
CA LYS B 36 2.76 4.70 -15.27
C LYS B 36 1.75 3.58 -14.95
N LYS B 37 1.76 3.13 -13.71
CA LYS B 37 0.79 2.16 -13.24
C LYS B 37 0.06 2.70 -12.02
N ASN B 38 -1.01 3.45 -12.26
CA ASN B 38 -1.86 3.92 -11.18
C ASN B 38 -2.74 2.78 -10.68
N VAL B 39 -3.33 2.95 -9.50
CA VAL B 39 -4.03 1.87 -8.80
C VAL B 39 -5.09 1.19 -9.67
N ASP B 40 -5.93 2.00 -10.33
CA ASP B 40 -7.06 1.44 -11.08
C ASP B 40 -6.60 0.54 -12.22
N SER B 41 -5.42 0.81 -12.76
CA SER B 41 -4.89 0.02 -13.87
C SER B 41 -4.57 -1.40 -13.39
N ILE B 42 -3.81 -1.49 -12.31
CA ILE B 42 -3.42 -2.78 -11.75
C ILE B 42 -4.63 -3.49 -11.17
N LEU B 43 -5.48 -2.72 -10.52
CA LEU B 43 -6.68 -3.26 -9.87
C LEU B 43 -7.58 -3.93 -10.90
N GLU B 44 -7.83 -3.22 -12.00
CA GLU B 44 -8.67 -3.76 -13.07
C GLU B 44 -7.99 -4.95 -13.73
N ASP B 45 -6.68 -4.82 -13.98
CA ASP B 45 -5.91 -5.89 -14.60
C ASP B 45 -5.95 -7.16 -13.75
N TYR B 46 -5.78 -7.00 -12.44
CA TYR B 46 -5.82 -8.13 -11.53
C TYR B 46 -7.20 -8.78 -11.53
N ALA B 47 -8.23 -7.95 -11.50
CA ALA B 47 -9.60 -8.44 -11.55
C ALA B 47 -9.86 -9.17 -12.86
N ASN B 48 -9.40 -8.56 -13.95
CA ASN B 48 -9.53 -9.15 -15.27
C ASN B 48 -8.77 -10.46 -15.36
N TYR B 49 -7.61 -10.49 -14.72
CA TYR B 49 -6.77 -11.69 -14.68
C TYR B 49 -7.52 -12.81 -13.95
N ARG B 50 -8.25 -12.46 -12.91
CA ARG B 50 -9.06 -13.41 -12.15
C ARG B 50 -10.25 -13.88 -12.97
N LYS B 51 -10.73 -13.00 -13.84
CA LYS B 51 -11.84 -13.34 -14.72
C LYS B 51 -11.32 -14.13 -15.93
N SER B 52 -10.01 -14.34 -15.96
CA SER B 52 -9.39 -15.15 -16.99
C SER B 52 -9.00 -16.50 -16.42
N ARG B 53 -8.24 -16.49 -15.32
CA ARG B 53 -7.84 -17.72 -14.65
C ARG B 53 -8.84 -18.07 -13.57
N GLY B 54 -9.62 -19.12 -13.82
CA GLY B 54 -10.64 -19.53 -12.88
C GLY B 54 -11.86 -20.07 -13.61
N ASN B 55 -11.71 -21.25 -14.19
CA ASN B 55 -12.77 -21.85 -14.97
C ASN B 55 -13.77 -22.53 -14.05
N THR B 56 -13.26 -23.28 -13.08
CA THR B 56 -14.11 -23.92 -12.09
C THR B 56 -14.22 -23.03 -10.85
N ASP B 57 -13.38 -22.02 -10.79
CA ASP B 57 -13.32 -21.14 -9.64
C ASP B 57 -13.58 -19.69 -10.03
N ASN B 58 -14.83 -19.28 -9.92
CA ASN B 58 -15.21 -17.90 -10.22
C ASN B 58 -15.22 -17.07 -8.96
N LYS B 59 -14.03 -16.65 -8.54
CA LYS B 59 -13.85 -15.92 -7.29
C LYS B 59 -14.10 -14.43 -7.49
N GLU B 60 -14.74 -14.10 -8.61
CA GLU B 60 -15.03 -12.72 -9.00
C GLU B 60 -15.77 -11.95 -7.89
N TYR B 61 -16.56 -12.65 -7.10
CA TYR B 61 -17.27 -12.03 -5.98
C TYR B 61 -16.27 -11.41 -5.00
N ALA B 62 -15.32 -12.20 -4.57
CA ALA B 62 -14.31 -11.75 -3.63
C ALA B 62 -13.42 -10.72 -4.31
N VAL B 63 -13.16 -10.92 -5.59
CA VAL B 63 -12.37 -9.98 -6.37
C VAL B 63 -13.03 -8.60 -6.39
N ASN B 64 -14.35 -8.58 -6.55
CA ASN B 64 -15.10 -7.32 -6.52
C ASN B 64 -14.90 -6.64 -5.18
N GLU B 65 -15.06 -7.41 -4.10
CA GLU B 65 -14.86 -6.89 -2.75
C GLU B 65 -13.41 -6.44 -2.55
N VAL B 66 -12.47 -7.18 -3.11
CA VAL B 66 -11.06 -6.80 -3.05
C VAL B 66 -10.83 -5.49 -3.81
N VAL B 67 -11.37 -5.40 -5.01
CA VAL B 67 -11.24 -4.20 -5.83
C VAL B 67 -11.79 -2.98 -5.09
N ALA B 68 -13.03 -3.10 -4.62
CA ALA B 68 -13.66 -2.02 -3.87
C ALA B 68 -12.86 -1.68 -2.63
N GLY B 69 -12.48 -2.72 -1.90
CA GLY B 69 -11.72 -2.56 -0.69
C GLY B 69 -10.39 -1.87 -0.93
N ILE B 70 -9.57 -2.45 -1.81
CA ILE B 70 -8.23 -1.93 -2.07
C ILE B 70 -8.26 -0.45 -2.45
N LYS B 71 -9.12 -0.08 -3.41
CA LYS B 71 -9.14 1.29 -3.89
C LYS B 71 -9.55 2.26 -2.77
N GLU B 72 -10.60 1.93 -2.03
CA GLU B 72 -11.07 2.83 -0.97
C GLU B 72 -10.14 2.81 0.23
N TYR B 73 -9.59 1.63 0.53
CA TYR B 73 -8.64 1.46 1.62
C TYR B 73 -7.37 2.26 1.33
N PHE B 74 -7.03 2.38 0.06
CA PHE B 74 -5.89 3.19 -0.36
C PHE B 74 -6.24 4.67 -0.25
N ASN B 75 -7.38 5.05 -0.82
CA ASN B 75 -7.81 6.46 -0.85
C ASN B 75 -7.95 7.05 0.55
N VAL B 76 -8.30 6.21 1.51
CA VAL B 76 -8.54 6.68 2.87
C VAL B 76 -7.24 6.72 3.69
N MET B 77 -6.25 5.96 3.26
CA MET B 77 -5.01 5.84 4.03
C MET B 77 -3.87 6.62 3.38
N LEU B 78 -4.01 6.91 2.10
CA LEU B 78 -3.01 7.68 1.40
C LEU B 78 -3.04 9.12 1.89
N GLY B 79 -2.00 9.51 2.61
CA GLY B 79 -1.95 10.84 3.16
C GLY B 79 -1.63 10.83 4.65
N THR B 80 -2.15 9.84 5.36
CA THR B 80 -1.93 9.74 6.79
C THR B 80 -0.55 9.16 7.09
N GLN B 81 -0.37 7.88 6.80
CA GLN B 81 0.91 7.23 7.09
C GLN B 81 1.37 6.32 5.95
N LEU B 82 0.85 6.56 4.75
CA LEU B 82 1.35 5.87 3.55
C LEU B 82 2.42 6.72 2.88
N LEU B 83 2.65 7.89 3.44
CA LEU B 83 3.61 8.82 2.88
C LEU B 83 4.68 9.14 3.91
N TYR B 84 5.86 9.49 3.44
CA TYR B 84 6.92 9.93 4.33
C TYR B 84 6.69 11.39 4.66
N LYS B 85 7.23 11.88 5.77
CA LYS B 85 6.91 13.24 6.23
C LYS B 85 7.36 14.30 5.23
N PHE B 86 8.29 13.95 4.37
CA PHE B 86 8.78 14.86 3.34
C PHE B 86 7.73 15.06 2.24
N GLU B 87 6.81 14.10 2.15
CA GLU B 87 5.77 14.13 1.11
C GLU B 87 4.56 14.94 1.54
N ARG B 88 4.60 15.50 2.75
CA ARG B 88 3.48 16.28 3.26
C ARG B 88 3.16 17.48 2.35
N PRO B 89 4.16 18.34 2.00
CA PRO B 89 3.93 19.46 1.07
C PRO B 89 3.48 18.97 -0.30
N GLN B 90 3.97 17.80 -0.70
CA GLN B 90 3.60 17.19 -1.97
C GLN B 90 2.11 16.84 -1.98
N TYR B 91 1.70 16.12 -0.94
CA TYR B 91 0.30 15.71 -0.79
C TYR B 91 -0.60 16.94 -0.68
N ALA B 92 -0.15 17.91 0.11
CA ALA B 92 -0.89 19.16 0.30
C ALA B 92 -1.10 19.88 -1.02
N GLU B 93 -0.05 19.96 -1.82
CA GLU B 93 -0.10 20.64 -3.12
C GLU B 93 -1.11 19.96 -4.04
N ILE B 94 -1.06 18.64 -4.10
CA ILE B 94 -1.96 17.87 -4.94
C ILE B 94 -3.42 18.18 -4.62
N LEU B 95 -3.76 18.11 -3.34
CA LEU B 95 -5.12 18.38 -2.89
C LEU B 95 -5.47 19.85 -3.06
N ALA B 96 -4.52 20.71 -2.75
CA ALA B 96 -4.69 22.15 -2.87
C ALA B 96 -5.04 22.56 -4.30
N ASP B 97 -4.29 22.05 -5.26
CA ASP B 97 -4.51 22.43 -6.64
C ASP B 97 -5.59 21.56 -7.30
N HIS B 98 -5.69 20.31 -6.87
CA HIS B 98 -6.68 19.38 -7.41
C HIS B 98 -7.43 18.65 -6.29
N PRO B 99 -8.49 19.26 -5.75
CA PRO B 99 -9.30 18.62 -4.70
C PRO B 99 -10.19 17.52 -5.27
N ASP B 100 -10.17 17.41 -6.59
CA ASP B 100 -10.98 16.44 -7.31
C ASP B 100 -10.16 15.22 -7.70
N ALA B 101 -8.85 15.28 -7.45
CA ALA B 101 -7.94 14.22 -7.85
C ALA B 101 -8.01 13.04 -6.90
N PRO B 102 -8.39 11.85 -7.41
CA PRO B 102 -8.43 10.62 -6.63
C PRO B 102 -7.03 10.10 -6.33
N MET B 103 -6.85 9.55 -5.13
CA MET B 103 -5.55 9.04 -4.70
C MET B 103 -5.11 7.88 -5.59
N SER B 104 -6.06 7.06 -6.01
CA SER B 104 -5.78 5.90 -6.84
C SER B 104 -5.35 6.30 -8.25
N GLN B 105 -5.49 7.59 -8.57
CA GLN B 105 -5.12 8.12 -9.87
C GLN B 105 -3.71 8.71 -9.79
N VAL B 106 -3.54 9.67 -8.90
CA VAL B 106 -2.29 10.41 -8.79
C VAL B 106 -1.16 9.55 -8.26
N TYR B 107 -1.48 8.51 -7.50
CA TYR B 107 -0.46 7.63 -6.96
C TYR B 107 -0.72 6.19 -7.36
N GLY B 108 0.34 5.46 -7.67
CA GLY B 108 0.18 4.11 -8.16
C GLY B 108 1.13 3.13 -7.51
N ALA B 109 1.49 2.10 -8.28
CA ALA B 109 2.24 0.93 -7.82
C ALA B 109 3.40 1.24 -6.86
N PRO B 110 4.37 2.12 -7.24
CA PRO B 110 5.54 2.41 -6.40
C PRO B 110 5.20 2.64 -4.94
N HIS B 111 4.29 3.58 -4.69
CA HIS B 111 3.89 3.90 -3.33
C HIS B 111 2.78 2.99 -2.83
N LEU B 112 2.07 2.34 -3.74
CA LEU B 112 0.95 1.45 -3.38
C LEU B 112 1.44 0.29 -2.52
N LEU B 113 2.67 -0.15 -2.75
CA LEU B 113 3.25 -1.27 -2.03
C LEU B 113 3.36 -0.99 -0.53
N ARG B 114 3.31 0.29 -0.16
CA ARG B 114 3.42 0.70 1.24
C ARG B 114 2.17 0.27 2.02
N LEU B 115 1.06 0.16 1.31
CA LEU B 115 -0.21 -0.20 1.91
C LEU B 115 -0.17 -1.63 2.48
N PHE B 116 0.58 -2.50 1.81
CA PHE B 116 0.57 -3.92 2.13
C PHE B 116 1.54 -4.27 3.28
N VAL B 117 2.58 -3.47 3.44
CA VAL B 117 3.57 -3.74 4.49
C VAL B 117 3.06 -3.35 5.88
N ARG B 118 2.09 -2.44 5.94
CA ARG B 118 1.55 -2.02 7.23
C ARG B 118 0.13 -2.53 7.48
N ILE B 119 -0.41 -3.32 6.53
CA ILE B 119 -1.75 -3.86 6.69
C ILE B 119 -1.77 -4.97 7.74
N GLY B 120 -0.63 -5.62 7.93
CA GLY B 120 -0.55 -6.74 8.85
C GLY B 120 -0.83 -6.34 10.29
N ALA B 121 -0.26 -5.22 10.71
CA ALA B 121 -0.48 -4.73 12.07
C ALA B 121 -1.86 -4.13 12.23
N MET B 122 -2.45 -3.70 11.13
CA MET B 122 -3.78 -3.12 11.15
C MET B 122 -4.84 -4.20 11.24
N LEU B 123 -4.59 -5.32 10.57
CA LEU B 123 -5.46 -6.49 10.69
C LEU B 123 -5.36 -7.07 12.11
N ALA B 124 -4.26 -6.76 12.77
CA ALA B 124 -4.05 -7.20 14.15
C ALA B 124 -5.01 -6.48 15.10
N TYR B 125 -5.55 -5.35 14.66
CA TYR B 125 -6.54 -4.62 15.43
C TYR B 125 -7.95 -5.09 15.07
N THR B 126 -8.07 -5.68 13.89
CA THR B 126 -9.35 -6.00 13.31
C THR B 126 -9.79 -7.42 13.68
N PRO B 127 -10.91 -7.55 14.41
CA PRO B 127 -11.45 -8.85 14.81
C PRO B 127 -12.09 -9.60 13.63
N LEU B 128 -11.27 -10.37 12.92
CA LEU B 128 -11.74 -11.13 11.78
C LEU B 128 -11.80 -12.60 12.10
N ASP B 129 -12.64 -13.33 11.37
CA ASP B 129 -12.72 -14.77 11.53
C ASP B 129 -11.52 -15.43 10.89
N GLU B 130 -11.24 -16.66 11.30
CA GLU B 130 -10.06 -17.37 10.83
C GLU B 130 -10.16 -17.66 9.33
N LYS B 131 -11.35 -17.96 8.85
CA LYS B 131 -11.56 -18.19 7.42
C LYS B 131 -11.37 -16.89 6.65
N SER B 132 -11.89 -15.79 7.20
CA SER B 132 -11.73 -14.49 6.59
C SER B 132 -10.26 -14.11 6.56
N LEU B 133 -9.58 -14.34 7.69
CA LEU B 133 -8.17 -14.07 7.81
C LEU B 133 -7.40 -14.86 6.75
N ALA B 134 -7.76 -16.13 6.58
CA ALA B 134 -7.11 -17.00 5.61
C ALA B 134 -7.33 -16.50 4.19
N LEU B 135 -8.47 -15.85 3.96
CA LEU B 135 -8.74 -15.21 2.68
C LEU B 135 -7.69 -14.15 2.41
N LEU B 136 -7.58 -13.19 3.32
CA LEU B 136 -6.60 -12.11 3.14
C LEU B 136 -5.18 -12.67 3.02
N LEU B 137 -4.86 -13.74 3.75
CA LEU B 137 -3.60 -14.43 3.59
C LEU B 137 -3.36 -14.77 2.12
N ASN B 138 -4.35 -15.44 1.51
CA ASN B 138 -4.28 -15.84 0.12
C ASN B 138 -4.15 -14.62 -0.79
N TYR B 139 -5.15 -13.74 -0.73
CA TYR B 139 -5.24 -12.61 -1.64
C TYR B 139 -4.04 -11.66 -1.52
N LEU B 140 -3.62 -11.37 -0.31
CA LEU B 140 -2.51 -10.45 -0.09
C LEU B 140 -1.20 -11.03 -0.60
N HIS B 141 -0.92 -12.29 -0.24
CA HIS B 141 0.31 -12.95 -0.69
C HIS B 141 0.33 -13.06 -2.20
N ASP B 142 -0.80 -13.45 -2.77
CA ASP B 142 -0.91 -13.61 -4.23
C ASP B 142 -0.68 -12.28 -4.93
N PHE B 143 -1.32 -11.23 -4.43
CA PHE B 143 -1.17 -9.89 -5.00
C PHE B 143 0.28 -9.43 -4.89
N LEU B 144 0.90 -9.71 -3.74
CA LEU B 144 2.30 -9.37 -3.53
C LEU B 144 3.21 -10.13 -4.50
N LYS B 145 2.89 -11.41 -4.72
CA LYS B 145 3.64 -12.24 -5.66
C LYS B 145 3.55 -11.66 -7.07
N TYR B 146 2.37 -11.17 -7.43
CA TYR B 146 2.16 -10.55 -8.73
C TYR B 146 3.06 -9.32 -8.87
N LEU B 147 3.05 -8.47 -7.85
CA LEU B 147 3.86 -7.25 -7.85
C LEU B 147 5.35 -7.57 -7.86
N ALA B 148 5.73 -8.62 -7.14
CA ALA B 148 7.12 -9.04 -7.07
C ALA B 148 7.58 -9.69 -8.37
N LYS B 149 6.65 -10.39 -9.02
CA LYS B 149 6.97 -11.11 -10.25
C LYS B 149 7.15 -10.14 -11.41
N ASN B 150 6.35 -9.08 -11.42
CA ASN B 150 6.41 -8.07 -12.48
C ASN B 150 6.96 -6.77 -11.93
N SER B 151 7.89 -6.89 -10.98
CA SER B 151 8.41 -5.73 -10.26
C SER B 151 9.22 -4.80 -11.16
N ALA B 152 9.90 -5.36 -12.15
CA ALA B 152 10.77 -4.58 -13.03
C ALA B 152 9.96 -3.60 -13.87
N THR B 153 8.80 -4.06 -14.33
CA THR B 153 7.95 -3.26 -15.19
C THR B 153 6.90 -2.51 -14.39
N LEU B 154 6.93 -2.65 -13.08
CA LEU B 154 5.95 -2.03 -12.22
C LEU B 154 6.59 -0.95 -11.35
N PHE B 155 7.73 -1.27 -10.76
CA PHE B 155 8.43 -0.35 -9.88
C PHE B 155 9.69 0.17 -10.55
N SER B 156 9.91 1.47 -10.46
CA SER B 156 11.09 2.10 -11.03
C SER B 156 11.42 3.40 -10.30
N ALA B 157 12.70 3.57 -9.96
CA ALA B 157 13.14 4.76 -9.24
C ALA B 157 13.50 5.88 -10.21
N SER B 158 13.44 5.59 -11.50
CA SER B 158 13.73 6.58 -12.54
C SER B 158 12.70 7.71 -12.53
N ASP B 159 11.55 7.44 -11.92
CA ASP B 159 10.47 8.42 -11.88
C ASP B 159 10.63 9.32 -10.64
N TYR B 160 11.78 9.19 -10.00
CA TYR B 160 12.14 10.06 -8.88
C TYR B 160 13.30 10.96 -9.26
N GLU B 161 13.26 12.20 -8.80
CA GLU B 161 14.37 13.13 -9.01
C GLU B 161 14.52 14.02 -7.79
N VAL B 162 15.75 14.43 -7.53
CA VAL B 162 16.05 15.22 -6.34
C VAL B 162 15.29 16.53 -6.34
N ALA B 163 14.55 16.77 -5.27
CA ALA B 163 13.79 18.00 -5.12
C ALA B 163 14.74 19.19 -4.94
N PRO B 164 14.35 20.37 -5.42
CA PRO B 164 15.18 21.58 -5.35
C PRO B 164 15.68 21.86 -3.93
N PRO B 165 16.93 22.34 -3.81
CA PRO B 165 17.60 22.56 -2.53
C PRO B 165 16.77 23.37 -1.54
N GLU B 166 16.20 24.47 -1.99
CA GLU B 166 15.42 25.34 -1.12
C GLU B 166 14.12 24.68 -0.69
N TYR B 167 13.58 23.83 -1.57
CA TYR B 167 12.35 23.09 -1.27
C TYR B 167 12.57 22.19 -0.06
N HIS B 168 13.79 21.71 0.10
CA HIS B 168 14.16 20.92 1.26
C HIS B 168 14.03 21.74 2.54
N ARG B 169 14.43 23.00 2.45
CA ARG B 169 14.46 23.89 3.60
C ARG B 169 13.06 24.39 3.95
N LYS B 170 12.12 24.20 3.03
CA LYS B 170 10.75 24.62 3.26
C LYS B 170 10.00 23.58 4.06
N ALA B 171 10.41 22.32 3.91
CA ALA B 171 9.78 21.22 4.62
C ALA B 171 10.55 20.89 5.89
N VAL B 172 11.88 20.90 5.77
CA VAL B 172 12.75 20.63 6.90
C VAL B 172 13.54 21.88 7.25
N ASP A 1 -23.11 -26.85 0.49
CA ASP A 1 -22.81 -27.57 1.75
C ASP A 1 -21.84 -26.77 2.62
N TYR A 2 -21.24 -25.73 2.06
CA TYR A 2 -20.31 -24.91 2.82
C TYR A 2 -20.40 -23.45 2.37
N VAL A 3 -20.08 -22.54 3.27
CA VAL A 3 -20.16 -21.12 2.96
C VAL A 3 -18.80 -20.45 3.08
N GLN A 4 -18.46 -19.66 2.08
CA GLN A 4 -17.19 -18.97 2.05
C GLN A 4 -17.29 -17.63 2.75
N PRO A 5 -16.26 -17.26 3.55
CA PRO A 5 -16.20 -15.96 4.22
C PRO A 5 -16.16 -14.79 3.22
N GLN A 6 -16.60 -13.63 3.68
CA GLN A 6 -16.67 -12.45 2.83
C GLN A 6 -15.82 -11.32 3.39
N LEU A 7 -15.14 -10.61 2.50
CA LEU A 7 -14.20 -9.56 2.89
C LEU A 7 -14.92 -8.24 3.17
N ARG A 8 -16.14 -8.11 2.66
CA ARG A 8 -16.93 -6.89 2.79
C ARG A 8 -16.85 -6.30 4.21
N ARG A 9 -17.21 -7.09 5.22
CA ARG A 9 -17.16 -6.62 6.60
C ARG A 9 -15.72 -6.35 7.06
N PRO A 10 -14.79 -7.32 6.92
CA PRO A 10 -13.36 -7.09 7.18
C PRO A 10 -12.84 -5.78 6.60
N PHE A 11 -13.23 -5.47 5.37
CA PHE A 11 -12.83 -4.21 4.73
C PHE A 11 -13.38 -3.01 5.48
N GLU A 12 -14.66 -3.07 5.84
CA GLU A 12 -15.28 -2.00 6.62
C GLU A 12 -14.51 -1.77 7.91
N LEU A 13 -14.17 -2.86 8.57
CA LEU A 13 -13.40 -2.81 9.81
C LEU A 13 -12.02 -2.22 9.58
N LEU A 14 -11.36 -2.71 8.54
CA LEU A 14 -10.00 -2.30 8.22
C LEU A 14 -9.96 -0.84 7.79
N ILE A 15 -10.92 -0.43 6.97
CA ILE A 15 -11.01 0.95 6.53
C ILE A 15 -11.29 1.87 7.71
N ALA A 16 -12.18 1.43 8.61
CA ALA A 16 -12.48 2.20 9.80
C ALA A 16 -11.26 2.32 10.69
N ALA A 17 -10.43 1.27 10.70
CA ALA A 17 -9.17 1.30 11.42
C ALA A 17 -8.20 2.28 10.77
N ALA A 18 -8.22 2.31 9.45
CA ALA A 18 -7.39 3.26 8.69
C ALA A 18 -7.82 4.70 8.96
N MET A 19 -9.11 4.88 9.23
CA MET A 19 -9.64 6.20 9.58
C MET A 19 -9.12 6.62 10.94
N GLU A 20 -8.71 5.64 11.74
CA GLU A 20 -8.25 5.90 13.11
C GLU A 20 -6.73 5.98 13.17
N ARG A 21 -6.10 6.16 12.02
CA ARG A 21 -4.65 6.22 11.98
C ARG A 21 -4.14 7.65 12.07
N ASN A 22 -3.56 7.97 13.22
CA ASN A 22 -2.97 9.29 13.45
C ASN A 22 -1.65 9.39 12.71
N PRO A 23 -1.14 10.63 12.50
CA PRO A 23 0.16 10.85 11.87
C PRO A 23 1.32 10.32 12.72
N THR A 24 1.59 9.03 12.61
CA THR A 24 2.70 8.42 13.32
C THR A 24 3.86 8.15 12.37
N GLN A 25 3.71 8.63 11.13
CA GLN A 25 4.72 8.49 10.08
C GLN A 25 4.77 7.04 9.57
N PHE A 26 4.97 6.89 8.27
CA PHE A 26 5.11 5.57 7.69
C PHE A 26 6.54 5.06 7.88
N GLN A 27 6.68 4.05 8.71
CA GLN A 27 7.96 3.40 8.90
C GLN A 27 7.79 1.89 8.81
N LEU A 28 8.85 1.21 8.39
CA LEU A 28 8.82 -0.24 8.27
C LEU A 28 9.66 -0.85 9.38
N PRO A 29 9.42 -2.12 9.70
CA PRO A 29 10.27 -2.84 10.66
C PRO A 29 11.73 -2.78 10.25
N ASN A 30 12.62 -2.70 11.23
CA ASN A 30 14.04 -2.52 10.95
C ASN A 30 14.64 -3.76 10.30
N GLU A 31 13.96 -4.90 10.42
CA GLU A 31 14.39 -6.11 9.75
C GLU A 31 14.21 -5.96 8.25
N LEU A 32 13.30 -5.08 7.86
CA LEU A 32 13.06 -4.78 6.46
C LEU A 32 13.88 -3.57 6.04
N THR A 33 13.86 -2.53 6.86
CA THR A 33 14.59 -1.30 6.55
C THR A 33 15.50 -0.87 7.70
N CYS A 34 14.97 0.01 8.56
CA CYS A 34 15.72 0.56 9.68
C CYS A 34 14.84 1.53 10.47
N THR A 35 14.72 2.75 9.94
CA THR A 35 13.97 3.83 10.58
C THR A 35 14.34 4.02 12.05
N THR A 36 15.34 4.86 12.30
CA THR A 36 15.77 5.15 13.65
C THR A 36 14.85 6.16 14.31
N ALA A 37 13.98 6.75 13.50
CA ALA A 37 12.96 7.66 14.01
C ALA A 37 11.84 6.87 14.67
N LEU A 38 11.66 7.07 15.97
CA LEU A 38 10.71 6.28 16.73
C LEU A 38 9.82 7.18 17.60
N PRO A 39 8.59 6.73 17.89
CA PRO A 39 7.65 7.46 18.74
C PRO A 39 8.13 7.56 20.19
N GLY A 40 7.55 8.49 20.94
CA GLY A 40 7.94 8.68 22.32
C GLY A 40 8.83 9.90 22.49
N SER A 41 10.13 9.66 22.58
CA SER A 41 11.10 10.72 22.70
C SER A 41 12.40 10.34 22.00
N SER A 42 12.84 11.19 21.09
CA SER A 42 14.05 10.94 20.32
C SER A 42 14.67 12.26 19.92
N SER B 1 -5.04 -6.50 21.86
CA SER B 1 -4.50 -7.04 20.60
C SER B 1 -4.91 -8.49 20.44
N ASN B 2 -5.79 -8.76 19.49
CA ASN B 2 -6.31 -10.11 19.27
C ASN B 2 -5.21 -11.05 18.81
N ALA B 3 -4.73 -10.82 17.59
CA ALA B 3 -3.69 -11.66 17.01
C ALA B 3 -2.88 -10.88 16.00
N GLU B 4 -1.60 -10.67 16.31
CA GLU B 4 -0.71 -9.95 15.42
C GLU B 4 -0.50 -10.71 14.12
N VAL B 5 -0.92 -10.09 13.03
CA VAL B 5 -0.74 -10.67 11.71
C VAL B 5 0.61 -10.28 11.15
N LYS B 6 1.48 -11.26 10.99
CA LYS B 6 2.84 -11.01 10.58
C LYS B 6 2.97 -11.15 9.07
N VAL B 7 2.67 -10.07 8.36
CA VAL B 7 2.76 -10.05 6.92
C VAL B 7 4.21 -9.89 6.50
N LYS B 8 4.85 -11.01 6.20
CA LYS B 8 6.26 -11.01 5.84
C LYS B 8 6.45 -10.54 4.41
N ILE B 9 7.10 -9.39 4.27
CA ILE B 9 7.39 -8.82 2.98
C ILE B 9 8.34 -9.72 2.19
N PRO B 10 7.96 -10.08 0.96
CA PRO B 10 8.76 -10.94 0.09
C PRO B 10 10.19 -10.44 -0.09
N GLU B 11 11.12 -11.37 -0.21
CA GLU B 11 12.54 -11.06 -0.33
C GLU B 11 12.84 -10.30 -1.63
N GLU B 12 11.89 -10.34 -2.56
CA GLU B 12 12.04 -9.65 -3.83
C GLU B 12 11.55 -8.21 -3.72
N LEU B 13 10.67 -7.96 -2.75
CA LEU B 13 10.07 -6.64 -2.59
C LEU B 13 10.74 -5.85 -1.48
N LYS B 14 11.33 -6.57 -0.53
CA LYS B 14 12.04 -5.95 0.58
C LYS B 14 13.08 -4.92 0.10
N PRO B 15 13.99 -5.30 -0.85
CA PRO B 15 14.98 -4.35 -1.40
C PRO B 15 14.32 -3.11 -2.01
N TRP B 16 13.16 -3.29 -2.63
CA TRP B 16 12.43 -2.17 -3.23
C TRP B 16 11.87 -1.26 -2.16
N LEU B 17 11.38 -1.85 -1.07
CA LEU B 17 10.82 -1.06 0.02
C LEU B 17 11.91 -0.26 0.71
N VAL B 18 13.11 -0.83 0.78
CA VAL B 18 14.27 -0.11 1.28
C VAL B 18 14.60 1.02 0.31
N ASP B 19 14.50 0.71 -0.97
CA ASP B 19 14.80 1.67 -2.03
C ASP B 19 13.84 2.86 -1.96
N ASP B 20 12.53 2.57 -1.93
CA ASP B 20 11.49 3.60 -1.82
C ASP B 20 11.70 4.47 -0.58
N TRP B 21 11.77 3.82 0.58
CA TRP B 21 11.96 4.53 1.85
C TRP B 21 13.20 5.41 1.84
N ASP B 22 14.33 4.85 1.43
CA ASP B 22 15.60 5.59 1.40
C ASP B 22 15.57 6.68 0.35
N LEU B 23 14.91 6.39 -0.77
CA LEU B 23 14.80 7.33 -1.88
C LEU B 23 14.06 8.59 -1.47
N ILE B 24 12.98 8.42 -0.72
CA ILE B 24 12.17 9.55 -0.28
C ILE B 24 12.81 10.27 0.91
N THR B 25 13.23 9.52 1.93
CA THR B 25 13.67 10.13 3.17
C THR B 25 15.12 10.65 3.09
N ARG B 26 16.04 9.79 2.69
CA ARG B 26 17.46 10.15 2.73
C ARG B 26 17.90 10.78 1.42
N GLN B 27 17.58 10.13 0.30
CA GLN B 27 18.01 10.61 -1.01
C GLN B 27 17.21 11.84 -1.42
N LYS B 28 15.95 11.88 -0.98
CA LYS B 28 15.09 13.05 -1.14
C LYS B 28 14.78 13.32 -2.61
N GLN B 29 14.62 12.25 -3.37
CA GLN B 29 14.19 12.36 -4.75
C GLN B 29 12.69 12.13 -4.83
N LEU B 30 11.99 13.00 -5.54
CA LEU B 30 10.55 12.96 -5.58
C LEU B 30 10.06 12.33 -6.88
N PHE B 31 8.98 11.58 -6.77
CA PHE B 31 8.33 10.98 -7.94
C PHE B 31 7.56 12.05 -8.69
N TYR B 32 7.80 12.13 -10.00
CA TYR B 32 7.00 13.01 -10.85
C TYR B 32 5.56 12.52 -10.83
N LEU B 33 4.63 13.44 -10.58
CA LEU B 33 3.24 13.11 -10.30
C LEU B 33 2.63 12.15 -11.33
N PRO B 34 2.72 12.45 -12.66
CA PRO B 34 2.15 11.59 -13.69
C PRO B 34 2.47 10.11 -13.44
N ALA B 35 1.45 9.36 -13.06
CA ALA B 35 1.64 7.98 -12.65
C ALA B 35 1.73 7.07 -13.87
N LYS B 36 2.96 6.70 -14.20
CA LYS B 36 3.25 5.82 -15.29
C LYS B 36 2.53 4.48 -15.15
N LYS B 37 2.44 3.99 -13.93
CA LYS B 37 1.70 2.76 -13.65
C LYS B 37 0.77 2.97 -12.46
N ASN B 38 -0.50 3.17 -12.75
CA ASN B 38 -1.51 3.39 -11.70
C ASN B 38 -1.74 2.14 -10.87
N VAL B 39 -2.30 2.34 -9.67
CA VAL B 39 -2.74 1.24 -8.84
C VAL B 39 -3.88 0.50 -9.53
N ASP B 40 -4.75 1.28 -10.18
CA ASP B 40 -5.88 0.72 -10.92
C ASP B 40 -5.41 -0.27 -11.97
N SER B 41 -4.33 0.08 -12.66
CA SER B 41 -3.74 -0.78 -13.68
C SER B 41 -3.41 -2.16 -13.10
N ILE B 42 -2.72 -2.15 -11.95
CA ILE B 42 -2.35 -3.38 -11.27
C ILE B 42 -3.60 -4.13 -10.80
N LEU B 43 -4.50 -3.37 -10.19
CA LEU B 43 -5.70 -3.91 -9.58
C LEU B 43 -6.58 -4.60 -10.61
N GLU B 44 -6.84 -3.91 -11.71
CA GLU B 44 -7.69 -4.44 -12.77
C GLU B 44 -7.05 -5.64 -13.44
N ASP B 45 -5.77 -5.52 -13.78
CA ASP B 45 -5.06 -6.61 -14.45
C ASP B 45 -5.08 -7.87 -13.60
N TYR B 46 -4.75 -7.72 -12.32
CA TYR B 46 -4.72 -8.86 -11.41
C TYR B 46 -6.11 -9.49 -11.26
N ALA B 47 -7.12 -8.64 -11.16
CA ALA B 47 -8.51 -9.10 -11.05
C ALA B 47 -8.87 -9.99 -12.22
N ASN B 48 -8.59 -9.51 -13.43
CA ASN B 48 -8.91 -10.25 -14.63
C ASN B 48 -8.01 -11.48 -14.76
N TYR B 49 -6.73 -11.28 -14.49
CA TYR B 49 -5.74 -12.36 -14.54
C TYR B 49 -6.10 -13.49 -13.58
N ARG B 50 -6.61 -13.14 -12.42
CA ARG B 50 -6.98 -14.13 -11.41
C ARG B 50 -8.13 -14.99 -11.90
N LYS B 51 -9.11 -14.37 -12.54
CA LYS B 51 -10.27 -15.10 -13.05
C LYS B 51 -9.86 -15.99 -14.21
N SER B 52 -8.99 -15.46 -15.04
CA SER B 52 -8.52 -16.14 -16.24
C SER B 52 -7.69 -17.37 -15.85
N ARG B 53 -7.16 -17.37 -14.64
CA ARG B 53 -6.32 -18.47 -14.19
C ARG B 53 -6.94 -19.14 -12.95
N GLY B 54 -8.24 -18.92 -12.77
CA GLY B 54 -8.93 -19.51 -11.63
C GLY B 54 -10.41 -19.71 -11.90
N ASN B 55 -10.74 -20.08 -13.14
CA ASN B 55 -12.12 -20.30 -13.59
C ASN B 55 -12.86 -18.98 -13.74
N THR B 56 -13.54 -18.82 -14.88
CA THR B 56 -14.27 -17.60 -15.20
C THR B 56 -15.20 -17.18 -14.06
N ASP B 57 -16.17 -18.04 -13.77
CA ASP B 57 -17.09 -17.79 -12.67
C ASP B 57 -16.76 -18.70 -11.50
N ASN B 58 -15.97 -18.18 -10.57
CA ASN B 58 -15.53 -18.96 -9.42
C ASN B 58 -15.22 -18.03 -8.24
N LYS B 59 -14.20 -17.21 -8.40
CA LYS B 59 -13.77 -16.31 -7.34
C LYS B 59 -14.18 -14.88 -7.66
N GLU B 60 -15.09 -14.76 -8.63
CA GLU B 60 -15.62 -13.47 -9.08
C GLU B 60 -16.00 -12.57 -7.91
N TYR B 61 -16.83 -13.10 -7.00
CA TYR B 61 -17.33 -12.36 -5.85
C TYR B 61 -16.18 -11.72 -5.05
N ALA B 62 -15.17 -12.52 -4.73
CA ALA B 62 -14.11 -12.08 -3.85
C ALA B 62 -13.14 -11.14 -4.54
N VAL B 63 -12.74 -11.49 -5.75
CA VAL B 63 -11.80 -10.66 -6.51
C VAL B 63 -12.36 -9.25 -6.69
N ASN B 64 -13.61 -9.17 -7.13
CA ASN B 64 -14.25 -7.87 -7.34
C ASN B 64 -14.36 -7.11 -6.02
N GLU B 65 -14.73 -7.82 -4.95
CA GLU B 65 -14.87 -7.23 -3.64
C GLU B 65 -13.53 -6.72 -3.11
N VAL B 66 -12.50 -7.53 -3.25
CA VAL B 66 -11.15 -7.15 -2.81
C VAL B 66 -10.65 -5.93 -3.58
N VAL B 67 -10.90 -5.92 -4.89
CA VAL B 67 -10.51 -4.79 -5.73
C VAL B 67 -11.13 -3.49 -5.20
N ALA B 68 -12.42 -3.53 -4.90
CA ALA B 68 -13.10 -2.38 -4.34
C ALA B 68 -12.49 -2.01 -2.98
N GLY B 69 -12.21 -3.03 -2.17
CA GLY B 69 -11.63 -2.81 -0.87
C GLY B 69 -10.25 -2.17 -0.94
N ILE B 70 -9.40 -2.68 -1.83
CA ILE B 70 -8.05 -2.15 -1.99
C ILE B 70 -8.09 -0.69 -2.42
N LYS B 71 -8.96 -0.37 -3.37
CA LYS B 71 -9.10 1.01 -3.84
C LYS B 71 -9.45 1.95 -2.70
N GLU B 72 -10.51 1.63 -1.97
CA GLU B 72 -10.97 2.47 -0.88
C GLU B 72 -9.93 2.55 0.23
N TYR B 73 -9.33 1.41 0.54
CA TYR B 73 -8.34 1.35 1.61
C TYR B 73 -7.12 2.19 1.27
N PHE B 74 -6.63 2.07 0.05
CA PHE B 74 -5.46 2.83 -0.39
C PHE B 74 -5.79 4.33 -0.40
N ASN B 75 -7.00 4.67 -0.79
CA ASN B 75 -7.42 6.06 -0.93
C ASN B 75 -7.60 6.71 0.45
N VAL B 76 -7.98 5.92 1.44
CA VAL B 76 -8.23 6.43 2.77
C VAL B 76 -6.99 6.31 3.67
N MET B 77 -6.17 5.29 3.41
CA MET B 77 -4.97 5.05 4.21
C MET B 77 -3.89 6.06 3.86
N LEU B 78 -3.89 6.51 2.61
CA LEU B 78 -2.95 7.53 2.19
C LEU B 78 -3.33 8.86 2.80
N GLY B 79 -2.53 9.30 3.74
CA GLY B 79 -2.83 10.50 4.48
C GLY B 79 -2.16 10.48 5.83
N THR B 80 -1.02 11.17 5.92
CA THR B 80 -0.22 11.30 7.16
C THR B 80 0.39 9.97 7.65
N GLN B 81 -0.11 8.83 7.18
CA GLN B 81 0.40 7.55 7.65
C GLN B 81 0.92 6.67 6.52
N LEU B 82 0.39 6.82 5.32
CA LEU B 82 0.82 5.95 4.21
C LEU B 82 2.02 6.56 3.48
N LEU B 83 2.38 7.76 3.84
CA LEU B 83 3.46 8.45 3.18
C LEU B 83 4.45 8.99 4.21
N TYR B 84 5.66 9.27 3.76
CA TYR B 84 6.71 9.75 4.65
C TYR B 84 6.53 11.24 4.91
N LYS B 85 7.24 11.75 5.91
CA LYS B 85 7.10 13.15 6.29
C LYS B 85 7.55 14.07 5.17
N PHE B 86 8.51 13.61 4.37
CA PHE B 86 9.05 14.40 3.27
C PHE B 86 8.07 14.44 2.09
N GLU B 87 7.16 13.47 2.05
CA GLU B 87 6.28 13.30 0.91
C GLU B 87 4.94 14.02 1.13
N ARG B 88 4.80 14.63 2.31
CA ARG B 88 3.57 15.31 2.71
C ARG B 88 3.13 16.41 1.72
N PRO B 89 4.03 17.35 1.34
CA PRO B 89 3.68 18.48 0.46
C PRO B 89 2.97 18.06 -0.83
N GLN B 90 3.40 16.94 -1.42
CA GLN B 90 2.80 16.44 -2.66
C GLN B 90 1.34 16.07 -2.43
N TYR B 91 1.08 15.35 -1.34
CA TYR B 91 -0.27 14.92 -1.01
C TYR B 91 -1.18 16.13 -0.79
N ALA B 92 -0.71 17.06 0.03
CA ALA B 92 -1.47 18.26 0.34
C ALA B 92 -1.77 19.07 -0.93
N GLU B 93 -0.76 19.17 -1.78
CA GLU B 93 -0.91 19.92 -3.02
C GLU B 93 -1.92 19.26 -3.95
N ILE B 94 -1.82 17.96 -4.11
CA ILE B 94 -2.72 17.22 -4.99
C ILE B 94 -4.18 17.40 -4.60
N LEU B 95 -4.48 17.22 -3.32
CA LEU B 95 -5.85 17.36 -2.84
C LEU B 95 -6.36 18.78 -3.03
N ALA B 96 -5.53 19.74 -2.66
CA ALA B 96 -5.88 21.16 -2.79
C ALA B 96 -6.07 21.58 -4.24
N ASP B 97 -5.20 21.09 -5.12
CA ASP B 97 -5.21 21.48 -6.53
C ASP B 97 -6.22 20.66 -7.33
N HIS B 98 -6.25 19.36 -7.08
CA HIS B 98 -7.18 18.46 -7.76
C HIS B 98 -7.99 17.65 -6.75
N PRO B 99 -9.12 18.19 -6.29
CA PRO B 99 -10.00 17.52 -5.34
C PRO B 99 -10.80 16.38 -5.99
N ASP B 100 -10.55 16.16 -7.27
CA ASP B 100 -11.24 15.13 -8.02
C ASP B 100 -10.27 14.02 -8.39
N ALA B 101 -9.09 14.06 -7.81
CA ALA B 101 -8.04 13.11 -8.13
C ALA B 101 -7.99 11.96 -7.12
N PRO B 102 -8.29 10.74 -7.57
CA PRO B 102 -8.20 9.54 -6.73
C PRO B 102 -6.75 9.17 -6.44
N MET B 103 -6.51 8.57 -5.28
CA MET B 103 -5.16 8.21 -4.86
C MET B 103 -4.56 7.15 -5.77
N SER B 104 -5.40 6.26 -6.28
CA SER B 104 -4.93 5.19 -7.16
C SER B 104 -4.61 5.73 -8.56
N GLN B 105 -5.05 6.96 -8.80
CA GLN B 105 -4.83 7.65 -10.07
C GLN B 105 -3.52 8.42 -10.00
N VAL B 106 -3.46 9.22 -8.96
CA VAL B 106 -2.36 10.14 -8.72
C VAL B 106 -1.11 9.42 -8.23
N TYR B 107 -1.27 8.44 -7.36
CA TYR B 107 -0.13 7.75 -6.78
C TYR B 107 0.05 6.38 -7.42
N GLY B 108 1.18 6.21 -8.10
CA GLY B 108 1.45 5.00 -8.84
C GLY B 108 1.88 3.82 -7.98
N ALA B 109 2.17 2.71 -8.67
CA ALA B 109 2.48 1.41 -8.06
C ALA B 109 3.36 1.46 -6.80
N PRO B 110 4.53 2.16 -6.82
CA PRO B 110 5.44 2.21 -5.66
C PRO B 110 4.75 2.48 -4.32
N HIS B 111 3.63 3.20 -4.36
CA HIS B 111 2.93 3.58 -3.13
C HIS B 111 2.02 2.47 -2.63
N LEU B 112 1.63 1.57 -3.53
CA LEU B 112 0.68 0.51 -3.19
C LEU B 112 1.32 -0.55 -2.29
N LEU B 113 2.59 -0.82 -2.52
CA LEU B 113 3.30 -1.88 -1.80
C LEU B 113 3.41 -1.54 -0.31
N ARG B 114 3.32 -0.25 0.01
CA ARG B 114 3.46 0.22 1.38
C ARG B 114 2.33 -0.29 2.27
N LEU B 115 1.16 -0.57 1.67
CA LEU B 115 0.01 -1.03 2.42
C LEU B 115 0.29 -2.34 3.15
N PHE B 116 0.94 -3.27 2.45
CA PHE B 116 1.03 -4.65 2.90
C PHE B 116 1.91 -4.81 4.15
N VAL B 117 2.85 -3.91 4.34
CA VAL B 117 3.72 -3.97 5.51
C VAL B 117 3.05 -3.29 6.72
N ARG B 118 2.19 -2.31 6.46
CA ARG B 118 1.54 -1.57 7.52
C ARG B 118 0.26 -2.29 7.99
N ILE B 119 -0.41 -2.95 7.05
CA ILE B 119 -1.69 -3.60 7.32
C ILE B 119 -1.56 -4.71 8.36
N GLY B 120 -0.39 -5.34 8.43
CA GLY B 120 -0.19 -6.46 9.33
C GLY B 120 -0.53 -6.15 10.78
N ALA B 121 -0.01 -5.03 11.27
CA ALA B 121 -0.24 -4.64 12.65
C ALA B 121 -1.65 -4.11 12.86
N MET B 122 -2.26 -3.64 11.78
CA MET B 122 -3.61 -3.10 11.84
C MET B 122 -4.64 -4.22 11.87
N LEU B 123 -4.27 -5.36 11.28
CA LEU B 123 -5.10 -6.55 11.36
C LEU B 123 -5.00 -7.16 12.75
N ALA B 124 -3.96 -6.78 13.48
CA ALA B 124 -3.76 -7.26 14.84
C ALA B 124 -4.78 -6.64 15.79
N TYR B 125 -5.14 -5.39 15.51
CA TYR B 125 -6.11 -4.67 16.34
C TYR B 125 -7.53 -5.05 15.94
N THR B 126 -7.74 -5.16 14.64
CA THR B 126 -9.05 -5.45 14.09
C THR B 126 -9.44 -6.90 14.34
N PRO B 127 -10.54 -7.14 15.08
CA PRO B 127 -11.02 -8.48 15.38
C PRO B 127 -11.60 -9.17 14.15
N LEU B 128 -10.79 -10.02 13.53
CA LEU B 128 -11.22 -10.76 12.35
C LEU B 128 -11.20 -12.25 12.62
N ASP B 129 -11.99 -12.99 11.86
CA ASP B 129 -12.05 -14.45 12.01
C ASP B 129 -10.91 -15.10 11.26
N GLU B 130 -10.66 -16.38 11.53
CA GLU B 130 -9.54 -17.09 10.94
C GLU B 130 -9.65 -17.14 9.42
N LYS B 131 -10.76 -17.68 8.92
CA LYS B 131 -10.93 -17.93 7.50
C LYS B 131 -10.97 -16.64 6.69
N SER B 132 -11.55 -15.58 7.27
CA SER B 132 -11.66 -14.31 6.57
C SER B 132 -10.32 -13.59 6.53
N LEU B 133 -9.59 -13.63 7.65
CA LEU B 133 -8.28 -13.01 7.72
C LEU B 133 -7.30 -13.77 6.82
N ALA B 134 -7.37 -15.09 6.86
CA ALA B 134 -6.53 -15.94 6.03
C ALA B 134 -6.86 -15.75 4.55
N LEU B 135 -8.14 -15.53 4.26
CA LEU B 135 -8.59 -15.23 2.91
C LEU B 135 -7.87 -13.99 2.39
N LEU B 136 -7.89 -12.94 3.20
CA LEU B 136 -7.16 -11.71 2.89
C LEU B 136 -5.66 -11.99 2.75
N LEU B 137 -5.10 -12.68 3.73
CA LEU B 137 -3.67 -13.02 3.73
C LEU B 137 -3.27 -13.75 2.46
N ASN B 138 -4.17 -14.59 1.96
CA ASN B 138 -3.92 -15.31 0.72
C ASN B 138 -3.80 -14.33 -0.43
N TYR B 139 -4.78 -13.42 -0.55
CA TYR B 139 -4.76 -12.43 -1.63
C TYR B 139 -3.57 -11.48 -1.48
N LEU B 140 -3.31 -11.06 -0.25
CA LEU B 140 -2.22 -10.12 0.03
C LEU B 140 -0.89 -10.67 -0.46
N HIS B 141 -0.60 -11.92 -0.11
CA HIS B 141 0.69 -12.52 -0.46
C HIS B 141 0.75 -12.81 -1.96
N ASP B 142 -0.38 -13.20 -2.54
CA ASP B 142 -0.43 -13.49 -3.96
C ASP B 142 -0.23 -12.20 -4.77
N PHE B 143 -0.82 -11.13 -4.27
CA PHE B 143 -0.66 -9.81 -4.86
C PHE B 143 0.81 -9.39 -4.79
N LEU B 144 1.44 -9.70 -3.66
CA LEU B 144 2.85 -9.37 -3.43
C LEU B 144 3.76 -10.04 -4.47
N LYS B 145 3.55 -11.34 -4.70
CA LYS B 145 4.38 -12.05 -5.66
C LYS B 145 4.11 -11.54 -7.08
N TYR B 146 2.88 -11.09 -7.34
CA TYR B 146 2.56 -10.47 -8.61
C TYR B 146 3.38 -9.21 -8.81
N LEU B 147 3.51 -8.42 -7.76
CA LEU B 147 4.31 -7.20 -7.79
C LEU B 147 5.77 -7.53 -8.06
N ALA B 148 6.27 -8.56 -7.38
CA ALA B 148 7.66 -9.00 -7.54
C ALA B 148 7.89 -9.55 -8.95
N LYS B 149 6.85 -10.17 -9.51
CA LYS B 149 6.91 -10.73 -10.84
C LYS B 149 7.19 -9.65 -11.88
N ASN B 150 6.45 -8.55 -11.80
CA ASN B 150 6.56 -7.47 -12.76
C ASN B 150 7.34 -6.29 -12.19
N SER B 151 8.17 -6.57 -11.19
CA SER B 151 8.91 -5.53 -10.47
C SER B 151 9.68 -4.62 -11.42
N ALA B 152 10.29 -5.21 -12.44
CA ALA B 152 11.15 -4.48 -13.37
C ALA B 152 10.37 -3.45 -14.19
N THR B 153 9.13 -3.78 -14.55
CA THR B 153 8.36 -2.92 -15.43
C THR B 153 7.30 -2.12 -14.66
N LEU B 154 6.94 -2.61 -13.49
CA LEU B 154 5.90 -1.96 -12.69
C LEU B 154 6.51 -0.92 -11.76
N PHE B 155 7.71 -1.19 -11.28
CA PHE B 155 8.37 -0.29 -10.35
C PHE B 155 9.60 0.34 -10.99
N SER B 156 9.55 1.64 -11.21
CA SER B 156 10.67 2.37 -11.79
C SER B 156 11.11 3.49 -10.85
N ALA B 157 12.39 3.52 -10.53
CA ALA B 157 12.95 4.58 -9.70
C ALA B 157 13.89 5.47 -10.51
N SER B 158 14.07 5.13 -11.78
CA SER B 158 15.00 5.85 -12.64
C SER B 158 14.48 7.24 -13.01
N ASP B 159 13.18 7.43 -12.86
CA ASP B 159 12.55 8.69 -13.25
C ASP B 159 12.39 9.63 -12.05
N TYR B 160 12.94 9.25 -10.91
CA TYR B 160 12.91 10.11 -9.73
C TYR B 160 13.98 11.20 -9.83
N GLU B 161 13.63 12.41 -9.44
CA GLU B 161 14.58 13.53 -9.48
C GLU B 161 14.63 14.20 -8.12
N VAL B 162 15.72 14.91 -7.85
CA VAL B 162 15.92 15.56 -6.57
C VAL B 162 14.98 16.76 -6.44
N ALA B 163 14.21 16.79 -5.37
CA ALA B 163 13.29 17.88 -5.10
C ALA B 163 14.04 19.18 -4.83
N PRO B 164 13.54 20.30 -5.36
CA PRO B 164 14.17 21.63 -5.18
C PRO B 164 14.37 21.98 -3.71
N PRO B 165 15.41 22.77 -3.40
CA PRO B 165 15.77 23.15 -2.03
C PRO B 165 14.59 23.70 -1.22
N GLU B 166 13.89 24.67 -1.80
CA GLU B 166 12.75 25.30 -1.12
C GLU B 166 11.66 24.28 -0.83
N TYR B 167 11.54 23.29 -1.69
CA TYR B 167 10.52 22.25 -1.54
C TYR B 167 10.80 21.42 -0.29
N HIS B 168 12.07 21.33 0.10
CA HIS B 168 12.45 20.61 1.31
C HIS B 168 11.89 21.32 2.53
N ARG B 169 11.82 22.64 2.46
CA ARG B 169 11.32 23.45 3.57
C ARG B 169 9.81 23.32 3.70
N LYS B 170 9.18 22.84 2.63
CA LYS B 170 7.73 22.65 2.59
C LYS B 170 7.37 21.28 3.13
N ALA B 171 8.35 20.39 3.15
CA ALA B 171 8.12 19.02 3.57
C ALA B 171 8.22 18.88 5.09
N VAL B 172 8.90 19.82 5.72
CA VAL B 172 9.07 19.80 7.16
C VAL B 172 7.76 20.09 7.88
N ASP A 1 -14.90 -26.90 -4.69
CA ASP A 1 -15.97 -25.88 -4.86
C ASP A 1 -16.41 -25.39 -3.50
N TYR A 2 -15.98 -24.18 -3.15
CA TYR A 2 -16.22 -23.64 -1.82
C TYR A 2 -16.45 -22.14 -1.91
N VAL A 3 -17.60 -21.70 -1.43
CA VAL A 3 -17.92 -20.27 -1.42
C VAL A 3 -17.11 -19.56 -0.35
N GLN A 4 -16.20 -18.70 -0.77
CA GLN A 4 -15.38 -17.94 0.16
C GLN A 4 -16.24 -16.95 0.95
N PRO A 5 -15.81 -16.61 2.18
CA PRO A 5 -16.44 -15.54 2.97
C PRO A 5 -16.35 -14.20 2.25
N GLN A 6 -16.90 -13.17 2.85
CA GLN A 6 -16.92 -11.85 2.23
C GLN A 6 -15.72 -11.02 2.66
N LEU A 7 -15.17 -10.28 1.72
CA LEU A 7 -14.06 -9.37 2.01
C LEU A 7 -14.59 -8.06 2.55
N ARG A 8 -15.85 -7.77 2.26
CA ARG A 8 -16.45 -6.48 2.58
C ARG A 8 -16.35 -6.16 4.07
N ARG A 9 -16.90 -7.03 4.91
CA ARG A 9 -16.90 -6.79 6.35
C ARG A 9 -15.48 -6.60 6.89
N PRO A 10 -14.53 -7.53 6.62
CA PRO A 10 -13.14 -7.37 7.02
C PRO A 10 -12.55 -6.03 6.58
N PHE A 11 -12.84 -5.63 5.35
CA PHE A 11 -12.36 -4.35 4.85
C PHE A 11 -12.99 -3.19 5.61
N GLU A 12 -14.29 -3.29 5.92
CA GLU A 12 -14.96 -2.27 6.73
C GLU A 12 -14.27 -2.13 8.08
N LEU A 13 -14.06 -3.27 8.73
CA LEU A 13 -13.38 -3.32 10.01
C LEU A 13 -11.96 -2.76 9.90
N LEU A 14 -11.31 -3.12 8.80
CA LEU A 14 -9.95 -2.70 8.53
C LEU A 14 -9.88 -1.19 8.33
N ILE A 15 -10.82 -0.64 7.56
CA ILE A 15 -10.89 0.79 7.32
C ILE A 15 -11.28 1.53 8.59
N ALA A 16 -12.16 0.94 9.37
CA ALA A 16 -12.58 1.51 10.65
C ALA A 16 -11.37 1.71 11.56
N ALA A 17 -10.48 0.72 11.56
CA ALA A 17 -9.24 0.81 12.32
C ALA A 17 -8.28 1.80 11.68
N ALA A 18 -8.36 1.92 10.35
CA ALA A 18 -7.52 2.84 9.60
C ALA A 18 -7.86 4.29 9.93
N MET A 19 -9.12 4.54 10.29
CA MET A 19 -9.57 5.87 10.65
C MET A 19 -8.97 6.30 11.98
N GLU A 20 -8.44 5.34 12.72
CA GLU A 20 -7.81 5.61 14.01
C GLU A 20 -6.31 5.88 13.82
N ARG A 21 -5.85 5.72 12.59
CA ARG A 21 -4.44 5.90 12.27
C ARG A 21 -4.11 7.38 12.07
N ASN A 22 -3.46 7.95 13.06
CA ASN A 22 -3.01 9.33 12.99
C ASN A 22 -1.75 9.42 12.14
N PRO A 23 -1.55 10.56 11.46
CA PRO A 23 -0.38 10.77 10.59
C PRO A 23 0.93 10.74 11.37
N THR A 24 1.48 9.54 11.51
CA THR A 24 2.74 9.37 12.25
C THR A 24 3.92 9.18 11.31
N GLN A 25 3.70 9.50 10.03
CA GLN A 25 4.71 9.32 8.98
C GLN A 25 4.92 7.82 8.69
N PHE A 26 5.15 7.50 7.42
CA PHE A 26 5.36 6.11 7.03
C PHE A 26 6.62 5.55 7.67
N GLN A 27 6.42 4.64 8.60
CA GLN A 27 7.53 3.96 9.25
C GLN A 27 7.52 2.49 8.86
N LEU A 28 8.69 1.89 8.73
CA LEU A 28 8.80 0.51 8.28
C LEU A 28 9.16 -0.42 9.42
N PRO A 29 8.61 -1.64 9.40
CA PRO A 29 8.93 -2.68 10.36
C PRO A 29 10.44 -2.90 10.54
N ASN A 30 10.81 -3.52 11.66
CA ASN A 30 12.22 -3.66 12.04
C ASN A 30 12.99 -4.49 11.03
N GLU A 31 12.36 -5.53 10.49
CA GLU A 31 13.04 -6.45 9.58
C GLU A 31 13.18 -5.86 8.18
N LEU A 32 12.57 -4.69 7.95
CA LEU A 32 12.73 -4.01 6.68
C LEU A 32 13.88 -3.01 6.75
N THR A 33 13.91 -2.26 7.84
CA THR A 33 14.93 -1.22 8.02
C THR A 33 14.97 -0.75 9.48
N CYS A 34 13.85 -0.93 10.20
CA CYS A 34 13.75 -0.58 11.61
C CYS A 34 13.77 0.93 11.81
N THR A 35 12.61 1.55 11.64
CA THR A 35 12.45 2.96 11.94
C THR A 35 11.91 3.12 13.35
N THR A 36 12.78 3.48 14.26
CA THR A 36 12.43 3.51 15.67
C THR A 36 12.80 4.85 16.29
N ALA A 37 11.89 5.38 17.11
CA ALA A 37 12.12 6.62 17.83
C ALA A 37 12.71 6.33 19.21
N LEU A 38 13.95 6.71 19.41
CA LEU A 38 14.64 6.43 20.66
C LEU A 38 14.49 7.61 21.63
N PRO A 39 14.59 7.35 22.94
CA PRO A 39 14.51 8.38 23.96
C PRO A 39 15.48 9.54 23.70
N GLY A 40 14.93 10.74 23.62
CA GLY A 40 15.75 11.91 23.37
C GLY A 40 15.26 12.70 22.18
N SER A 41 14.06 12.36 21.70
CA SER A 41 13.48 13.06 20.56
C SER A 41 12.46 14.10 21.03
N SER A 42 12.50 14.41 22.31
CA SER A 42 11.63 15.44 22.86
C SER A 42 12.39 16.76 22.98
N SER B 1 -5.60 -15.85 23.20
CA SER B 1 -4.21 -15.87 22.67
C SER B 1 -3.90 -14.58 21.92
N ASN B 2 -4.93 -13.97 21.33
CA ASN B 2 -4.78 -12.79 20.48
C ASN B 2 -4.06 -13.17 19.19
N ALA B 3 -4.83 -13.67 18.24
CA ALA B 3 -4.27 -14.14 16.97
C ALA B 3 -3.81 -12.96 16.12
N GLU B 4 -2.54 -12.65 16.20
CA GLU B 4 -1.97 -11.57 15.43
C GLU B 4 -1.60 -12.04 14.02
N VAL B 5 -1.72 -11.16 13.05
CA VAL B 5 -1.36 -11.48 11.68
C VAL B 5 -0.12 -10.71 11.27
N LYS B 6 0.72 -11.34 10.45
CA LYS B 6 1.89 -10.70 9.89
C LYS B 6 1.99 -10.98 8.40
N VAL B 7 1.76 -9.96 7.59
CA VAL B 7 1.89 -10.10 6.15
C VAL B 7 3.35 -10.01 5.75
N LYS B 8 3.95 -11.18 5.60
CA LYS B 8 5.35 -11.29 5.23
C LYS B 8 5.62 -10.61 3.89
N ILE B 9 6.51 -9.63 3.91
CA ILE B 9 6.90 -8.91 2.72
C ILE B 9 7.74 -9.81 1.81
N PRO B 10 7.34 -9.92 0.53
CA PRO B 10 8.05 -10.76 -0.45
C PRO B 10 9.53 -10.42 -0.54
N GLU B 11 10.34 -11.44 -0.72
CA GLU B 11 11.80 -11.31 -0.75
C GLU B 11 12.26 -10.30 -1.80
N GLU B 12 11.54 -10.24 -2.92
CA GLU B 12 11.93 -9.37 -4.02
C GLU B 12 11.38 -7.95 -3.84
N LEU B 13 10.46 -7.77 -2.91
CA LEU B 13 9.82 -6.47 -2.72
C LEU B 13 10.41 -5.73 -1.52
N LYS B 14 10.93 -6.48 -0.55
CA LYS B 14 11.53 -5.89 0.64
C LYS B 14 12.64 -4.89 0.27
N PRO B 15 13.63 -5.29 -0.56
CA PRO B 15 14.70 -4.37 -1.00
C PRO B 15 14.15 -3.10 -1.64
N TRP B 16 13.03 -3.22 -2.34
CA TRP B 16 12.40 -2.06 -2.97
C TRP B 16 11.87 -1.10 -1.91
N LEU B 17 11.17 -1.64 -0.92
CA LEU B 17 10.63 -0.84 0.17
C LEU B 17 11.73 -0.07 0.90
N VAL B 18 12.86 -0.73 1.12
CA VAL B 18 13.99 -0.10 1.78
C VAL B 18 14.59 0.99 0.88
N ASP B 19 14.63 0.71 -0.42
CA ASP B 19 15.21 1.64 -1.38
C ASP B 19 14.29 2.85 -1.59
N ASP B 20 12.99 2.59 -1.61
CA ASP B 20 11.99 3.67 -1.66
C ASP B 20 12.11 4.56 -0.43
N TRP B 21 12.15 3.91 0.74
CA TRP B 21 12.39 4.61 2.00
C TRP B 21 13.66 5.46 1.92
N ASP B 22 14.76 4.83 1.53
CA ASP B 22 16.05 5.51 1.40
C ASP B 22 15.97 6.66 0.40
N LEU B 23 15.31 6.43 -0.71
CA LEU B 23 15.22 7.41 -1.79
C LEU B 23 14.46 8.65 -1.34
N ILE B 24 13.39 8.47 -0.57
CA ILE B 24 12.59 9.59 -0.12
C ILE B 24 13.21 10.28 1.11
N THR B 25 13.64 9.50 2.08
CA THR B 25 14.12 10.05 3.35
C THR B 25 15.56 10.55 3.25
N ARG B 26 16.43 9.75 2.66
CA ARG B 26 17.85 10.09 2.61
C ARG B 26 18.19 10.89 1.36
N GLN B 27 17.84 10.36 0.20
CA GLN B 27 18.11 11.05 -1.06
C GLN B 27 17.23 12.29 -1.19
N LYS B 28 16.03 12.21 -0.61
CA LYS B 28 15.08 13.32 -0.61
C LYS B 28 14.73 13.73 -2.05
N GLN B 29 14.56 12.72 -2.90
CA GLN B 29 14.19 12.95 -4.28
C GLN B 29 12.69 12.81 -4.44
N LEU B 30 12.17 13.24 -5.58
CA LEU B 30 10.74 13.21 -5.82
C LEU B 30 10.46 12.98 -7.30
N PHE B 31 9.65 11.99 -7.59
CA PHE B 31 9.32 11.65 -8.97
C PHE B 31 8.15 12.50 -9.45
N TYR B 32 7.90 12.48 -10.75
CA TYR B 32 6.70 13.11 -11.29
C TYR B 32 5.48 12.35 -10.81
N LEU B 33 4.75 12.96 -9.88
CA LEU B 33 3.64 12.28 -9.21
C LEU B 33 2.62 11.73 -10.20
N PRO B 34 2.08 12.52 -11.15
CA PRO B 34 1.12 12.00 -12.13
C PRO B 34 1.68 10.77 -12.82
N ALA B 35 1.13 9.61 -12.47
CA ALA B 35 1.67 8.35 -12.93
C ALA B 35 0.75 7.68 -13.93
N LYS B 36 1.32 6.81 -14.74
CA LYS B 36 0.60 6.04 -15.72
C LYS B 36 0.22 4.67 -15.15
N LYS B 37 0.85 4.31 -14.04
CA LYS B 37 0.60 3.02 -13.41
C LYS B 37 -0.02 3.23 -12.04
N ASN B 38 -1.26 3.69 -12.03
CA ASN B 38 -1.96 4.02 -10.78
C ASN B 38 -2.53 2.76 -10.14
N VAL B 39 -3.10 2.93 -8.95
CA VAL B 39 -3.70 1.81 -8.21
C VAL B 39 -4.79 1.16 -9.05
N ASP B 40 -5.66 1.97 -9.63
CA ASP B 40 -6.74 1.48 -10.49
C ASP B 40 -6.19 0.63 -11.63
N SER B 41 -5.04 1.02 -12.16
CA SER B 41 -4.44 0.33 -13.29
C SER B 41 -3.91 -1.04 -12.85
N ILE B 42 -3.26 -1.08 -11.71
CA ILE B 42 -2.73 -2.33 -11.16
C ILE B 42 -3.88 -3.23 -10.72
N LEU B 43 -4.88 -2.59 -10.14
CA LEU B 43 -6.06 -3.28 -9.64
C LEU B 43 -6.84 -3.91 -10.80
N GLU B 44 -6.97 -3.15 -11.89
CA GLU B 44 -7.61 -3.64 -13.10
C GLU B 44 -6.88 -4.86 -13.65
N ASP B 45 -5.58 -4.73 -13.82
CA ASP B 45 -4.76 -5.80 -14.39
C ASP B 45 -4.85 -7.05 -13.53
N TYR B 46 -4.82 -6.87 -12.22
CA TYR B 46 -4.92 -7.98 -11.28
C TYR B 46 -6.30 -8.64 -11.34
N ALA B 47 -7.34 -7.84 -11.51
CA ALA B 47 -8.69 -8.35 -11.60
C ALA B 47 -8.83 -9.28 -12.80
N ASN B 48 -8.38 -8.82 -13.96
CA ASN B 48 -8.42 -9.64 -15.18
C ASN B 48 -7.47 -10.82 -15.06
N TYR B 49 -6.40 -10.63 -14.29
CA TYR B 49 -5.39 -11.64 -14.08
C TYR B 49 -6.01 -12.91 -13.50
N ARG B 50 -6.65 -12.78 -12.34
CA ARG B 50 -7.23 -13.94 -11.67
C ARG B 50 -8.46 -14.46 -12.39
N LYS B 51 -9.21 -13.57 -13.04
CA LYS B 51 -10.38 -13.97 -13.81
C LYS B 51 -9.99 -14.91 -14.94
N SER B 52 -9.03 -14.48 -15.73
CA SER B 52 -8.61 -15.20 -16.91
C SER B 52 -7.90 -16.50 -16.53
N ARG B 53 -7.22 -16.51 -15.40
CA ARG B 53 -6.47 -17.69 -14.97
C ARG B 53 -7.32 -18.58 -14.06
N GLY B 54 -8.53 -18.11 -13.75
CA GLY B 54 -9.47 -18.92 -13.02
C GLY B 54 -10.37 -19.68 -13.97
N ASN B 55 -10.80 -19.00 -15.03
CA ASN B 55 -11.57 -19.59 -16.11
C ASN B 55 -12.96 -20.03 -15.63
N THR B 56 -13.05 -21.25 -15.10
CA THR B 56 -14.31 -21.80 -14.64
C THR B 56 -14.52 -21.57 -13.15
N ASP B 57 -13.43 -21.46 -12.41
CA ASP B 57 -13.49 -21.14 -11.00
C ASP B 57 -13.75 -19.65 -10.84
N ASN B 58 -14.95 -19.30 -10.42
CA ASN B 58 -15.36 -17.91 -10.42
C ASN B 58 -15.02 -17.24 -9.11
N LYS B 59 -14.00 -16.39 -9.16
CA LYS B 59 -13.60 -15.60 -8.01
C LYS B 59 -13.91 -14.13 -8.24
N GLU B 60 -14.75 -13.88 -9.25
CA GLU B 60 -15.10 -12.52 -9.65
C GLU B 60 -15.65 -11.72 -8.48
N TYR B 61 -16.63 -12.29 -7.77
CA TYR B 61 -17.27 -11.60 -6.66
C TYR B 61 -16.22 -11.18 -5.63
N ALA B 62 -15.26 -12.05 -5.39
CA ALA B 62 -14.24 -11.81 -4.39
C ALA B 62 -13.25 -10.76 -4.86
N VAL B 63 -12.77 -10.91 -6.10
CA VAL B 63 -11.82 -9.97 -6.66
C VAL B 63 -12.41 -8.57 -6.70
N ASN B 64 -13.64 -8.46 -7.18
CA ASN B 64 -14.33 -7.17 -7.28
C ASN B 64 -14.51 -6.55 -5.90
N GLU B 65 -14.84 -7.40 -4.93
CA GLU B 65 -15.01 -6.96 -3.56
C GLU B 65 -13.68 -6.50 -2.98
N VAL B 66 -12.61 -7.23 -3.31
CA VAL B 66 -11.26 -6.83 -2.91
C VAL B 66 -10.90 -5.49 -3.53
N VAL B 67 -11.17 -5.34 -4.82
CA VAL B 67 -10.92 -4.09 -5.54
C VAL B 67 -11.52 -2.90 -4.79
N ALA B 68 -12.78 -3.03 -4.42
CA ALA B 68 -13.47 -1.97 -3.67
C ALA B 68 -12.75 -1.69 -2.35
N GLY B 69 -12.47 -2.75 -1.60
CA GLY B 69 -11.82 -2.60 -0.31
C GLY B 69 -10.44 -2.00 -0.44
N ILE B 70 -9.68 -2.43 -1.45
CA ILE B 70 -8.34 -1.92 -1.69
C ILE B 70 -8.37 -0.41 -1.89
N LYS B 71 -9.28 0.06 -2.74
CA LYS B 71 -9.36 1.49 -3.05
C LYS B 71 -9.67 2.30 -1.79
N GLU B 72 -10.72 1.92 -1.09
CA GLU B 72 -11.16 2.65 0.09
C GLU B 72 -10.10 2.59 1.20
N TYR B 73 -9.54 1.41 1.42
CA TYR B 73 -8.54 1.22 2.47
C TYR B 73 -7.23 1.92 2.12
N PHE B 74 -6.87 1.91 0.85
CA PHE B 74 -5.68 2.62 0.40
C PHE B 74 -5.89 4.12 0.54
N ASN B 75 -7.11 4.56 0.27
CA ASN B 75 -7.47 5.97 0.33
C ASN B 75 -7.37 6.52 1.75
N VAL B 76 -7.83 5.74 2.73
CA VAL B 76 -7.77 6.18 4.12
C VAL B 76 -6.35 6.11 4.68
N MET B 77 -5.53 5.25 4.09
CA MET B 77 -4.15 5.06 4.54
C MET B 77 -3.22 6.11 3.93
N LEU B 78 -3.47 6.46 2.68
CA LEU B 78 -2.66 7.46 2.01
C LEU B 78 -3.09 8.84 2.47
N GLY B 79 -2.13 9.60 2.97
CA GLY B 79 -2.43 10.88 3.56
C GLY B 79 -2.17 10.85 5.05
N THR B 80 -2.49 9.73 5.67
CA THR B 80 -2.25 9.55 7.08
C THR B 80 -0.87 8.94 7.33
N GLN B 81 -0.72 7.65 7.03
CA GLN B 81 0.53 6.95 7.33
C GLN B 81 1.33 6.62 6.07
N LEU B 82 0.67 6.46 4.93
CA LEU B 82 1.38 6.00 3.71
C LEU B 82 2.31 7.05 3.12
N LEU B 83 2.32 8.24 3.70
CA LEU B 83 3.16 9.31 3.18
C LEU B 83 4.22 9.71 4.20
N TYR B 84 5.43 9.94 3.72
CA TYR B 84 6.50 10.45 4.56
C TYR B 84 6.28 11.93 4.84
N LYS B 85 7.21 12.53 5.56
CA LYS B 85 7.15 13.95 5.87
C LYS B 85 7.50 14.76 4.62
N PHE B 86 8.33 14.19 3.75
CA PHE B 86 8.80 14.89 2.57
C PHE B 86 7.71 14.96 1.50
N GLU B 87 6.81 13.97 1.52
CA GLU B 87 5.77 13.87 0.49
C GLU B 87 4.57 14.74 0.82
N ARG B 88 4.60 15.35 2.00
CA ARG B 88 3.48 16.14 2.50
C ARG B 88 3.15 17.33 1.58
N PRO B 89 4.13 18.19 1.24
CA PRO B 89 3.89 19.33 0.34
C PRO B 89 3.42 18.90 -1.04
N GLN B 90 3.87 17.72 -1.46
CA GLN B 90 3.49 17.17 -2.76
C GLN B 90 2.01 16.79 -2.75
N TYR B 91 1.60 16.12 -1.68
CA TYR B 91 0.21 15.74 -1.50
C TYR B 91 -0.68 16.99 -1.48
N ALA B 92 -0.25 17.98 -0.71
CA ALA B 92 -0.99 19.23 -0.61
C ALA B 92 -1.03 19.95 -1.95
N GLU B 93 0.06 19.85 -2.71
CA GLU B 93 0.18 20.49 -4.01
C GLU B 93 -0.90 19.98 -4.96
N ILE B 94 -1.02 18.65 -5.02
CA ILE B 94 -2.01 18.00 -5.87
C ILE B 94 -3.42 18.38 -5.45
N LEU B 95 -3.71 18.28 -4.16
CA LEU B 95 -5.03 18.60 -3.64
C LEU B 95 -5.40 20.06 -3.92
N ALA B 96 -4.44 20.95 -3.69
CA ALA B 96 -4.64 22.37 -3.92
C ALA B 96 -5.04 22.66 -5.36
N ASP B 97 -4.34 22.07 -6.32
CA ASP B 97 -4.62 22.35 -7.73
C ASP B 97 -5.71 21.43 -8.28
N HIS B 98 -5.77 20.20 -7.78
CA HIS B 98 -6.74 19.23 -8.24
C HIS B 98 -7.46 18.56 -7.07
N PRO B 99 -8.57 19.15 -6.58
CA PRO B 99 -9.44 18.47 -5.62
C PRO B 99 -10.25 17.37 -6.31
N ASP B 100 -10.12 17.35 -7.62
CA ASP B 100 -10.77 16.36 -8.48
C ASP B 100 -9.96 15.06 -8.53
N ALA B 101 -8.69 15.15 -8.14
CA ALA B 101 -7.79 14.02 -8.23
C ALA B 101 -7.98 13.07 -7.05
N PRO B 102 -8.37 11.82 -7.33
CA PRO B 102 -8.52 10.78 -6.32
C PRO B 102 -7.18 10.25 -5.85
N MET B 103 -7.11 9.80 -4.59
CA MET B 103 -5.86 9.26 -4.04
C MET B 103 -5.54 7.89 -4.63
N SER B 104 -6.55 7.22 -5.18
CA SER B 104 -6.34 5.97 -5.89
C SER B 104 -5.70 6.28 -7.25
N GLN B 105 -5.85 7.52 -7.67
CA GLN B 105 -5.19 8.03 -8.85
C GLN B 105 -3.93 8.77 -8.41
N VAL B 106 -3.26 9.41 -9.38
CA VAL B 106 -1.98 10.13 -9.21
C VAL B 106 -0.87 9.24 -8.66
N TYR B 107 -1.15 8.47 -7.64
CA TYR B 107 -0.18 7.55 -7.05
C TYR B 107 -0.23 6.21 -7.76
N GLY B 108 0.71 5.33 -7.44
CA GLY B 108 0.77 4.05 -8.13
C GLY B 108 1.38 2.95 -7.29
N ALA B 109 1.80 1.88 -7.96
CA ALA B 109 2.29 0.66 -7.33
C ALA B 109 3.33 0.90 -6.21
N PRO B 110 4.39 1.71 -6.45
CA PRO B 110 5.42 1.98 -5.43
C PRO B 110 4.82 2.40 -4.08
N HIS B 111 3.74 3.18 -4.13
CA HIS B 111 3.08 3.65 -2.91
C HIS B 111 2.11 2.59 -2.38
N LEU B 112 1.61 1.76 -3.28
CA LEU B 112 0.66 0.71 -2.92
C LEU B 112 1.35 -0.38 -2.11
N LEU B 113 2.62 -0.64 -2.43
CA LEU B 113 3.40 -1.66 -1.73
C LEU B 113 3.61 -1.29 -0.27
N ARG B 114 3.64 0.01 0.02
CA ARG B 114 3.81 0.50 1.38
C ARG B 114 2.65 0.08 2.27
N LEU B 115 1.50 -0.09 1.65
CA LEU B 115 0.26 -0.39 2.36
C LEU B 115 0.31 -1.75 3.05
N PHE B 116 1.00 -2.69 2.42
CA PHE B 116 1.01 -4.07 2.89
C PHE B 116 1.80 -4.26 4.17
N VAL B 117 2.77 -3.40 4.42
CA VAL B 117 3.60 -3.52 5.62
C VAL B 117 2.80 -3.17 6.88
N ARG B 118 1.74 -2.39 6.70
CA ARG B 118 0.94 -1.92 7.83
C ARG B 118 -0.37 -2.68 7.97
N ILE B 119 -0.94 -3.11 6.85
CA ILE B 119 -2.22 -3.82 6.86
C ILE B 119 -2.13 -5.09 7.71
N GLY B 120 -0.97 -5.74 7.67
CA GLY B 120 -0.78 -6.99 8.39
C GLY B 120 -0.96 -6.83 9.89
N ALA B 121 -0.35 -5.81 10.46
CA ALA B 121 -0.40 -5.60 11.89
C ALA B 121 -1.76 -5.07 12.33
N MET B 122 -2.49 -4.45 11.41
CA MET B 122 -3.81 -3.94 11.72
C MET B 122 -4.82 -5.08 11.77
N LEU B 123 -4.51 -6.16 11.07
CA LEU B 123 -5.32 -7.38 11.15
C LEU B 123 -5.21 -7.96 12.55
N ALA B 124 -4.10 -7.67 13.21
CA ALA B 124 -3.85 -8.13 14.57
C ALA B 124 -4.72 -7.37 15.57
N TYR B 125 -5.33 -6.28 15.12
CA TYR B 125 -6.22 -5.50 15.97
C TYR B 125 -7.66 -5.64 15.50
N THR B 126 -7.86 -6.47 14.49
CA THR B 126 -9.18 -6.65 13.91
C THR B 126 -9.66 -8.08 14.10
N PRO B 127 -10.71 -8.28 14.92
CA PRO B 127 -11.27 -9.61 15.19
C PRO B 127 -11.92 -10.22 13.95
N LEU B 128 -11.21 -11.13 13.30
CA LEU B 128 -11.73 -11.77 12.09
C LEU B 128 -11.79 -13.29 12.26
N ASP B 129 -12.44 -13.94 11.31
CA ASP B 129 -12.56 -15.39 11.30
C ASP B 129 -11.31 -16.02 10.68
N GLU B 130 -11.00 -17.25 11.10
CA GLU B 130 -9.82 -17.97 10.65
C GLU B 130 -9.83 -18.14 9.13
N LYS B 131 -10.96 -18.62 8.61
CA LYS B 131 -11.09 -18.88 7.17
C LYS B 131 -11.03 -17.57 6.40
N SER B 132 -11.69 -16.57 6.94
CA SER B 132 -11.69 -15.24 6.35
C SER B 132 -10.28 -14.65 6.34
N LEU B 133 -9.51 -14.93 7.39
CA LEU B 133 -8.14 -14.46 7.46
C LEU B 133 -7.32 -15.07 6.32
N ALA B 134 -7.48 -16.37 6.13
CA ALA B 134 -6.79 -17.07 5.05
C ALA B 134 -7.22 -16.52 3.69
N LEU B 135 -8.45 -16.04 3.63
CA LEU B 135 -8.99 -15.39 2.44
C LEU B 135 -8.19 -14.13 2.12
N LEU B 136 -8.09 -13.22 3.10
CA LEU B 136 -7.30 -12.01 2.94
C LEU B 136 -5.84 -12.36 2.63
N LEU B 137 -5.27 -13.28 3.38
CA LEU B 137 -3.88 -13.69 3.19
C LEU B 137 -3.66 -14.21 1.77
N ASN B 138 -4.66 -14.91 1.23
CA ASN B 138 -4.60 -15.40 -0.14
C ASN B 138 -4.42 -14.25 -1.10
N TYR B 139 -5.30 -13.27 -1.02
CA TYR B 139 -5.25 -12.13 -1.94
C TYR B 139 -4.02 -11.27 -1.71
N LEU B 140 -3.75 -10.96 -0.45
CA LEU B 140 -2.62 -10.10 -0.08
C LEU B 140 -1.30 -10.68 -0.58
N HIS B 141 -1.06 -11.95 -0.27
CA HIS B 141 0.20 -12.60 -0.65
C HIS B 141 0.31 -12.77 -2.16
N ASP B 142 -0.80 -13.16 -2.79
CA ASP B 142 -0.82 -13.33 -4.24
C ASP B 142 -0.60 -12.01 -4.96
N PHE B 143 -1.24 -10.96 -4.45
CA PHE B 143 -1.07 -9.62 -5.00
C PHE B 143 0.39 -9.19 -4.87
N LEU B 144 0.97 -9.47 -3.70
CA LEU B 144 2.37 -9.17 -3.43
C LEU B 144 3.28 -9.92 -4.40
N LYS B 145 3.04 -11.22 -4.56
CA LYS B 145 3.87 -12.04 -5.44
C LYS B 145 3.63 -11.67 -6.90
N TYR B 146 2.50 -11.04 -7.20
CA TYR B 146 2.25 -10.48 -8.51
C TYR B 146 3.17 -9.28 -8.73
N LEU B 147 3.22 -8.39 -7.75
CA LEU B 147 4.08 -7.20 -7.81
C LEU B 147 5.54 -7.63 -7.91
N ALA B 148 5.89 -8.64 -7.13
CA ALA B 148 7.26 -9.16 -7.13
C ALA B 148 7.61 -9.81 -8.47
N LYS B 149 6.64 -10.47 -9.08
CA LYS B 149 6.87 -11.15 -10.35
C LYS B 149 7.06 -10.13 -11.48
N ASN B 150 6.23 -9.10 -11.49
CA ASN B 150 6.32 -8.06 -12.52
C ASN B 150 7.10 -6.85 -12.02
N SER B 151 7.99 -7.08 -11.06
CA SER B 151 8.74 -6.00 -10.40
C SER B 151 9.49 -5.11 -11.41
N ALA B 152 10.27 -5.75 -12.28
CA ALA B 152 11.09 -5.01 -13.24
C ALA B 152 10.23 -4.29 -14.27
N THR B 153 9.02 -4.79 -14.45
CA THR B 153 8.09 -4.23 -15.42
C THR B 153 7.02 -3.37 -14.74
N LEU B 154 7.35 -2.89 -13.54
CA LEU B 154 6.39 -2.12 -12.77
C LEU B 154 7.07 -1.00 -11.99
N PHE B 155 8.10 -1.34 -11.23
CA PHE B 155 8.74 -0.39 -10.35
C PHE B 155 9.91 0.31 -11.05
N SER B 156 10.08 1.59 -10.77
CA SER B 156 11.18 2.37 -11.30
C SER B 156 11.53 3.50 -10.35
N ALA B 157 12.78 3.51 -9.90
CA ALA B 157 13.27 4.57 -9.02
C ALA B 157 14.31 5.40 -9.75
N SER B 158 14.55 5.04 -11.00
CA SER B 158 15.60 5.65 -11.78
C SER B 158 15.14 6.97 -12.42
N ASP B 159 13.84 7.16 -12.52
CA ASP B 159 13.29 8.36 -13.17
C ASP B 159 12.90 9.42 -12.15
N TYR B 160 13.25 9.18 -10.88
CA TYR B 160 12.99 10.14 -9.82
C TYR B 160 13.80 11.41 -10.03
N GLU B 161 13.16 12.55 -9.85
CA GLU B 161 13.83 13.85 -9.96
C GLU B 161 14.26 14.34 -8.59
N VAL B 162 15.06 15.39 -8.55
CA VAL B 162 15.47 15.98 -7.31
C VAL B 162 14.62 17.21 -7.02
N ALA B 163 13.94 17.20 -5.88
CA ALA B 163 13.09 18.32 -5.51
C ALA B 163 13.94 19.56 -5.25
N PRO B 164 13.48 20.74 -5.71
CA PRO B 164 14.20 22.01 -5.57
C PRO B 164 14.65 22.26 -4.13
N PRO B 165 15.87 22.77 -3.95
CA PRO B 165 16.47 22.99 -2.62
C PRO B 165 15.52 23.67 -1.63
N GLU B 166 14.94 24.78 -2.03
CA GLU B 166 14.05 25.54 -1.15
C GLU B 166 12.72 24.83 -0.93
N TYR B 167 12.37 23.92 -1.83
CA TYR B 167 11.15 23.15 -1.69
C TYR B 167 11.27 22.20 -0.50
N HIS B 168 12.51 21.84 -0.18
CA HIS B 168 12.79 20.97 0.97
C HIS B 168 12.35 21.64 2.27
N ARG B 169 12.46 22.97 2.31
CA ARG B 169 12.09 23.74 3.51
C ARG B 169 10.59 23.68 3.72
N LYS B 170 9.86 23.41 2.65
CA LYS B 170 8.41 23.37 2.68
C LYS B 170 7.94 21.97 3.05
N ALA B 171 8.87 21.03 3.10
CA ALA B 171 8.58 19.66 3.44
C ALA B 171 8.98 19.36 4.87
N VAL B 172 10.24 19.61 5.18
CA VAL B 172 10.78 19.36 6.51
C VAL B 172 10.98 20.66 7.25
N ASP A 1 -17.85 -25.50 -5.60
CA ASP A 1 -17.31 -26.50 -4.65
C ASP A 1 -17.20 -25.92 -3.25
N TYR A 2 -16.28 -24.98 -3.06
CA TYR A 2 -16.06 -24.40 -1.75
C TYR A 2 -16.67 -23.00 -1.67
N VAL A 3 -17.05 -22.58 -0.47
CA VAL A 3 -17.59 -21.26 -0.25
C VAL A 3 -16.73 -20.51 0.76
N GLN A 4 -16.40 -19.27 0.45
CA GLN A 4 -15.57 -18.46 1.34
C GLN A 4 -16.39 -17.33 1.96
N PRO A 5 -15.88 -16.74 3.05
CA PRO A 5 -16.47 -15.55 3.66
C PRO A 5 -16.49 -14.37 2.70
N GLN A 6 -17.14 -13.29 3.09
CA GLN A 6 -17.24 -12.12 2.24
C GLN A 6 -16.30 -11.01 2.71
N LEU A 7 -15.72 -10.31 1.75
CA LEU A 7 -14.69 -9.31 2.03
C LEU A 7 -15.29 -7.99 2.48
N ARG A 8 -16.57 -7.80 2.15
CA ARG A 8 -17.30 -6.57 2.48
C ARG A 8 -17.02 -6.08 3.90
N ARG A 9 -17.43 -6.86 4.90
CA ARG A 9 -17.27 -6.45 6.29
C ARG A 9 -15.80 -6.30 6.70
N PRO A 10 -14.94 -7.31 6.47
CA PRO A 10 -13.50 -7.20 6.75
C PRO A 10 -12.87 -5.90 6.25
N PHE A 11 -13.19 -5.52 5.01
CA PHE A 11 -12.67 -4.27 4.45
C PHE A 11 -13.24 -3.07 5.18
N GLU A 12 -14.54 -3.07 5.45
CA GLU A 12 -15.15 -1.99 6.21
C GLU A 12 -14.47 -1.83 7.56
N LEU A 13 -14.28 -2.95 8.25
CA LEU A 13 -13.62 -2.97 9.54
C LEU A 13 -12.20 -2.42 9.42
N LEU A 14 -11.50 -2.89 8.39
CA LEU A 14 -10.12 -2.53 8.14
C LEU A 14 -9.99 -1.03 7.83
N ILE A 15 -10.90 -0.53 6.99
CA ILE A 15 -10.91 0.88 6.64
C ILE A 15 -11.22 1.74 7.85
N ALA A 16 -12.21 1.34 8.63
CA ALA A 16 -12.61 2.11 9.80
C ALA A 16 -11.49 2.13 10.84
N ALA A 17 -10.67 1.08 10.84
CA ALA A 17 -9.48 1.06 11.70
C ALA A 17 -8.42 1.98 11.13
N ALA A 18 -8.38 2.10 9.81
CA ALA A 18 -7.46 3.01 9.14
C ALA A 18 -7.86 4.46 9.35
N MET A 19 -9.17 4.69 9.48
CA MET A 19 -9.71 6.01 9.78
C MET A 19 -9.11 6.58 11.06
N GLU A 20 -8.75 5.68 11.97
CA GLU A 20 -8.21 6.05 13.27
C GLU A 20 -6.71 6.33 13.18
N ARG A 21 -6.14 6.12 12.00
CA ARG A 21 -4.72 6.36 11.79
C ARG A 21 -4.49 7.78 11.32
N ASN A 22 -4.18 8.64 12.29
CA ASN A 22 -3.93 10.05 12.03
C ASN A 22 -2.64 10.21 11.23
N PRO A 23 -2.48 11.37 10.55
CA PRO A 23 -1.32 11.65 9.72
C PRO A 23 0.00 11.50 10.46
N THR A 24 0.58 10.31 10.38
CA THR A 24 1.89 10.03 10.91
C THR A 24 2.79 9.50 9.81
N GLN A 25 4.10 9.60 9.97
CA GLN A 25 5.02 9.15 8.93
C GLN A 25 5.03 7.64 8.83
N PHE A 26 4.99 7.13 7.60
CA PHE A 26 5.03 5.70 7.37
C PHE A 26 6.31 5.08 7.92
N GLN A 27 6.19 4.38 9.03
CA GLN A 27 7.29 3.58 9.54
C GLN A 27 7.01 2.10 9.28
N LEU A 28 8.03 1.41 8.83
CA LEU A 28 7.89 0.01 8.47
C LEU A 28 8.90 -0.83 9.26
N PRO A 29 8.69 -2.14 9.34
CA PRO A 29 9.50 -3.03 10.19
C PRO A 29 10.98 -2.99 9.84
N ASN A 30 11.82 -3.19 10.84
CA ASN A 30 13.27 -3.21 10.64
C ASN A 30 13.66 -4.47 9.87
N GLU A 31 12.73 -5.42 9.83
CA GLU A 31 12.84 -6.60 8.97
C GLU A 31 13.06 -6.15 7.53
N LEU A 32 12.47 -5.00 7.21
CA LEU A 32 12.49 -4.47 5.86
C LEU A 32 13.50 -3.33 5.74
N THR A 33 13.53 -2.41 6.70
CA THR A 33 14.44 -1.26 6.60
C THR A 33 15.31 -1.10 7.85
N CYS A 34 14.99 -0.09 8.65
CA CYS A 34 15.82 0.28 9.79
C CYS A 34 15.12 1.33 10.66
N THR A 35 14.02 1.90 10.15
CA THR A 35 13.27 2.88 10.93
C THR A 35 12.65 2.23 12.16
N THR A 36 12.97 2.76 13.32
CA THR A 36 12.56 2.16 14.58
C THR A 36 11.25 2.75 15.09
N ALA A 37 10.57 2.01 15.95
CA ALA A 37 9.38 2.47 16.63
C ALA A 37 9.70 2.68 18.10
N LEU A 38 8.71 2.54 18.97
CA LEU A 38 8.95 2.63 20.41
C LEU A 38 9.49 1.31 20.93
N PRO A 39 10.79 1.26 21.31
CA PRO A 39 11.45 0.06 21.75
C PRO A 39 11.50 -0.06 23.28
N GLY A 40 12.02 -1.18 23.76
CA GLY A 40 12.16 -1.39 25.19
C GLY A 40 13.54 -0.97 25.67
N SER A 41 13.58 -0.21 26.75
CA SER A 41 14.83 0.30 27.28
C SER A 41 15.56 -0.76 28.11
N SER A 42 14.80 -1.56 28.85
CA SER A 42 15.38 -2.57 29.71
C SER A 42 15.01 -3.96 29.23
N SER B 1 -6.15 -18.44 15.80
CA SER B 1 -5.13 -19.31 16.41
C SER B 1 -3.84 -18.53 16.65
N ASN B 2 -3.48 -17.67 15.70
CA ASN B 2 -2.26 -16.87 15.81
C ASN B 2 -2.60 -15.39 15.81
N ALA B 3 -1.78 -14.60 16.51
CA ALA B 3 -2.03 -13.16 16.64
C ALA B 3 -1.00 -12.37 15.84
N GLU B 4 -1.35 -11.11 15.54
CA GLU B 4 -0.54 -10.23 14.72
C GLU B 4 -0.30 -10.83 13.34
N VAL B 5 -1.11 -10.44 12.38
CA VAL B 5 -1.04 -10.99 11.05
C VAL B 5 0.26 -10.59 10.36
N LYS B 6 1.12 -11.57 10.17
CA LYS B 6 2.42 -11.33 9.55
C LYS B 6 2.31 -11.40 8.03
N VAL B 7 2.20 -10.24 7.40
CA VAL B 7 2.26 -10.16 5.95
C VAL B 7 3.70 -9.98 5.52
N LYS B 8 4.35 -11.08 5.16
CA LYS B 8 5.74 -11.05 4.75
C LYS B 8 5.87 -10.53 3.33
N ILE B 9 6.41 -9.33 3.21
CA ILE B 9 6.72 -8.74 1.92
C ILE B 9 7.70 -9.63 1.17
N PRO B 10 7.37 -9.99 -0.08
CA PRO B 10 8.23 -10.83 -0.91
C PRO B 10 9.64 -10.26 -1.02
N GLU B 11 10.63 -11.13 -0.98
CA GLU B 11 12.03 -10.73 -1.05
C GLU B 11 12.34 -10.02 -2.37
N GLU B 12 11.48 -10.25 -3.37
CA GLU B 12 11.62 -9.62 -4.66
C GLU B 12 11.06 -8.20 -4.66
N LEU B 13 10.33 -7.85 -3.60
CA LEU B 13 9.74 -6.53 -3.48
C LEU B 13 10.38 -5.73 -2.34
N LYS B 14 11.01 -6.46 -1.41
CA LYS B 14 11.71 -5.85 -0.28
C LYS B 14 12.70 -4.76 -0.72
N PRO B 15 13.57 -5.03 -1.73
CA PRO B 15 14.55 -4.04 -2.23
C PRO B 15 13.90 -2.70 -2.58
N TRP B 16 12.74 -2.75 -3.21
CA TRP B 16 12.06 -1.53 -3.63
C TRP B 16 11.60 -0.72 -2.42
N LEU B 17 11.15 -1.41 -1.38
CA LEU B 17 10.76 -0.75 -0.14
C LEU B 17 11.98 -0.11 0.52
N VAL B 18 13.10 -0.83 0.46
CA VAL B 18 14.35 -0.31 1.00
C VAL B 18 14.80 0.90 0.19
N ASP B 19 14.76 0.77 -1.13
CA ASP B 19 15.15 1.85 -2.02
C ASP B 19 14.25 3.07 -1.83
N ASP B 20 12.94 2.86 -1.85
CA ASP B 20 11.98 3.95 -1.67
C ASP B 20 12.28 4.73 -0.39
N TRP B 21 12.31 4.02 0.73
CA TRP B 21 12.57 4.63 2.03
C TRP B 21 13.94 5.32 2.05
N ASP B 22 14.95 4.65 1.52
CA ASP B 22 16.31 5.19 1.54
C ASP B 22 16.44 6.41 0.63
N LEU B 23 15.89 6.31 -0.57
CA LEU B 23 15.94 7.40 -1.54
C LEU B 23 15.27 8.66 -1.00
N ILE B 24 14.15 8.48 -0.31
CA ILE B 24 13.44 9.60 0.30
C ILE B 24 14.27 10.23 1.42
N THR B 25 14.87 9.39 2.25
CA THR B 25 15.56 9.86 3.44
C THR B 25 16.96 10.42 3.15
N ARG B 26 17.77 9.69 2.38
CA ARG B 26 19.17 10.04 2.21
C ARG B 26 19.35 11.05 1.08
N GLN B 27 18.90 10.68 -0.11
CA GLN B 27 19.12 11.50 -1.29
C GLN B 27 18.02 12.55 -1.41
N LYS B 28 16.89 12.26 -0.78
CA LYS B 28 15.74 13.16 -0.76
C LYS B 28 15.19 13.31 -2.18
N GLN B 29 15.28 12.21 -2.92
CA GLN B 29 14.69 12.10 -4.24
C GLN B 29 13.24 11.68 -4.12
N LEU B 30 12.36 12.36 -4.83
CA LEU B 30 10.94 12.08 -4.74
C LEU B 30 10.42 11.46 -6.01
N PHE B 31 9.52 10.50 -5.86
CA PHE B 31 8.83 9.92 -6.99
C PHE B 31 7.60 10.75 -7.30
N TYR B 32 7.60 11.42 -8.44
CA TYR B 32 6.49 12.27 -8.82
C TYR B 32 5.25 11.43 -9.04
N LEU B 33 4.20 11.75 -8.28
CA LEU B 33 3.00 10.94 -8.23
C LEU B 33 2.38 10.67 -9.60
N PRO B 34 2.07 11.70 -10.42
CA PRO B 34 1.37 11.52 -11.70
C PRO B 34 2.00 10.41 -12.55
N ALA B 35 1.27 9.30 -12.67
CA ALA B 35 1.78 8.12 -13.37
C ALA B 35 0.70 7.52 -14.26
N LYS B 36 1.12 6.72 -15.24
CA LYS B 36 0.17 6.08 -16.14
C LYS B 36 -0.36 4.78 -15.55
N LYS B 37 0.47 4.10 -14.75
CA LYS B 37 0.04 2.91 -14.07
C LYS B 37 -0.36 3.26 -12.63
N ASN B 38 -1.65 3.28 -12.38
CA ASN B 38 -2.16 3.64 -11.06
C ASN B 38 -2.68 2.41 -10.34
N VAL B 39 -2.86 2.54 -9.02
CA VAL B 39 -3.32 1.43 -8.20
C VAL B 39 -4.65 0.89 -8.69
N ASP B 40 -5.54 1.79 -9.08
CA ASP B 40 -6.87 1.43 -9.59
C ASP B 40 -6.76 0.50 -10.80
N SER B 41 -5.81 0.79 -11.69
CA SER B 41 -5.55 -0.04 -12.85
C SER B 41 -5.02 -1.41 -12.42
N ILE B 42 -4.14 -1.41 -11.43
CA ILE B 42 -3.57 -2.65 -10.91
C ILE B 42 -4.66 -3.56 -10.40
N LEU B 43 -5.62 -2.97 -9.69
CA LEU B 43 -6.78 -3.69 -9.17
C LEU B 43 -7.59 -4.32 -10.29
N GLU B 44 -7.97 -3.49 -11.25
CA GLU B 44 -8.78 -3.92 -12.39
C GLU B 44 -8.08 -5.03 -13.17
N ASP B 45 -6.81 -4.79 -13.46
CA ASP B 45 -6.02 -5.73 -14.25
C ASP B 45 -5.82 -7.05 -13.50
N TYR B 46 -5.53 -6.98 -12.21
CA TYR B 46 -5.37 -8.17 -11.39
C TYR B 46 -6.67 -8.97 -11.36
N ALA B 47 -7.79 -8.27 -11.25
CA ALA B 47 -9.09 -8.91 -11.23
C ALA B 47 -9.28 -9.76 -12.47
N ASN B 48 -8.99 -9.19 -13.63
CA ASN B 48 -9.15 -9.92 -14.89
C ASN B 48 -8.02 -10.93 -15.09
N TYR B 49 -6.88 -10.68 -14.46
CA TYR B 49 -5.74 -11.58 -14.51
C TYR B 49 -6.12 -12.94 -13.91
N ARG B 50 -6.87 -12.90 -12.82
CA ARG B 50 -7.39 -14.11 -12.18
C ARG B 50 -8.34 -14.84 -13.12
N LYS B 51 -9.20 -14.06 -13.77
CA LYS B 51 -10.20 -14.60 -14.68
C LYS B 51 -9.54 -15.23 -15.91
N SER B 52 -8.30 -14.86 -16.14
CA SER B 52 -7.55 -15.37 -17.28
C SER B 52 -6.82 -16.66 -16.91
N ARG B 53 -5.97 -16.58 -15.90
CA ARG B 53 -5.11 -17.71 -15.55
C ARG B 53 -5.68 -18.49 -14.38
N GLY B 54 -6.24 -19.64 -14.72
CA GLY B 54 -6.97 -20.45 -13.76
C GLY B 54 -8.25 -20.98 -14.38
N ASN B 55 -8.56 -20.43 -15.56
CA ASN B 55 -9.73 -20.81 -16.35
C ASN B 55 -11.02 -20.43 -15.63
N THR B 56 -11.49 -21.28 -14.74
CA THR B 56 -12.68 -20.98 -13.97
C THR B 56 -12.30 -20.59 -12.54
N ASP B 57 -11.83 -19.36 -12.37
CA ASP B 57 -11.47 -18.87 -11.05
C ASP B 57 -12.66 -18.18 -10.42
N ASN B 58 -13.10 -18.71 -9.29
CA ASN B 58 -14.33 -18.28 -8.65
C ASN B 58 -14.08 -17.14 -7.66
N LYS B 59 -12.99 -16.42 -7.86
CA LYS B 59 -12.65 -15.28 -7.03
C LYS B 59 -13.31 -14.00 -7.55
N GLU B 60 -14.18 -14.14 -8.54
CA GLU B 60 -14.80 -12.99 -9.21
C GLU B 60 -15.46 -12.06 -8.19
N TYR B 61 -16.40 -12.59 -7.40
CA TYR B 61 -17.09 -11.79 -6.39
C TYR B 61 -16.09 -11.22 -5.40
N ALA B 62 -15.08 -12.00 -5.08
CA ALA B 62 -14.11 -11.65 -4.06
C ALA B 62 -13.21 -10.51 -4.53
N VAL B 63 -12.61 -10.67 -5.70
CA VAL B 63 -11.71 -9.65 -6.22
C VAL B 63 -12.46 -8.36 -6.50
N ASN B 64 -13.74 -8.49 -6.82
CA ASN B 64 -14.63 -7.33 -6.94
C ASN B 64 -14.66 -6.56 -5.62
N GLU B 65 -14.92 -7.29 -4.54
CA GLU B 65 -14.95 -6.72 -3.19
C GLU B 65 -13.56 -6.26 -2.77
N VAL B 66 -12.54 -6.99 -3.20
CA VAL B 66 -11.15 -6.63 -2.93
C VAL B 66 -10.80 -5.30 -3.58
N VAL B 67 -11.11 -5.15 -4.87
CA VAL B 67 -10.84 -3.91 -5.58
C VAL B 67 -11.52 -2.73 -4.90
N ALA B 68 -12.80 -2.88 -4.60
CA ALA B 68 -13.56 -1.83 -3.90
C ALA B 68 -12.91 -1.52 -2.55
N GLY B 69 -12.57 -2.58 -1.82
CA GLY B 69 -11.96 -2.42 -0.51
C GLY B 69 -10.60 -1.76 -0.58
N ILE B 70 -9.72 -2.27 -1.43
CA ILE B 70 -8.39 -1.71 -1.58
C ILE B 70 -8.47 -0.25 -2.02
N LYS B 71 -9.41 0.04 -2.91
CA LYS B 71 -9.61 1.40 -3.40
C LYS B 71 -9.84 2.36 -2.23
N GLU B 72 -10.81 2.02 -1.39
CA GLU B 72 -11.15 2.87 -0.24
C GLU B 72 -10.04 2.82 0.80
N TYR B 73 -9.53 1.63 1.07
CA TYR B 73 -8.51 1.42 2.09
C TYR B 73 -7.21 2.15 1.74
N PHE B 74 -6.88 2.18 0.46
CA PHE B 74 -5.71 2.89 0.01
C PHE B 74 -5.96 4.38 0.11
N ASN B 75 -7.19 4.79 -0.21
CA ASN B 75 -7.58 6.19 -0.17
C ASN B 75 -7.47 6.77 1.25
N VAL B 76 -7.83 5.96 2.25
CA VAL B 76 -7.79 6.43 3.64
C VAL B 76 -6.37 6.48 4.19
N MET B 77 -5.52 5.52 3.81
CA MET B 77 -4.17 5.46 4.36
C MET B 77 -3.20 6.34 3.58
N LEU B 78 -3.41 6.46 2.27
CA LEU B 78 -2.55 7.29 1.44
C LEU B 78 -2.82 8.76 1.78
N GLY B 79 -1.85 9.39 2.42
CA GLY B 79 -2.01 10.75 2.84
C GLY B 79 -1.91 10.88 4.35
N THR B 80 -2.44 9.89 5.05
CA THR B 80 -2.41 9.90 6.50
C THR B 80 -1.17 9.19 7.02
N GLN B 81 -1.08 7.90 6.78
CA GLN B 81 0.03 7.08 7.28
C GLN B 81 0.95 6.62 6.16
N LEU B 82 0.41 6.43 4.97
CA LEU B 82 1.13 5.74 3.90
C LEU B 82 2.15 6.64 3.21
N LEU B 83 2.31 7.87 3.69
CA LEU B 83 3.28 8.79 3.09
C LEU B 83 4.31 9.23 4.12
N TYR B 84 5.44 9.72 3.63
CA TYR B 84 6.45 10.29 4.50
C TYR B 84 6.09 11.73 4.83
N LYS B 85 6.73 12.32 5.83
CA LYS B 85 6.39 13.67 6.22
C LYS B 85 7.07 14.70 5.30
N PHE B 86 8.14 14.27 4.65
CA PHE B 86 8.79 15.08 3.62
C PHE B 86 8.01 14.98 2.30
N GLU B 87 7.13 13.97 2.24
CA GLU B 87 6.37 13.66 1.02
C GLU B 87 4.98 14.31 1.10
N ARG B 88 4.66 14.91 2.24
CA ARG B 88 3.35 15.49 2.49
C ARG B 88 2.99 16.62 1.50
N PRO B 89 3.90 17.59 1.22
CA PRO B 89 3.61 18.69 0.28
C PRO B 89 3.12 18.22 -1.09
N GLN B 90 3.59 17.03 -1.51
CA GLN B 90 3.15 16.45 -2.77
C GLN B 90 1.66 16.10 -2.68
N TYR B 91 1.31 15.41 -1.61
CA TYR B 91 -0.08 15.04 -1.32
C TYR B 91 -0.98 16.26 -1.29
N ALA B 92 -0.53 17.30 -0.58
CA ALA B 92 -1.30 18.53 -0.44
C ALA B 92 -1.58 19.15 -1.81
N GLU B 93 -0.56 19.26 -2.64
CA GLU B 93 -0.70 19.89 -3.95
C GLU B 93 -1.60 19.06 -4.86
N ILE B 94 -1.53 17.74 -4.72
CA ILE B 94 -2.39 16.85 -5.49
C ILE B 94 -3.87 17.12 -5.20
N LEU B 95 -4.22 17.19 -3.92
CA LEU B 95 -5.60 17.44 -3.52
C LEU B 95 -6.05 18.83 -3.92
N ALA B 96 -5.19 19.80 -3.70
CA ALA B 96 -5.47 21.18 -4.06
C ALA B 96 -5.82 21.33 -5.54
N ASP B 97 -5.06 20.65 -6.41
CA ASP B 97 -5.30 20.75 -7.85
C ASP B 97 -6.36 19.76 -8.31
N HIS B 98 -6.35 18.56 -7.72
CA HIS B 98 -7.30 17.52 -8.07
C HIS B 98 -8.10 17.10 -6.84
N PRO B 99 -9.21 17.80 -6.54
CA PRO B 99 -10.01 17.54 -5.34
C PRO B 99 -10.99 16.39 -5.52
N ASP B 100 -11.09 15.87 -6.74
CA ASP B 100 -12.04 14.81 -7.04
C ASP B 100 -11.30 13.52 -7.39
N ALA B 101 -10.01 13.51 -7.12
CA ALA B 101 -9.18 12.35 -7.44
C ALA B 101 -8.87 11.54 -6.19
N PRO B 102 -9.46 10.34 -6.07
CA PRO B 102 -9.18 9.43 -4.97
C PRO B 102 -7.71 9.00 -4.98
N MET B 103 -7.13 8.87 -3.79
CA MET B 103 -5.71 8.55 -3.65
C MET B 103 -5.35 7.22 -4.28
N SER B 104 -6.33 6.34 -4.43
CA SER B 104 -6.10 5.04 -5.05
C SER B 104 -6.14 5.14 -6.58
N GLN B 105 -6.63 6.26 -7.08
CA GLN B 105 -6.74 6.47 -8.51
C GLN B 105 -5.56 7.28 -9.02
N VAL B 106 -5.07 8.18 -8.18
CA VAL B 106 -3.89 8.98 -8.49
C VAL B 106 -2.64 8.17 -8.40
N TYR B 107 -2.49 7.34 -9.40
CA TYR B 107 -1.20 6.81 -9.84
C TYR B 107 -0.36 6.26 -8.70
N GLY B 108 0.95 6.45 -8.81
CA GLY B 108 1.87 6.09 -7.75
C GLY B 108 1.86 4.62 -7.41
N ALA B 109 2.13 3.78 -8.40
CA ALA B 109 2.19 2.33 -8.20
C ALA B 109 3.12 1.94 -7.04
N PRO B 110 4.37 2.49 -6.96
CA PRO B 110 5.30 2.19 -5.85
C PRO B 110 4.70 2.45 -4.46
N HIS B 111 3.68 3.29 -4.39
CA HIS B 111 3.04 3.60 -3.11
C HIS B 111 2.26 2.39 -2.58
N LEU B 112 1.77 1.56 -3.50
CA LEU B 112 0.94 0.42 -3.12
C LEU B 112 1.76 -0.61 -2.35
N LEU B 113 3.06 -0.63 -2.58
CA LEU B 113 3.94 -1.57 -1.90
C LEU B 113 3.97 -1.29 -0.39
N ARG B 114 3.90 0.00 -0.05
CA ARG B 114 3.90 0.40 1.36
C ARG B 114 2.62 -0.03 2.06
N LEU B 115 1.53 -0.08 1.29
CA LEU B 115 0.20 -0.39 1.81
C LEU B 115 0.18 -1.78 2.45
N PHE B 116 0.77 -2.75 1.77
CA PHE B 116 0.76 -4.14 2.22
C PHE B 116 1.66 -4.34 3.44
N VAL B 117 2.67 -3.50 3.59
CA VAL B 117 3.58 -3.58 4.72
C VAL B 117 2.83 -3.52 6.06
N ARG B 118 1.88 -2.61 6.16
CA ARG B 118 1.16 -2.41 7.42
C ARG B 118 -0.26 -2.95 7.37
N ILE B 119 -0.67 -3.48 6.22
CA ILE B 119 -2.03 -3.98 6.06
C ILE B 119 -2.29 -5.15 7.03
N GLY B 120 -1.30 -6.01 7.19
CA GLY B 120 -1.45 -7.14 8.10
C GLY B 120 -1.37 -6.72 9.55
N ALA B 121 -0.65 -5.64 9.81
CA ALA B 121 -0.55 -5.12 11.17
C ALA B 121 -1.87 -4.47 11.57
N MET B 122 -2.59 -3.96 10.59
CA MET B 122 -3.92 -3.42 10.80
C MET B 122 -4.91 -4.55 11.06
N LEU B 123 -4.63 -5.70 10.45
CA LEU B 123 -5.40 -6.90 10.69
C LEU B 123 -5.13 -7.43 12.10
N ALA B 124 -4.01 -7.01 12.67
CA ALA B 124 -3.66 -7.39 14.03
C ALA B 124 -4.55 -6.68 15.04
N TYR B 125 -5.03 -5.50 14.66
CA TYR B 125 -5.97 -4.76 15.51
C TYR B 125 -7.39 -5.22 15.24
N THR B 126 -7.76 -5.24 13.97
CA THR B 126 -9.12 -5.59 13.57
C THR B 126 -9.44 -7.06 13.93
N PRO B 127 -10.56 -7.28 14.63
CA PRO B 127 -11.01 -8.61 15.02
C PRO B 127 -11.82 -9.30 13.91
N LEU B 128 -11.15 -10.14 13.14
CA LEU B 128 -11.81 -10.92 12.11
C LEU B 128 -11.69 -12.41 12.41
N ASP B 129 -12.41 -13.22 11.65
CA ASP B 129 -12.25 -14.66 11.71
C ASP B 129 -10.92 -15.04 11.07
N GLU B 130 -10.24 -16.03 11.62
CA GLU B 130 -8.96 -16.45 11.06
C GLU B 130 -9.17 -17.05 9.67
N LYS B 131 -10.33 -17.66 9.46
CA LYS B 131 -10.73 -18.13 8.14
C LYS B 131 -10.81 -16.94 7.17
N SER B 132 -11.42 -15.86 7.63
CA SER B 132 -11.55 -14.65 6.84
C SER B 132 -10.18 -14.03 6.64
N LEU B 133 -9.32 -14.16 7.63
CA LEU B 133 -7.96 -13.64 7.54
C LEU B 133 -7.18 -14.38 6.47
N ALA B 134 -7.34 -15.70 6.44
CA ALA B 134 -6.70 -16.54 5.43
C ALA B 134 -7.18 -16.13 4.05
N LEU B 135 -8.45 -15.76 3.97
CA LEU B 135 -9.04 -15.25 2.72
C LEU B 135 -8.27 -14.00 2.25
N LEU B 136 -8.18 -12.99 3.12
CA LEU B 136 -7.44 -11.78 2.81
C LEU B 136 -5.98 -12.08 2.48
N LEU B 137 -5.31 -12.84 3.34
CA LEU B 137 -3.90 -13.17 3.16
C LEU B 137 -3.66 -13.92 1.85
N ASN B 138 -4.65 -14.69 1.43
CA ASN B 138 -4.60 -15.37 0.14
C ASN B 138 -4.50 -14.35 -0.97
N TYR B 139 -5.44 -13.41 -0.99
CA TYR B 139 -5.45 -12.37 -2.02
C TYR B 139 -4.25 -11.45 -1.89
N LEU B 140 -3.90 -11.10 -0.66
CA LEU B 140 -2.76 -10.24 -0.38
C LEU B 140 -1.48 -10.81 -0.98
N HIS B 141 -1.21 -12.08 -0.69
CA HIS B 141 0.00 -12.73 -1.18
C HIS B 141 -0.03 -12.87 -2.70
N ASP B 142 -1.17 -13.28 -3.24
CA ASP B 142 -1.30 -13.47 -4.68
C ASP B 142 -1.15 -12.13 -5.41
N PHE B 143 -1.71 -11.08 -4.81
CA PHE B 143 -1.57 -9.72 -5.31
C PHE B 143 -0.09 -9.33 -5.32
N LEU B 144 0.59 -9.64 -4.22
CA LEU B 144 2.01 -9.34 -4.08
C LEU B 144 2.84 -10.14 -5.09
N LYS B 145 2.36 -11.32 -5.47
CA LYS B 145 3.05 -12.13 -6.47
C LYS B 145 2.93 -11.48 -7.84
N TYR B 146 1.77 -10.88 -8.11
CA TYR B 146 1.60 -10.11 -9.34
C TYR B 146 2.60 -8.95 -9.38
N LEU B 147 2.74 -8.27 -8.23
CA LEU B 147 3.71 -7.19 -8.09
C LEU B 147 5.14 -7.71 -8.24
N ALA B 148 5.41 -8.86 -7.60
CA ALA B 148 6.75 -9.45 -7.62
C ALA B 148 7.19 -9.82 -9.02
N LYS B 149 6.26 -10.35 -9.82
CA LYS B 149 6.57 -10.74 -11.18
C LYS B 149 6.82 -9.51 -12.06
N ASN B 150 6.12 -8.43 -11.73
CA ASN B 150 6.29 -7.17 -12.45
C ASN B 150 7.18 -6.23 -11.66
N SER B 151 8.15 -6.82 -10.96
CA SER B 151 9.02 -6.09 -10.04
C SER B 151 9.65 -4.85 -10.69
N ALA B 152 10.45 -5.04 -11.73
CA ALA B 152 11.21 -3.94 -12.32
C ALA B 152 10.42 -3.16 -13.36
N THR B 153 9.17 -3.55 -13.58
CA THR B 153 8.32 -2.85 -14.53
C THR B 153 7.30 -1.98 -13.80
N LEU B 154 6.85 -2.44 -12.64
CA LEU B 154 5.89 -1.69 -11.85
C LEU B 154 6.61 -0.73 -10.91
N PHE B 155 7.78 -1.14 -10.45
CA PHE B 155 8.56 -0.33 -9.53
C PHE B 155 9.91 0.02 -10.15
N SER B 156 10.23 1.30 -10.18
CA SER B 156 11.51 1.75 -10.73
C SER B 156 12.07 2.88 -9.89
N ALA B 157 13.19 2.61 -9.22
CA ALA B 157 13.84 3.60 -8.36
C ALA B 157 14.56 4.64 -9.19
N SER B 158 14.70 4.38 -10.48
CA SER B 158 15.43 5.26 -11.39
C SER B 158 14.56 6.43 -11.84
N ASP B 159 13.36 6.53 -11.30
CA ASP B 159 12.45 7.61 -11.67
C ASP B 159 12.34 8.61 -10.52
N TYR B 160 13.10 8.38 -9.47
CA TYR B 160 13.12 9.29 -8.34
C TYR B 160 14.00 10.49 -8.65
N GLU B 161 13.41 11.67 -8.67
CA GLU B 161 14.16 12.88 -8.93
C GLU B 161 14.26 13.73 -7.67
N VAL B 162 15.41 14.34 -7.49
CA VAL B 162 15.65 15.17 -6.32
C VAL B 162 14.82 16.44 -6.39
N ALA B 163 14.13 16.76 -5.31
CA ALA B 163 13.36 17.98 -5.23
C ALA B 163 14.29 19.17 -5.03
N PRO B 164 13.95 20.33 -5.63
CA PRO B 164 14.76 21.55 -5.54
C PRO B 164 15.05 21.96 -4.10
N PRO B 165 16.24 22.55 -3.85
CA PRO B 165 16.66 22.96 -2.51
C PRO B 165 15.62 23.82 -1.78
N GLU B 166 14.97 24.71 -2.53
CA GLU B 166 13.95 25.60 -1.99
C GLU B 166 12.80 24.79 -1.36
N TYR B 167 12.48 23.67 -1.99
CA TYR B 167 11.44 22.77 -1.48
C TYR B 167 11.87 22.17 -0.14
N HIS B 168 13.16 21.89 -0.02
CA HIS B 168 13.72 21.31 1.20
C HIS B 168 13.66 22.31 2.35
N ARG B 169 13.90 23.57 2.03
CA ARG B 169 14.01 24.62 3.04
C ARG B 169 12.69 24.92 3.73
N LYS B 170 11.59 24.43 3.16
CA LYS B 170 10.28 24.64 3.75
C LYS B 170 9.75 23.36 4.37
N ALA B 171 10.57 22.31 4.33
CA ALA B 171 10.18 21.02 4.88
C ALA B 171 11.08 20.63 6.05
N VAL B 172 12.38 20.66 5.81
CA VAL B 172 13.36 20.30 6.83
C VAL B 172 14.43 21.38 6.91
#